data_9OOT
#
_entry.id   9OOT
#
_cell.length_a   1.00
_cell.length_b   1.00
_cell.length_c   1.00
_cell.angle_alpha   90.00
_cell.angle_beta   90.00
_cell.angle_gamma   90.00
#
_symmetry.space_group_name_H-M   'P 1'
#
loop_
_entity.id
_entity.type
_entity.pdbx_description
1 polymer 'Glutamate receptor ionotropic, NMDA 1'
2 polymer 'Glutamate receptor ionotropic, NMDA 2B'
3 non-polymer GLYCINE
4 non-polymer '(2S)-3-(hexadecanoyloxy)-2-[(9Z)-octadec-9-enoyloxy]propyl 2-(trimethylammonio)ethyl phosphate'
5 non-polymer 'GLUTAMIC ACID'
6 non-polymer 'Pregnenolone sulfate'
#
loop_
_entity_poly.entity_id
_entity_poly.type
_entity_poly.pdbx_seq_one_letter_code
_entity_poly.pdbx_strand_id
1 'polypeptide(L)'
;ARAASDPKIVNIGAVLSTRKHEQMFREAVNQANKRHGSWKIQLNATSVTHKPNAIQMALSVCEDLISSQVYAILVSHPPT
PNDHFTPTPVSYTAGFYRIPVLGLTTRMSIYSDKSIHLSFLRTVPPYSHQSSVWFEMMRVYSWNHIILLVSDDHEGRAAQ
KRLETLLEERESKAEKVLQFDPGTKNVTALLMEAKELEARVIILSASEDDAATVYRAAAMLNMTGSGYVWLVGEREISGN
ALRYAPDGILGLQLINGKNESAHISDAVGVVAQAVHELLEKENITDPPRGCVGNTNIWKTGPLFKRVLMSSKYADGVTGR
VEFNEDGDRKFANYSIMNLQNRKLVQVGIYNGTHVIPNDRKIIWPGGETEKPRGYQMSTRLKIVTIHQEPFVYVKPTLSD
GTCKEEFTVNGDPVKKVICTGPNDTSPGSPRHTVPQCCYGFCIDLLIKLARTMNFTYEVHLVADGKFGTQERVNNSNKKE
WNGMMGELLSGQADMIVAPLTINNERAQYIEFSKPFKYQGLTILVKKEIPRSTLDSFMQPFQSTLWLLVGLSVHVVAVML
YLLDRFSPFGRFKVNSEEEEEDALTLSSAMWFSWGVLLNSGIGEGAPRSFSARILGMVWAGFAMIIVASYTANLAAFLVL
DRPEERITGINDPRLRNPSDKFIYATVKQSSVDIYFRRQVELSTMYRHMEKHNYESAAEAIQAVRDNKLHAFIWDSAVLE
FEASQKCDLVTTGELFFRSGFGIGMRKDSPWKQNVSLSILKSHENGFMEDLDKTWVRYQECDSRSNAPATLTFENMAGVF
MLVAGGIVAGIFLIFIEIAYKRHKDANGAQ
;
A,C
2 'polypeptide(L)'
;WSHPQFEKGGGSGGGSGGSAWSHPQFEKGALVPRGRSQKSPPSIGIAVILVGTSDEVAIKDAHEKDDFHHLSVVPRVELV
AMNETDPKSIITRICDLMSDRKIQGVVFADDTDQEAIAQILDFISAQTLTPILGIHGGSSMIMADKDESSMFFQFGPSIE
QQASVMLNIMEEYDWYIFSIVTTYFPGYQDFVNKIRSTIENSFVGWELEEVLLLDMSLDDGDSKIQNQLKKLQSPIILLY
CTKEEATYIFEVANSVGLTGYGYTWIVPSLVAGDTDTVPAEFPTGLISVSYDEWDYGLPARVRDGIAIITTAASDMLSEH
SFIPEPKSSCYNTHEKRIYQSNMLNRYLINVTFEGRNLSFSEDGYQMHPKLVIILLNKERKWERVGKWKDKSLQMKYYVW
PRMCPETEEQEDDHLSIVTLEEAPFVIVESVDPLSGTCMRNTVPCQKRIVTENKTDEEPGYIKKCCKGFCIDILKKISKS
VKFTYDLYLVTNGKHGKKINGTWNGMIGEVVMKRAYMAVGSLTINEERSEVVDFSVPFIETGISVMVSRSNGTVSPSAFL
EPFSADVWVMMFVMLLIVSAVAVFVFEYFSPVGYNRSLADGREPGGPSFTIGKAIWLLWGLVFNNSVPVQNPKGTTSKIM
VSVWAFFAVIFLASYTANLAAFMIQEEYVDQVSGLSDKKFQRPNDFSPPFRFGTVPNGSTERNIRNNYAEMHAYMGKFNQ
RGVDDALLSLKTGKLDAFIYDAAVLNYMAGRDEGCKLVTIGSGKVFASTGYGIAIQKDSGWKRQVDLAILQLFGDGEMEE
LEALWLTGICHNEKNEVMSSQLDIDNMAGVFYMLGAAMALSLITFISEHLFYWQFRHSFMG
;
B,D
#
loop_
_chem_comp.id
_chem_comp.type
_chem_comp.name
_chem_comp.formula
A8W non-polymer 'Pregnenolone sulfate' 'C21 H32 O5 S'
POV non-polymer '(2S)-3-(hexadecanoyloxy)-2-[(9Z)-octadec-9-enoyloxy]propyl 2-(trimethylammonio)ethyl phosphate' 'C42 H82 N O8 P'
#
# COMPACT_ATOMS: atom_id res chain seq x y z
N LYS A 8 14.20 -64.09 37.05
CA LYS A 8 14.40 -63.72 38.44
C LYS A 8 13.08 -63.71 39.20
N ILE A 9 13.14 -63.34 40.48
CA ILE A 9 11.93 -63.21 41.30
C ILE A 9 11.44 -61.78 41.11
N VAL A 10 10.69 -61.55 40.04
CA VAL A 10 10.12 -60.24 39.75
C VAL A 10 8.93 -60.05 40.67
N ASN A 11 9.16 -59.40 41.81
CA ASN A 11 8.08 -59.16 42.75
C ASN A 11 7.10 -58.14 42.20
N ILE A 12 5.81 -58.39 42.40
CA ILE A 12 4.75 -57.56 41.85
C ILE A 12 3.67 -57.23 42.88
N GLY A 13 3.81 -57.70 44.11
CA GLY A 13 2.76 -57.58 45.11
C GLY A 13 2.24 -56.18 45.34
N ALA A 14 0.93 -56.05 45.43
CA ALA A 14 0.23 -54.79 45.56
C ALA A 14 -0.23 -54.58 47.00
N VAL A 15 -0.98 -53.52 47.23
CA VAL A 15 -1.56 -53.24 48.53
C VAL A 15 -3.05 -53.01 48.33
N LEU A 16 -3.87 -53.90 48.91
CA LEU A 16 -5.31 -53.88 48.71
C LEU A 16 -6.01 -54.14 50.04
N SER A 17 -7.24 -53.66 50.14
CA SER A 17 -8.11 -54.02 51.25
C SER A 17 -8.85 -55.31 50.88
N THR A 18 -9.80 -55.72 51.73
CA THR A 18 -10.59 -56.93 51.51
C THR A 18 -9.68 -58.16 51.36
N ARG A 19 -9.09 -58.53 52.51
CA ARG A 19 -8.13 -59.63 52.61
C ARG A 19 -8.54 -60.86 51.81
N LYS A 20 -9.85 -61.09 51.66
CA LYS A 20 -10.30 -62.17 50.80
C LYS A 20 -9.83 -61.97 49.36
N HIS A 21 -9.66 -60.71 48.92
CA HIS A 21 -9.09 -60.46 47.61
C HIS A 21 -7.58 -60.72 47.59
N GLU A 22 -6.92 -60.56 48.73
CA GLU A 22 -5.49 -60.86 48.80
C GLU A 22 -5.22 -62.32 48.54
N GLN A 23 -6.10 -63.20 49.02
CA GLN A 23 -5.97 -64.62 48.71
C GLN A 23 -6.11 -64.86 47.22
N MET A 24 -7.07 -64.21 46.57
CA MET A 24 -7.23 -64.35 45.14
C MET A 24 -6.16 -63.59 44.36
N PHE A 25 -5.57 -62.55 44.96
CA PHE A 25 -4.45 -61.88 44.32
C PHE A 25 -3.27 -62.83 44.20
N ARG A 26 -2.96 -63.56 45.29
CA ARG A 26 -1.90 -64.55 45.22
C ARG A 26 -2.24 -65.65 44.24
N GLU A 27 -3.52 -66.04 44.16
CA GLU A 27 -3.95 -66.98 43.14
C GLU A 27 -3.75 -66.41 41.75
N ALA A 28 -4.06 -65.11 41.57
CA ALA A 28 -3.89 -64.49 40.27
C ALA A 28 -2.43 -64.50 39.84
N VAL A 29 -1.51 -64.23 40.78
CA VAL A 29 -0.09 -64.28 40.47
C VAL A 29 0.33 -65.70 40.11
N ASN A 30 -0.16 -66.69 40.87
CA ASN A 30 0.25 -68.07 40.64
C ASN A 30 -0.15 -68.54 39.25
N GLN A 31 -1.38 -68.25 38.83
CA GLN A 31 -1.83 -68.64 37.51
C GLN A 31 -1.18 -67.81 36.41
N ALA A 32 -0.68 -66.63 36.74
CA ALA A 32 0.01 -65.80 35.75
C ALA A 32 1.29 -66.48 35.28
N ASN A 33 2.03 -67.12 36.21
CA ASN A 33 3.26 -67.80 35.84
C ASN A 33 3.00 -69.05 34.99
N LYS A 34 1.77 -69.57 35.01
CA LYS A 34 1.47 -70.75 34.21
C LYS A 34 1.60 -70.45 32.71
N ARG A 35 1.17 -69.28 32.29
CA ARG A 35 1.31 -68.87 30.88
C ARG A 35 2.44 -67.87 30.74
N ILE A 41 11.52 -64.37 35.59
CA ILE A 41 10.55 -65.29 35.02
C ILE A 41 9.55 -65.73 36.07
N GLN A 42 9.91 -65.55 37.34
CA GLN A 42 9.07 -65.92 38.46
C GLN A 42 8.57 -64.68 39.18
N LEU A 43 7.32 -64.71 39.62
CA LEU A 43 6.67 -63.58 40.27
C LEU A 43 6.31 -63.96 41.69
N ASN A 44 6.27 -62.97 42.57
CA ASN A 44 5.87 -63.16 43.96
C ASN A 44 4.82 -62.12 44.33
N ALA A 45 3.96 -62.50 45.27
CA ALA A 45 2.88 -61.63 45.73
C ALA A 45 3.12 -61.26 47.18
N THR A 46 3.03 -59.97 47.49
CA THR A 46 3.20 -59.43 48.83
C THR A 46 2.07 -58.46 49.16
N SER A 47 0.83 -58.92 48.99
CA SER A 47 -0.33 -58.09 49.24
C SER A 47 -0.34 -57.56 50.66
N VAL A 48 -0.69 -56.29 50.81
CA VAL A 48 -0.72 -55.60 52.09
C VAL A 48 -2.10 -54.97 52.26
N THR A 49 -2.58 -54.93 53.50
CA THR A 49 -3.85 -54.27 53.79
C THR A 49 -3.72 -52.77 53.57
N HIS A 50 -4.86 -52.13 53.35
CA HIS A 50 -4.91 -50.68 53.13
C HIS A 50 -4.89 -49.97 54.48
N LYS A 51 -3.85 -49.20 54.73
CA LYS A 51 -3.75 -48.47 55.99
C LYS A 51 -4.80 -47.37 56.03
N PRO A 52 -5.67 -47.34 57.04
CA PRO A 52 -6.69 -46.28 57.10
C PRO A 52 -6.10 -44.89 57.18
N ASN A 53 -4.99 -44.72 57.89
CA ASN A 53 -4.35 -43.42 58.00
C ASN A 53 -3.54 -43.12 56.73
N ALA A 54 -3.61 -41.86 56.29
CA ALA A 54 -2.90 -41.48 55.07
C ALA A 54 -1.39 -41.54 55.28
N ILE A 55 -0.90 -40.97 56.39
CA ILE A 55 0.53 -40.93 56.64
C ILE A 55 1.09 -42.33 56.83
N GLN A 56 0.39 -43.16 57.62
CA GLN A 56 0.83 -44.54 57.81
C GLN A 56 0.78 -45.33 56.50
N MET A 57 -0.13 -44.97 55.60
CA MET A 57 -0.20 -45.63 54.31
C MET A 57 1.05 -45.38 53.48
N ALA A 58 1.54 -44.13 53.48
CA ALA A 58 2.66 -43.77 52.62
C ALA A 58 3.96 -44.45 53.01
N LEU A 59 4.07 -44.94 54.25
CA LEU A 59 5.26 -45.64 54.68
C LEU A 59 5.17 -47.13 54.34
N SER A 60 4.06 -47.76 54.71
CA SER A 60 3.93 -49.21 54.54
C SER A 60 3.99 -49.64 53.09
N VAL A 61 3.67 -48.74 52.14
CA VAL A 61 3.77 -49.09 50.74
C VAL A 61 5.22 -49.37 50.35
N CYS A 62 6.13 -48.50 50.80
CA CYS A 62 7.54 -48.71 50.50
C CYS A 62 8.23 -49.62 51.51
N GLU A 63 7.71 -49.69 52.74
CA GLU A 63 8.18 -50.71 53.69
C GLU A 63 7.93 -52.11 53.15
N ASP A 64 6.84 -52.29 52.41
CA ASP A 64 6.62 -53.55 51.70
C ASP A 64 7.68 -53.76 50.63
N LEU A 65 8.06 -52.70 49.92
CA LEU A 65 9.10 -52.80 48.91
C LEU A 65 10.44 -53.20 49.52
N ILE A 66 10.68 -52.85 50.78
CA ILE A 66 11.95 -53.16 51.42
C ILE A 66 12.20 -54.67 51.43
N SER A 67 11.17 -55.44 51.78
CA SER A 67 11.28 -56.89 51.84
C SER A 67 10.89 -57.57 50.54
N SER A 68 10.45 -56.81 49.54
CA SER A 68 9.97 -57.42 48.30
C SER A 68 10.62 -56.86 47.04
N GLN A 69 10.92 -55.56 47.02
CA GLN A 69 11.50 -54.91 45.84
C GLN A 69 10.59 -55.08 44.62
N VAL A 70 9.39 -54.52 44.74
CA VAL A 70 8.36 -54.73 43.72
C VAL A 70 8.66 -53.92 42.46
N TYR A 71 7.95 -54.27 41.39
CA TYR A 71 8.09 -53.62 40.10
C TYR A 71 6.90 -52.76 39.71
N ALA A 72 5.72 -53.07 40.23
CA ALA A 72 4.53 -52.26 40.01
C ALA A 72 3.57 -52.50 41.16
N ILE A 73 2.77 -51.50 41.48
CA ILE A 73 1.87 -51.54 42.63
C ILE A 73 0.45 -51.31 42.12
N LEU A 74 -0.47 -52.15 42.60
CA LEU A 74 -1.89 -52.03 42.27
C LEU A 74 -2.64 -51.53 43.49
N VAL A 75 -3.49 -50.53 43.30
CA VAL A 75 -4.29 -49.96 44.37
C VAL A 75 -5.76 -50.04 43.97
N SER A 76 -6.61 -50.34 44.95
CA SER A 76 -8.04 -50.51 44.73
C SER A 76 -8.82 -49.73 45.77
N HIS A 77 -10.12 -49.62 45.54
CA HIS A 77 -10.97 -48.86 46.45
C HIS A 77 -11.04 -49.56 47.80
N PRO A 78 -10.89 -48.82 48.91
CA PRO A 78 -10.99 -49.44 50.23
C PRO A 78 -12.42 -49.36 50.75
N PRO A 79 -12.70 -49.94 51.92
CA PRO A 79 -14.01 -49.73 52.54
C PRO A 79 -14.30 -48.27 52.84
N THR A 80 -13.27 -47.45 53.05
CA THR A 80 -13.48 -46.04 53.36
C THR A 80 -14.15 -45.34 52.19
N PRO A 81 -15.17 -44.51 52.43
CA PRO A 81 -15.92 -43.92 51.32
C PRO A 81 -15.27 -42.66 50.74
N ASN A 82 -13.97 -42.48 50.95
CA ASN A 82 -13.30 -41.30 50.42
C ASN A 82 -13.33 -41.27 48.90
N ASP A 83 -13.12 -42.43 48.26
CA ASP A 83 -13.04 -42.56 46.80
C ASP A 83 -11.92 -41.70 46.22
N HIS A 84 -11.05 -41.16 47.07
CA HIS A 84 -9.96 -40.29 46.67
C HIS A 84 -8.99 -40.27 47.85
N PHE A 85 -7.79 -39.76 47.61
CA PHE A 85 -6.68 -39.73 48.57
C PHE A 85 -6.17 -41.12 48.91
N THR A 86 -6.78 -42.18 48.41
CA THR A 86 -6.32 -43.53 48.69
C THR A 86 -5.10 -43.89 47.86
N PRO A 87 -5.06 -43.61 46.56
CA PRO A 87 -3.84 -43.87 45.80
C PRO A 87 -2.79 -42.79 45.88
N THR A 88 -3.11 -41.62 46.44
CA THR A 88 -2.09 -40.57 46.55
C THR A 88 -0.88 -41.01 47.38
N PRO A 89 -1.02 -41.69 48.54
CA PRO A 89 0.18 -42.17 49.21
C PRO A 89 1.01 -43.12 48.37
N VAL A 90 0.36 -43.94 47.54
CA VAL A 90 1.08 -44.91 46.73
C VAL A 90 1.49 -44.36 45.36
N SER A 91 0.81 -43.32 44.88
CA SER A 91 1.19 -42.76 43.59
C SER A 91 2.43 -41.89 43.67
N TYR A 92 2.72 -41.32 44.84
CA TYR A 92 3.87 -40.46 45.04
C TYR A 92 5.06 -41.18 45.66
N THR A 93 4.82 -42.01 46.67
CA THR A 93 5.91 -42.78 47.27
C THR A 93 6.54 -43.71 46.25
N ALA A 94 5.71 -44.38 45.44
CA ALA A 94 6.23 -45.12 44.31
C ALA A 94 6.58 -44.21 43.14
N GLY A 95 6.02 -43.00 43.10
CA GLY A 95 6.39 -42.06 42.05
C GLY A 95 7.75 -41.44 42.24
N PHE A 96 8.28 -41.49 43.46
CA PHE A 96 9.65 -41.02 43.70
C PHE A 96 10.65 -41.81 42.88
N TYR A 97 10.50 -43.13 42.82
CA TYR A 97 11.37 -43.98 42.02
C TYR A 97 10.83 -44.23 40.63
N ARG A 98 9.74 -43.54 40.25
CA ARG A 98 9.10 -43.73 38.96
C ARG A 98 8.61 -45.16 38.78
N ILE A 99 8.14 -45.77 39.86
CA ILE A 99 7.51 -47.08 39.80
C ILE A 99 6.06 -46.90 39.36
N PRO A 100 5.63 -47.55 38.27
CA PRO A 100 4.24 -47.42 37.86
C PRO A 100 3.28 -48.01 38.89
N VAL A 101 2.13 -47.36 39.02
CA VAL A 101 1.10 -47.76 39.98
C VAL A 101 -0.20 -47.99 39.22
N LEU A 102 -0.94 -49.02 39.62
CA LEU A 102 -2.12 -49.47 38.90
C LEU A 102 -3.40 -49.03 39.63
N GLY A 103 -4.23 -48.26 38.94
CA GLY A 103 -5.50 -47.79 39.45
C GLY A 103 -6.65 -48.76 39.26
N LEU A 104 -6.76 -49.78 40.11
CA LEU A 104 -7.77 -50.81 39.93
C LEU A 104 -9.18 -50.22 39.95
N THR A 105 -9.50 -49.43 40.97
CA THR A 105 -10.84 -48.88 41.16
C THR A 105 -10.76 -47.39 41.51
N THR A 106 -9.96 -46.65 40.75
CA THR A 106 -9.81 -45.21 40.95
C THR A 106 -10.55 -44.48 39.84
N ARG A 107 -11.47 -43.60 40.23
CA ARG A 107 -12.33 -42.90 39.29
C ARG A 107 -12.02 -41.42 39.17
N MET A 108 -11.28 -40.84 40.13
CA MET A 108 -11.01 -39.41 40.11
C MET A 108 -10.15 -39.05 38.91
N SER A 109 -10.37 -37.84 38.39
CA SER A 109 -9.62 -37.35 37.24
C SER A 109 -8.36 -36.59 37.62
N ILE A 110 -8.06 -36.46 38.91
CA ILE A 110 -6.81 -35.83 39.33
C ILE A 110 -5.61 -36.70 39.00
N TYR A 111 -5.80 -38.01 38.86
CA TYR A 111 -4.71 -38.92 38.54
C TYR A 111 -4.41 -39.00 37.06
N SER A 112 -4.82 -37.99 36.30
CA SER A 112 -4.64 -37.98 34.85
C SER A 112 -3.64 -36.93 34.38
N ASP A 113 -2.85 -36.35 35.28
CA ASP A 113 -1.82 -35.40 34.91
C ASP A 113 -0.45 -36.01 35.14
N LYS A 114 0.37 -36.05 34.08
CA LYS A 114 1.69 -36.64 34.18
C LYS A 114 2.61 -35.83 35.08
N SER A 115 2.42 -34.52 35.13
CA SER A 115 3.28 -33.66 35.94
C SER A 115 3.11 -33.98 37.43
N ILE A 116 1.88 -34.21 37.87
CA ILE A 116 1.61 -34.42 39.29
C ILE A 116 1.76 -35.88 39.67
N HIS A 117 1.08 -36.77 38.95
CA HIS A 117 1.18 -38.22 39.16
C HIS A 117 2.06 -38.77 38.04
N LEU A 118 3.35 -38.90 38.33
CA LEU A 118 4.33 -39.18 37.28
C LEU A 118 4.21 -40.61 36.78
N SER A 119 4.01 -41.57 37.69
CA SER A 119 3.88 -42.98 37.33
C SER A 119 2.56 -43.48 37.89
N PHE A 120 1.56 -43.62 37.02
CA PHE A 120 0.23 -44.09 37.41
C PHE A 120 -0.51 -44.55 36.17
N LEU A 121 -1.10 -45.74 36.24
CA LEU A 121 -1.90 -46.28 35.16
C LEU A 121 -3.23 -46.77 35.73
N ARG A 122 -4.31 -46.52 35.02
CA ARG A 122 -5.66 -46.77 35.51
C ARG A 122 -6.31 -47.90 34.73
N THR A 123 -6.95 -48.81 35.45
CA THR A 123 -7.75 -49.86 34.85
C THR A 123 -9.21 -49.44 34.62
N VAL A 124 -9.59 -48.24 35.05
CA VAL A 124 -10.93 -47.71 34.80
C VAL A 124 -10.83 -46.26 34.38
N PRO A 125 -11.71 -45.83 33.49
CA PRO A 125 -11.66 -44.44 33.04
C PRO A 125 -12.05 -43.49 34.15
N PRO A 126 -11.55 -42.27 34.14
CA PRO A 126 -11.94 -41.29 35.15
C PRO A 126 -13.33 -40.75 34.87
N TYR A 127 -13.91 -40.14 35.90
CA TYR A 127 -15.24 -39.54 35.76
C TYR A 127 -15.26 -38.49 34.66
N SER A 128 -14.11 -37.88 34.38
CA SER A 128 -14.02 -36.90 33.32
C SER A 128 -14.27 -37.51 31.94
N HIS A 129 -14.21 -38.83 31.83
CA HIS A 129 -14.44 -39.48 30.55
C HIS A 129 -15.91 -39.67 30.21
N GLN A 130 -16.81 -39.44 31.16
CA GLN A 130 -18.24 -39.53 30.87
C GLN A 130 -18.67 -38.51 29.84
N SER A 131 -17.94 -37.40 29.72
CA SER A 131 -18.30 -36.38 28.74
C SER A 131 -18.25 -36.92 27.32
N SER A 132 -17.41 -37.92 27.06
CA SER A 132 -17.42 -38.58 25.76
C SER A 132 -18.72 -39.33 25.55
N VAL A 133 -19.25 -39.96 26.60
CA VAL A 133 -20.55 -40.60 26.50
C VAL A 133 -21.63 -39.56 26.24
N TRP A 134 -21.58 -38.44 26.97
CA TRP A 134 -22.58 -37.40 26.81
C TRP A 134 -22.56 -36.81 25.42
N PHE A 135 -21.36 -36.58 24.88
CA PHE A 135 -21.25 -35.98 23.55
C PHE A 135 -21.91 -36.87 22.49
N GLU A 136 -21.68 -38.18 22.57
CA GLU A 136 -22.34 -39.09 21.64
C GLU A 136 -23.85 -39.13 21.89
N MET A 137 -24.27 -38.92 23.13
CA MET A 137 -25.70 -38.92 23.44
C MET A 137 -26.40 -37.78 22.71
N MET A 138 -25.75 -36.62 22.62
CA MET A 138 -26.33 -35.49 21.91
C MET A 138 -26.50 -35.78 20.43
N ARG A 139 -25.47 -36.38 19.80
CA ARG A 139 -25.53 -36.64 18.37
C ARG A 139 -26.65 -37.63 18.04
N VAL A 140 -26.77 -38.69 18.84
CA VAL A 140 -27.80 -39.68 18.58
C VAL A 140 -29.19 -39.10 18.80
N TYR A 141 -29.34 -38.26 19.83
CA TYR A 141 -30.63 -37.72 20.22
C TYR A 141 -30.90 -36.33 19.67
N SER A 142 -29.99 -35.80 18.84
CA SER A 142 -30.16 -34.51 18.17
C SER A 142 -30.37 -33.38 19.18
N TRP A 143 -29.35 -33.17 20.01
CA TRP A 143 -29.30 -32.06 20.94
C TRP A 143 -28.07 -31.22 20.64
N ASN A 144 -28.24 -29.89 20.64
CA ASN A 144 -27.12 -29.00 20.35
C ASN A 144 -26.98 -27.91 21.41
N HIS A 145 -28.09 -27.51 22.00
CA HIS A 145 -28.10 -26.47 23.02
C HIS A 145 -28.21 -27.12 24.39
N ILE A 146 -27.15 -26.96 25.19
CA ILE A 146 -27.04 -27.65 26.48
C ILE A 146 -26.66 -26.65 27.55
N ILE A 147 -26.89 -27.05 28.80
CA ILE A 147 -26.51 -26.28 29.97
C ILE A 147 -25.62 -27.16 30.84
N LEU A 148 -24.44 -26.66 31.17
CA LEU A 148 -23.47 -27.38 31.98
C LEU A 148 -23.55 -26.90 33.42
N LEU A 149 -23.63 -27.85 34.35
CA LEU A 149 -23.75 -27.51 35.77
C LEU A 149 -22.55 -28.06 36.53
N VAL A 150 -21.35 -27.88 35.99
CA VAL A 150 -20.15 -28.42 36.63
C VAL A 150 -19.91 -27.73 37.96
N SER A 151 -19.09 -28.37 38.79
CA SER A 151 -18.73 -27.83 40.09
C SER A 151 -17.40 -27.10 40.02
N ASP A 152 -17.06 -26.41 41.11
CA ASP A 152 -15.86 -25.59 41.15
C ASP A 152 -14.59 -26.37 41.41
N ASP A 153 -14.70 -27.66 41.72
CA ASP A 153 -13.52 -28.46 42.01
C ASP A 153 -12.82 -28.86 40.71
N HIS A 154 -11.72 -29.60 40.84
CA HIS A 154 -11.03 -30.08 39.65
C HIS A 154 -11.84 -31.14 38.92
N GLU A 155 -12.65 -31.91 39.65
CA GLU A 155 -13.50 -32.90 39.01
C GLU A 155 -14.49 -32.25 38.05
N GLY A 156 -15.16 -31.19 38.50
CA GLY A 156 -16.07 -30.49 37.62
C GLY A 156 -15.37 -29.79 36.48
N ARG A 157 -14.21 -29.20 36.76
CA ARG A 157 -13.46 -28.50 35.71
C ARG A 157 -12.97 -29.47 34.64
N ALA A 158 -12.53 -30.66 35.04
CA ALA A 158 -12.06 -31.64 34.07
C ALA A 158 -13.17 -32.07 33.13
N ALA A 159 -14.37 -32.32 33.67
CA ALA A 159 -15.50 -32.69 32.83
C ALA A 159 -15.87 -31.55 31.88
N GLN A 160 -15.89 -30.32 32.40
CA GLN A 160 -16.15 -29.17 31.54
C GLN A 160 -15.07 -29.01 30.48
N LYS A 161 -13.81 -29.18 30.88
CA LYS A 161 -12.71 -28.96 29.94
C LYS A 161 -12.78 -29.94 28.77
N ARG A 162 -13.08 -31.20 29.05
CA ARG A 162 -13.13 -32.18 27.97
C ARG A 162 -14.35 -31.96 27.07
N LEU A 163 -15.48 -31.56 27.67
CA LEU A 163 -16.70 -31.37 26.89
C LEU A 163 -16.53 -30.29 25.85
N GLU A 164 -15.86 -29.19 26.21
CA GLU A 164 -15.61 -28.14 25.22
C GLU A 164 -14.71 -28.65 24.09
N THR A 165 -13.72 -29.47 24.43
CA THR A 165 -12.84 -30.00 23.39
C THR A 165 -13.61 -30.80 22.36
N LEU A 166 -14.54 -31.64 22.82
CA LEU A 166 -15.41 -32.35 21.88
C LEU A 166 -16.37 -31.38 21.20
N LEU A 167 -16.89 -30.40 21.94
CA LEU A 167 -17.87 -29.48 21.39
C LEU A 167 -17.25 -28.59 20.31
N GLU A 168 -16.04 -28.08 20.55
CA GLU A 168 -15.39 -27.24 19.55
C GLU A 168 -15.02 -28.02 18.29
N GLU A 169 -14.90 -29.35 18.38
CA GLU A 169 -14.66 -30.15 17.19
C GLU A 169 -15.83 -30.06 16.22
N ARG A 170 -17.04 -29.85 16.73
CA ARG A 170 -18.24 -29.74 15.92
C ARG A 170 -18.68 -28.29 15.71
N GLU A 171 -17.81 -27.33 16.03
CA GLU A 171 -18.11 -25.91 15.88
C GLU A 171 -19.38 -25.53 16.65
N SER A 172 -19.53 -26.10 17.84
CA SER A 172 -20.63 -25.79 18.73
C SER A 172 -20.08 -25.57 20.14
N LYS A 173 -20.82 -24.81 20.93
CA LYS A 173 -20.41 -24.49 22.29
C LYS A 173 -21.57 -24.70 23.25
N ALA A 174 -21.23 -24.97 24.50
CA ALA A 174 -22.24 -25.06 25.54
C ALA A 174 -22.86 -23.69 25.78
N GLU A 175 -24.17 -23.66 25.97
CA GLU A 175 -24.86 -22.39 26.13
C GLU A 175 -24.44 -21.68 27.40
N LYS A 176 -24.30 -22.42 28.50
CA LYS A 176 -23.85 -21.86 29.76
C LYS A 176 -23.13 -22.94 30.55
N VAL A 177 -22.12 -22.53 31.31
CA VAL A 177 -21.23 -23.46 31.99
C VAL A 177 -21.24 -23.21 33.49
N LEU A 178 -22.39 -22.84 34.03
CA LEU A 178 -22.55 -22.49 35.45
C LEU A 178 -21.75 -23.39 36.37
N GLN A 179 -20.87 -22.79 37.17
CA GLN A 179 -20.06 -23.50 38.15
C GLN A 179 -20.46 -23.07 39.55
N PHE A 180 -20.70 -24.04 40.42
CA PHE A 180 -21.10 -23.77 41.79
C PHE A 180 -20.08 -24.32 42.76
N ASP A 181 -19.89 -23.61 43.86
CA ASP A 181 -18.95 -24.05 44.89
C ASP A 181 -19.45 -25.34 45.54
N PRO A 182 -18.59 -26.34 45.71
CA PRO A 182 -19.03 -27.57 46.40
C PRO A 182 -19.44 -27.28 47.83
N GLY A 183 -20.46 -28.01 48.29
CA GLY A 183 -20.97 -27.84 49.63
C GLY A 183 -21.90 -26.67 49.82
N THR A 184 -22.27 -25.97 48.75
CA THR A 184 -23.20 -24.86 48.87
C THR A 184 -24.60 -25.36 49.18
N LYS A 185 -25.43 -24.47 49.71
CA LYS A 185 -26.80 -24.78 50.10
C LYS A 185 -27.82 -24.03 49.27
N ASN A 186 -27.71 -22.71 49.18
CA ASN A 186 -28.65 -21.90 48.40
C ASN A 186 -28.18 -21.83 46.95
N VAL A 187 -28.24 -22.99 46.29
CA VAL A 187 -27.86 -23.08 44.88
C VAL A 187 -28.90 -22.49 43.95
N THR A 188 -30.07 -22.13 44.47
CA THR A 188 -31.14 -21.61 43.62
C THR A 188 -30.74 -20.32 42.92
N ALA A 189 -29.88 -19.51 43.56
CA ALA A 189 -29.43 -18.28 42.94
C ALA A 189 -28.67 -18.56 41.65
N LEU A 190 -27.80 -19.58 41.67
CA LEU A 190 -27.11 -19.98 40.45
C LEU A 190 -28.07 -20.65 39.48
N LEU A 191 -28.94 -21.53 39.97
CA LEU A 191 -29.90 -22.21 39.12
C LEU A 191 -30.94 -21.28 38.53
N MET A 192 -31.08 -20.07 39.08
CA MET A 192 -32.02 -19.11 38.51
C MET A 192 -31.62 -18.71 37.10
N GLU A 193 -30.32 -18.60 36.86
CA GLU A 193 -29.85 -18.20 35.52
C GLU A 193 -30.26 -19.23 34.47
N ALA A 194 -30.20 -20.52 34.83
CA ALA A 194 -30.57 -21.57 33.89
C ALA A 194 -32.05 -21.55 33.54
N LYS A 195 -32.89 -20.96 34.39
CA LYS A 195 -34.32 -20.94 34.11
C LYS A 195 -34.64 -20.14 32.85
N GLU A 196 -33.99 -18.99 32.68
CA GLU A 196 -34.27 -18.13 31.54
C GLU A 196 -33.55 -18.58 30.27
N LEU A 197 -32.64 -19.54 30.36
CA LEU A 197 -31.91 -19.97 29.18
C LEU A 197 -32.82 -20.75 28.24
N GLU A 198 -32.54 -20.64 26.95
CA GLU A 198 -33.38 -21.29 25.94
C GLU A 198 -33.22 -22.81 25.98
N ALA A 199 -32.01 -23.29 26.26
CA ALA A 199 -31.74 -24.72 26.20
C ALA A 199 -32.42 -25.44 27.36
N ARG A 200 -32.96 -26.62 27.06
CA ARG A 200 -33.59 -27.46 28.07
C ARG A 200 -32.77 -28.68 28.44
N VAL A 201 -31.66 -28.93 27.74
CA VAL A 201 -30.79 -30.05 28.07
C VAL A 201 -29.84 -29.61 29.18
N ILE A 202 -29.86 -30.34 30.29
CA ILE A 202 -29.05 -30.00 31.46
C ILE A 202 -28.10 -31.15 31.74
N ILE A 203 -26.81 -30.81 31.86
CA ILE A 203 -25.76 -31.79 32.14
C ILE A 203 -25.18 -31.47 33.51
N LEU A 204 -25.20 -32.46 34.40
CA LEU A 204 -24.73 -32.29 35.76
C LEU A 204 -23.48 -33.12 35.97
N SER A 205 -22.45 -32.52 36.57
CA SER A 205 -21.18 -33.17 36.82
C SER A 205 -20.72 -32.93 38.25
N ALA A 206 -21.62 -33.15 39.20
CA ALA A 206 -21.36 -32.91 40.61
C ALA A 206 -21.20 -34.23 41.34
N SER A 207 -21.01 -34.13 42.65
CA SER A 207 -20.92 -35.29 43.53
C SER A 207 -22.25 -35.51 44.25
N GLU A 208 -22.31 -36.57 45.05
CA GLU A 208 -23.56 -36.96 45.68
C GLU A 208 -24.12 -35.85 46.56
N ASP A 209 -23.25 -35.26 47.39
CA ASP A 209 -23.69 -34.19 48.28
C ASP A 209 -24.12 -32.96 47.48
N ASP A 210 -23.37 -32.63 46.42
CA ASP A 210 -23.72 -31.48 45.60
C ASP A 210 -24.91 -31.76 44.69
N ALA A 211 -25.07 -33.01 44.24
CA ALA A 211 -26.20 -33.34 43.38
C ALA A 211 -27.52 -33.21 44.12
N ALA A 212 -27.55 -33.60 45.39
CA ALA A 212 -28.79 -33.51 46.16
C ALA A 212 -29.28 -32.07 46.24
N THR A 213 -28.36 -31.12 46.45
CA THR A 213 -28.76 -29.72 46.49
C THR A 213 -29.33 -29.26 45.15
N VAL A 214 -28.72 -29.70 44.05
CA VAL A 214 -29.22 -29.34 42.73
C VAL A 214 -30.60 -29.95 42.50
N TYR A 215 -30.75 -31.23 42.84
CA TYR A 215 -32.03 -31.90 42.62
C TYR A 215 -33.12 -31.29 43.47
N ARG A 216 -32.83 -30.99 44.74
CA ARG A 216 -33.82 -30.39 45.62
C ARG A 216 -34.26 -29.03 45.11
N ALA A 217 -33.31 -28.20 44.68
CA ALA A 217 -33.67 -26.89 44.16
C ALA A 217 -34.44 -26.98 42.86
N ALA A 218 -34.02 -27.86 41.95
CA ALA A 218 -34.70 -27.99 40.67
C ALA A 218 -36.14 -28.44 40.85
N ALA A 219 -36.42 -29.26 41.87
CA ALA A 219 -37.78 -29.70 42.11
C ALA A 219 -38.68 -28.53 42.47
N MET A 220 -38.19 -27.59 43.28
CA MET A 220 -38.98 -26.45 43.70
C MET A 220 -38.86 -25.27 42.75
N LEU A 221 -38.00 -25.35 41.74
CA LEU A 221 -37.97 -24.39 40.66
C LEU A 221 -38.80 -24.86 39.45
N ASN A 222 -39.49 -25.98 39.57
CA ASN A 222 -40.29 -26.56 38.49
C ASN A 222 -39.44 -26.88 37.26
N MET A 223 -38.18 -27.22 37.48
CA MET A 223 -37.28 -27.62 36.40
C MET A 223 -37.39 -29.08 36.05
N THR A 224 -38.05 -29.89 36.88
CA THR A 224 -38.17 -31.32 36.65
C THR A 224 -39.40 -31.69 35.84
N GLY A 225 -40.15 -30.70 35.36
CA GLY A 225 -41.35 -30.96 34.60
C GLY A 225 -41.05 -31.44 33.19
N SER A 226 -42.11 -31.54 32.40
CA SER A 226 -41.98 -32.02 31.04
C SER A 226 -41.17 -31.04 30.19
N GLY A 227 -40.53 -31.57 29.15
CA GLY A 227 -39.73 -30.77 28.27
C GLY A 227 -38.32 -30.51 28.75
N TYR A 228 -37.94 -31.04 29.91
CA TYR A 228 -36.59 -30.87 30.44
C TYR A 228 -35.83 -32.18 30.34
N VAL A 229 -34.56 -32.09 29.98
CA VAL A 229 -33.70 -33.25 29.81
C VAL A 229 -32.54 -33.14 30.78
N TRP A 230 -32.26 -34.21 31.50
CA TRP A 230 -31.14 -34.26 32.43
C TRP A 230 -30.17 -35.35 32.00
N LEU A 231 -28.91 -34.99 31.81
CA LEU A 231 -27.84 -35.93 31.55
C LEU A 231 -26.93 -35.93 32.77
N VAL A 232 -26.70 -37.10 33.34
CA VAL A 232 -26.09 -37.22 34.66
C VAL A 232 -25.15 -38.42 34.67
N GLY A 233 -24.02 -38.28 35.36
CA GLY A 233 -23.06 -39.35 35.51
C GLY A 233 -23.38 -40.26 36.69
N GLU A 234 -22.38 -41.09 37.02
CA GLU A 234 -22.59 -42.15 38.02
C GLU A 234 -22.78 -41.58 39.42
N ARG A 235 -22.06 -40.51 39.76
CA ARG A 235 -22.06 -40.04 41.13
C ARG A 235 -23.42 -39.53 41.57
N GLU A 236 -24.20 -38.95 40.66
CA GLU A 236 -25.45 -38.29 41.00
C GLU A 236 -26.68 -39.16 40.84
N ILE A 237 -26.53 -40.43 40.46
CA ILE A 237 -27.64 -41.35 40.35
C ILE A 237 -27.59 -42.44 41.40
N SER A 238 -26.71 -42.31 42.39
CA SER A 238 -26.54 -43.32 43.41
C SER A 238 -26.32 -42.66 44.76
N GLY A 239 -26.64 -43.40 45.82
CA GLY A 239 -26.47 -42.89 47.16
C GLY A 239 -27.51 -41.87 47.54
N ASN A 240 -27.09 -40.82 48.26
CA ASN A 240 -28.02 -39.79 48.68
C ASN A 240 -28.61 -39.03 47.50
N ALA A 241 -27.89 -38.97 46.38
CA ALA A 241 -28.38 -38.24 45.22
C ALA A 241 -29.54 -38.96 44.55
N LEU A 242 -29.50 -40.29 44.52
CA LEU A 242 -30.58 -41.06 43.89
C LEU A 242 -31.90 -40.88 44.62
N ARG A 243 -31.86 -40.64 45.93
CA ARG A 243 -33.10 -40.49 46.69
C ARG A 243 -33.92 -39.30 46.21
N TYR A 244 -33.26 -38.19 45.90
CA TYR A 244 -33.93 -36.97 45.47
C TYR A 244 -33.83 -36.73 43.97
N ALA A 245 -33.34 -37.70 43.21
CA ALA A 245 -33.25 -37.53 41.77
C ALA A 245 -34.64 -37.54 41.15
N PRO A 246 -34.96 -36.60 40.27
CA PRO A 246 -36.27 -36.61 39.62
C PRO A 246 -36.40 -37.77 38.66
N ASP A 247 -37.65 -38.15 38.40
CA ASP A 247 -37.90 -39.25 37.46
C ASP A 247 -37.45 -38.86 36.06
N GLY A 248 -36.86 -39.82 35.35
CA GLY A 248 -36.40 -39.58 34.00
C GLY A 248 -34.96 -39.18 33.86
N ILE A 249 -34.14 -39.34 34.91
CA ILE A 249 -32.72 -39.01 34.81
C ILE A 249 -32.04 -40.02 33.90
N LEU A 250 -31.33 -39.52 32.89
CA LEU A 250 -30.63 -40.38 31.95
C LEU A 250 -29.21 -40.64 32.45
N GLY A 251 -29.14 -41.33 33.58
CA GLY A 251 -27.86 -41.57 34.22
C GLY A 251 -26.99 -42.53 33.43
N LEU A 252 -25.75 -42.66 33.89
CA LEU A 252 -24.76 -43.55 33.31
C LEU A 252 -24.19 -44.45 34.38
N GLN A 253 -23.73 -45.64 33.98
CA GLN A 253 -23.12 -46.58 34.91
C GLN A 253 -22.04 -47.36 34.19
N LEU A 254 -21.11 -47.90 34.98
CA LEU A 254 -20.07 -48.78 34.47
C LEU A 254 -20.46 -50.23 34.75
N ILE A 255 -20.17 -51.11 33.79
CA ILE A 255 -20.64 -52.49 33.89
C ILE A 255 -20.01 -53.17 35.10
N ASN A 256 -18.69 -53.08 35.23
CA ASN A 256 -17.98 -53.78 36.30
C ASN A 256 -16.89 -52.90 36.90
N GLY A 257 -17.12 -51.59 36.96
CA GLY A 257 -16.14 -50.70 37.55
C GLY A 257 -15.95 -50.91 39.04
N LYS A 258 -17.02 -51.27 39.74
CA LYS A 258 -16.96 -51.46 41.19
C LYS A 258 -16.53 -52.87 41.59
N ASN A 259 -16.31 -53.77 40.63
CA ASN A 259 -15.84 -55.12 40.91
C ASN A 259 -14.32 -55.13 40.79
N GLU A 260 -13.64 -55.16 41.94
CA GLU A 260 -12.18 -55.18 41.91
C GLU A 260 -11.64 -56.51 41.41
N SER A 261 -12.38 -57.60 41.66
CA SER A 261 -11.91 -58.92 41.27
C SER A 261 -11.76 -59.02 39.75
N ALA A 262 -12.69 -58.42 39.00
CA ALA A 262 -12.55 -58.41 37.55
C ALA A 262 -11.31 -57.64 37.12
N HIS A 263 -11.04 -56.50 37.77
CA HIS A 263 -9.90 -55.67 37.38
C HIS A 263 -8.58 -56.25 37.87
N ILE A 264 -8.58 -57.02 38.96
CA ILE A 264 -7.36 -57.64 39.44
C ILE A 264 -6.78 -58.57 38.37
N SER A 265 -7.62 -59.42 37.80
CA SER A 265 -7.16 -60.38 36.80
C SER A 265 -6.69 -59.67 35.54
N ASP A 266 -7.43 -58.66 35.08
CA ASP A 266 -7.03 -57.97 33.87
C ASP A 266 -5.75 -57.18 34.06
N ALA A 267 -5.62 -56.50 35.20
CA ALA A 267 -4.45 -55.66 35.43
C ALA A 267 -3.18 -56.50 35.57
N VAL A 268 -3.26 -57.60 36.33
CA VAL A 268 -2.09 -58.45 36.53
C VAL A 268 -1.62 -59.02 35.20
N GLY A 269 -2.55 -59.42 34.34
CA GLY A 269 -2.17 -59.93 33.03
C GLY A 269 -1.46 -58.90 32.18
N VAL A 270 -1.88 -57.64 32.27
CA VAL A 270 -1.25 -56.59 31.49
C VAL A 270 0.20 -56.38 31.93
N VAL A 271 0.43 -56.38 33.24
CA VAL A 271 1.80 -56.22 33.75
C VAL A 271 2.67 -57.40 33.34
N ALA A 272 2.13 -58.61 33.45
CA ALA A 272 2.90 -59.81 33.11
C ALA A 272 3.33 -59.80 31.65
N GLN A 273 2.45 -59.34 30.76
CA GLN A 273 2.82 -59.19 29.36
C GLN A 273 3.95 -58.16 29.21
N ALA A 274 3.88 -57.06 29.96
CA ALA A 274 4.94 -56.06 29.90
C ALA A 274 6.20 -56.55 30.61
N VAL A 275 6.07 -57.43 31.60
CA VAL A 275 7.24 -57.99 32.26
C VAL A 275 8.10 -58.76 31.27
N HIS A 276 7.46 -59.59 30.45
CA HIS A 276 8.21 -60.33 29.44
C HIS A 276 8.84 -59.39 28.41
N GLU A 277 8.21 -58.24 28.16
CA GLU A 277 8.86 -57.20 27.37
C GLU A 277 10.05 -56.62 28.12
N LEU A 278 9.93 -56.47 29.45
CA LEU A 278 11.02 -55.96 30.26
C LEU A 278 12.22 -56.90 30.28
N LEU A 279 12.03 -58.16 29.89
CA LEU A 279 13.15 -59.10 29.89
C LEU A 279 14.23 -58.67 28.91
N GLU A 280 13.83 -58.20 27.73
CA GLU A 280 14.77 -57.75 26.71
C GLU A 280 14.87 -56.23 26.77
N LYS A 281 16.05 -55.74 27.10
CA LYS A 281 16.32 -54.30 27.15
C LYS A 281 17.82 -54.10 27.29
N GLU A 282 18.23 -52.84 27.39
CA GLU A 282 19.62 -52.46 27.58
C GLU A 282 19.77 -51.81 28.94
N ASN A 283 20.69 -52.34 29.75
CA ASN A 283 20.97 -51.82 31.08
C ASN A 283 19.70 -51.80 31.95
N ILE A 284 19.15 -52.99 32.15
CA ILE A 284 17.98 -53.13 33.02
C ILE A 284 18.42 -53.02 34.47
N THR A 285 17.81 -52.10 35.21
CA THR A 285 18.15 -51.83 36.60
C THR A 285 17.02 -52.31 37.49
N ASP A 286 17.35 -53.14 38.47
CA ASP A 286 16.36 -53.61 39.41
C ASP A 286 15.91 -52.47 40.32
N PRO A 287 14.65 -52.48 40.75
CA PRO A 287 14.14 -51.39 41.60
C PRO A 287 14.85 -51.37 42.94
N PRO A 288 14.75 -50.26 43.68
CA PRO A 288 15.40 -50.18 44.99
C PRO A 288 14.93 -51.29 45.92
N ARG A 289 15.87 -51.81 46.71
CA ARG A 289 15.58 -52.87 47.67
C ARG A 289 15.25 -52.33 49.06
N GLY A 290 15.16 -51.01 49.22
CA GLY A 290 14.86 -50.43 50.51
C GLY A 290 14.23 -49.07 50.36
N CYS A 291 13.80 -48.52 51.49
CA CYS A 291 13.15 -47.21 51.53
C CYS A 291 13.99 -46.19 52.30
N VAL A 292 15.30 -46.39 52.37
CA VAL A 292 16.18 -45.40 52.98
C VAL A 292 17.33 -45.09 52.04
N GLY A 293 18.10 -46.12 51.66
CA GLY A 293 19.37 -45.88 50.99
C GLY A 293 19.22 -45.25 49.62
N ASN A 294 18.28 -45.75 48.81
CA ASN A 294 18.19 -45.33 47.42
C ASN A 294 17.56 -43.95 47.33
N THR A 295 18.22 -43.06 46.59
CA THR A 295 17.72 -41.71 46.35
C THR A 295 17.48 -41.41 44.89
N ASN A 296 18.37 -41.86 44.00
CA ASN A 296 18.17 -41.68 42.59
C ASN A 296 17.05 -42.58 42.08
N ILE A 297 16.50 -42.22 40.94
CA ILE A 297 15.50 -43.04 40.27
C ILE A 297 16.19 -44.04 39.36
N TRP A 298 15.48 -45.11 39.01
CA TRP A 298 15.98 -46.13 38.12
C TRP A 298 15.33 -45.97 36.75
N LYS A 299 16.16 -45.65 35.74
CA LYS A 299 15.69 -45.07 34.50
C LYS A 299 14.83 -46.01 33.67
N THR A 300 14.91 -47.31 33.90
CA THR A 300 14.09 -48.23 33.13
C THR A 300 12.66 -48.31 33.66
N GLY A 301 12.36 -47.65 34.78
CA GLY A 301 11.01 -47.51 35.26
C GLY A 301 10.12 -46.73 34.30
N PRO A 302 10.59 -45.56 33.85
CA PRO A 302 9.87 -44.90 32.75
C PRO A 302 9.77 -45.74 31.50
N LEU A 303 10.79 -46.54 31.20
CA LEU A 303 10.69 -47.49 30.10
C LEU A 303 9.64 -48.55 30.39
N PHE A 304 9.56 -49.02 31.64
CA PHE A 304 8.48 -49.92 32.04
C PHE A 304 7.12 -49.27 31.86
N LYS A 305 6.99 -48.00 32.24
CA LYS A 305 5.74 -47.29 32.01
C LYS A 305 5.50 -47.06 30.51
N ARG A 306 6.56 -46.76 29.75
CA ARG A 306 6.40 -46.51 28.33
C ARG A 306 5.93 -47.76 27.59
N VAL A 307 6.51 -48.92 27.93
CA VAL A 307 6.05 -50.16 27.30
C VAL A 307 4.70 -50.58 27.82
N LEU A 308 4.27 -50.07 28.98
CA LEU A 308 2.93 -50.33 29.49
C LEU A 308 1.88 -49.52 28.77
N MET A 309 2.26 -48.43 28.10
CA MET A 309 1.32 -47.67 27.30
C MET A 309 0.81 -48.50 26.13
N SER A 310 1.71 -49.22 25.46
CA SER A 310 1.36 -50.04 24.31
C SER A 310 1.07 -51.49 24.68
N SER A 311 1.08 -51.83 25.97
CA SER A 311 0.79 -53.19 26.41
C SER A 311 -0.72 -53.38 26.42
N LYS A 312 -1.26 -53.61 25.22
CA LYS A 312 -2.70 -53.76 25.01
C LYS A 312 -3.05 -55.24 24.99
N TYR A 313 -3.93 -55.65 25.90
CA TYR A 313 -4.31 -57.04 26.00
C TYR A 313 -5.19 -57.44 24.82
N ALA A 314 -4.94 -58.65 24.28
CA ALA A 314 -5.79 -59.16 23.22
C ALA A 314 -7.21 -59.41 23.72
N ASP A 315 -7.35 -59.94 24.93
CA ASP A 315 -8.65 -60.20 25.52
C ASP A 315 -8.52 -60.13 27.04
N GLY A 316 -9.57 -60.49 27.74
CA GLY A 316 -9.56 -60.47 29.19
C GLY A 316 -10.94 -60.55 29.76
N VAL A 317 -10.99 -60.46 31.09
CA VAL A 317 -12.27 -60.52 31.80
C VAL A 317 -13.14 -59.33 31.44
N THR A 318 -12.56 -58.13 31.37
CA THR A 318 -13.26 -56.91 31.01
C THR A 318 -12.92 -56.46 29.59
N GLY A 319 -12.79 -57.39 28.66
CA GLY A 319 -12.46 -57.05 27.30
C GLY A 319 -11.02 -56.64 27.14
N ARG A 320 -10.74 -56.04 25.99
CA ARG A 320 -9.38 -55.56 25.72
C ARG A 320 -9.04 -54.40 26.64
N VAL A 321 -7.84 -54.43 27.22
CA VAL A 321 -7.40 -53.41 28.16
C VAL A 321 -6.37 -52.56 27.44
N GLU A 322 -6.80 -51.39 26.97
CA GLU A 322 -5.94 -50.43 26.29
C GLU A 322 -5.77 -49.20 27.16
N PHE A 323 -4.53 -48.70 27.23
CA PHE A 323 -4.20 -47.57 28.07
C PHE A 323 -4.09 -46.30 27.23
N ASN A 324 -4.65 -45.22 27.76
CA ASN A 324 -4.64 -43.94 27.07
C ASN A 324 -3.25 -43.34 27.06
N GLU A 325 -3.12 -42.14 26.48
CA GLU A 325 -1.85 -41.44 26.50
C GLU A 325 -1.43 -41.13 27.93
N ASP A 326 -2.36 -40.73 28.78
CA ASP A 326 -2.07 -40.45 30.18
C ASP A 326 -2.29 -41.65 31.08
N GLY A 327 -2.66 -42.80 30.54
CA GLY A 327 -2.80 -44.00 31.33
C GLY A 327 -4.21 -44.42 31.67
N ASP A 328 -5.22 -43.76 31.12
CA ASP A 328 -6.60 -44.12 31.41
C ASP A 328 -7.06 -45.26 30.50
N ARG A 329 -8.09 -45.97 30.95
CA ARG A 329 -8.66 -47.05 30.16
C ARG A 329 -9.42 -46.50 28.96
N LYS A 330 -9.34 -47.22 27.86
CA LYS A 330 -9.94 -46.80 26.60
C LYS A 330 -11.03 -47.76 26.17
N PHE A 331 -12.06 -47.21 25.52
CA PHE A 331 -13.17 -47.99 24.97
C PHE A 331 -13.87 -48.80 26.04
N ALA A 332 -14.14 -48.17 27.18
CA ALA A 332 -14.90 -48.83 28.23
C ALA A 332 -16.37 -48.94 27.84
N ASN A 333 -17.05 -49.91 28.46
CA ASN A 333 -18.46 -50.14 28.21
C ASN A 333 -19.28 -49.38 29.25
N TYR A 334 -20.13 -48.47 28.79
CA TYR A 334 -20.94 -47.64 29.65
C TYR A 334 -22.41 -48.00 29.46
N SER A 335 -23.13 -48.19 30.56
CA SER A 335 -24.53 -48.58 30.53
C SER A 335 -25.39 -47.39 30.89
N ILE A 336 -26.43 -47.16 30.11
CA ILE A 336 -27.30 -46.00 30.27
C ILE A 336 -28.50 -46.41 31.11
N MET A 337 -28.68 -45.76 32.25
CA MET A 337 -29.78 -46.01 33.17
C MET A 337 -30.75 -44.84 33.13
N ASN A 338 -32.04 -45.15 33.02
CA ASN A 338 -33.11 -44.18 33.12
C ASN A 338 -33.90 -44.43 34.39
N LEU A 339 -34.08 -43.39 35.19
CA LEU A 339 -34.79 -43.51 36.46
C LEU A 339 -36.28 -43.63 36.15
N GLN A 340 -36.79 -44.85 36.15
CA GLN A 340 -38.19 -45.12 35.84
C GLN A 340 -38.89 -45.69 37.07
N ASN A 341 -39.94 -45.02 37.52
CA ASN A 341 -40.72 -45.43 38.68
C ASN A 341 -39.84 -45.63 39.91
N ARG A 342 -38.99 -44.62 40.16
CA ARG A 342 -38.08 -44.62 41.31
C ARG A 342 -37.17 -45.84 41.30
N LYS A 343 -36.81 -46.31 40.11
CA LYS A 343 -35.89 -47.42 39.96
C LYS A 343 -35.06 -47.20 38.71
N LEU A 344 -33.80 -47.62 38.77
CA LEU A 344 -32.88 -47.45 37.66
C LEU A 344 -32.95 -48.65 36.75
N VAL A 345 -33.35 -48.43 35.50
CA VAL A 345 -33.46 -49.49 34.50
C VAL A 345 -32.59 -49.12 33.31
N GLN A 346 -32.08 -50.14 32.63
CA GLN A 346 -31.20 -49.93 31.48
C GLN A 346 -32.03 -49.51 30.27
N VAL A 347 -31.49 -48.57 29.50
CA VAL A 347 -32.16 -48.06 28.32
C VAL A 347 -31.20 -48.00 27.15
N GLY A 348 -30.01 -48.56 27.32
CA GLY A 348 -29.04 -48.53 26.25
C GLY A 348 -27.71 -49.11 26.68
N ILE A 349 -26.71 -48.91 25.84
CA ILE A 349 -25.34 -49.33 26.13
C ILE A 349 -24.40 -48.49 25.30
N TYR A 350 -23.21 -48.25 25.84
CA TYR A 350 -22.15 -47.52 25.14
C TYR A 350 -20.99 -48.48 24.92
N ASN A 351 -20.79 -48.89 23.66
CA ASN A 351 -19.75 -49.86 23.35
C ASN A 351 -18.37 -49.30 23.66
N GLY A 352 -18.15 -48.02 23.38
CA GLY A 352 -16.84 -47.42 23.55
C GLY A 352 -16.57 -46.40 22.46
N THR A 353 -17.33 -46.50 21.36
CA THR A 353 -17.26 -45.54 20.27
C THR A 353 -18.62 -45.07 19.79
N HIS A 354 -19.71 -45.72 20.18
CA HIS A 354 -21.04 -45.31 19.77
C HIS A 354 -22.05 -45.77 20.81
N VAL A 355 -23.23 -45.17 20.76
CA VAL A 355 -24.31 -45.47 21.70
C VAL A 355 -25.31 -46.38 21.00
N ILE A 356 -25.56 -47.54 21.58
CA ILE A 356 -26.50 -48.52 21.05
C ILE A 356 -27.60 -48.72 22.07
N PRO A 357 -28.77 -48.12 21.87
CA PRO A 357 -29.87 -48.30 22.80
C PRO A 357 -30.54 -49.66 22.62
N ASN A 358 -31.12 -50.15 23.72
CA ASN A 358 -31.78 -51.44 23.73
C ASN A 358 -33.24 -51.27 23.33
N ASP A 359 -34.05 -52.31 23.56
CA ASP A 359 -35.46 -52.27 23.20
C ASP A 359 -36.32 -51.56 24.23
N ARG A 360 -35.79 -51.29 25.43
CA ARG A 360 -36.60 -50.66 26.47
C ARG A 360 -36.83 -49.19 26.12
N LYS A 361 -38.08 -48.76 26.22
CA LYS A 361 -38.43 -47.38 25.95
C LYS A 361 -38.00 -46.47 27.10
N ILE A 362 -37.80 -45.20 26.76
CA ILE A 362 -37.29 -44.20 27.69
C ILE A 362 -38.44 -43.32 28.15
N ILE A 363 -38.59 -43.17 29.46
CA ILE A 363 -39.58 -42.28 30.05
C ILE A 363 -38.85 -41.00 30.44
N TRP A 364 -39.11 -39.93 29.69
CA TRP A 364 -38.44 -38.67 29.90
C TRP A 364 -38.99 -37.97 31.15
N PRO A 365 -38.27 -36.99 31.68
CA PRO A 365 -38.76 -36.27 32.86
C PRO A 365 -40.14 -35.66 32.60
N GLY A 366 -40.98 -35.68 33.64
CA GLY A 366 -42.36 -35.29 33.50
C GLY A 366 -43.27 -36.37 32.98
N GLY A 367 -42.74 -37.57 32.71
CA GLY A 367 -43.55 -38.66 32.20
C GLY A 367 -43.83 -38.60 30.72
N GLU A 368 -43.13 -37.75 29.97
CA GLU A 368 -43.39 -37.61 28.54
C GLU A 368 -42.77 -38.76 27.77
N THR A 369 -43.59 -39.49 27.02
CA THR A 369 -43.08 -40.63 26.26
C THR A 369 -42.25 -40.17 25.06
N GLU A 370 -42.75 -39.18 24.32
CA GLU A 370 -42.02 -38.69 23.16
C GLU A 370 -40.78 -37.94 23.59
N LYS A 371 -39.79 -37.89 22.71
CA LYS A 371 -38.54 -37.23 23.03
C LYS A 371 -38.72 -35.71 22.98
N PRO A 372 -38.46 -35.00 24.06
CA PRO A 372 -38.58 -33.54 24.02
C PRO A 372 -37.54 -32.92 23.10
N ARG A 373 -37.91 -31.78 22.51
CA ARG A 373 -36.99 -31.07 21.63
C ARG A 373 -35.76 -30.59 22.40
N GLY A 374 -35.95 -30.12 23.62
CA GLY A 374 -34.84 -29.62 24.40
C GLY A 374 -34.40 -28.22 24.08
N TYR A 375 -35.30 -27.39 23.57
CA TYR A 375 -34.96 -26.02 23.20
C TYR A 375 -36.25 -25.23 23.06
N GLN A 376 -36.37 -24.14 23.81
CA GLN A 376 -37.54 -23.26 23.72
C GLN A 376 -37.10 -21.86 23.31
N MET A 377 -37.70 -21.35 22.24
CA MET A 377 -37.41 -20.00 21.79
C MET A 377 -38.07 -18.98 22.72
N SER A 378 -37.50 -17.80 22.79
CA SER A 378 -38.00 -16.72 23.64
C SER A 378 -38.64 -15.66 22.74
N THR A 379 -39.97 -15.63 22.72
CA THR A 379 -40.67 -14.62 21.95
C THR A 379 -40.48 -13.23 22.56
N ARG A 380 -40.49 -13.14 23.88
CA ARG A 380 -40.28 -11.85 24.53
C ARG A 380 -38.83 -11.43 24.40
N LEU A 381 -38.60 -10.24 23.87
CA LEU A 381 -37.27 -9.72 23.64
C LEU A 381 -37.05 -8.48 24.48
N LYS A 382 -35.80 -8.23 24.82
CA LYS A 382 -35.38 -7.01 25.48
C LYS A 382 -34.55 -6.21 24.48
N ILE A 383 -34.97 -4.98 24.25
CA ILE A 383 -34.44 -4.16 23.18
C ILE A 383 -33.90 -2.87 23.76
N VAL A 384 -32.64 -2.56 23.45
CA VAL A 384 -31.98 -1.39 23.98
C VAL A 384 -31.88 -0.35 22.86
N THR A 385 -32.33 0.86 23.16
CA THR A 385 -32.27 1.97 22.24
C THR A 385 -31.51 3.12 22.89
N ILE A 386 -31.33 4.18 22.12
CA ILE A 386 -30.70 5.39 22.60
C ILE A 386 -31.55 6.56 22.12
N HIS A 387 -31.37 7.71 22.76
CA HIS A 387 -32.14 8.88 22.39
C HIS A 387 -31.46 9.56 21.21
N GLN A 388 -31.96 9.30 20.01
CA GLN A 388 -31.50 9.97 18.81
C GLN A 388 -32.69 10.65 18.15
N GLU A 389 -32.50 11.90 17.73
CA GLU A 389 -33.64 12.77 17.44
C GLU A 389 -34.54 12.26 16.33
N PRO A 390 -34.07 11.91 15.13
CA PRO A 390 -35.01 11.52 14.08
C PRO A 390 -35.47 10.09 14.17
N PHE A 391 -34.80 9.24 14.95
CA PHE A 391 -35.06 7.81 14.97
C PHE A 391 -35.81 7.37 16.21
N VAL A 392 -35.41 7.85 17.38
CA VAL A 392 -36.02 7.44 18.65
C VAL A 392 -36.30 8.72 19.44
N TYR A 393 -37.53 9.20 19.37
CA TYR A 393 -37.94 10.36 20.16
C TYR A 393 -38.24 9.89 21.58
N VAL A 394 -37.50 10.41 22.56
CA VAL A 394 -37.69 10.08 23.97
C VAL A 394 -38.34 11.27 24.63
N LYS A 395 -39.52 11.05 25.20
CA LYS A 395 -40.29 12.13 25.81
C LYS A 395 -40.91 11.65 27.11
N PRO A 396 -41.12 12.56 28.07
CA PRO A 396 -41.66 12.14 29.36
C PRO A 396 -43.08 11.59 29.21
N THR A 397 -43.37 10.59 30.03
CA THR A 397 -44.69 9.98 30.00
C THR A 397 -45.69 10.87 30.71
N LEU A 398 -46.98 10.59 30.48
CA LEU A 398 -48.03 11.36 31.11
C LEU A 398 -48.09 11.07 32.61
N SER A 399 -48.79 11.94 33.33
CA SER A 399 -48.91 11.78 34.78
C SER A 399 -49.64 10.50 35.13
N ASP A 400 -50.70 10.16 34.38
CA ASP A 400 -51.42 8.93 34.63
C ASP A 400 -50.65 7.69 34.17
N GLY A 401 -49.54 7.84 33.47
CA GLY A 401 -48.71 6.73 33.08
C GLY A 401 -48.89 6.21 31.67
N THR A 402 -49.63 6.91 30.83
CA THR A 402 -49.87 6.51 29.46
C THR A 402 -49.10 7.42 28.50
N CYS A 403 -49.21 7.12 27.21
CA CYS A 403 -48.51 7.86 26.17
C CYS A 403 -49.46 8.84 25.49
N LYS A 404 -48.97 10.05 25.25
CA LYS A 404 -49.76 11.08 24.58
C LYS A 404 -50.20 10.59 23.21
N GLU A 405 -51.47 10.80 22.88
CA GLU A 405 -52.03 10.34 21.61
C GLU A 405 -51.92 11.43 20.54
N GLU A 406 -50.68 11.75 20.19
CA GLU A 406 -50.44 12.69 19.11
C GLU A 406 -50.75 12.03 17.76
N PHE A 407 -51.15 12.85 16.81
CA PHE A 407 -51.58 12.37 15.50
C PHE A 407 -50.68 12.97 14.42
N THR A 408 -50.40 12.18 13.39
CA THR A 408 -49.65 12.68 12.25
C THR A 408 -50.50 13.65 11.45
N VAL A 409 -49.84 14.42 10.60
CA VAL A 409 -50.55 15.34 9.73
C VAL A 409 -51.46 14.57 8.78
N ASN A 410 -51.02 13.39 8.33
CA ASN A 410 -51.85 12.54 7.49
C ASN A 410 -53.07 12.01 8.21
N GLY A 411 -53.12 12.13 9.54
CA GLY A 411 -54.23 11.66 10.33
C GLY A 411 -54.00 10.31 11.00
N ASP A 412 -53.03 9.54 10.53
CA ASP A 412 -52.75 8.25 11.14
C ASP A 412 -52.14 8.46 12.53
N PRO A 413 -52.43 7.58 13.49
CA PRO A 413 -51.89 7.74 14.82
C PRO A 413 -50.38 7.51 14.86
N VAL A 414 -49.74 8.10 15.86
CA VAL A 414 -48.33 7.87 16.11
C VAL A 414 -48.21 6.70 17.09
N LYS A 415 -47.52 5.64 16.66
CA LYS A 415 -47.29 4.50 17.54
C LYS A 415 -46.21 4.83 18.54
N LYS A 416 -46.46 4.52 19.81
CA LYS A 416 -45.53 4.83 20.89
C LYS A 416 -45.30 3.59 21.74
N VAL A 417 -44.11 3.49 22.30
CA VAL A 417 -43.73 2.38 23.18
C VAL A 417 -43.19 2.98 24.47
N ILE A 418 -43.46 2.29 25.58
CA ILE A 418 -43.00 2.76 26.89
C ILE A 418 -41.55 2.37 27.08
N CYS A 419 -40.70 3.37 27.32
CA CYS A 419 -39.27 3.16 27.52
C CYS A 419 -38.97 3.26 29.00
N THR A 420 -38.38 2.22 29.57
CA THR A 420 -37.94 2.25 30.96
C THR A 420 -36.49 2.68 31.06
N GLY A 421 -36.20 3.85 30.51
CA GLY A 421 -34.85 4.37 30.55
C GLY A 421 -34.58 5.13 31.83
N PRO A 422 -33.34 5.58 31.96
CA PRO A 422 -32.95 6.28 33.19
C PRO A 422 -33.56 7.67 33.29
N ASN A 423 -33.25 8.38 34.37
CA ASN A 423 -33.82 9.70 34.60
C ASN A 423 -33.37 10.68 33.51
N ASP A 424 -34.00 11.86 33.53
CA ASP A 424 -33.72 12.84 32.49
C ASP A 424 -32.26 13.27 32.49
N THR A 425 -31.69 13.50 33.67
CA THR A 425 -30.31 13.97 33.76
C THR A 425 -29.32 12.82 33.61
N SER A 426 -29.34 11.89 34.55
CA SER A 426 -28.38 10.79 34.59
C SER A 426 -28.81 9.81 35.66
N PRO A 427 -28.42 8.54 35.53
CA PRO A 427 -28.76 7.54 36.55
C PRO A 427 -27.73 7.39 37.67
N GLY A 428 -26.64 8.14 37.64
CA GLY A 428 -25.60 7.98 38.64
C GLY A 428 -25.99 8.45 40.03
N SER A 429 -26.11 9.76 40.22
CA SER A 429 -26.57 10.29 41.50
C SER A 429 -28.09 10.14 41.62
N PRO A 430 -28.88 10.52 40.59
CA PRO A 430 -30.31 10.18 40.68
C PRO A 430 -30.57 8.74 40.22
N ARG A 431 -30.41 7.80 41.16
CA ARG A 431 -30.54 6.38 40.88
C ARG A 431 -32.01 6.03 40.72
N HIS A 432 -32.55 6.36 39.54
CA HIS A 432 -33.93 6.07 39.24
C HIS A 432 -34.09 5.98 37.72
N THR A 433 -35.00 5.11 37.28
CA THR A 433 -35.25 4.85 35.87
C THR A 433 -36.75 5.05 35.63
N VAL A 434 -37.15 6.28 35.38
CA VAL A 434 -38.57 6.57 35.19
C VAL A 434 -39.01 6.10 33.81
N PRO A 435 -40.20 5.52 33.67
CA PRO A 435 -40.69 5.18 32.33
C PRO A 435 -40.92 6.42 31.48
N GLN A 436 -40.78 6.23 30.17
CA GLN A 436 -40.95 7.30 29.19
C GLN A 436 -41.71 6.74 27.99
N CYS A 437 -42.05 7.62 27.06
CA CYS A 437 -42.68 7.24 25.81
C CYS A 437 -41.68 7.39 24.68
N CYS A 438 -41.57 6.37 23.84
CA CYS A 438 -40.65 6.35 22.72
C CYS A 438 -41.40 6.14 21.42
N TYR A 439 -40.95 6.83 20.38
CA TYR A 439 -41.53 6.70 19.06
C TYR A 439 -40.53 7.24 18.05
N GLY A 440 -40.67 6.82 16.81
CA GLY A 440 -39.81 7.31 15.77
C GLY A 440 -39.58 6.26 14.71
N PHE A 441 -38.56 6.51 13.89
CA PHE A 441 -38.26 5.64 12.77
C PHE A 441 -37.87 4.25 13.24
N CYS A 442 -37.01 4.17 14.26
CA CYS A 442 -36.55 2.88 14.73
C CYS A 442 -37.67 2.13 15.45
N ILE A 443 -38.47 2.83 16.24
CA ILE A 443 -39.59 2.17 16.92
C ILE A 443 -40.63 1.68 15.91
N ASP A 444 -40.92 2.49 14.90
CA ASP A 444 -41.85 2.06 13.86
C ASP A 444 -41.31 0.86 13.10
N LEU A 445 -40.01 0.84 12.84
CA LEU A 445 -39.38 -0.34 12.27
C LEU A 445 -39.47 -1.52 13.22
N LEU A 446 -39.31 -1.26 14.52
CA LEU A 446 -39.41 -2.32 15.52
C LEU A 446 -40.79 -2.95 15.55
N ILE A 447 -41.84 -2.11 15.51
CA ILE A 447 -43.20 -2.64 15.56
C ILE A 447 -43.47 -3.51 14.35
N LYS A 448 -43.00 -3.09 13.17
CA LYS A 448 -43.19 -3.90 11.97
C LYS A 448 -42.47 -5.24 12.08
N LEU A 449 -41.25 -5.24 12.64
CA LEU A 449 -40.53 -6.49 12.80
C LEU A 449 -41.25 -7.44 13.72
N ALA A 450 -41.81 -6.92 14.82
CA ALA A 450 -42.54 -7.78 15.76
C ALA A 450 -43.76 -8.40 15.11
N ARG A 451 -44.49 -7.63 14.30
CA ARG A 451 -45.67 -8.17 13.63
C ARG A 451 -45.29 -9.28 12.66
N THR A 452 -44.16 -9.13 11.96
CA THR A 452 -43.79 -10.10 10.93
C THR A 452 -43.26 -11.38 11.54
N MET A 453 -42.48 -11.29 12.61
CA MET A 453 -41.87 -12.45 13.24
C MET A 453 -42.61 -12.93 14.48
N ASN A 454 -43.69 -12.26 14.86
CA ASN A 454 -44.53 -12.68 15.98
C ASN A 454 -43.71 -12.79 17.27
N PHE A 455 -43.18 -11.66 17.71
CA PHE A 455 -42.51 -11.59 19.01
C PHE A 455 -42.91 -10.33 19.74
N THR A 456 -42.79 -10.37 21.05
CA THR A 456 -43.03 -9.23 21.92
C THR A 456 -41.71 -8.65 22.41
N TYR A 457 -41.78 -7.43 22.93
CA TYR A 457 -40.56 -6.69 23.25
C TYR A 457 -40.74 -5.90 24.53
N GLU A 458 -39.61 -5.43 25.07
CA GLU A 458 -39.56 -4.57 26.25
C GLU A 458 -38.49 -3.52 26.02
N VAL A 459 -38.87 -2.40 25.42
CA VAL A 459 -37.91 -1.38 25.02
C VAL A 459 -37.43 -0.63 26.25
N HIS A 460 -36.12 -0.49 26.37
CA HIS A 460 -35.52 0.28 27.45
C HIS A 460 -34.29 1.00 26.95
N LEU A 461 -34.11 2.24 27.39
CA LEU A 461 -32.97 3.02 26.96
C LEU A 461 -31.70 2.52 27.62
N VAL A 462 -30.57 2.81 26.98
CA VAL A 462 -29.28 2.37 27.52
C VAL A 462 -28.90 3.24 28.70
N ALA A 463 -28.52 2.60 29.80
CA ALA A 463 -28.19 3.34 31.02
C ALA A 463 -26.97 4.22 30.81
N ASP A 464 -25.96 3.70 30.13
CA ASP A 464 -24.75 4.48 29.88
C ASP A 464 -25.05 5.71 29.04
N GLY A 465 -25.93 5.58 28.05
CA GLY A 465 -26.20 6.66 27.14
C GLY A 465 -25.22 6.78 25.99
N LYS A 466 -24.38 5.77 25.78
CA LYS A 466 -23.38 5.76 24.73
C LYS A 466 -23.60 4.60 23.79
N PHE A 467 -23.27 4.81 22.51
CA PHE A 467 -23.50 3.77 21.51
C PHE A 467 -22.63 2.56 21.76
N GLY A 468 -21.34 2.77 22.00
CA GLY A 468 -20.48 1.67 22.34
C GLY A 468 -19.10 1.68 21.71
N THR A 469 -18.08 1.60 22.57
CA THR A 469 -16.70 1.42 22.15
C THR A 469 -16.03 0.46 23.12
N GLN A 470 -14.76 0.20 22.88
CA GLN A 470 -13.95 -0.63 23.77
C GLN A 470 -12.91 0.25 24.44
N GLU A 471 -12.89 0.23 25.76
CA GLU A 471 -12.02 1.11 26.54
C GLU A 471 -11.13 0.29 27.46
N ARG A 472 -10.08 0.95 27.96
CA ARG A 472 -9.08 0.25 28.76
C ARG A 472 -9.68 -0.30 30.05
N VAL A 473 -10.53 0.49 30.71
CA VAL A 473 -11.02 0.18 32.05
C VAL A 473 -9.83 -0.12 32.95
N ASN A 474 -9.05 0.92 33.27
CA ASN A 474 -7.81 0.72 34.00
C ASN A 474 -8.03 0.15 35.38
N ASN A 475 -9.18 0.45 35.99
CA ASN A 475 -9.47 -0.05 37.33
C ASN A 475 -9.68 -1.56 37.38
N SER A 476 -9.90 -2.19 36.22
CA SER A 476 -10.12 -3.63 36.17
C SER A 476 -9.17 -4.37 35.24
N ASN A 477 -8.44 -3.66 34.37
CA ASN A 477 -7.48 -4.26 33.44
C ASN A 477 -8.19 -5.33 32.60
N LYS A 478 -9.09 -4.84 31.77
CA LYS A 478 -9.86 -5.69 30.87
C LYS A 478 -10.52 -4.83 29.81
N LYS A 479 -10.69 -5.40 28.62
CA LYS A 479 -11.36 -4.73 27.51
C LYS A 479 -12.86 -4.98 27.63
N GLU A 480 -13.60 -3.93 27.98
CA GLU A 480 -15.04 -4.05 28.19
C GLU A 480 -15.78 -3.13 27.24
N TRP A 481 -16.75 -3.67 26.51
CA TRP A 481 -17.66 -2.84 25.75
C TRP A 481 -18.53 -2.03 26.68
N ASN A 482 -18.99 -0.88 26.20
CA ASN A 482 -19.79 0.02 27.00
C ASN A 482 -21.08 0.39 26.28
N GLY A 483 -22.07 0.79 27.08
CA GLY A 483 -23.30 1.32 26.52
C GLY A 483 -24.13 0.26 25.83
N MET A 484 -24.69 0.64 24.68
CA MET A 484 -25.57 -0.23 23.92
C MET A 484 -24.87 -1.51 23.51
N MET A 485 -23.61 -1.42 23.08
CA MET A 485 -22.85 -2.61 22.76
C MET A 485 -22.57 -3.44 24.01
N GLY A 486 -22.34 -2.78 25.14
CA GLY A 486 -22.12 -3.51 26.38
C GLY A 486 -23.36 -4.24 26.86
N GLU A 487 -24.54 -3.64 26.68
CA GLU A 487 -25.77 -4.28 27.14
C GLU A 487 -26.14 -5.47 26.29
N LEU A 488 -25.84 -5.42 25.00
CA LEU A 488 -26.17 -6.54 24.12
C LEU A 488 -25.38 -7.79 24.48
N LEU A 489 -24.08 -7.63 24.74
CA LEU A 489 -23.25 -8.79 25.02
C LEU A 489 -23.47 -9.32 26.43
N SER A 490 -23.71 -8.43 27.39
CA SER A 490 -23.92 -8.84 28.77
C SER A 490 -25.25 -9.54 28.99
N GLY A 491 -26.13 -9.56 28.00
CA GLY A 491 -27.39 -10.23 28.10
C GLY A 491 -28.54 -9.36 28.54
N GLN A 492 -28.29 -8.11 28.92
CA GLN A 492 -29.35 -7.21 29.32
C GLN A 492 -30.29 -6.88 28.17
N ALA A 493 -29.82 -7.01 26.93
CA ALA A 493 -30.64 -6.74 25.75
C ALA A 493 -30.50 -7.87 24.75
N ASP A 494 -31.62 -8.30 24.19
CA ASP A 494 -31.59 -9.33 23.15
C ASP A 494 -31.37 -8.76 21.77
N MET A 495 -31.57 -7.46 21.57
CA MET A 495 -31.54 -6.87 20.26
C MET A 495 -31.31 -5.37 20.40
N ILE A 496 -30.54 -4.81 19.49
CA ILE A 496 -30.26 -3.38 19.45
C ILE A 496 -31.06 -2.79 18.29
N VAL A 497 -32.00 -1.91 18.61
CA VAL A 497 -32.83 -1.25 17.60
C VAL A 497 -32.60 0.25 17.76
N ALA A 498 -31.62 0.76 17.03
CA ALA A 498 -31.21 2.16 17.15
C ALA A 498 -30.24 2.50 16.04
N PRO A 499 -29.86 3.77 15.87
CA PRO A 499 -28.87 4.10 14.85
C PRO A 499 -27.49 3.56 15.18
N LEU A 500 -27.30 2.26 15.03
CA LEU A 500 -26.03 1.61 15.27
C LEU A 500 -25.36 1.34 13.93
N THR A 501 -24.21 1.96 13.70
CA THR A 501 -23.53 1.73 12.45
C THR A 501 -22.82 0.39 12.46
N ILE A 502 -22.44 -0.05 11.27
CA ILE A 502 -21.81 -1.36 11.07
C ILE A 502 -20.31 -1.12 10.99
N ASN A 503 -19.58 -1.59 12.00
CA ASN A 503 -18.14 -1.42 12.09
C ASN A 503 -17.46 -2.78 12.12
N ASN A 504 -16.22 -2.83 11.69
CA ASN A 504 -15.44 -4.05 11.82
C ASN A 504 -15.18 -4.39 13.28
N GLU A 505 -15.12 -3.37 14.15
CA GLU A 505 -14.93 -3.60 15.57
C GLU A 505 -16.16 -4.25 16.19
N ARG A 506 -17.34 -3.75 15.88
CA ARG A 506 -18.57 -4.31 16.43
C ARG A 506 -18.95 -5.62 15.75
N ALA A 507 -18.72 -5.71 14.44
CA ALA A 507 -19.14 -6.90 13.70
C ALA A 507 -18.38 -8.15 14.11
N GLN A 508 -17.25 -7.99 14.79
CA GLN A 508 -16.51 -9.15 15.28
C GLN A 508 -17.20 -9.81 16.46
N TYR A 509 -18.04 -9.07 17.19
CA TYR A 509 -18.70 -9.59 18.38
C TYR A 509 -20.19 -9.80 18.21
N ILE A 510 -20.89 -8.93 17.49
CA ILE A 510 -22.32 -9.02 17.33
C ILE A 510 -22.66 -9.15 15.85
N GLU A 511 -23.85 -9.67 15.58
CA GLU A 511 -24.28 -9.97 14.22
C GLU A 511 -25.25 -8.88 13.76
N PHE A 512 -24.77 -8.01 12.87
CA PHE A 512 -25.60 -6.98 12.31
C PHE A 512 -26.51 -7.54 11.23
N SER A 513 -27.62 -6.86 11.00
CA SER A 513 -28.47 -7.17 9.88
C SER A 513 -28.05 -6.35 8.67
N LYS A 514 -28.75 -6.54 7.56
CA LYS A 514 -28.55 -5.65 6.43
C LYS A 514 -28.96 -4.24 6.82
N PRO A 515 -28.30 -3.22 6.30
CA PRO A 515 -28.64 -1.86 6.70
C PRO A 515 -30.09 -1.52 6.42
N PHE A 516 -30.71 -0.84 7.37
CA PHE A 516 -32.00 -0.23 7.14
C PHE A 516 -31.88 1.25 6.84
N LYS A 517 -30.66 1.79 6.82
CA LYS A 517 -30.44 3.20 6.54
C LYS A 517 -29.01 3.33 6.04
N TYR A 518 -28.84 3.52 4.74
CA TYR A 518 -27.52 3.76 4.17
C TYR A 518 -27.17 5.23 4.35
N GLN A 519 -25.99 5.49 4.89
CA GLN A 519 -25.61 6.86 5.23
C GLN A 519 -24.10 6.91 5.40
N GLY A 520 -23.61 8.02 5.98
CA GLY A 520 -22.20 8.17 6.26
C GLY A 520 -21.93 9.25 7.30
N LEU A 521 -20.88 10.03 7.10
CA LEU A 521 -20.51 11.10 8.03
C LEU A 521 -20.47 12.43 7.30
N THR A 522 -20.99 13.48 7.96
CA THR A 522 -20.99 14.83 7.42
C THR A 522 -20.59 15.78 8.55
N ILE A 523 -20.83 17.08 8.33
CA ILE A 523 -20.45 18.12 9.28
C ILE A 523 -21.57 19.16 9.33
N LEU A 524 -21.93 19.58 10.54
CA LEU A 524 -22.96 20.58 10.76
C LEU A 524 -22.32 21.95 10.95
N VAL A 525 -22.90 22.97 10.30
CA VAL A 525 -22.33 24.32 10.29
C VAL A 525 -23.46 25.32 10.43
N LYS A 526 -23.24 26.34 11.25
CA LYS A 526 -24.26 27.34 11.59
C LYS A 526 -24.11 28.60 10.73
N LYS A 527 -25.25 29.09 10.22
CA LYS A 527 -25.25 30.25 9.35
C LYS A 527 -25.28 31.54 10.15
N GLU A 528 -24.52 32.52 9.70
CA GLU A 528 -24.48 33.83 10.33
C GLU A 528 -25.44 34.83 9.68
N ILE A 529 -26.17 34.40 8.65
CA ILE A 529 -27.16 35.21 7.91
C ILE A 529 -26.45 36.29 7.11
N PRO A 530 -26.72 36.40 5.81
CA PRO A 530 -26.07 37.45 5.01
C PRO A 530 -26.40 38.84 5.54
N ARG A 531 -25.40 39.70 5.54
CA ARG A 531 -25.55 41.08 6.00
C ARG A 531 -24.40 41.88 5.45
N SER A 532 -24.69 42.92 4.70
CA SER A 532 -23.64 43.75 4.11
C SER A 532 -22.89 44.50 5.19
N THR A 533 -21.58 44.67 4.98
CA THR A 533 -20.73 45.46 5.86
C THR A 533 -20.43 46.82 5.25
N LEU A 534 -21.41 47.40 4.55
CA LEU A 534 -21.18 48.64 3.83
C LEU A 534 -20.92 49.81 4.76
N ASP A 535 -21.45 49.74 5.99
CA ASP A 535 -21.34 50.84 6.94
C ASP A 535 -21.93 52.11 6.35
N SER A 536 -21.10 52.96 5.77
CA SER A 536 -21.54 54.22 5.19
C SER A 536 -21.32 54.24 3.69
N PHE A 537 -21.89 55.25 3.05
CA PHE A 537 -21.75 55.47 1.63
C PHE A 537 -20.34 55.91 1.23
N MET A 538 -19.53 56.35 2.18
CA MET A 538 -18.19 56.85 1.93
C MET A 538 -17.17 55.75 1.83
N GLN A 539 -17.60 54.52 1.63
CA GLN A 539 -16.69 53.39 1.57
C GLN A 539 -15.97 53.30 0.24
N PRO A 540 -16.64 53.44 -0.91
CA PRO A 540 -15.92 53.29 -2.18
C PRO A 540 -14.78 54.26 -2.36
N PHE A 541 -14.82 55.43 -1.76
CA PHE A 541 -13.78 56.43 -1.88
C PHE A 541 -13.09 56.62 -0.54
N GLN A 542 -11.77 56.76 -0.56
CA GLN A 542 -11.05 57.12 0.65
C GLN A 542 -11.45 58.53 1.08
N SER A 543 -11.37 58.77 2.38
CA SER A 543 -11.84 60.04 2.92
C SER A 543 -11.13 61.23 2.29
N THR A 544 -9.89 61.06 1.86
CA THR A 544 -9.18 62.15 1.20
C THR A 544 -9.62 62.32 -0.25
N LEU A 545 -10.02 61.23 -0.90
CA LEU A 545 -10.53 61.35 -2.27
C LEU A 545 -11.82 62.14 -2.32
N TRP A 546 -12.64 62.08 -1.27
CA TRP A 546 -13.80 62.96 -1.19
C TRP A 546 -13.39 64.42 -1.14
N LEU A 547 -12.31 64.71 -0.40
CA LEU A 547 -11.83 66.10 -0.31
C LEU A 547 -11.36 66.60 -1.66
N LEU A 548 -10.60 65.79 -2.40
CA LEU A 548 -10.10 66.24 -3.69
C LEU A 548 -11.25 66.46 -4.67
N VAL A 549 -12.24 65.57 -4.67
CA VAL A 549 -13.41 65.75 -5.52
C VAL A 549 -14.16 67.02 -5.14
N GLY A 550 -14.36 67.24 -3.84
CA GLY A 550 -15.03 68.44 -3.38
C GLY A 550 -14.20 69.70 -3.46
N LEU A 551 -12.87 69.55 -3.55
CA LEU A 551 -12.00 70.71 -3.68
C LEU A 551 -11.81 71.12 -5.14
N SER A 552 -11.96 70.19 -6.08
CA SER A 552 -11.85 70.52 -7.49
C SER A 552 -13.10 71.23 -8.01
N VAL A 553 -14.25 71.01 -7.38
CA VAL A 553 -15.46 71.71 -7.77
C VAL A 553 -15.26 73.22 -7.64
N HIS A 554 -14.55 73.64 -6.60
CA HIS A 554 -14.27 75.06 -6.39
C HIS A 554 -13.17 75.57 -7.29
N VAL A 555 -12.18 74.75 -7.63
CA VAL A 555 -11.13 75.21 -8.53
C VAL A 555 -11.68 75.41 -9.93
N VAL A 556 -12.51 74.47 -10.40
CA VAL A 556 -13.15 74.63 -11.71
C VAL A 556 -14.13 75.81 -11.69
N ALA A 557 -14.92 75.93 -10.63
CA ALA A 557 -15.90 77.01 -10.56
C ALA A 557 -15.24 78.37 -10.59
N VAL A 558 -14.17 78.55 -9.80
CA VAL A 558 -13.44 79.81 -9.82
C VAL A 558 -12.80 80.03 -11.19
N MET A 559 -12.22 78.97 -11.76
CA MET A 559 -11.55 79.13 -13.05
C MET A 559 -12.52 79.38 -14.18
N LEU A 560 -13.73 78.81 -14.10
CA LEU A 560 -14.76 79.14 -15.09
C LEU A 560 -15.12 80.61 -15.01
N TYR A 561 -15.18 81.16 -13.81
CA TYR A 561 -15.49 82.58 -13.64
C TYR A 561 -14.42 83.46 -14.28
N LEU A 562 -13.14 83.11 -14.09
CA LEU A 562 -12.04 83.92 -14.58
C LEU A 562 -11.76 83.69 -16.05
N LEU A 563 -12.31 82.66 -16.65
CA LEU A 563 -12.17 82.42 -18.07
C LEU A 563 -13.29 83.07 -18.88
N ASP A 564 -14.52 83.06 -18.34
CA ASP A 564 -15.64 83.71 -19.02
C ASP A 564 -15.39 85.20 -19.15
N ARG A 565 -15.35 85.90 -18.02
CA ARG A 565 -14.78 87.22 -18.04
C ARG A 565 -13.28 87.12 -18.32
N PHE A 566 -12.68 88.24 -18.69
CA PHE A 566 -11.30 88.36 -19.15
C PHE A 566 -11.11 87.74 -20.52
N SER A 567 -12.12 87.09 -21.08
CA SER A 567 -12.03 86.59 -22.44
C SER A 567 -12.56 87.62 -23.41
N PRO A 568 -11.85 87.90 -24.51
CA PRO A 568 -12.29 88.96 -25.43
C PRO A 568 -13.65 88.70 -26.03
N PHE A 569 -14.01 87.43 -26.25
CA PHE A 569 -15.28 87.05 -26.83
C PHE A 569 -15.48 87.70 -28.21
N ASP A 582 -26.23 85.37 -20.24
CA ASP A 582 -25.26 86.36 -19.82
C ASP A 582 -23.94 85.71 -19.43
N ALA A 583 -23.02 86.50 -18.89
CA ALA A 583 -21.73 85.98 -18.46
C ALA A 583 -21.89 85.17 -17.18
N LEU A 584 -20.92 84.30 -16.94
CA LEU A 584 -20.95 83.41 -15.78
C LEU A 584 -20.43 84.15 -14.57
N THR A 585 -21.33 84.48 -13.64
CA THR A 585 -20.93 85.09 -12.38
C THR A 585 -20.28 84.05 -11.48
N LEU A 586 -19.58 84.52 -10.45
CA LEU A 586 -18.93 83.60 -9.52
C LEU A 586 -19.94 82.71 -8.82
N SER A 587 -21.06 83.28 -8.39
CA SER A 587 -22.10 82.48 -7.75
C SER A 587 -22.68 81.46 -8.71
N SER A 588 -22.95 81.86 -9.95
CA SER A 588 -23.55 80.94 -10.90
C SER A 588 -22.55 79.91 -11.39
N ALA A 589 -21.26 80.23 -11.39
CA ALA A 589 -20.25 79.24 -11.74
C ALA A 589 -20.14 78.16 -10.69
N MET A 590 -20.46 78.47 -9.44
CA MET A 590 -20.50 77.45 -8.39
C MET A 590 -21.70 76.54 -8.54
N TRP A 591 -22.82 77.06 -9.06
CA TRP A 591 -23.99 76.23 -9.31
C TRP A 591 -23.77 75.32 -10.51
N PHE A 592 -23.00 75.77 -11.50
CA PHE A 592 -22.72 74.92 -12.65
C PHE A 592 -21.86 73.73 -12.24
N SER A 593 -20.78 74.00 -11.50
CA SER A 593 -19.84 72.94 -11.15
C SER A 593 -20.48 71.90 -10.24
N TRP A 594 -21.29 72.36 -9.29
CA TRP A 594 -21.96 71.41 -8.40
C TRP A 594 -23.07 70.67 -9.13
N GLY A 595 -23.87 71.38 -9.92
CA GLY A 595 -24.99 70.74 -10.59
C GLY A 595 -24.55 69.69 -11.58
N VAL A 596 -23.41 69.90 -12.23
CA VAL A 596 -22.86 68.89 -13.12
C VAL A 596 -22.45 67.65 -12.33
N LEU A 597 -21.80 67.87 -11.18
CA LEU A 597 -21.35 66.74 -10.37
C LEU A 597 -22.53 65.98 -9.77
N LEU A 598 -23.46 66.69 -9.15
CA LEU A 598 -24.58 66.07 -8.46
C LEU A 598 -25.75 65.76 -9.37
N ASN A 599 -25.66 66.13 -10.65
CA ASN A 599 -26.68 65.82 -11.64
C ASN A 599 -28.04 66.43 -11.31
N SER A 600 -28.04 67.56 -10.63
CA SER A 600 -29.27 68.28 -10.35
C SER A 600 -29.46 69.36 -11.41
N GLY A 601 -30.71 69.78 -11.58
CA GLY A 601 -30.97 70.80 -12.55
C GLY A 601 -30.69 72.21 -12.09
N ILE A 602 -30.22 72.37 -10.85
CA ILE A 602 -30.00 73.69 -10.28
C ILE A 602 -28.92 74.41 -11.06
N GLY A 603 -29.15 75.68 -11.34
CA GLY A 603 -28.20 76.45 -12.11
C GLY A 603 -28.64 76.58 -13.56
N GLU A 604 -29.19 77.73 -13.91
CA GLU A 604 -29.68 77.97 -15.26
C GLU A 604 -28.60 78.53 -16.18
N GLY A 605 -27.38 78.72 -15.68
CA GLY A 605 -26.30 79.30 -16.46
C GLY A 605 -25.31 78.26 -16.94
N ALA A 606 -24.70 78.54 -18.08
CA ALA A 606 -23.68 77.71 -18.69
C ALA A 606 -22.56 78.61 -19.17
N PRO A 607 -21.34 78.08 -19.29
CA PRO A 607 -20.24 78.90 -19.79
C PRO A 607 -20.51 79.42 -21.19
N ARG A 608 -20.06 80.63 -21.47
CA ARG A 608 -20.26 81.24 -22.77
C ARG A 608 -19.00 81.30 -23.62
N SER A 609 -17.83 81.44 -23.02
CA SER A 609 -16.61 81.56 -23.78
C SER A 609 -16.12 80.20 -24.25
N PHE A 610 -15.29 80.23 -25.29
CA PHE A 610 -14.73 78.99 -25.83
C PHE A 610 -13.84 78.30 -24.80
N SER A 611 -13.01 79.07 -24.09
CA SER A 611 -12.10 78.48 -23.13
C SER A 611 -12.85 77.94 -21.91
N ALA A 612 -13.93 78.59 -21.51
CA ALA A 612 -14.68 78.12 -20.36
C ALA A 612 -15.46 76.86 -20.67
N ARG A 613 -16.00 76.76 -21.88
CA ARG A 613 -16.82 75.60 -22.24
C ARG A 613 -15.98 74.34 -22.35
N ILE A 614 -14.69 74.45 -22.65
CA ILE A 614 -13.81 73.29 -22.67
C ILE A 614 -13.73 72.68 -21.28
N LEU A 615 -13.55 73.51 -20.25
CA LEU A 615 -13.55 73.03 -18.87
C LEU A 615 -14.89 72.41 -18.52
N GLY A 616 -15.99 73.05 -18.92
CA GLY A 616 -17.29 72.48 -18.65
C GLY A 616 -17.50 71.14 -19.33
N MET A 617 -16.87 70.94 -20.48
CA MET A 617 -16.98 69.66 -21.17
C MET A 617 -16.15 68.59 -20.50
N VAL A 618 -14.94 68.93 -20.05
CA VAL A 618 -14.11 67.98 -19.33
C VAL A 618 -14.66 67.73 -17.93
N TRP A 619 -15.10 68.80 -17.25
CA TRP A 619 -15.69 68.64 -15.94
C TRP A 619 -16.90 67.73 -15.98
N ALA A 620 -17.69 67.80 -17.04
CA ALA A 620 -18.81 66.88 -17.21
C ALA A 620 -18.32 65.45 -17.36
N GLY A 621 -17.24 65.24 -18.11
CA GLY A 621 -16.67 63.90 -18.22
C GLY A 621 -16.04 63.42 -16.93
N PHE A 622 -15.34 64.31 -16.23
CA PHE A 622 -14.79 63.96 -14.93
C PHE A 622 -15.88 63.56 -13.95
N ALA A 623 -16.99 64.30 -13.96
CA ALA A 623 -18.09 64.00 -13.06
C ALA A 623 -18.76 62.68 -13.36
N MET A 624 -18.72 62.22 -14.63
CA MET A 624 -19.35 60.94 -14.93
C MET A 624 -18.46 59.79 -14.47
N ILE A 625 -17.14 59.93 -14.64
CA ILE A 625 -16.21 58.88 -14.24
C ILE A 625 -16.26 58.67 -12.73
N ILE A 626 -16.32 59.77 -11.97
CA ILE A 626 -16.40 59.67 -10.52
C ILE A 626 -17.66 58.92 -10.11
N VAL A 627 -18.78 59.23 -10.73
CA VAL A 627 -20.03 58.54 -10.41
C VAL A 627 -19.99 57.10 -10.90
N ALA A 628 -19.44 56.87 -12.09
CA ALA A 628 -19.33 55.51 -12.60
C ALA A 628 -18.42 54.66 -11.75
N SER A 629 -17.30 55.22 -11.30
CA SER A 629 -16.34 54.45 -10.52
C SER A 629 -16.81 54.24 -9.09
N TYR A 630 -17.80 55.00 -8.63
CA TYR A 630 -18.42 54.71 -7.35
C TYR A 630 -19.25 53.44 -7.42
N THR A 631 -20.12 53.32 -8.42
CA THR A 631 -20.95 52.13 -8.53
C THR A 631 -20.11 50.91 -8.90
N ALA A 632 -19.12 51.10 -9.78
CA ALA A 632 -18.25 50.00 -10.16
C ALA A 632 -17.43 49.51 -8.98
N ASN A 633 -17.02 50.40 -8.10
CA ASN A 633 -16.34 49.98 -6.87
C ASN A 633 -17.33 49.44 -5.87
N LEU A 634 -18.53 50.02 -5.79
CA LEU A 634 -19.54 49.49 -4.90
C LEU A 634 -19.94 48.07 -5.30
N ALA A 635 -20.11 47.84 -6.60
CA ALA A 635 -20.44 46.50 -7.08
C ALA A 635 -19.34 45.52 -6.76
N ALA A 636 -18.08 45.93 -6.93
CA ALA A 636 -16.96 45.06 -6.58
C ALA A 636 -16.98 44.71 -5.11
N PHE A 637 -17.26 45.69 -4.25
CA PHE A 637 -17.36 45.42 -2.82
C PHE A 637 -18.54 44.52 -2.52
N LEU A 638 -19.67 44.75 -3.18
CA LEU A 638 -20.86 43.96 -2.91
C LEU A 638 -20.78 42.57 -3.50
N VAL A 639 -20.06 42.40 -4.61
CA VAL A 639 -19.97 41.09 -5.24
C VAL A 639 -19.15 40.15 -4.37
N LEU A 640 -18.03 40.62 -3.84
CA LEU A 640 -17.07 39.75 -3.18
C LEU A 640 -16.88 40.10 -1.71
N ASP A 641 -17.93 40.57 -1.03
CA ASP A 641 -17.93 40.52 0.43
C ASP A 641 -18.67 39.26 0.92
N ARG A 642 -18.24 38.11 0.41
CA ARG A 642 -18.93 36.85 0.68
C ARG A 642 -18.15 36.06 1.73
N PRO A 643 -18.73 35.75 2.88
CA PRO A 643 -18.04 34.89 3.84
C PRO A 643 -17.90 33.47 3.31
N GLU A 644 -16.89 32.78 3.80
CA GLU A 644 -16.60 31.39 3.40
C GLU A 644 -16.96 30.45 4.54
N GLU A 645 -17.70 29.39 4.22
CA GLU A 645 -18.03 28.36 5.19
C GLU A 645 -17.37 27.04 4.81
N ARG A 646 -17.27 26.16 5.81
CA ARG A 646 -16.52 24.92 5.66
C ARG A 646 -17.21 24.00 4.66
N ILE A 647 -16.42 23.42 3.76
CA ILE A 647 -16.94 22.56 2.70
C ILE A 647 -15.92 21.44 2.46
N THR A 648 -16.25 20.58 1.49
CA THR A 648 -15.36 19.51 1.03
C THR A 648 -15.04 18.50 2.12
N GLY A 649 -15.79 18.48 3.21
CA GLY A 649 -15.59 17.48 4.24
C GLY A 649 -14.25 17.61 4.94
N ILE A 650 -13.74 16.47 5.42
CA ILE A 650 -12.47 16.44 6.13
C ILE A 650 -11.28 16.63 5.21
N ASN A 651 -11.48 16.54 3.90
CA ASN A 651 -10.39 16.76 2.96
C ASN A 651 -9.97 18.22 2.89
N ASP A 652 -10.70 19.12 3.53
CA ASP A 652 -10.38 20.54 3.49
C ASP A 652 -9.02 20.79 4.13
N PRO A 653 -8.05 21.36 3.39
CA PRO A 653 -6.75 21.64 4.00
C PRO A 653 -6.72 22.94 4.76
N ARG A 654 -7.69 23.82 4.56
CA ARG A 654 -7.69 25.11 5.25
C ARG A 654 -7.83 24.93 6.76
N LEU A 655 -8.50 23.87 7.21
CA LEU A 655 -8.60 23.55 8.61
C LEU A 655 -8.23 22.09 8.88
N ARG A 656 -7.38 21.52 8.03
CA ARG A 656 -6.82 20.20 8.34
C ARG A 656 -5.90 20.27 9.54
N ASN A 657 -5.16 21.38 9.67
CA ASN A 657 -4.36 21.63 10.85
C ASN A 657 -5.21 22.28 11.94
N PRO A 658 -5.26 21.70 13.14
CA PRO A 658 -6.09 22.27 14.20
C PRO A 658 -5.62 23.63 14.66
N SER A 659 -6.57 24.43 15.13
CA SER A 659 -6.29 25.68 15.83
C SER A 659 -7.49 25.99 16.72
N ASP A 660 -7.28 26.89 17.67
CA ASP A 660 -8.26 27.15 18.71
C ASP A 660 -9.41 28.05 18.27
N LYS A 661 -9.29 28.72 17.12
CA LYS A 661 -10.36 29.58 16.66
C LYS A 661 -11.63 28.79 16.35
N PHE A 662 -11.47 27.63 15.72
CA PHE A 662 -12.57 26.73 15.41
C PHE A 662 -12.45 25.47 16.26
N ILE A 663 -13.59 24.83 16.51
CA ILE A 663 -13.63 23.64 17.35
C ILE A 663 -14.30 22.52 16.57
N TYR A 664 -13.60 21.38 16.47
CA TYR A 664 -14.20 20.13 16.07
C TYR A 664 -14.77 19.41 17.29
N ALA A 665 -15.78 18.58 17.04
CA ALA A 665 -16.35 17.78 18.12
C ALA A 665 -17.13 16.62 17.53
N THR A 666 -17.23 15.55 18.30
CA THR A 666 -18.08 14.41 18.00
C THR A 666 -18.76 14.02 19.31
N VAL A 667 -19.32 12.81 19.33
CA VAL A 667 -19.88 12.25 20.56
C VAL A 667 -18.91 11.20 21.09
N LYS A 668 -18.65 11.25 22.40
CA LYS A 668 -17.76 10.30 23.03
C LYS A 668 -18.25 8.88 22.82
N GLN A 669 -17.32 7.96 22.57
CA GLN A 669 -17.60 6.53 22.54
C GLN A 669 -18.67 6.19 21.52
N SER A 670 -18.35 6.44 20.26
CA SER A 670 -19.25 6.17 19.14
C SER A 670 -18.45 5.55 18.03
N SER A 671 -19.08 5.39 16.86
CA SER A 671 -18.35 4.88 15.69
C SER A 671 -17.39 5.90 15.13
N VAL A 672 -17.73 7.19 15.24
CA VAL A 672 -16.86 8.23 14.72
C VAL A 672 -15.54 8.26 15.46
N ASP A 673 -15.57 8.02 16.77
CA ASP A 673 -14.34 7.97 17.55
C ASP A 673 -13.44 6.83 17.10
N ILE A 674 -14.03 5.66 16.82
CA ILE A 674 -13.24 4.53 16.35
C ILE A 674 -12.63 4.84 15.00
N TYR A 675 -13.40 5.49 14.12
CA TYR A 675 -12.91 5.79 12.78
C TYR A 675 -11.68 6.68 12.81
N PHE A 676 -11.77 7.79 13.55
CA PHE A 676 -10.65 8.72 13.60
C PHE A 676 -9.48 8.12 14.37
N ARG A 677 -9.75 7.36 15.43
CA ARG A 677 -8.67 6.75 16.19
C ARG A 677 -7.93 5.70 15.39
N ARG A 678 -8.64 4.96 14.55
CA ARG A 678 -8.03 3.91 13.75
C ARG A 678 -7.48 4.42 12.42
N GLN A 679 -7.54 5.72 12.16
CA GLN A 679 -7.01 6.28 10.93
C GLN A 679 -5.60 6.79 11.13
N VAL A 680 -4.80 6.67 10.07
CA VAL A 680 -3.38 6.99 10.14
C VAL A 680 -3.14 8.48 9.93
N GLU A 681 -3.67 9.02 8.84
CA GLU A 681 -3.49 10.45 8.56
C GLU A 681 -4.34 11.31 9.48
N LEU A 682 -5.48 10.79 9.93
CA LEU A 682 -6.37 11.54 10.82
C LEU A 682 -5.98 11.39 12.27
N SER A 683 -4.70 11.62 12.58
CA SER A 683 -4.23 11.56 13.95
C SER A 683 -4.10 12.93 14.60
N THR A 684 -3.89 13.97 13.80
CA THR A 684 -3.84 15.32 14.36
C THR A 684 -5.23 15.86 14.68
N MET A 685 -6.23 15.54 13.86
CA MET A 685 -7.58 15.98 14.15
C MET A 685 -8.22 15.20 15.27
N TYR A 686 -7.79 13.94 15.47
CA TYR A 686 -8.35 13.14 16.54
C TYR A 686 -8.04 13.75 17.90
N ARG A 687 -6.81 14.25 18.08
CA ARG A 687 -6.44 14.84 19.36
C ARG A 687 -7.18 16.14 19.61
N HIS A 688 -7.48 16.90 18.55
CA HIS A 688 -8.32 18.08 18.72
C HIS A 688 -9.70 17.69 19.25
N MET A 689 -10.32 16.69 18.62
CA MET A 689 -11.67 16.29 19.01
C MET A 689 -11.71 15.60 20.35
N GLU A 690 -10.59 15.00 20.78
CA GLU A 690 -10.58 14.29 22.07
C GLU A 690 -10.88 15.24 23.22
N LYS A 691 -10.35 16.45 23.16
CA LYS A 691 -10.54 17.43 24.23
C LYS A 691 -11.88 18.14 24.16
N HIS A 692 -12.63 17.98 23.07
CA HIS A 692 -13.89 18.71 22.89
C HIS A 692 -15.07 17.79 22.59
N ASN A 693 -14.91 16.48 22.77
CA ASN A 693 -15.98 15.54 22.47
C ASN A 693 -17.17 15.77 23.39
N TYR A 694 -18.37 15.55 22.86
CA TYR A 694 -19.60 15.78 23.60
C TYR A 694 -20.19 14.47 24.08
N GLU A 695 -21.08 14.58 25.08
CA GLU A 695 -21.71 13.40 25.64
C GLU A 695 -22.82 12.85 24.75
N SER A 696 -23.51 13.72 24.03
CA SER A 696 -24.61 13.27 23.18
C SER A 696 -24.76 14.23 22.01
N ALA A 697 -25.32 13.71 20.91
CA ALA A 697 -25.48 14.51 19.70
C ALA A 697 -26.42 15.69 19.92
N ALA A 698 -27.37 15.56 20.84
CA ALA A 698 -28.27 16.66 21.14
C ALA A 698 -27.50 17.85 21.71
N GLU A 699 -26.54 17.58 22.59
CA GLU A 699 -25.74 18.65 23.18
C GLU A 699 -24.90 19.36 22.12
N ALA A 700 -24.26 18.60 21.24
CA ALA A 700 -23.35 19.19 20.27
C ALA A 700 -24.10 20.04 19.25
N ILE A 701 -25.27 19.58 18.82
CA ILE A 701 -26.07 20.39 17.89
C ILE A 701 -26.48 21.70 18.56
N GLN A 702 -26.90 21.64 19.82
CA GLN A 702 -27.24 22.87 20.53
C GLN A 702 -26.02 23.78 20.70
N ALA A 703 -24.84 23.19 20.87
CA ALA A 703 -23.62 23.99 21.00
C ALA A 703 -23.34 24.78 19.72
N VAL A 704 -23.57 24.16 18.56
CA VAL A 704 -23.39 24.86 17.30
C VAL A 704 -24.35 26.04 17.21
N ARG A 705 -25.59 25.85 17.64
CA ARG A 705 -26.55 26.94 17.66
C ARG A 705 -26.14 28.04 18.64
N ASP A 706 -25.33 27.73 19.64
CA ASP A 706 -24.80 28.71 20.56
C ASP A 706 -23.56 29.41 20.04
N ASN A 707 -23.11 29.04 18.84
CA ASN A 707 -21.91 29.60 18.21
C ASN A 707 -20.65 29.34 19.02
N LYS A 708 -20.70 28.37 19.93
CA LYS A 708 -19.49 27.88 20.60
C LYS A 708 -18.93 26.64 19.92
N LEU A 709 -19.55 26.19 18.83
CA LEU A 709 -19.02 25.12 18.00
C LEU A 709 -19.34 25.46 16.55
N HIS A 710 -18.53 24.93 15.63
CA HIS A 710 -18.71 25.22 14.21
C HIS A 710 -18.62 23.99 13.32
N ALA A 711 -18.37 22.81 13.87
CA ALA A 711 -18.30 21.60 13.08
C ALA A 711 -18.61 20.42 13.97
N PHE A 712 -19.58 19.60 13.56
CA PHE A 712 -19.98 18.41 14.30
C PHE A 712 -19.97 17.23 13.34
N ILE A 713 -18.97 16.37 13.47
CA ILE A 713 -18.78 15.25 12.55
C ILE A 713 -19.61 14.08 13.08
N TRP A 714 -20.85 13.99 12.62
CA TRP A 714 -21.77 12.96 13.06
C TRP A 714 -22.41 12.30 11.85
N ASP A 715 -23.30 11.35 12.13
CA ASP A 715 -23.97 10.60 11.08
C ASP A 715 -24.82 11.53 10.22
N SER A 716 -24.77 11.32 8.91
CA SER A 716 -25.43 12.24 7.98
C SER A 716 -26.94 12.23 8.16
N ALA A 717 -27.52 11.06 8.43
CA ALA A 717 -28.97 10.96 8.53
C ALA A 717 -29.51 11.84 9.65
N VAL A 718 -28.78 11.91 10.77
CA VAL A 718 -29.20 12.76 11.88
C VAL A 718 -29.00 14.23 11.52
N LEU A 719 -27.84 14.56 10.96
CA LEU A 719 -27.50 15.96 10.72
C LEU A 719 -28.36 16.57 9.61
N GLU A 720 -28.67 15.79 8.58
CA GLU A 720 -29.52 16.29 7.52
C GLU A 720 -30.92 16.60 8.02
N PHE A 721 -31.41 15.80 8.98
CA PHE A 721 -32.73 16.06 9.55
C PHE A 721 -32.75 17.38 10.31
N GLU A 722 -31.71 17.64 11.10
CA GLU A 722 -31.65 18.89 11.86
C GLU A 722 -31.51 20.10 10.95
N ALA A 723 -30.76 19.94 9.86
CA ALA A 723 -30.64 21.04 8.91
C ALA A 723 -31.98 21.38 8.28
N SER A 724 -32.77 20.38 7.93
CA SER A 724 -34.09 20.64 7.37
C SER A 724 -35.04 21.18 8.43
N GLN A 725 -35.01 20.60 9.63
CA GLN A 725 -35.91 21.05 10.69
C GLN A 725 -35.52 22.43 11.21
N LYS A 726 -34.24 22.69 11.34
CA LYS A 726 -33.74 23.97 11.85
C LYS A 726 -33.01 24.68 10.72
N CYS A 727 -33.61 25.73 10.20
CA CYS A 727 -33.02 26.49 9.09
C CYS A 727 -31.99 27.52 9.55
N ASP A 728 -31.51 27.41 10.78
CA ASP A 728 -30.33 28.13 11.22
C ASP A 728 -29.07 27.27 11.16
N LEU A 729 -29.18 26.04 10.68
CA LEU A 729 -28.05 25.14 10.52
C LEU A 729 -28.04 24.58 9.11
N VAL A 730 -26.91 24.70 8.44
CA VAL A 730 -26.74 24.18 7.09
C VAL A 730 -25.76 23.02 7.13
N THR A 731 -26.13 21.91 6.54
CA THR A 731 -25.23 20.79 6.44
C THR A 731 -24.08 21.14 5.50
N THR A 732 -22.94 20.48 5.71
CA THR A 732 -21.75 20.72 4.91
C THR A 732 -21.06 19.39 4.65
N GLY A 733 -20.04 19.44 3.79
CA GLY A 733 -19.31 18.23 3.44
C GLY A 733 -20.11 17.34 2.50
N GLU A 734 -19.45 16.34 1.91
CA GLU A 734 -20.17 15.46 0.99
C GLU A 734 -20.67 14.21 1.71
N LEU A 735 -19.74 13.37 2.16
CA LEU A 735 -19.98 12.17 2.97
C LEU A 735 -18.65 11.45 3.14
N PHE A 736 -18.57 10.59 4.16
CA PHE A 736 -17.47 9.64 4.28
C PHE A 736 -17.81 8.62 5.35
N PHE A 737 -17.07 7.51 5.31
CA PHE A 737 -17.22 6.30 6.10
C PHE A 737 -18.42 5.44 5.70
N ARG A 738 -19.39 6.03 5.00
CA ARG A 738 -20.41 5.33 4.23
C ARG A 738 -20.79 3.95 4.76
N SER A 739 -21.17 3.84 6.03
CA SER A 739 -21.58 2.58 6.62
C SER A 739 -22.95 2.75 7.27
N GLY A 740 -23.91 1.93 6.87
CA GLY A 740 -25.28 2.12 7.26
C GLY A 740 -25.58 1.68 8.67
N PHE A 741 -26.85 1.80 9.04
CA PHE A 741 -27.33 1.44 10.35
C PHE A 741 -27.91 0.05 10.31
N GLY A 742 -27.48 -0.81 11.23
CA GLY A 742 -28.00 -2.14 11.27
C GLY A 742 -28.58 -2.51 12.62
N ILE A 743 -29.41 -3.53 12.65
CA ILE A 743 -30.01 -4.02 13.89
C ILE A 743 -29.08 -5.08 14.45
N GLY A 744 -28.41 -4.76 15.55
CA GLY A 744 -27.38 -5.62 16.09
C GLY A 744 -27.96 -6.65 17.04
N MET A 745 -27.55 -7.90 16.86
CA MET A 745 -27.88 -9.00 17.75
C MET A 745 -26.62 -9.82 17.98
N ARG A 746 -26.69 -10.73 18.95
CA ARG A 746 -25.55 -11.54 19.28
C ARG A 746 -25.24 -12.51 18.15
N LYS A 747 -24.19 -13.32 18.35
CA LYS A 747 -23.79 -14.28 17.31
C LYS A 747 -24.85 -15.35 17.12
N ASP A 748 -25.42 -15.88 18.20
CA ASP A 748 -26.40 -16.95 18.10
C ASP A 748 -27.63 -16.45 17.35
N SER A 749 -28.36 -15.50 17.97
CA SER A 749 -29.41 -14.70 17.36
C SER A 749 -30.25 -15.47 16.36
N PRO A 750 -31.16 -16.33 16.82
CA PRO A 750 -31.97 -17.12 15.88
C PRO A 750 -32.85 -16.27 14.97
N TRP A 751 -32.79 -14.94 15.13
CA TRP A 751 -33.52 -14.02 14.28
C TRP A 751 -32.66 -13.41 13.19
N LYS A 752 -31.42 -13.89 13.01
CA LYS A 752 -30.49 -13.27 12.07
C LYS A 752 -31.08 -13.23 10.68
N GLN A 753 -31.53 -14.37 10.17
CA GLN A 753 -31.97 -14.44 8.79
C GLN A 753 -33.29 -13.71 8.57
N ASN A 754 -34.24 -13.87 9.50
CA ASN A 754 -35.55 -13.29 9.30
C ASN A 754 -35.54 -11.77 9.49
N VAL A 755 -34.61 -11.25 10.28
CA VAL A 755 -34.50 -9.80 10.43
C VAL A 755 -34.04 -9.17 9.12
N SER A 756 -32.98 -9.73 8.52
CA SER A 756 -32.42 -9.14 7.31
C SER A 756 -33.40 -9.24 6.16
N LEU A 757 -34.08 -10.37 6.01
CA LEU A 757 -35.05 -10.52 4.94
C LEU A 757 -36.19 -9.53 5.08
N SER A 758 -36.66 -9.32 6.31
CA SER A 758 -37.72 -8.34 6.54
C SER A 758 -37.23 -6.93 6.34
N ILE A 759 -35.96 -6.67 6.57
CA ILE A 759 -35.40 -5.36 6.24
C ILE A 759 -35.28 -5.20 4.73
N LEU A 760 -34.79 -6.23 4.04
CA LEU A 760 -34.70 -6.18 2.59
C LEU A 760 -36.08 -6.11 1.95
N LYS A 761 -37.04 -6.87 2.48
CA LYS A 761 -38.39 -6.86 1.94
C LYS A 761 -39.02 -5.48 2.08
N SER A 762 -38.82 -4.83 3.23
CA SER A 762 -39.37 -3.50 3.43
C SER A 762 -38.76 -2.50 2.47
N HIS A 763 -37.48 -2.65 2.15
CA HIS A 763 -36.84 -1.77 1.18
C HIS A 763 -37.50 -1.92 -0.18
N GLU A 764 -37.80 -3.15 -0.60
CA GLU A 764 -38.44 -3.39 -1.88
C GLU A 764 -39.93 -3.07 -1.83
N ASN A 765 -40.59 -3.35 -0.70
CA ASN A 765 -42.01 -3.05 -0.56
C ASN A 765 -42.29 -1.57 -0.44
N GLY A 766 -41.28 -0.73 -0.30
CA GLY A 766 -41.51 0.67 -0.07
C GLY A 766 -41.89 1.03 1.35
N PHE A 767 -41.83 0.07 2.28
CA PHE A 767 -42.18 0.37 3.66
C PHE A 767 -41.18 1.34 4.28
N MET A 768 -39.88 1.11 4.05
CA MET A 768 -38.88 2.01 4.59
C MET A 768 -38.89 3.36 3.88
N GLU A 769 -39.50 3.44 2.69
CA GLU A 769 -39.67 4.73 2.04
C GLU A 769 -40.77 5.54 2.71
N ASP A 770 -41.82 4.86 3.17
CA ASP A 770 -42.89 5.55 3.90
C ASP A 770 -42.38 6.12 5.21
N LEU A 771 -41.57 5.33 5.94
CA LEU A 771 -40.99 5.81 7.19
C LEU A 771 -39.97 6.91 6.96
N ASP A 772 -39.39 6.99 5.76
CA ASP A 772 -38.52 8.11 5.44
C ASP A 772 -39.31 9.41 5.39
N LYS A 773 -40.51 9.38 4.80
CA LYS A 773 -41.30 10.60 4.67
C LYS A 773 -41.87 11.04 6.00
N THR A 774 -42.34 10.08 6.81
CA THR A 774 -43.05 10.44 8.04
C THR A 774 -42.12 11.04 9.08
N TRP A 775 -40.84 10.67 9.08
CA TRP A 775 -39.94 11.04 10.15
C TRP A 775 -38.71 11.84 9.72
N VAL A 776 -38.34 11.83 8.45
CA VAL A 776 -37.15 12.51 7.98
C VAL A 776 -37.49 13.65 7.03
N ARG A 777 -38.34 13.40 6.04
CA ARG A 777 -38.68 14.38 5.01
C ARG A 777 -39.69 15.37 5.59
N TYR A 778 -39.19 16.49 6.08
CA TYR A 778 -40.04 17.54 6.62
C TYR A 778 -39.91 18.86 5.87
N GLN A 779 -38.67 19.32 5.64
CA GLN A 779 -38.40 20.54 4.87
C GLN A 779 -39.13 21.74 5.47
N GLU A 780 -38.76 22.08 6.70
CA GLU A 780 -39.32 23.26 7.35
C GLU A 780 -38.90 24.54 6.62
N CYS A 781 -37.61 24.66 6.31
CA CYS A 781 -37.09 25.80 5.56
C CYS A 781 -36.14 25.31 4.49
N ASP A 782 -36.02 26.11 3.43
CA ASP A 782 -35.22 25.76 2.27
C ASP A 782 -33.88 26.50 2.30
N SER A 783 -32.80 25.77 2.10
CA SER A 783 -31.47 26.36 2.11
C SER A 783 -31.25 27.21 0.87
N ARG A 784 -30.42 28.24 1.03
CA ARG A 784 -30.10 29.15 -0.06
C ARG A 784 -28.90 28.62 -0.85
N SER A 785 -28.52 29.35 -1.90
CA SER A 785 -27.43 28.96 -2.78
C SER A 785 -26.22 29.88 -2.64
N ASN A 786 -26.40 31.18 -2.81
CA ASN A 786 -25.31 32.13 -2.69
C ASN A 786 -25.55 33.22 -1.67
N ALA A 787 -26.81 33.59 -1.43
CA ALA A 787 -27.18 34.63 -0.47
C ALA A 787 -26.45 35.94 -0.72
N PRO A 788 -26.84 36.70 -1.74
CA PRO A 788 -26.39 38.10 -1.83
C PRO A 788 -27.27 38.98 -0.95
N ALA A 789 -26.66 39.60 0.06
CA ALA A 789 -27.42 40.36 1.04
C ALA A 789 -27.97 41.64 0.45
N THR A 790 -29.24 41.92 0.75
CA THR A 790 -29.83 43.20 0.39
C THR A 790 -29.35 44.29 1.34
N LEU A 791 -29.39 45.53 0.86
CA LEU A 791 -28.89 46.66 1.63
C LEU A 791 -29.99 47.13 2.58
N THR A 792 -29.77 46.94 3.87
CA THR A 792 -30.76 47.33 4.87
C THR A 792 -30.62 48.81 5.20
N PHE A 793 -31.47 49.27 6.11
CA PHE A 793 -31.43 50.68 6.49
C PHE A 793 -30.13 51.04 7.22
N GLU A 794 -29.68 50.16 8.12
CA GLU A 794 -28.46 50.45 8.87
C GLU A 794 -27.26 50.60 7.94
N ASN A 795 -27.27 49.92 6.80
CA ASN A 795 -26.22 50.13 5.80
C ASN A 795 -26.41 51.42 5.04
N MET A 796 -27.66 51.81 4.77
CA MET A 796 -27.96 53.02 4.01
C MET A 796 -28.27 54.22 4.89
N ALA A 797 -28.17 54.08 6.22
CA ALA A 797 -28.50 55.20 7.09
C ALA A 797 -27.48 56.32 7.01
N GLY A 798 -26.30 56.07 6.44
CA GLY A 798 -25.31 57.13 6.33
C GLY A 798 -25.77 58.26 5.44
N VAL A 799 -26.30 57.92 4.26
CA VAL A 799 -26.75 58.93 3.32
C VAL A 799 -28.06 59.57 3.77
N PHE A 800 -28.84 58.88 4.61
CA PHE A 800 -30.06 59.45 5.14
C PHE A 800 -29.79 60.48 6.23
N MET A 801 -28.61 60.44 6.84
CA MET A 801 -28.27 61.43 7.86
C MET A 801 -27.82 62.74 7.24
N LEU A 802 -27.31 62.71 6.01
CA LEU A 802 -26.97 63.94 5.31
C LEU A 802 -28.21 64.76 5.02
N VAL A 803 -29.27 64.13 4.52
CA VAL A 803 -30.51 64.84 4.23
C VAL A 803 -31.13 65.38 5.50
N ALA A 804 -31.13 64.57 6.57
CA ALA A 804 -31.60 65.07 7.85
C ALA A 804 -30.71 66.21 8.35
N GLY A 805 -29.41 66.08 8.15
CA GLY A 805 -28.51 67.19 8.47
C GLY A 805 -28.72 68.38 7.57
N GLY A 806 -29.03 68.16 6.30
CA GLY A 806 -29.25 69.27 5.39
C GLY A 806 -30.43 70.13 5.79
N ILE A 807 -31.50 69.49 6.29
CA ILE A 807 -32.64 70.25 6.80
C ILE A 807 -32.24 71.03 8.05
N VAL A 808 -31.51 70.40 8.96
CA VAL A 808 -31.07 71.09 10.18
C VAL A 808 -30.11 72.22 9.82
N ALA A 809 -29.16 71.97 8.92
CA ALA A 809 -28.25 73.02 8.50
C ALA A 809 -28.97 74.08 7.68
N GLY A 810 -30.06 73.71 7.02
CA GLY A 810 -30.86 74.70 6.30
C GLY A 810 -31.62 75.64 7.21
N ILE A 811 -31.83 75.25 8.47
CA ILE A 811 -32.49 76.12 9.43
C ILE A 811 -31.65 77.35 9.69
N PHE A 812 -30.34 77.17 9.87
CA PHE A 812 -29.47 78.32 10.08
C PHE A 812 -29.25 79.11 8.80
N LEU A 813 -29.35 78.45 7.64
CA LEU A 813 -29.07 79.13 6.38
C LEU A 813 -30.19 80.09 5.99
N ILE A 814 -31.43 79.75 6.32
CA ILE A 814 -32.52 80.67 6.01
C ILE A 814 -32.41 81.94 6.86
N PHE A 815 -31.93 81.82 8.09
CA PHE A 815 -31.67 83.01 8.90
C PHE A 815 -30.55 83.85 8.29
N ILE A 816 -29.50 83.20 7.80
CA ILE A 816 -28.39 83.92 7.18
C ILE A 816 -28.84 84.58 5.88
N GLU A 817 -29.65 83.87 5.09
CA GLU A 817 -30.08 84.42 3.80
C GLU A 817 -30.92 85.68 3.99
N ILE A 818 -31.80 85.69 4.99
CA ILE A 818 -32.56 86.89 5.29
C ILE A 818 -31.65 88.00 5.78
N ALA A 819 -30.69 87.68 6.65
CA ALA A 819 -29.79 88.69 7.18
C ALA A 819 -28.93 89.31 6.09
N TYR A 820 -28.46 88.48 5.14
CA TYR A 820 -27.62 88.98 4.06
C TYR A 820 -28.36 90.00 3.20
N LYS A 821 -29.64 89.75 2.93
CA LYS A 821 -30.44 90.73 2.22
C LYS A 821 -30.61 92.01 3.02
N ARG A 822 -30.75 91.89 4.35
CA ARG A 822 -30.79 93.06 5.21
C ARG A 822 -29.47 93.83 5.16
N HIS A 823 -28.35 93.10 5.18
CA HIS A 823 -27.05 93.77 5.14
C HIS A 823 -26.85 94.52 3.83
N LYS A 824 -27.26 93.93 2.71
CA LYS A 824 -27.13 94.57 1.41
C LYS A 824 -28.50 94.87 0.83
N SER B 43 4.16 -19.68 71.67
CA SER B 43 5.32 -19.53 70.81
C SER B 43 5.08 -20.15 69.44
N ILE B 44 5.85 -19.71 68.46
CA ILE B 44 5.73 -20.19 67.08
C ILE B 44 6.85 -21.20 66.85
N GLY B 45 6.48 -22.43 66.49
CA GLY B 45 7.45 -23.47 66.24
C GLY B 45 7.71 -23.67 64.77
N ILE B 46 8.90 -23.28 64.31
CA ILE B 46 9.31 -23.43 62.92
C ILE B 46 10.54 -24.32 62.88
N ALA B 47 10.51 -25.35 62.04
CA ALA B 47 11.60 -26.30 61.92
C ALA B 47 12.12 -26.27 60.49
N VAL B 48 13.04 -25.36 60.20
CA VAL B 48 13.62 -25.28 58.87
C VAL B 48 14.49 -26.51 58.64
N ILE B 49 14.25 -27.20 57.53
CA ILE B 49 14.94 -28.44 57.21
C ILE B 49 15.68 -28.25 55.90
N LEU B 50 16.96 -28.60 55.90
CA LEU B 50 17.79 -28.55 54.70
C LEU B 50 18.29 -29.95 54.38
N VAL B 51 18.45 -30.23 53.10
CA VAL B 51 18.96 -31.52 52.64
C VAL B 51 20.15 -31.26 51.73
N GLY B 52 21.19 -32.08 51.90
CA GLY B 52 22.38 -31.93 51.08
C GLY B 52 23.25 -30.78 51.53
N THR B 53 24.11 -30.34 50.62
CA THR B 53 25.06 -29.27 50.92
C THR B 53 24.34 -27.94 51.07
N SER B 54 24.64 -27.23 52.15
CA SER B 54 24.02 -25.94 52.41
C SER B 54 24.86 -25.18 53.44
N ASP B 55 24.59 -23.88 53.54
CA ASP B 55 25.28 -23.02 54.50
C ASP B 55 24.40 -22.87 55.74
N GLU B 56 24.54 -23.83 56.65
CA GLU B 56 23.69 -23.84 57.84
C GLU B 56 24.08 -22.73 58.81
N VAL B 57 25.38 -22.42 58.91
CA VAL B 57 25.83 -21.43 59.87
C VAL B 57 25.25 -20.06 59.56
N ALA B 58 25.32 -19.65 58.29
CA ALA B 58 24.74 -18.37 57.89
C ALA B 58 23.23 -18.37 58.07
N ILE B 59 22.59 -19.51 57.81
CA ILE B 59 21.14 -19.61 57.97
C ILE B 59 20.76 -19.40 59.43
N LYS B 60 21.51 -20.01 60.36
CA LYS B 60 21.21 -19.82 61.78
C LYS B 60 21.45 -18.38 62.20
N ASP B 61 22.45 -17.72 61.61
CA ASP B 61 22.71 -16.32 61.93
C ASP B 61 21.56 -15.43 61.48
N ALA B 62 20.87 -15.80 60.39
CA ALA B 62 19.73 -15.02 59.95
C ALA B 62 18.58 -15.06 60.95
N HIS B 63 18.46 -16.16 61.71
CA HIS B 63 17.44 -16.23 62.73
C HIS B 63 17.66 -15.18 63.81
N GLU B 64 18.92 -14.98 64.21
CA GLU B 64 19.24 -13.92 65.16
C GLU B 64 18.93 -12.54 64.58
N LYS B 65 19.31 -12.31 63.32
CA LYS B 65 19.03 -11.03 62.69
C LYS B 65 17.54 -10.80 62.46
N ASP B 66 16.74 -11.86 62.39
CA ASP B 66 15.31 -11.73 62.19
C ASP B 66 14.68 -11.07 63.40
N ASP B 67 14.16 -9.86 63.22
CA ASP B 67 13.62 -9.06 64.31
C ASP B 67 12.11 -8.92 64.13
N PHE B 68 11.35 -9.37 65.12
CA PHE B 68 9.89 -9.25 65.12
C PHE B 68 9.40 -8.76 66.47
N HIS B 69 10.15 -7.85 67.09
CA HIS B 69 9.75 -7.30 68.38
C HIS B 69 8.45 -6.52 68.26
N HIS B 70 8.20 -5.92 67.10
CA HIS B 70 6.95 -5.21 66.85
C HIS B 70 5.77 -6.15 66.61
N LEU B 71 6.01 -7.45 66.48
CA LEU B 71 4.95 -8.42 66.23
C LEU B 71 4.73 -9.39 67.38
N SER B 72 5.74 -9.63 68.21
CA SER B 72 5.65 -10.57 69.33
C SER B 72 5.21 -11.95 68.85
N VAL B 73 6.07 -12.55 68.03
CA VAL B 73 5.77 -13.86 67.43
C VAL B 73 6.42 -15.02 68.17
N VAL B 74 7.52 -14.77 68.88
CA VAL B 74 8.30 -15.81 69.56
C VAL B 74 8.64 -16.91 68.56
N PRO B 75 9.56 -16.66 67.61
CA PRO B 75 9.89 -17.67 66.60
C PRO B 75 10.91 -18.68 67.13
N ARG B 76 10.45 -19.91 67.35
CA ARG B 76 11.35 -21.01 67.73
C ARG B 76 11.82 -21.68 66.46
N VAL B 77 13.08 -21.43 66.09
CA VAL B 77 13.65 -21.92 64.84
C VAL B 77 14.51 -23.15 65.13
N GLU B 78 14.24 -24.23 64.41
CA GLU B 78 14.99 -25.47 64.54
C GLU B 78 15.56 -25.83 63.19
N LEU B 79 16.86 -26.11 63.15
CA LEU B 79 17.57 -26.41 61.91
C LEU B 79 17.95 -27.88 61.89
N VAL B 80 17.48 -28.60 60.88
CA VAL B 80 17.76 -30.02 60.72
C VAL B 80 18.32 -30.19 59.30
N ALA B 81 19.64 -30.25 59.18
CA ALA B 81 20.31 -30.40 57.89
C ALA B 81 20.77 -31.85 57.72
N MET B 82 19.89 -32.70 57.18
CA MET B 82 20.25 -34.07 56.91
C MET B 82 19.77 -34.43 55.51
N ASN B 83 20.47 -35.38 54.90
CA ASN B 83 20.35 -35.64 53.47
C ASN B 83 18.90 -35.93 53.07
N GLU B 84 18.64 -35.75 51.77
CA GLU B 84 17.29 -35.96 51.25
C GLU B 84 16.85 -37.41 51.41
N THR B 85 17.72 -38.37 51.10
CA THR B 85 17.46 -39.80 51.25
C THR B 85 16.16 -40.26 50.59
N ASP B 86 15.14 -40.54 51.39
CA ASP B 86 13.93 -41.18 50.90
C ASP B 86 12.71 -40.55 51.56
N PRO B 87 11.53 -40.69 50.94
CA PRO B 87 10.31 -40.12 51.54
C PRO B 87 9.99 -40.69 52.91
N LYS B 88 10.33 -41.96 53.17
CA LYS B 88 10.09 -42.50 54.51
C LYS B 88 10.85 -41.71 55.56
N SER B 89 12.10 -41.37 55.27
CA SER B 89 12.84 -40.46 56.14
C SER B 89 12.18 -39.09 56.17
N ILE B 90 11.77 -38.59 55.00
CA ILE B 90 11.17 -37.25 54.93
C ILE B 90 9.90 -37.20 55.76
N ILE B 91 9.05 -38.22 55.65
CA ILE B 91 7.81 -38.25 56.41
C ILE B 91 8.11 -38.35 57.90
N THR B 92 9.05 -39.22 58.28
CA THR B 92 9.34 -39.42 59.69
C THR B 92 10.01 -38.20 60.30
N ARG B 93 10.87 -37.51 59.54
CA ARG B 93 11.53 -36.33 60.07
C ARG B 93 10.52 -35.26 60.50
N ILE B 94 9.54 -34.99 59.64
CA ILE B 94 8.50 -34.04 60.01
C ILE B 94 7.59 -34.62 61.08
N CYS B 95 7.27 -35.90 60.98
CA CYS B 95 6.42 -36.54 61.98
C CYS B 95 7.09 -36.53 63.35
N ASP B 96 8.40 -36.84 63.40
CA ASP B 96 9.12 -36.79 64.66
C ASP B 96 9.21 -35.36 65.19
N LEU B 97 9.47 -34.39 64.31
CA LEU B 97 9.66 -33.02 64.75
C LEU B 97 8.37 -32.45 65.35
N MET B 98 7.23 -32.72 64.72
CA MET B 98 5.96 -32.26 65.28
C MET B 98 5.67 -32.96 66.60
N SER B 99 5.88 -34.28 66.67
CA SER B 99 5.66 -35.01 67.90
C SER B 99 6.64 -34.63 69.00
N ASP B 100 7.72 -33.93 68.67
CA ASP B 100 8.72 -33.56 69.66
C ASP B 100 8.46 -32.18 70.26
N ARG B 101 8.09 -31.20 69.45
CA ARG B 101 7.89 -29.84 69.93
C ARG B 101 6.60 -29.19 69.47
N LYS B 102 5.79 -29.88 68.67
CA LYS B 102 4.56 -29.32 68.09
C LYS B 102 4.85 -28.04 67.32
N ILE B 103 5.69 -28.19 66.30
CA ILE B 103 6.11 -27.05 65.49
C ILE B 103 4.91 -26.49 64.72
N GLN B 104 4.73 -25.17 64.79
CA GLN B 104 3.62 -24.54 64.08
C GLN B 104 3.74 -24.72 62.58
N GLY B 105 4.95 -24.53 62.03
CA GLY B 105 5.16 -24.62 60.61
C GLY B 105 6.48 -25.28 60.29
N VAL B 106 6.61 -25.67 59.02
CA VAL B 106 7.80 -26.35 58.53
C VAL B 106 8.31 -25.60 57.30
N VAL B 107 9.61 -25.35 57.26
CA VAL B 107 10.26 -24.73 56.10
C VAL B 107 11.23 -25.76 55.54
N PHE B 108 11.05 -26.09 54.26
CA PHE B 108 11.80 -27.17 53.63
C PHE B 108 12.64 -26.60 52.50
N ALA B 109 13.92 -26.99 52.47
CA ALA B 109 14.84 -26.57 51.43
C ALA B 109 15.47 -27.80 50.79
N ASP B 110 15.93 -27.64 49.56
CA ASP B 110 16.47 -28.77 48.80
C ASP B 110 17.52 -28.27 47.83
N ASP B 111 18.31 -29.23 47.34
CA ASP B 111 19.29 -28.97 46.28
C ASP B 111 19.07 -29.86 45.08
N THR B 112 17.95 -30.57 45.01
CA THR B 112 17.68 -31.52 43.95
C THR B 112 16.75 -30.92 42.91
N ASP B 113 16.98 -31.28 41.65
CA ASP B 113 16.20 -30.78 40.53
C ASP B 113 14.91 -31.57 40.29
N GLN B 114 14.67 -32.61 41.08
CA GLN B 114 13.47 -33.41 40.89
C GLN B 114 12.23 -32.65 41.35
N GLU B 115 11.07 -33.23 41.06
CA GLU B 115 9.78 -32.62 41.40
C GLU B 115 8.97 -33.45 42.37
N ALA B 116 9.44 -34.64 42.76
CA ALA B 116 8.68 -35.50 43.64
C ALA B 116 8.68 -35.02 45.09
N ILE B 117 9.53 -34.05 45.44
CA ILE B 117 9.53 -33.53 46.79
C ILE B 117 8.26 -32.74 47.07
N ALA B 118 7.81 -31.95 46.10
CA ALA B 118 6.64 -31.11 46.31
C ALA B 118 5.41 -31.95 46.60
N GLN B 119 5.23 -33.06 45.88
CA GLN B 119 4.06 -33.89 46.06
C GLN B 119 4.03 -34.51 47.45
N ILE B 120 5.16 -35.00 47.93
CA ILE B 120 5.22 -35.58 49.27
C ILE B 120 4.99 -34.52 50.32
N LEU B 121 5.53 -33.32 50.11
CA LEU B 121 5.31 -32.23 51.05
C LEU B 121 3.88 -31.76 51.09
N ASP B 122 3.09 -32.05 50.05
CA ASP B 122 1.68 -31.66 50.05
C ASP B 122 0.88 -32.44 51.09
N PHE B 123 1.23 -33.71 51.33
CA PHE B 123 0.53 -34.48 52.36
C PHE B 123 0.67 -33.86 53.73
N ILE B 124 1.91 -33.60 54.15
CA ILE B 124 2.13 -33.12 55.50
C ILE B 124 1.40 -31.80 55.70
N SER B 125 1.35 -30.97 54.66
CA SER B 125 0.50 -29.79 54.71
C SER B 125 -0.97 -30.18 54.81
N ALA B 126 -1.40 -31.17 54.03
CA ALA B 126 -2.80 -31.59 54.03
C ALA B 126 -3.14 -32.46 55.23
N GLN B 127 -2.18 -33.27 55.71
CA GLN B 127 -2.46 -34.19 56.79
C GLN B 127 -2.28 -33.53 58.16
N THR B 128 -1.16 -32.85 58.38
CA THR B 128 -0.87 -32.24 59.67
C THR B 128 -1.39 -30.81 59.78
N LEU B 129 -1.94 -30.25 58.70
CA LEU B 129 -2.46 -28.88 58.70
C LEU B 129 -1.40 -27.88 59.18
N THR B 130 -0.16 -28.07 58.72
CA THR B 130 0.93 -27.19 59.07
C THR B 130 1.52 -26.55 57.81
N PRO B 131 1.85 -25.26 57.86
CA PRO B 131 2.38 -24.60 56.66
C PRO B 131 3.74 -25.17 56.29
N ILE B 132 3.90 -25.48 55.00
CA ILE B 132 5.16 -25.96 54.46
C ILE B 132 5.56 -25.06 53.30
N LEU B 133 6.80 -24.60 53.31
CA LEU B 133 7.31 -23.69 52.31
C LEU B 133 8.35 -24.39 51.46
N GLY B 134 8.16 -24.37 50.14
CA GLY B 134 9.17 -24.88 49.23
C GLY B 134 10.12 -23.79 48.80
N ILE B 135 11.01 -23.37 49.70
CA ILE B 135 11.85 -22.22 49.43
C ILE B 135 12.85 -22.52 48.32
N HIS B 136 13.44 -23.70 48.32
CA HIS B 136 14.54 -23.99 47.42
C HIS B 136 14.46 -25.43 46.93
N GLY B 137 15.10 -25.67 45.79
CA GLY B 137 15.29 -27.03 45.31
C GLY B 137 14.03 -27.63 44.72
N GLY B 138 13.88 -28.94 44.93
CA GLY B 138 12.74 -29.65 44.39
C GLY B 138 11.42 -29.18 44.95
N SER B 139 11.40 -28.78 46.24
CA SER B 139 10.18 -28.28 46.84
C SER B 139 9.74 -26.95 46.25
N SER B 140 10.60 -26.28 45.49
CA SER B 140 10.24 -25.04 44.81
C SER B 140 9.75 -25.24 43.39
N MET B 141 9.70 -26.48 42.91
CA MET B 141 9.10 -26.75 41.60
C MET B 141 7.59 -26.65 41.72
N ILE B 142 7.01 -25.63 41.11
CA ILE B 142 5.61 -25.31 41.32
C ILE B 142 4.74 -26.43 40.77
N MET B 143 3.87 -26.98 41.61
CA MET B 143 2.89 -27.97 41.18
C MET B 143 1.57 -27.24 40.90
N ALA B 144 1.02 -27.48 39.71
CA ALA B 144 -0.14 -26.70 39.28
C ALA B 144 -1.36 -26.97 40.15
N ASP B 145 -1.61 -28.23 40.47
CA ASP B 145 -2.79 -28.61 41.24
C ASP B 145 -2.36 -29.25 42.55
N LYS B 146 -2.89 -28.74 43.65
CA LYS B 146 -2.63 -29.26 44.98
C LYS B 146 -3.92 -29.82 45.57
N ASP B 147 -3.82 -30.35 46.78
CA ASP B 147 -5.01 -30.76 47.50
C ASP B 147 -5.80 -29.53 47.95
N GLU B 148 -7.12 -29.68 48.01
CA GLU B 148 -7.96 -28.56 48.40
C GLU B 148 -7.72 -28.16 49.84
N SER B 149 -7.26 -29.09 50.68
CA SER B 149 -6.99 -28.82 52.08
C SER B 149 -5.52 -28.61 52.38
N SER B 150 -4.66 -28.69 51.37
CA SER B 150 -3.23 -28.61 51.60
C SER B 150 -2.81 -27.18 51.93
N MET B 151 -1.87 -27.05 52.87
CA MET B 151 -1.34 -25.76 53.28
C MET B 151 0.09 -25.57 52.80
N PHE B 152 0.41 -26.16 51.66
CA PHE B 152 1.75 -26.12 51.09
C PHE B 152 1.89 -24.92 50.17
N PHE B 153 2.98 -24.17 50.34
CA PHE B 153 3.25 -23.00 49.53
C PHE B 153 4.67 -23.09 48.99
N GLN B 154 4.89 -22.45 47.84
CA GLN B 154 6.15 -22.59 47.14
C GLN B 154 6.69 -21.23 46.71
N PHE B 155 8.01 -21.15 46.59
CA PHE B 155 8.69 -19.96 46.09
C PHE B 155 8.95 -20.16 44.61
N GLY B 156 7.94 -19.84 43.81
CA GLY B 156 8.06 -19.98 42.38
C GLY B 156 6.96 -19.27 41.62
N PRO B 157 7.15 -19.08 40.32
CA PRO B 157 6.13 -18.47 39.50
C PRO B 157 5.25 -19.50 38.81
N SER B 158 4.00 -19.12 38.58
CA SER B 158 3.09 -19.97 37.84
C SER B 158 3.40 -19.91 36.36
N ILE B 159 2.88 -20.89 35.62
CA ILE B 159 3.09 -20.91 34.17
C ILE B 159 2.36 -19.73 33.52
N GLU B 160 1.33 -19.21 34.17
CA GLU B 160 0.68 -18.00 33.66
C GLU B 160 1.53 -16.77 33.92
N GLN B 161 2.22 -16.73 35.05
CA GLN B 161 3.09 -15.61 35.36
C GLN B 161 4.29 -15.55 34.41
N GLN B 162 4.88 -16.70 34.10
CA GLN B 162 6.01 -16.72 33.17
C GLN B 162 5.57 -16.30 31.77
N ALA B 163 4.35 -16.66 31.38
CA ALA B 163 3.83 -16.24 30.08
C ALA B 163 3.66 -14.72 30.02
N SER B 164 3.17 -14.12 31.10
CA SER B 164 2.99 -12.68 31.13
C SER B 164 4.33 -11.96 31.03
N VAL B 165 5.36 -12.47 31.72
CA VAL B 165 6.68 -11.88 31.59
C VAL B 165 7.25 -12.11 30.20
N MET B 166 6.93 -13.24 29.58
CA MET B 166 7.42 -13.54 28.25
C MET B 166 6.82 -12.62 27.20
N LEU B 167 5.79 -11.85 27.54
CA LEU B 167 5.24 -10.85 26.64
C LEU B 167 5.72 -9.45 26.93
N ASN B 168 6.22 -9.19 28.14
CA ASN B 168 6.78 -7.89 28.44
C ASN B 168 8.09 -7.66 27.72
N ILE B 169 8.89 -8.72 27.52
CA ILE B 169 10.15 -8.56 26.82
C ILE B 169 9.91 -8.23 25.34
N MET B 170 8.83 -8.75 24.76
CA MET B 170 8.54 -8.44 23.37
C MET B 170 7.96 -7.05 23.20
N GLU B 171 7.24 -6.55 24.21
CA GLU B 171 6.76 -5.18 24.18
C GLU B 171 7.91 -4.19 24.22
N GLU B 172 8.94 -4.47 25.03
CA GLU B 172 10.06 -3.55 25.17
C GLU B 172 10.79 -3.39 23.85
N TYR B 173 10.95 -4.48 23.10
CA TYR B 173 11.67 -4.45 21.84
C TYR B 173 10.75 -4.45 20.63
N ASP B 174 9.44 -4.27 20.84
CA ASP B 174 8.48 -4.11 19.76
C ASP B 174 8.43 -5.34 18.85
N TRP B 175 8.55 -6.51 19.47
CA TRP B 175 8.28 -7.78 18.79
C TRP B 175 6.80 -8.09 18.96
N TYR B 176 6.07 -8.18 17.85
CA TYR B 176 4.64 -8.37 17.90
C TYR B 176 4.15 -9.62 17.19
N ILE B 177 5.00 -10.28 16.41
CA ILE B 177 4.61 -11.56 15.83
C ILE B 177 4.61 -12.63 16.91
N PHE B 178 3.83 -13.69 16.69
CA PHE B 178 3.65 -14.74 17.69
C PHE B 178 3.73 -16.10 17.02
N SER B 179 3.98 -17.10 17.85
CA SER B 179 3.71 -18.49 17.50
C SER B 179 3.85 -19.34 18.75
N ILE B 180 2.88 -20.21 19.00
CA ILE B 180 2.85 -21.04 20.20
C ILE B 180 2.94 -22.50 19.78
N VAL B 181 3.97 -23.17 20.26
CA VAL B 181 4.21 -24.58 19.97
C VAL B 181 4.19 -25.31 21.31
N THR B 182 3.19 -26.15 21.52
CA THR B 182 3.01 -26.81 22.80
C THR B 182 2.78 -28.30 22.61
N THR B 183 3.27 -29.08 23.55
CA THR B 183 3.02 -30.51 23.58
C THR B 183 1.79 -30.79 24.43
N TYR B 184 1.56 -32.06 24.76
CA TYR B 184 0.44 -32.46 25.59
C TYR B 184 0.76 -32.36 27.08
N PHE B 185 1.78 -31.60 27.46
CA PHE B 185 2.11 -31.44 28.87
C PHE B 185 0.96 -30.75 29.59
N PRO B 186 0.71 -31.12 30.85
CA PRO B 186 -0.52 -30.66 31.52
C PRO B 186 -0.64 -29.14 31.62
N GLY B 187 0.47 -28.41 31.61
CA GLY B 187 0.35 -26.97 31.67
C GLY B 187 0.10 -26.28 30.35
N TYR B 188 -0.07 -27.04 29.27
CA TYR B 188 -0.23 -26.43 27.96
C TYR B 188 -1.51 -25.62 27.85
N GLN B 189 -2.58 -26.07 28.52
CA GLN B 189 -3.84 -25.34 28.46
C GLN B 189 -3.74 -24.00 29.15
N ASP B 190 -3.18 -23.97 30.36
CA ASP B 190 -3.05 -22.72 31.10
C ASP B 190 -2.10 -21.76 30.42
N PHE B 191 -1.00 -22.29 29.86
CA PHE B 191 -0.02 -21.43 29.21
C PHE B 191 -0.63 -20.71 28.01
N VAL B 192 -1.36 -21.43 27.17
CA VAL B 192 -1.95 -20.82 25.98
C VAL B 192 -3.09 -19.89 26.35
N ASN B 193 -3.91 -20.29 27.32
CA ASN B 193 -5.07 -19.48 27.70
C ASN B 193 -4.63 -18.13 28.26
N LYS B 194 -3.59 -18.11 29.08
CA LYS B 194 -3.10 -16.85 29.63
C LYS B 194 -2.57 -15.94 28.52
N ILE B 195 -1.87 -16.51 27.55
CA ILE B 195 -1.33 -15.69 26.46
C ILE B 195 -2.46 -15.09 25.64
N ARG B 196 -3.46 -15.91 25.30
CA ARG B 196 -4.56 -15.44 24.45
C ARG B 196 -5.37 -14.36 25.15
N SER B 197 -5.64 -14.53 26.44
CA SER B 197 -6.39 -13.52 27.18
C SER B 197 -5.63 -12.20 27.24
N THR B 198 -4.31 -12.27 27.45
CA THR B 198 -3.50 -11.06 27.46
C THR B 198 -3.49 -10.37 26.11
N ILE B 199 -3.57 -11.13 25.03
CA ILE B 199 -3.64 -10.54 23.70
C ILE B 199 -4.94 -9.76 23.54
N GLU B 200 -6.06 -10.34 23.97
CA GLU B 200 -7.36 -9.72 23.74
C GLU B 200 -7.52 -8.43 24.54
N ASN B 201 -7.07 -8.43 25.79
CA ASN B 201 -7.31 -7.31 26.69
C ASN B 201 -6.27 -6.20 26.54
N SER B 202 -5.56 -6.15 25.42
CA SER B 202 -4.52 -5.17 25.20
C SER B 202 -4.78 -4.43 23.90
N PHE B 203 -4.67 -3.10 23.94
CA PHE B 203 -4.80 -2.30 22.73
C PHE B 203 -3.55 -2.35 21.86
N VAL B 204 -2.41 -2.75 22.41
CA VAL B 204 -1.19 -2.85 21.63
C VAL B 204 -1.33 -3.94 20.58
N GLY B 205 -0.93 -3.63 19.35
CA GLY B 205 -1.10 -4.54 18.24
C GLY B 205 -0.39 -5.87 18.43
N TRP B 206 -1.18 -6.91 18.69
CA TRP B 206 -0.69 -8.27 18.86
C TRP B 206 -1.29 -9.12 17.76
N GLU B 207 -0.46 -9.90 17.07
CA GLU B 207 -0.97 -10.88 16.11
C GLU B 207 -0.35 -12.24 16.38
N LEU B 208 -1.19 -13.25 16.35
CA LEU B 208 -0.80 -14.63 16.66
C LEU B 208 -0.94 -15.47 15.40
N GLU B 209 0.07 -16.29 15.13
CA GLU B 209 0.08 -17.11 13.92
C GLU B 209 -0.55 -18.48 14.16
N GLU B 210 0.02 -19.26 15.08
CA GLU B 210 -0.43 -20.62 15.30
C GLU B 210 -0.36 -20.96 16.78
N VAL B 211 -1.21 -21.89 17.19
CA VAL B 211 -1.24 -22.38 18.56
C VAL B 211 -1.02 -23.88 18.42
N LEU B 212 -0.24 -24.25 17.42
CA LEU B 212 -0.20 -25.64 16.98
C LEU B 212 0.24 -26.57 18.12
N LEU B 213 -0.49 -27.68 18.26
CA LEU B 213 -0.19 -28.71 19.23
C LEU B 213 0.41 -29.92 18.53
N LEU B 214 1.30 -30.62 19.23
CA LEU B 214 1.99 -31.78 18.70
C LEU B 214 2.16 -32.83 19.79
N ASP B 215 2.26 -34.08 19.36
CA ASP B 215 2.06 -35.23 20.23
C ASP B 215 3.37 -36.00 20.45
N MET B 216 3.53 -36.52 21.67
CA MET B 216 4.65 -37.37 22.06
C MET B 216 4.33 -38.86 21.97
N SER B 217 3.22 -39.29 22.57
CA SER B 217 2.97 -40.71 22.79
C SER B 217 2.78 -41.49 21.50
N LEU B 218 2.57 -40.82 20.37
CA LEU B 218 2.38 -41.54 19.11
C LEU B 218 3.67 -42.21 18.68
N ASP B 219 3.59 -43.49 18.34
CA ASP B 219 4.75 -44.23 17.87
C ASP B 219 5.02 -43.91 16.41
N ASP B 220 6.30 -43.79 16.07
CA ASP B 220 6.74 -43.43 14.71
C ASP B 220 6.09 -42.13 14.26
N GLY B 221 5.97 -41.19 15.19
CA GLY B 221 5.35 -39.91 14.94
C GLY B 221 6.28 -38.85 14.43
N ASP B 222 7.52 -39.19 14.11
CA ASP B 222 8.49 -38.20 13.63
C ASP B 222 8.05 -37.61 12.29
N SER B 223 7.53 -38.45 11.40
CA SER B 223 7.13 -37.96 10.07
C SER B 223 5.99 -36.97 10.17
N LYS B 224 4.99 -37.26 10.99
CA LYS B 224 3.85 -36.36 11.14
C LYS B 224 4.18 -35.14 12.00
N ILE B 225 5.08 -35.29 12.97
CA ILE B 225 5.48 -34.15 13.78
C ILE B 225 6.27 -33.15 12.94
N GLN B 226 7.07 -33.64 12.00
CA GLN B 226 7.70 -32.74 11.03
C GLN B 226 6.66 -32.12 10.12
N ASN B 227 5.70 -32.93 9.66
CA ASN B 227 4.64 -32.41 8.80
C ASN B 227 3.82 -31.37 9.52
N GLN B 228 3.54 -31.60 10.80
CA GLN B 228 2.79 -30.63 11.59
C GLN B 228 3.54 -29.31 11.72
N LEU B 229 4.86 -29.37 11.92
CA LEU B 229 5.68 -28.19 12.12
C LEU B 229 5.84 -27.36 10.85
N LYS B 230 5.37 -27.85 9.71
CA LYS B 230 5.49 -27.09 8.47
C LYS B 230 4.71 -25.79 8.53
N LYS B 231 3.62 -25.74 9.29
CA LYS B 231 2.77 -24.56 9.32
C LYS B 231 3.40 -23.40 10.05
N LEU B 232 4.53 -23.60 10.73
CA LEU B 232 5.15 -22.54 11.52
C LEU B 232 5.99 -21.67 10.59
N GLN B 233 5.55 -20.42 10.39
CA GLN B 233 6.27 -19.47 9.55
C GLN B 233 6.66 -18.20 10.27
N SER B 234 6.13 -17.95 11.47
CA SER B 234 6.44 -16.72 12.17
C SER B 234 7.89 -16.73 12.67
N PRO B 235 8.54 -15.56 12.73
CA PRO B 235 9.94 -15.54 13.17
C PRO B 235 10.13 -15.78 14.66
N ILE B 236 9.10 -15.59 15.48
CA ILE B 236 9.21 -15.75 16.93
C ILE B 236 8.40 -16.97 17.34
N ILE B 237 9.00 -17.84 18.14
CA ILE B 237 8.38 -19.05 18.62
C ILE B 237 8.31 -18.97 20.14
N LEU B 238 7.12 -19.24 20.68
CA LEU B 238 6.92 -19.32 22.12
C LEU B 238 6.69 -20.79 22.45
N LEU B 239 7.78 -21.51 22.71
CA LEU B 239 7.73 -22.94 22.94
C LEU B 239 7.34 -23.24 24.38
N TYR B 240 6.62 -24.34 24.57
CA TYR B 240 6.31 -24.83 25.90
C TYR B 240 6.26 -26.35 25.86
N CYS B 241 7.28 -26.99 26.41
CA CYS B 241 7.32 -28.45 26.47
C CYS B 241 8.28 -28.85 27.58
N THR B 242 8.58 -30.14 27.67
CA THR B 242 9.54 -30.63 28.63
C THR B 242 10.96 -30.43 28.10
N LYS B 243 11.94 -30.49 29.00
CA LYS B 243 13.32 -30.34 28.58
C LYS B 243 13.71 -31.41 27.58
N GLU B 244 13.30 -32.66 27.83
CA GLU B 244 13.56 -33.73 26.88
C GLU B 244 12.86 -33.45 25.55
N GLU B 245 11.59 -33.02 25.62
CA GLU B 245 10.84 -32.75 24.40
C GLU B 245 11.43 -31.57 23.63
N ALA B 246 12.07 -30.63 24.34
CA ALA B 246 12.64 -29.48 23.65
C ALA B 246 13.73 -29.89 22.67
N THR B 247 14.61 -30.79 23.08
CA THR B 247 15.65 -31.27 22.17
C THR B 247 15.04 -32.00 20.98
N TYR B 248 14.02 -32.83 21.24
CA TYR B 248 13.34 -33.52 20.15
C TYR B 248 12.73 -32.52 19.17
N ILE B 249 12.08 -31.48 19.71
CA ILE B 249 11.53 -30.44 18.85
C ILE B 249 12.65 -29.70 18.12
N PHE B 250 13.72 -29.36 18.83
CA PHE B 250 14.81 -28.64 18.20
C PHE B 250 15.51 -29.48 17.15
N GLU B 251 15.67 -30.79 17.42
CA GLU B 251 16.27 -31.67 16.42
C GLU B 251 15.32 -31.90 15.24
N VAL B 252 14.01 -31.86 15.49
CA VAL B 252 13.05 -31.89 14.38
C VAL B 252 13.09 -30.59 13.61
N ALA B 253 13.17 -29.46 14.32
CA ALA B 253 13.40 -28.19 13.64
C ALA B 253 14.81 -28.13 13.06
N ASN B 254 15.75 -28.89 13.62
CA ASN B 254 17.06 -29.00 13.00
C ASN B 254 16.98 -29.70 11.65
N SER B 255 16.05 -30.65 11.50
CA SER B 255 15.81 -31.24 10.19
C SER B 255 15.36 -30.18 9.19
N VAL B 256 14.48 -29.27 9.63
CA VAL B 256 14.25 -28.05 8.87
C VAL B 256 15.53 -27.22 8.83
N GLY B 257 16.21 -27.11 9.96
CA GLY B 257 17.39 -26.30 10.08
C GLY B 257 17.13 -24.86 10.45
N LEU B 258 15.90 -24.39 10.28
CA LEU B 258 15.55 -23.01 10.61
C LEU B 258 15.19 -22.93 12.10
N THR B 259 16.20 -23.17 12.93
CA THR B 259 16.02 -23.04 14.38
C THR B 259 16.36 -21.63 14.84
N GLY B 260 17.60 -21.21 14.66
CA GLY B 260 17.94 -19.82 14.87
C GLY B 260 18.85 -19.21 13.83
N TYR B 261 18.36 -18.23 13.11
CA TYR B 261 19.19 -17.34 12.30
C TYR B 261 18.81 -15.89 12.48
N GLY B 262 17.51 -15.59 12.57
CA GLY B 262 17.02 -14.28 12.94
C GLY B 262 15.87 -14.46 13.91
N TYR B 263 15.52 -15.72 14.16
CA TYR B 263 14.47 -16.06 15.09
C TYR B 263 14.89 -15.73 16.52
N THR B 264 13.91 -15.50 17.38
CA THR B 264 14.12 -15.28 18.81
C THR B 264 13.16 -16.18 19.57
N TRP B 265 13.58 -17.41 19.85
CA TRP B 265 12.75 -18.34 20.60
C TRP B 265 12.67 -17.91 22.05
N ILE B 266 11.46 -17.89 22.60
CA ILE B 266 11.24 -17.56 24.00
C ILE B 266 10.60 -18.77 24.68
N VAL B 267 11.01 -19.03 25.91
CA VAL B 267 10.82 -20.34 26.53
C VAL B 267 10.69 -20.17 28.04
N PRO B 268 9.86 -20.95 28.72
CA PRO B 268 9.76 -20.84 30.18
C PRO B 268 10.85 -21.64 30.88
N SER B 269 10.89 -21.51 32.20
CA SER B 269 11.94 -22.15 32.98
C SER B 269 11.87 -23.67 32.92
N LEU B 270 10.73 -24.23 32.52
CA LEU B 270 10.60 -25.68 32.45
C LEU B 270 11.56 -26.29 31.45
N VAL B 271 11.66 -25.68 30.26
CA VAL B 271 12.57 -26.20 29.24
C VAL B 271 14.01 -25.94 29.63
N ALA B 272 14.30 -24.75 30.16
CA ALA B 272 15.69 -24.43 30.54
C ALA B 272 16.19 -25.38 31.61
N GLY B 273 15.36 -25.67 32.60
CA GLY B 273 15.75 -26.62 33.63
C GLY B 273 16.99 -26.15 34.37
N ASP B 274 17.95 -27.06 34.52
CA ASP B 274 19.24 -26.71 35.12
C ASP B 274 20.03 -25.86 34.14
N THR B 275 20.26 -24.60 34.50
CA THR B 275 20.96 -23.68 33.61
C THR B 275 22.43 -24.03 33.43
N ASP B 276 22.97 -24.93 34.26
CA ASP B 276 24.36 -25.33 34.11
C ASP B 276 24.56 -26.25 32.92
N THR B 277 23.54 -27.04 32.57
CA THR B 277 23.62 -28.02 31.50
C THR B 277 22.82 -27.53 30.30
N VAL B 278 23.44 -27.58 29.13
CA VAL B 278 22.80 -27.22 27.87
C VAL B 278 22.94 -28.40 26.93
N PRO B 279 21.86 -28.92 26.35
CA PRO B 279 21.97 -30.13 25.53
C PRO B 279 22.59 -29.89 24.17
N ALA B 280 23.13 -28.68 23.95
CA ALA B 280 23.83 -28.26 22.74
C ALA B 280 22.91 -28.20 21.53
N GLU B 281 21.66 -28.63 21.65
CA GLU B 281 20.65 -28.48 20.61
C GLU B 281 19.82 -27.22 20.80
N PHE B 282 20.05 -26.48 21.87
CA PHE B 282 19.35 -25.22 22.08
C PHE B 282 20.01 -24.14 21.22
N PRO B 283 19.25 -23.45 20.38
CA PRO B 283 19.86 -22.46 19.50
C PRO B 283 20.42 -21.29 20.29
N THR B 284 21.50 -20.71 19.75
CA THR B 284 22.10 -19.54 20.36
C THR B 284 21.14 -18.36 20.26
N GLY B 285 20.96 -17.64 21.35
CA GLY B 285 20.00 -16.56 21.42
C GLY B 285 18.67 -16.94 22.02
N LEU B 286 18.53 -18.16 22.53
CA LEU B 286 17.30 -18.57 23.20
C LEU B 286 17.08 -17.72 24.44
N ILE B 287 15.83 -17.33 24.67
CA ILE B 287 15.43 -16.49 25.79
C ILE B 287 14.55 -17.30 26.73
N SER B 288 14.85 -17.27 28.02
CA SER B 288 14.06 -18.00 29.00
C SER B 288 13.86 -17.15 30.24
N VAL B 289 12.77 -17.43 30.93
CA VAL B 289 12.43 -16.76 32.19
C VAL B 289 12.73 -17.73 33.32
N SER B 290 13.48 -17.28 34.31
CA SER B 290 13.92 -18.14 35.38
C SER B 290 13.82 -17.40 36.70
N TYR B 291 13.72 -18.18 37.78
CA TYR B 291 13.71 -17.60 39.11
C TYR B 291 15.09 -17.07 39.47
N ASP B 292 15.13 -16.20 40.48
CA ASP B 292 16.36 -15.55 40.90
C ASP B 292 17.18 -16.50 41.78
N GLU B 293 17.71 -17.54 41.13
CA GLU B 293 18.63 -18.43 41.81
C GLU B 293 19.93 -17.70 42.17
N TRP B 294 20.41 -16.85 41.26
CA TRP B 294 21.68 -16.17 41.47
C TRP B 294 21.63 -15.20 42.65
N ASP B 295 20.55 -14.44 42.78
CA ASP B 295 20.45 -13.42 43.81
C ASP B 295 19.85 -13.97 45.10
N TYR B 296 18.67 -14.56 45.02
CA TYR B 296 17.98 -15.12 46.18
C TYR B 296 18.68 -16.40 46.58
N GLY B 297 19.73 -16.27 47.37
CA GLY B 297 20.44 -17.43 47.86
C GLY B 297 19.68 -18.15 48.96
N LEU B 298 20.18 -19.34 49.31
CA LEU B 298 19.51 -20.14 50.33
C LEU B 298 19.37 -19.42 51.66
N PRO B 299 20.40 -18.76 52.20
CA PRO B 299 20.18 -17.98 53.43
C PRO B 299 19.13 -16.90 53.27
N ALA B 300 19.03 -16.29 52.09
CA ALA B 300 18.02 -15.27 51.86
C ALA B 300 16.61 -15.85 51.89
N ARG B 301 16.42 -17.02 51.26
CA ARG B 301 15.10 -17.62 51.23
C ARG B 301 14.69 -18.16 52.61
N VAL B 302 15.67 -18.65 53.38
CA VAL B 302 15.35 -19.21 54.68
C VAL B 302 14.78 -18.13 55.60
N ARG B 303 15.48 -16.99 55.70
CA ARG B 303 14.99 -15.93 56.57
C ARG B 303 13.66 -15.39 56.07
N ASP B 304 13.48 -15.31 54.75
CA ASP B 304 12.20 -14.88 54.21
C ASP B 304 11.09 -15.89 54.54
N GLY B 305 11.44 -17.18 54.54
CA GLY B 305 10.46 -18.18 54.90
C GLY B 305 10.02 -18.10 56.35
N ILE B 306 10.94 -17.75 57.24
CA ILE B 306 10.58 -17.64 58.66
C ILE B 306 9.57 -16.52 58.86
N ALA B 307 9.77 -15.38 58.18
CA ALA B 307 8.84 -14.27 58.33
C ALA B 307 7.44 -14.64 57.85
N ILE B 308 7.34 -15.54 56.87
CA ILE B 308 6.03 -15.92 56.35
C ILE B 308 5.19 -16.54 57.44
N ILE B 309 5.77 -17.47 58.21
CA ILE B 309 5.03 -18.12 59.28
C ILE B 309 4.78 -17.15 60.43
N THR B 310 5.81 -16.39 60.82
CA THR B 310 5.69 -15.55 62.01
C THR B 310 4.74 -14.38 61.79
N THR B 311 4.93 -13.65 60.69
CA THR B 311 4.14 -12.44 60.47
C THR B 311 2.67 -12.75 60.31
N ALA B 312 2.35 -13.83 59.58
CA ALA B 312 0.96 -14.19 59.36
C ALA B 312 0.32 -14.74 60.62
N ALA B 313 1.07 -15.52 61.40
CA ALA B 313 0.50 -16.08 62.63
C ALA B 313 0.26 -15.01 63.69
N SER B 314 1.05 -13.93 63.67
CA SER B 314 0.86 -12.86 64.64
C SER B 314 -0.51 -12.20 64.46
N ASP B 315 -0.91 -11.96 63.21
CA ASP B 315 -2.19 -11.30 62.96
C ASP B 315 -3.36 -12.14 63.47
N MET B 316 -3.32 -13.45 63.22
CA MET B 316 -4.42 -14.30 63.68
C MET B 316 -4.42 -14.46 65.19
N LEU B 317 -3.24 -14.48 65.82
CA LEU B 317 -3.19 -14.57 67.28
C LEU B 317 -3.79 -13.32 67.92
N SER B 318 -3.50 -12.15 67.36
CA SER B 318 -4.03 -10.92 67.91
C SER B 318 -5.50 -10.73 67.60
N GLU B 319 -5.96 -11.20 66.43
CA GLU B 319 -7.34 -10.99 66.02
C GLU B 319 -8.24 -12.16 66.41
N HIS B 320 -7.94 -13.35 65.93
CA HIS B 320 -8.79 -14.50 66.24
C HIS B 320 -8.60 -14.98 67.67
N SER B 321 -7.50 -14.60 68.31
CA SER B 321 -7.21 -14.97 69.70
C SER B 321 -7.24 -16.48 69.89
N PHE B 322 -6.70 -17.21 68.92
CA PHE B 322 -6.61 -18.66 68.97
C PHE B 322 -5.20 -19.08 68.64
N ILE B 323 -4.62 -19.92 69.49
CA ILE B 323 -3.28 -20.46 69.28
C ILE B 323 -3.43 -21.80 68.55
N PRO B 324 -2.85 -21.95 67.36
CA PRO B 324 -2.94 -23.23 66.64
C PRO B 324 -1.98 -24.25 67.23
N GLU B 325 -2.54 -25.23 67.94
CA GLU B 325 -1.78 -26.32 68.55
C GLU B 325 -2.50 -27.63 68.25
N PRO B 326 -2.34 -28.16 67.04
CA PRO B 326 -3.05 -29.38 66.67
C PRO B 326 -2.35 -30.62 67.23
N LYS B 327 -3.05 -31.75 67.15
CA LYS B 327 -2.49 -33.01 67.60
C LYS B 327 -1.32 -33.40 66.71
N SER B 328 -0.13 -33.49 67.29
CA SER B 328 1.07 -33.76 66.53
C SER B 328 1.17 -35.22 66.10
N SER B 329 0.49 -36.12 66.79
CA SER B 329 0.56 -37.54 66.45
C SER B 329 -0.08 -37.79 65.08
N CYS B 330 0.46 -38.77 64.37
CA CYS B 330 -0.05 -39.17 63.07
C CYS B 330 -1.02 -40.35 63.16
N TYR B 331 -1.37 -40.77 64.37
CA TYR B 331 -2.24 -41.92 64.56
C TYR B 331 -3.69 -41.46 64.64
N ASN B 332 -4.54 -42.07 63.81
CA ASN B 332 -5.96 -41.73 63.72
C ASN B 332 -6.15 -40.26 63.32
N THR B 333 -5.58 -39.93 62.16
CA THR B 333 -5.70 -38.58 61.63
C THR B 333 -7.12 -38.25 61.18
N HIS B 334 -7.92 -39.27 60.86
CA HIS B 334 -9.30 -39.02 60.46
C HIS B 334 -10.10 -38.39 61.59
N GLU B 335 -9.90 -38.90 62.82
CA GLU B 335 -10.54 -38.33 64.00
C GLU B 335 -9.93 -37.01 64.44
N LYS B 336 -8.81 -36.62 63.86
CA LYS B 336 -8.14 -35.37 64.18
C LYS B 336 -8.56 -34.22 63.27
N ARG B 337 -9.52 -34.46 62.36
CA ARG B 337 -9.97 -33.45 61.42
C ARG B 337 -10.99 -32.49 62.01
N ILE B 338 -11.36 -32.67 63.28
CA ILE B 338 -12.29 -31.75 63.92
C ILE B 338 -11.68 -30.35 63.99
N TYR B 339 -10.41 -30.26 64.38
CA TYR B 339 -9.72 -28.98 64.39
C TYR B 339 -9.42 -28.52 62.97
N GLN B 340 -9.69 -27.26 62.70
CA GLN B 340 -9.46 -26.67 61.38
C GLN B 340 -8.57 -25.45 61.51
N SER B 341 -7.72 -25.25 60.50
CA SER B 341 -6.80 -24.12 60.46
C SER B 341 -6.96 -23.34 59.18
N ASN B 342 -8.16 -23.35 58.59
CA ASN B 342 -8.41 -22.61 57.36
C ASN B 342 -8.25 -21.11 57.58
N MET B 343 -8.43 -20.64 58.81
CA MET B 343 -8.22 -19.23 59.10
C MET B 343 -6.75 -18.84 58.96
N LEU B 344 -5.83 -19.78 59.20
CA LEU B 344 -4.41 -19.48 59.04
C LEU B 344 -4.06 -19.19 57.59
N ASN B 345 -4.69 -19.90 56.65
CA ASN B 345 -4.42 -19.67 55.23
C ASN B 345 -4.76 -18.25 54.81
N ARG B 346 -5.75 -17.63 55.45
CA ARG B 346 -6.15 -16.28 55.07
C ARG B 346 -5.02 -15.29 55.27
N TYR B 347 -4.31 -15.40 56.40
CA TYR B 347 -3.23 -14.47 56.68
C TYR B 347 -1.90 -14.92 56.08
N LEU B 348 -1.73 -16.21 55.83
CA LEU B 348 -0.52 -16.68 55.16
C LEU B 348 -0.43 -16.12 53.74
N ILE B 349 -1.58 -15.90 53.09
CA ILE B 349 -1.58 -15.32 51.75
C ILE B 349 -1.10 -13.87 51.79
N ASN B 350 -1.67 -13.07 52.69
CA ASN B 350 -1.39 -11.63 52.74
C ASN B 350 -0.34 -11.38 53.83
N VAL B 351 0.91 -11.19 53.42
CA VAL B 351 2.02 -10.92 54.32
C VAL B 351 2.78 -9.71 53.79
N THR B 352 3.03 -8.74 54.66
CA THR B 352 3.81 -7.55 54.33
C THR B 352 5.08 -7.57 55.17
N PHE B 353 6.22 -7.80 54.52
CA PHE B 353 7.52 -7.86 55.19
C PHE B 353 8.46 -6.91 54.46
N GLU B 354 9.16 -6.08 55.23
CA GLU B 354 10.20 -5.17 54.76
C GLU B 354 9.82 -4.46 53.46
N GLY B 355 8.55 -4.07 53.33
CA GLY B 355 8.09 -3.33 52.18
C GLY B 355 7.92 -4.14 50.91
N ARG B 356 8.01 -5.46 50.99
CA ARG B 356 7.84 -6.33 49.83
C ARG B 356 6.55 -7.12 50.00
N ASN B 357 5.68 -7.07 48.97
CA ASN B 357 4.40 -7.75 49.01
C ASN B 357 4.61 -9.24 48.80
N LEU B 358 5.26 -9.86 49.78
CA LEU B 358 5.53 -11.29 49.73
C LEU B 358 4.23 -12.03 50.03
N SER B 359 3.47 -12.32 48.98
CA SER B 359 2.13 -12.86 49.10
C SER B 359 1.99 -14.08 48.21
N PHE B 360 1.34 -15.11 48.73
CA PHE B 360 1.19 -16.36 48.01
C PHE B 360 -0.13 -16.35 47.24
N SER B 361 -0.52 -17.50 46.70
CA SER B 361 -1.79 -17.67 46.03
C SER B 361 -2.62 -18.73 46.75
N GLU B 362 -3.89 -18.81 46.37
CA GLU B 362 -4.71 -19.93 46.80
C GLU B 362 -4.19 -21.24 46.22
N ASP B 363 -3.33 -21.18 45.22
CA ASP B 363 -2.76 -22.36 44.59
C ASP B 363 -1.28 -22.55 44.93
N GLY B 364 -0.68 -21.64 45.68
CA GLY B 364 0.68 -21.81 46.15
C GLY B 364 1.77 -21.08 45.40
N TYR B 365 1.42 -20.23 44.43
CA TYR B 365 2.43 -19.46 43.71
C TYR B 365 2.87 -18.29 44.56
N GLN B 366 3.50 -17.32 43.92
CA GLN B 366 3.81 -16.02 44.50
C GLN B 366 3.23 -14.94 43.61
N MET B 367 2.51 -13.98 44.21
CA MET B 367 2.05 -12.83 43.43
C MET B 367 3.19 -12.04 42.84
N HIS B 368 4.24 -11.79 43.62
CA HIS B 368 5.32 -10.89 43.22
C HIS B 368 6.65 -11.61 43.38
N PRO B 369 6.96 -12.53 42.48
CA PRO B 369 8.26 -13.21 42.53
C PRO B 369 9.33 -12.37 41.86
N LYS B 370 10.58 -12.78 42.09
CA LYS B 370 11.72 -12.18 41.41
C LYS B 370 12.10 -13.06 40.24
N LEU B 371 12.02 -12.52 39.03
CA LEU B 371 12.30 -13.27 37.81
C LEU B 371 13.41 -12.58 37.04
N VAL B 372 14.29 -13.37 36.45
CA VAL B 372 15.34 -12.87 35.58
C VAL B 372 15.21 -13.54 34.22
N ILE B 373 15.47 -12.77 33.17
CA ILE B 373 15.39 -13.27 31.80
C ILE B 373 16.79 -13.69 31.40
N ILE B 374 17.03 -14.98 31.41
CA ILE B 374 18.33 -15.53 31.04
C ILE B 374 18.37 -15.72 29.54
N LEU B 375 19.56 -15.57 28.96
CA LEU B 375 19.74 -15.66 27.52
C LEU B 375 20.95 -16.53 27.21
N LEU B 376 20.80 -17.43 26.24
CA LEU B 376 21.91 -18.24 25.79
C LEU B 376 22.84 -17.38 24.95
N ASN B 377 24.08 -17.22 25.40
CA ASN B 377 25.07 -16.40 24.70
C ASN B 377 25.65 -17.19 23.53
N LYS B 378 26.75 -16.69 22.95
CA LYS B 378 27.36 -17.36 21.81
C LYS B 378 27.83 -18.75 22.18
N GLU B 379 28.44 -18.90 23.34
CA GLU B 379 28.78 -20.23 23.84
C GLU B 379 27.56 -20.83 24.52
N ARG B 380 27.76 -21.92 25.27
CA ARG B 380 26.66 -22.59 25.95
C ARG B 380 26.67 -22.16 27.41
N LYS B 381 26.16 -20.95 27.66
CA LYS B 381 26.14 -20.39 29.00
C LYS B 381 24.93 -19.48 29.14
N TRP B 382 24.07 -19.77 30.11
CA TRP B 382 22.91 -18.93 30.37
C TRP B 382 23.35 -17.70 31.14
N GLU B 383 23.10 -16.52 30.57
CA GLU B 383 23.49 -15.26 31.19
C GLU B 383 22.26 -14.37 31.36
N ARG B 384 22.23 -13.65 32.47
CA ARG B 384 21.10 -12.78 32.77
C ARG B 384 21.10 -11.55 31.85
N VAL B 385 19.90 -11.10 31.51
CA VAL B 385 19.75 -9.96 30.60
C VAL B 385 18.92 -8.88 31.28
N GLY B 386 18.05 -9.29 32.19
CA GLY B 386 17.21 -8.31 32.86
C GLY B 386 16.51 -8.94 34.04
N LYS B 387 15.75 -8.09 34.75
CA LYS B 387 14.97 -8.51 35.90
C LYS B 387 13.54 -8.01 35.73
N TRP B 388 12.62 -8.68 36.42
CA TRP B 388 11.21 -8.34 36.38
C TRP B 388 10.69 -8.24 37.80
N LYS B 389 10.02 -7.14 38.12
CA LYS B 389 9.48 -6.93 39.45
C LYS B 389 8.40 -5.87 39.38
N ASP B 390 7.30 -6.09 40.11
CA ASP B 390 6.17 -5.17 40.14
C ASP B 390 5.65 -4.89 38.73
N LYS B 391 5.58 -5.93 37.92
CA LYS B 391 5.10 -5.84 36.54
C LYS B 391 5.93 -4.87 35.71
N SER B 392 7.21 -4.73 36.05
CA SER B 392 8.12 -3.84 35.34
C SER B 392 9.35 -4.63 34.92
N LEU B 393 9.95 -4.22 33.81
CA LEU B 393 11.10 -4.90 33.24
C LEU B 393 12.31 -3.98 33.31
N GLN B 394 13.29 -4.35 34.15
CA GLN B 394 14.54 -3.60 34.26
C GLN B 394 15.61 -4.22 33.37
N MET B 395 15.30 -4.34 32.09
CA MET B 395 16.21 -4.94 31.13
C MET B 395 17.44 -4.05 30.95
N LYS B 396 18.57 -4.69 30.67
CA LYS B 396 19.84 -3.98 30.50
C LYS B 396 20.25 -3.80 29.04
N TYR B 397 19.56 -4.45 28.12
CA TYR B 397 19.88 -4.35 26.70
C TYR B 397 18.97 -3.28 26.07
N TYR B 398 19.57 -2.15 25.70
CA TYR B 398 18.81 -1.10 25.04
C TYR B 398 18.35 -1.54 23.65
N VAL B 399 19.19 -2.28 22.93
CA VAL B 399 18.85 -2.82 21.63
C VAL B 399 19.20 -4.30 21.63
N TRP B 400 18.28 -5.13 21.16
CA TRP B 400 18.54 -6.56 21.09
C TRP B 400 19.55 -6.85 19.99
N PRO B 401 20.65 -7.56 20.29
CA PRO B 401 21.65 -7.92 19.29
C PRO B 401 21.34 -9.25 18.60
N ASP B 413 20.54 -6.63 6.21
CA ASP B 413 21.34 -6.58 7.43
C ASP B 413 20.71 -5.68 8.47
N HIS B 414 21.54 -5.23 9.40
CA HIS B 414 21.11 -4.34 10.47
C HIS B 414 22.09 -3.17 10.54
N LEU B 415 21.56 -1.96 10.62
CA LEU B 415 22.40 -0.78 10.66
C LEU B 415 21.74 0.28 11.51
N SER B 416 22.54 1.21 12.01
CA SER B 416 22.06 2.30 12.85
C SER B 416 22.02 3.58 12.05
N ILE B 417 20.98 4.38 12.27
CA ILE B 417 20.74 5.60 11.51
C ILE B 417 20.57 6.77 12.46
N VAL B 418 21.33 7.83 12.24
CA VAL B 418 21.12 9.07 12.98
C VAL B 418 19.89 9.78 12.44
N THR B 419 19.34 10.67 13.26
CA THR B 419 18.19 11.46 12.87
C THR B 419 18.19 12.72 13.72
N LEU B 420 17.45 13.72 13.28
CA LEU B 420 17.36 14.97 14.01
C LEU B 420 15.97 15.56 13.86
N GLU B 421 15.44 16.12 14.95
CA GLU B 421 14.10 16.69 14.96
C GLU B 421 13.97 17.85 13.98
N GLU B 422 13.06 17.73 13.02
CA GLU B 422 12.77 18.79 12.08
C GLU B 422 11.26 19.00 12.02
N ALA B 423 10.83 20.09 11.39
CA ALA B 423 9.42 20.41 11.48
C ALA B 423 8.57 19.43 10.68
N PRO B 424 8.67 19.35 9.35
CA PRO B 424 7.85 18.38 8.61
C PRO B 424 8.56 17.09 8.26
N PHE B 425 9.84 16.95 8.61
CA PHE B 425 10.67 15.83 8.17
C PHE B 425 10.88 14.79 9.24
N VAL B 426 11.20 15.20 10.46
CA VAL B 426 11.32 14.28 11.58
C VAL B 426 10.68 14.90 12.82
N ILE B 427 9.50 14.43 13.17
CA ILE B 427 8.77 14.92 14.34
C ILE B 427 8.92 13.87 15.44
N VAL B 428 9.58 14.24 16.52
CA VAL B 428 9.81 13.33 17.65
C VAL B 428 8.71 13.55 18.66
N GLU B 429 7.97 12.48 18.96
CA GLU B 429 6.85 12.53 19.89
C GLU B 429 7.11 11.60 21.07
N SER B 430 6.45 11.90 22.19
CA SER B 430 6.58 11.08 23.37
C SER B 430 5.91 9.73 23.18
N VAL B 431 6.15 8.82 24.12
CA VAL B 431 5.65 7.46 24.01
C VAL B 431 4.12 7.46 24.06
N ASP B 432 3.53 6.52 23.33
CA ASP B 432 2.07 6.43 23.23
C ASP B 432 1.47 6.00 24.58
N PRO B 433 0.54 6.77 25.15
CA PRO B 433 -0.10 6.35 26.40
C PRO B 433 -1.34 5.50 26.22
N LEU B 434 -1.86 5.34 25.01
CA LEU B 434 -3.02 4.49 24.78
C LEU B 434 -2.61 3.08 24.37
N SER B 435 -1.87 2.95 23.26
CA SER B 435 -1.36 1.64 22.87
C SER B 435 -0.29 1.17 23.83
N GLY B 436 0.62 2.06 24.23
CA GLY B 436 1.63 1.72 25.19
C GLY B 436 3.06 1.98 24.72
N THR B 437 3.36 1.68 23.46
CA THR B 437 4.71 1.86 22.94
C THR B 437 4.78 2.93 21.85
N CYS B 438 4.08 2.75 20.73
CA CYS B 438 3.97 3.76 19.69
C CYS B 438 2.71 3.50 18.90
N MET B 439 2.24 4.55 18.23
CA MET B 439 1.01 4.48 17.45
C MET B 439 1.31 3.92 16.07
N ARG B 440 0.32 3.97 15.18
CA ARG B 440 0.55 3.64 13.79
C ARG B 440 1.30 4.78 13.11
N ASN B 441 1.95 4.45 11.99
CA ASN B 441 2.71 5.42 11.20
C ASN B 441 3.79 6.10 12.04
N THR B 442 4.45 5.32 12.89
CA THR B 442 5.49 5.87 13.75
C THR B 442 6.54 4.80 13.98
N VAL B 443 7.75 5.24 14.31
CA VAL B 443 8.89 4.33 14.47
C VAL B 443 9.64 4.69 15.75
N PRO B 444 10.00 3.72 16.59
CA PRO B 444 10.72 4.05 17.82
C PRO B 444 12.10 4.63 17.55
N CYS B 445 12.49 5.57 18.41
CA CYS B 445 13.80 6.18 18.32
C CYS B 445 14.34 6.45 19.72
N GLN B 446 15.65 6.52 19.82
CA GLN B 446 16.35 6.69 21.08
C GLN B 446 16.98 8.08 21.16
N LYS B 447 17.42 8.44 22.35
CA LYS B 447 18.06 9.72 22.58
C LYS B 447 18.90 9.63 23.85
N ARG B 448 20.04 10.33 23.84
CA ARG B 448 20.96 10.34 24.97
C ARG B 448 21.09 11.77 25.50
N ILE B 449 21.34 11.88 26.81
CA ILE B 449 21.54 13.18 27.44
C ILE B 449 22.66 13.09 28.46
N GLY B 460 19.77 10.66 29.49
CA GLY B 460 18.65 9.76 29.66
C GLY B 460 18.26 9.05 28.37
N TYR B 461 18.33 7.72 28.38
CA TYR B 461 18.11 6.93 27.17
C TYR B 461 16.61 6.68 26.96
N ILE B 462 15.87 7.78 26.82
CA ILE B 462 14.42 7.69 26.68
C ILE B 462 14.08 7.24 25.28
N LYS B 463 13.25 6.21 25.19
CA LYS B 463 12.77 5.74 23.89
C LYS B 463 11.58 6.59 23.46
N LYS B 464 11.67 7.17 22.27
CA LYS B 464 10.65 8.05 21.73
C LYS B 464 10.13 7.48 20.42
N CYS B 465 8.99 8.00 19.98
CA CYS B 465 8.35 7.53 18.76
C CYS B 465 8.53 8.60 17.68
N CYS B 466 9.29 8.24 16.64
CA CYS B 466 9.70 9.19 15.61
C CYS B 466 8.84 9.01 14.36
N LYS B 467 8.41 10.12 13.78
CA LYS B 467 7.58 10.08 12.59
C LYS B 467 7.77 11.38 11.81
N GLY B 468 7.75 11.28 10.50
CA GLY B 468 7.90 12.46 9.67
C GLY B 468 8.02 12.08 8.20
N PHE B 469 8.25 13.11 7.40
CA PHE B 469 8.42 12.92 5.96
C PHE B 469 9.64 12.06 5.66
N CYS B 470 10.74 12.32 6.37
CA CYS B 470 11.96 11.55 6.15
C CYS B 470 11.81 10.13 6.62
N ILE B 471 11.07 9.90 7.71
CA ILE B 471 10.90 8.56 8.24
C ILE B 471 10.02 7.72 7.31
N ASP B 472 8.96 8.33 6.76
CA ASP B 472 8.13 7.59 5.81
C ASP B 472 8.94 7.14 4.60
N ILE B 473 9.95 7.92 4.22
CA ILE B 473 10.88 7.48 3.19
C ILE B 473 11.68 6.28 3.69
N LEU B 474 12.11 6.32 4.95
CA LEU B 474 12.89 5.23 5.51
C LEU B 474 12.08 3.95 5.58
N LYS B 475 10.80 4.05 5.92
CA LYS B 475 9.95 2.86 5.92
C LYS B 475 9.86 2.25 4.53
N LYS B 476 9.61 3.08 3.52
CA LYS B 476 9.48 2.56 2.16
C LYS B 476 10.80 2.02 1.63
N ILE B 477 11.90 2.66 1.99
CA ILE B 477 13.22 2.18 1.58
C ILE B 477 13.52 0.85 2.26
N SER B 478 13.18 0.73 3.54
CA SER B 478 13.56 -0.46 4.31
C SER B 478 12.92 -1.72 3.74
N LYS B 479 11.65 -1.67 3.38
CA LYS B 479 11.01 -2.85 2.78
C LYS B 479 11.41 -3.06 1.32
N SER B 480 12.07 -2.09 0.70
CA SER B 480 12.57 -2.28 -0.66
C SER B 480 14.00 -2.82 -0.66
N VAL B 481 14.88 -2.17 0.11
CA VAL B 481 16.26 -2.65 0.22
C VAL B 481 16.39 -3.85 1.16
N LYS B 482 15.34 -4.15 1.92
CA LYS B 482 15.32 -5.30 2.84
C LYS B 482 16.46 -5.21 3.85
N PHE B 483 16.38 -4.19 4.70
CA PHE B 483 17.34 -4.02 5.78
C PHE B 483 16.60 -3.55 7.03
N THR B 484 17.21 -3.78 8.18
CA THR B 484 16.67 -3.38 9.47
C THR B 484 17.49 -2.25 10.05
N TYR B 485 16.84 -1.40 10.85
CA TYR B 485 17.45 -0.18 11.33
C TYR B 485 17.07 0.06 12.78
N ASP B 486 17.74 1.05 13.38
CA ASP B 486 17.40 1.49 14.73
C ASP B 486 17.77 2.96 14.83
N LEU B 487 16.79 3.84 14.66
CA LEU B 487 17.04 5.27 14.67
C LEU B 487 17.51 5.71 16.04
N TYR B 488 18.24 6.83 16.06
CA TYR B 488 18.54 7.50 17.30
C TYR B 488 18.85 8.95 17.01
N LEU B 489 18.28 9.85 17.81
CA LEU B 489 18.55 11.26 17.66
C LEU B 489 19.97 11.56 18.08
N VAL B 490 20.53 12.61 17.52
CA VAL B 490 21.91 12.97 17.80
C VAL B 490 21.97 13.75 19.10
N THR B 491 23.12 13.68 19.77
CA THR B 491 23.38 14.43 20.99
C THR B 491 24.44 15.51 20.81
N ASN B 492 25.48 15.23 20.04
CA ASN B 492 26.62 16.13 19.87
C ASN B 492 26.28 17.40 19.11
N GLY B 493 25.04 17.71 18.75
CA GLY B 493 24.77 18.97 18.10
C GLY B 493 23.60 18.92 17.14
N LYS B 494 23.85 19.37 15.91
CA LYS B 494 22.81 19.49 14.90
C LYS B 494 23.41 19.00 13.57
N HIS B 495 22.72 19.32 12.47
CA HIS B 495 23.02 18.76 11.15
C HIS B 495 24.50 18.52 10.90
N GLY B 496 25.32 19.53 11.15
CA GLY B 496 26.75 19.33 11.02
C GLY B 496 27.57 20.56 10.71
N LYS B 497 28.71 20.69 11.38
CA LYS B 497 29.65 21.77 11.11
C LYS B 497 31.05 21.28 11.43
N LYS B 498 31.98 21.54 10.52
CA LYS B 498 33.37 21.15 10.73
C LYS B 498 34.04 22.20 11.61
N ILE B 499 34.40 21.81 12.84
CA ILE B 499 35.10 22.67 13.77
C ILE B 499 36.48 22.08 14.01
N ASN B 500 37.52 22.88 13.74
CA ASN B 500 38.92 22.48 13.83
C ASN B 500 39.15 21.06 13.31
N GLY B 501 38.57 20.79 12.14
CA GLY B 501 38.77 19.50 11.52
C GLY B 501 37.99 18.36 12.12
N THR B 502 36.97 18.65 12.92
CA THR B 502 36.12 17.62 13.52
C THR B 502 34.67 17.85 13.11
N TRP B 503 33.98 16.76 12.84
CA TRP B 503 32.57 16.80 12.45
C TRP B 503 31.69 16.50 13.66
N ASN B 504 30.48 17.06 13.64
CA ASN B 504 29.52 16.86 14.71
C ASN B 504 28.14 16.71 14.11
N GLY B 505 27.24 16.08 14.86
CA GLY B 505 25.90 15.87 14.40
C GLY B 505 25.73 14.60 13.60
N MET B 506 24.72 14.56 12.72
CA MET B 506 24.47 13.35 11.97
C MET B 506 25.65 13.01 11.06
N ILE B 507 26.23 14.02 10.43
CA ILE B 507 27.44 13.79 9.64
C ILE B 507 28.58 13.35 10.56
N GLY B 508 28.71 13.98 11.73
CA GLY B 508 29.74 13.56 12.67
C GLY B 508 29.57 12.12 13.10
N GLU B 509 28.33 11.66 13.26
CA GLU B 509 28.07 10.29 13.67
C GLU B 509 28.04 9.31 12.51
N VAL B 510 28.33 9.75 11.30
CA VAL B 510 28.61 8.87 10.19
C VAL B 510 30.10 8.82 9.88
N VAL B 511 30.79 9.95 10.08
CA VAL B 511 32.23 10.00 9.88
C VAL B 511 32.94 9.12 10.91
N MET B 512 32.46 9.14 12.15
CA MET B 512 33.08 8.38 13.22
C MET B 512 32.54 6.96 13.28
N LYS B 513 31.99 6.47 12.16
CA LYS B 513 31.46 5.11 12.04
C LYS B 513 30.46 4.78 13.14
N ARG B 514 29.83 5.80 13.73
CA ARG B 514 28.89 5.57 14.83
C ARG B 514 27.51 5.19 14.34
N ALA B 515 27.22 5.40 13.06
CA ALA B 515 25.98 4.94 12.45
C ALA B 515 26.19 4.85 10.96
N TYR B 516 25.46 3.93 10.32
CA TYR B 516 25.67 3.70 8.90
C TYR B 516 25.11 4.85 8.07
N MET B 517 23.97 5.40 8.46
CA MET B 517 23.27 6.40 7.67
C MET B 517 22.91 7.57 8.55
N ALA B 518 22.54 8.68 7.92
CA ALA B 518 22.21 9.91 8.62
C ALA B 518 20.95 10.53 8.05
N VAL B 519 19.89 9.72 7.93
CA VAL B 519 18.62 10.21 7.39
C VAL B 519 18.15 11.43 8.18
N GLY B 520 17.38 12.28 7.52
CA GLY B 520 16.93 13.52 8.11
C GLY B 520 16.89 14.63 7.08
N SER B 521 17.05 15.87 7.51
CA SER B 521 17.02 17.01 6.61
C SER B 521 18.43 17.47 6.24
N LEU B 522 19.34 16.52 6.06
CA LEU B 522 20.70 16.85 5.66
C LEU B 522 20.73 17.43 4.25
N THR B 523 21.49 18.51 4.08
CA THR B 523 21.63 19.17 2.79
C THR B 523 22.89 18.67 2.10
N ILE B 524 22.77 18.42 0.79
CA ILE B 524 23.92 17.98 0.00
C ILE B 524 24.86 19.15 -0.23
N ASN B 525 26.08 19.03 0.27
CA ASN B 525 27.08 20.08 0.17
C ASN B 525 28.33 19.50 -0.47
N GLU B 526 29.12 20.39 -1.08
CA GLU B 526 30.42 19.96 -1.59
C GLU B 526 31.34 19.53 -0.46
N GLU B 527 31.32 20.24 0.65
CA GLU B 527 32.23 19.94 1.75
C GLU B 527 31.93 18.59 2.37
N ARG B 528 30.65 18.33 2.66
CA ARG B 528 30.28 17.06 3.26
C ARG B 528 30.51 15.89 2.32
N SER B 529 30.31 16.10 1.01
CA SER B 529 30.48 15.02 0.05
C SER B 529 31.93 14.57 -0.05
N GLU B 530 32.88 15.36 0.46
CA GLU B 530 34.26 14.94 0.49
C GLU B 530 34.59 14.02 1.66
N VAL B 531 33.69 13.89 2.64
CA VAL B 531 33.92 13.03 3.78
C VAL B 531 32.86 11.95 3.91
N VAL B 532 31.60 12.27 3.64
CA VAL B 532 30.51 11.30 3.65
C VAL B 532 29.76 11.40 2.33
N ASP B 533 29.55 10.26 1.68
CA ASP B 533 28.93 10.27 0.36
C ASP B 533 27.42 10.20 0.50
N PHE B 534 26.74 11.14 -0.15
CA PHE B 534 25.31 11.30 -0.01
C PHE B 534 24.57 10.33 -0.91
N SER B 535 23.28 10.54 -1.07
CA SER B 535 22.45 9.74 -1.95
C SER B 535 21.73 10.67 -2.93
N VAL B 536 20.82 10.10 -3.70
CA VAL B 536 20.01 10.91 -4.62
C VAL B 536 19.11 11.83 -3.80
N PRO B 537 19.08 13.13 -4.08
CA PRO B 537 18.19 14.02 -3.34
C PRO B 537 16.73 13.60 -3.50
N PHE B 538 15.99 13.69 -2.40
CA PHE B 538 14.55 13.47 -2.46
C PHE B 538 13.76 14.75 -2.22
N ILE B 539 14.42 15.86 -1.93
CA ILE B 539 13.76 17.15 -1.78
C ILE B 539 14.68 18.23 -2.33
N GLU B 540 14.19 19.00 -3.29
CA GLU B 540 14.91 20.18 -3.75
C GLU B 540 14.85 21.25 -2.68
N THR B 541 16.01 21.84 -2.37
CA THR B 541 16.13 22.85 -1.32
C THR B 541 16.93 24.02 -1.88
N GLY B 542 17.46 24.82 -0.97
CA GLY B 542 18.27 25.96 -1.37
C GLY B 542 18.30 27.02 -0.30
N ILE B 543 17.99 28.25 -0.69
CA ILE B 543 17.97 29.38 0.24
C ILE B 543 16.82 30.30 -0.14
N SER B 544 16.09 30.78 0.87
CA SER B 544 14.96 31.68 0.65
C SER B 544 14.92 32.72 1.75
N VAL B 545 14.15 33.79 1.51
CA VAL B 545 14.10 34.96 2.38
C VAL B 545 12.65 35.28 2.72
N MET B 546 12.34 35.37 4.01
CA MET B 546 10.98 35.54 4.51
C MET B 546 10.69 36.98 4.89
N VAL B 547 9.68 37.57 4.26
CA VAL B 547 9.27 38.95 4.43
C VAL B 547 7.75 38.98 4.52
N SER B 548 7.23 39.95 5.27
CA SER B 548 5.80 40.04 5.51
C SER B 548 5.09 40.51 4.25
N ARG B 549 3.76 40.41 4.28
CA ARG B 549 2.95 40.81 3.13
C ARG B 549 3.09 42.31 2.89
N SER B 550 3.01 42.70 1.62
CA SER B 550 3.16 44.10 1.23
C SER B 550 2.00 44.64 0.41
N ASN B 551 1.07 43.79 -0.03
CA ASN B 551 -0.11 44.20 -0.79
C ASN B 551 0.24 44.81 -2.14
N GLY B 552 -0.76 44.96 -3.01
CA GLY B 552 -0.54 45.55 -4.31
C GLY B 552 -1.64 46.50 -4.73
N THR B 553 -2.71 46.58 -3.93
CA THR B 553 -3.85 47.46 -4.18
C THR B 553 -4.41 47.29 -5.59
N VAL B 554 -4.81 48.40 -6.21
CA VAL B 554 -5.44 48.38 -7.52
C VAL B 554 -4.64 49.27 -8.46
N SER B 555 -4.80 49.02 -9.76
CA SER B 555 -4.14 49.82 -10.78
C SER B 555 -4.65 51.26 -10.74
N PRO B 556 -3.80 52.24 -11.04
CA PRO B 556 -4.19 53.64 -10.93
C PRO B 556 -4.89 54.24 -12.15
N SER B 557 -5.23 53.44 -13.16
CA SER B 557 -5.85 53.94 -14.38
C SER B 557 -7.01 53.06 -14.78
N ALA B 558 -7.88 52.73 -13.82
CA ALA B 558 -9.00 51.84 -14.09
C ALA B 558 -9.98 52.46 -15.06
N PHE B 559 -10.19 53.78 -14.98
CA PHE B 559 -11.22 54.41 -15.80
C PHE B 559 -10.89 54.41 -17.28
N LEU B 560 -9.64 54.13 -17.65
CA LEU B 560 -9.27 53.99 -19.05
C LEU B 560 -9.33 52.56 -19.54
N GLU B 561 -9.71 51.62 -18.67
CA GLU B 561 -9.61 50.21 -19.03
C GLU B 561 -10.69 49.76 -19.99
N PRO B 562 -11.98 50.01 -19.75
CA PRO B 562 -12.98 49.65 -20.76
C PRO B 562 -12.87 50.59 -21.95
N PHE B 563 -13.59 50.23 -23.01
CA PHE B 563 -13.78 51.12 -24.16
C PHE B 563 -12.45 51.50 -24.79
N SER B 564 -11.86 50.51 -25.46
CA SER B 564 -10.67 50.73 -26.28
C SER B 564 -10.77 52.02 -27.06
N ALA B 565 -9.63 52.70 -27.25
CA ALA B 565 -9.62 54.06 -27.76
C ALA B 565 -10.23 54.19 -29.14
N ASP B 566 -10.38 53.08 -29.87
CA ASP B 566 -11.10 53.15 -31.14
C ASP B 566 -12.57 53.48 -30.93
N VAL B 567 -13.15 53.06 -29.80
CA VAL B 567 -14.53 53.39 -29.51
C VAL B 567 -14.68 54.87 -29.18
N TRP B 568 -13.83 55.38 -28.29
CA TRP B 568 -13.93 56.78 -27.89
C TRP B 568 -13.72 57.71 -29.06
N VAL B 569 -12.70 57.45 -29.87
CA VAL B 569 -12.40 58.31 -31.02
C VAL B 569 -13.54 58.26 -32.01
N MET B 570 -14.11 57.08 -32.23
CA MET B 570 -15.20 56.95 -33.19
C MET B 570 -16.45 57.71 -32.73
N MET B 571 -16.74 57.69 -31.43
CA MET B 571 -17.91 58.41 -30.95
C MET B 571 -17.74 59.91 -31.15
N PHE B 572 -16.54 60.44 -30.92
CA PHE B 572 -16.27 61.84 -31.20
C PHE B 572 -16.60 62.18 -32.64
N VAL B 573 -16.22 61.30 -33.57
CA VAL B 573 -16.57 61.47 -34.97
C VAL B 573 -18.08 61.51 -35.14
N MET B 574 -18.79 60.64 -34.41
CA MET B 574 -20.25 60.64 -34.48
C MET B 574 -20.86 61.94 -33.99
N LEU B 575 -20.28 62.56 -32.95
CA LEU B 575 -20.78 63.87 -32.54
C LEU B 575 -20.72 64.85 -33.69
N LEU B 576 -19.56 64.96 -34.34
CA LEU B 576 -19.39 65.95 -35.38
C LEU B 576 -20.25 65.65 -36.60
N ILE B 577 -20.42 64.37 -36.94
CA ILE B 577 -21.33 64.03 -38.03
C ILE B 577 -22.78 64.32 -37.63
N VAL B 578 -23.17 63.92 -36.42
CA VAL B 578 -24.55 64.12 -35.99
C VAL B 578 -24.86 65.60 -35.85
N SER B 579 -23.96 66.34 -35.18
CA SER B 579 -24.22 67.75 -34.94
C SER B 579 -24.26 68.55 -36.24
N ALA B 580 -23.33 68.26 -37.16
CA ALA B 580 -23.33 68.97 -38.43
C ALA B 580 -24.58 68.68 -39.24
N VAL B 581 -25.03 67.42 -39.24
CA VAL B 581 -26.25 67.06 -39.93
C VAL B 581 -27.45 67.74 -39.28
N ALA B 582 -27.52 67.70 -37.95
CA ALA B 582 -28.64 68.35 -37.26
C ALA B 582 -28.64 69.85 -37.48
N VAL B 583 -27.45 70.47 -37.43
CA VAL B 583 -27.37 71.92 -37.54
C VAL B 583 -27.57 72.38 -38.98
N PHE B 584 -26.92 71.72 -39.93
CA PHE B 584 -26.85 72.22 -41.29
C PHE B 584 -27.79 71.52 -42.26
N VAL B 585 -28.45 70.45 -41.86
CA VAL B 585 -29.41 69.75 -42.70
C VAL B 585 -30.78 69.65 -42.04
N PHE B 586 -30.83 69.13 -40.82
CA PHE B 586 -32.12 68.87 -40.18
C PHE B 586 -32.73 70.12 -39.57
N GLU B 587 -31.97 71.19 -39.40
CA GLU B 587 -32.50 72.41 -38.81
C GLU B 587 -32.70 73.52 -39.82
N TYR B 588 -31.78 73.71 -40.75
CA TYR B 588 -31.97 74.75 -41.75
C TYR B 588 -33.16 74.44 -42.64
N PHE B 589 -33.31 73.18 -43.06
CA PHE B 589 -34.37 72.81 -43.98
C PHE B 589 -35.73 72.74 -43.30
N SER B 590 -35.75 72.29 -42.05
CA SER B 590 -37.01 72.20 -41.33
C SER B 590 -37.54 73.59 -41.00
N PRO B 591 -38.87 73.76 -40.99
CA PRO B 591 -39.43 75.01 -40.47
C PRO B 591 -39.19 75.12 -38.97
N VAL B 592 -39.63 76.22 -38.37
CA VAL B 592 -39.37 76.51 -36.96
C VAL B 592 -37.87 76.44 -36.72
N GLY B 593 -37.12 77.33 -37.36
CA GLY B 593 -35.67 77.35 -37.22
C GLY B 593 -35.02 78.53 -37.91
N PRO B 607 -32.41 82.69 -30.41
CA PRO B 607 -32.47 81.25 -30.16
C PRO B 607 -31.89 80.45 -31.33
N SER B 608 -30.85 80.97 -31.95
CA SER B 608 -30.24 80.28 -33.09
C SER B 608 -29.52 79.03 -32.62
N PHE B 609 -29.78 77.92 -33.30
CA PHE B 609 -29.11 76.65 -33.00
C PHE B 609 -27.88 76.54 -33.89
N THR B 610 -26.70 76.69 -33.30
CA THR B 610 -25.45 76.68 -34.03
C THR B 610 -24.75 75.35 -33.84
N ILE B 611 -23.60 75.20 -34.50
CA ILE B 611 -22.83 73.96 -34.40
C ILE B 611 -22.24 73.80 -33.01
N GLY B 612 -21.81 74.91 -32.39
CA GLY B 612 -21.27 74.83 -31.04
C GLY B 612 -22.32 74.46 -30.01
N LYS B 613 -23.53 75.01 -30.15
CA LYS B 613 -24.61 74.65 -29.24
C LYS B 613 -25.02 73.20 -29.41
N ALA B 614 -24.83 72.64 -30.61
CA ALA B 614 -25.15 71.23 -30.83
C ALA B 614 -24.10 70.33 -30.20
N ILE B 615 -22.82 70.69 -30.31
CA ILE B 615 -21.77 69.88 -29.72
C ILE B 615 -21.89 69.86 -28.21
N TRP B 616 -22.16 71.02 -27.61
CA TRP B 616 -22.36 71.09 -26.17
C TRP B 616 -23.57 70.28 -25.73
N LEU B 617 -24.54 70.07 -26.62
CA LEU B 617 -25.74 69.33 -26.27
C LEU B 617 -25.54 67.83 -26.38
N LEU B 618 -24.98 67.37 -27.51
CA LEU B 618 -24.72 65.94 -27.64
C LEU B 618 -23.68 65.47 -26.65
N TRP B 619 -22.64 66.28 -26.42
CA TRP B 619 -21.61 65.92 -25.46
C TRP B 619 -22.20 65.78 -24.06
N GLY B 620 -23.08 66.71 -23.68
CA GLY B 620 -23.71 66.61 -22.38
C GLY B 620 -24.55 65.35 -22.24
N LEU B 621 -25.20 64.94 -23.32
CA LEU B 621 -26.02 63.73 -23.27
C LEU B 621 -25.18 62.49 -22.99
N VAL B 622 -24.03 62.37 -23.63
CA VAL B 622 -23.19 61.19 -23.43
C VAL B 622 -22.70 61.13 -21.99
N PHE B 623 -22.25 62.25 -21.46
CA PHE B 623 -21.64 62.29 -20.14
C PHE B 623 -22.67 62.65 -19.07
N ASN B 624 -23.64 61.76 -18.90
CA ASN B 624 -24.56 61.79 -17.76
C ASN B 624 -25.29 63.13 -17.70
N ASN B 625 -26.22 63.31 -18.66
CA ASN B 625 -26.76 64.62 -18.99
C ASN B 625 -27.09 65.45 -17.75
N SER B 626 -26.29 66.49 -17.53
CA SER B 626 -26.39 67.33 -16.35
C SER B 626 -26.17 68.80 -16.60
N VAL B 627 -25.64 69.19 -17.76
CA VAL B 627 -25.33 70.58 -18.09
C VAL B 627 -26.59 71.28 -18.59
N PRO B 628 -26.69 72.60 -18.48
CA PRO B 628 -27.77 73.32 -19.17
C PRO B 628 -27.53 73.31 -20.68
N VAL B 629 -28.58 72.93 -21.43
CA VAL B 629 -28.47 72.76 -22.86
C VAL B 629 -29.62 73.48 -23.55
N GLN B 630 -29.43 73.75 -24.84
CA GLN B 630 -30.41 74.43 -25.67
C GLN B 630 -30.85 73.47 -26.76
N ASN B 631 -32.07 72.94 -26.64
CA ASN B 631 -32.58 71.93 -27.54
C ASN B 631 -32.98 72.52 -28.88
N PRO B 632 -33.03 71.71 -29.93
CA PRO B 632 -33.51 72.20 -31.23
C PRO B 632 -35.01 72.39 -31.25
N LYS B 633 -35.54 72.91 -32.36
CA LYS B 633 -36.96 73.13 -32.51
C LYS B 633 -37.61 72.24 -33.55
N GLY B 634 -36.89 71.84 -34.59
CA GLY B 634 -37.48 70.99 -35.61
C GLY B 634 -37.77 69.60 -35.09
N THR B 635 -38.77 68.97 -35.69
CA THR B 635 -39.16 67.63 -35.25
C THR B 635 -38.16 66.57 -35.71
N THR B 636 -37.46 66.82 -36.82
CA THR B 636 -36.47 65.85 -37.29
C THR B 636 -35.13 66.01 -36.59
N SER B 637 -34.84 67.19 -36.04
CA SER B 637 -33.65 67.33 -35.22
C SER B 637 -33.83 66.73 -33.83
N LYS B 638 -35.05 66.81 -33.29
CA LYS B 638 -35.34 66.15 -32.02
C LYS B 638 -35.24 64.63 -32.16
N ILE B 639 -35.71 64.09 -33.28
CA ILE B 639 -35.62 62.65 -33.50
C ILE B 639 -34.16 62.22 -33.58
N MET B 640 -33.33 63.00 -34.28
CA MET B 640 -31.91 62.70 -34.34
C MET B 640 -31.26 62.82 -32.97
N VAL B 641 -31.64 63.85 -32.20
CA VAL B 641 -31.12 64.00 -30.85
C VAL B 641 -31.59 62.86 -29.95
N SER B 642 -32.87 62.52 -30.05
CA SER B 642 -33.40 61.42 -29.23
C SER B 642 -32.83 60.08 -29.64
N VAL B 643 -32.44 59.91 -30.91
CA VAL B 643 -31.67 58.73 -31.30
C VAL B 643 -30.31 58.75 -30.63
N TRP B 644 -29.65 59.91 -30.61
CA TRP B 644 -28.36 60.02 -29.96
C TRP B 644 -28.46 59.74 -28.47
N ALA B 645 -29.52 60.22 -27.82
CA ALA B 645 -29.71 59.98 -26.40
C ALA B 645 -29.81 58.50 -26.09
N PHE B 646 -30.31 57.71 -27.03
CA PHE B 646 -30.31 56.27 -26.85
C PHE B 646 -28.90 55.71 -26.90
N PHE B 647 -28.07 56.22 -27.81
CA PHE B 647 -26.67 55.83 -27.85
C PHE B 647 -25.95 56.23 -26.58
N ALA B 648 -26.28 57.39 -26.04
CA ALA B 648 -25.67 57.84 -24.79
C ALA B 648 -26.07 56.96 -23.61
N VAL B 649 -27.27 56.37 -23.66
CA VAL B 649 -27.69 55.48 -22.59
C VAL B 649 -26.92 54.18 -22.63
N ILE B 650 -26.75 53.61 -23.83
CA ILE B 650 -26.00 52.37 -23.96
C ILE B 650 -24.52 52.60 -23.70
N PHE B 651 -24.00 53.73 -24.14
CA PHE B 651 -22.58 54.04 -23.97
C PHE B 651 -22.20 54.09 -22.49
N LEU B 652 -23.01 54.78 -21.69
CA LEU B 652 -22.72 54.87 -20.26
C LEU B 652 -23.02 53.55 -19.56
N ALA B 653 -24.06 52.85 -20.00
CA ALA B 653 -24.41 51.57 -19.40
C ALA B 653 -23.30 50.55 -19.57
N SER B 654 -22.72 50.47 -20.77
CA SER B 654 -21.65 49.54 -21.03
C SER B 654 -20.29 50.03 -20.57
N TYR B 655 -20.20 51.28 -20.09
CA TYR B 655 -18.95 51.75 -19.51
C TYR B 655 -18.84 51.33 -18.05
N THR B 656 -19.87 51.61 -17.25
CA THR B 656 -19.84 51.19 -15.85
C THR B 656 -19.90 49.68 -15.73
N ALA B 657 -20.63 49.02 -16.63
CA ALA B 657 -20.70 47.55 -16.58
C ALA B 657 -19.33 46.94 -16.82
N ASN B 658 -18.58 47.45 -17.79
CA ASN B 658 -17.24 46.94 -18.02
C ASN B 658 -16.26 47.41 -16.96
N LEU B 659 -16.47 48.62 -16.42
CA LEU B 659 -15.66 49.08 -15.30
C LEU B 659 -15.88 48.22 -14.06
N ALA B 660 -17.13 47.81 -13.83
CA ALA B 660 -17.41 46.92 -12.71
C ALA B 660 -16.72 45.58 -12.85
N ALA B 661 -16.59 45.08 -14.08
CA ALA B 661 -15.90 43.82 -14.30
C ALA B 661 -14.41 43.93 -13.97
N PHE B 662 -13.79 45.06 -14.34
CA PHE B 662 -12.37 45.23 -14.06
C PHE B 662 -12.09 45.25 -12.56
N MET B 663 -12.92 45.96 -11.80
CA MET B 663 -12.68 46.07 -10.37
C MET B 663 -12.98 44.76 -9.64
N ILE B 664 -13.91 43.96 -10.17
CA ILE B 664 -14.20 42.67 -9.58
C ILE B 664 -13.03 41.70 -9.78
N GLN B 665 -12.44 41.71 -10.97
CA GLN B 665 -11.34 40.82 -11.32
C GLN B 665 -10.03 41.59 -11.27
N GLU B 666 -9.42 41.63 -10.10
CA GLU B 666 -8.17 42.34 -9.89
C GLU B 666 -7.22 41.48 -9.06
N GLU B 667 -5.93 41.80 -9.14
CA GLU B 667 -4.92 41.01 -8.45
C GLU B 667 -4.03 41.88 -7.56
N TYR B 668 -2.95 41.30 -7.04
CA TYR B 668 -2.04 41.99 -6.15
C TYR B 668 -0.61 41.70 -6.55
N VAL B 669 0.30 42.60 -6.16
CA VAL B 669 1.71 42.51 -6.51
C VAL B 669 2.53 42.53 -5.23
N ASP B 670 3.84 42.29 -5.38
CA ASP B 670 4.78 42.23 -4.26
C ASP B 670 5.69 43.45 -4.28
N GLN B 671 6.56 43.54 -3.27
CA GLN B 671 7.44 44.69 -3.10
C GLN B 671 8.90 44.35 -3.25
N VAL B 672 9.40 43.37 -2.49
CA VAL B 672 10.83 43.08 -2.50
C VAL B 672 11.19 42.36 -3.79
N SER B 673 12.47 42.44 -4.16
CA SER B 673 12.95 41.80 -5.39
C SER B 673 13.53 40.42 -5.11
N GLY B 674 14.56 40.35 -4.28
CA GLY B 674 15.20 39.08 -3.99
C GLY B 674 16.55 39.29 -3.32
N LEU B 675 17.35 38.23 -3.33
CA LEU B 675 18.67 38.27 -2.72
C LEU B 675 19.66 39.06 -3.57
N SER B 676 19.35 39.29 -4.84
CA SER B 676 20.25 40.07 -5.70
C SER B 676 20.26 41.54 -5.36
N ASP B 677 19.34 42.02 -4.53
CA ASP B 677 19.31 43.42 -4.16
C ASP B 677 20.54 43.79 -3.34
N LYS B 678 20.94 45.06 -3.44
CA LYS B 678 22.07 45.55 -2.69
C LYS B 678 21.79 45.68 -1.20
N LYS B 679 20.54 45.52 -0.78
CA LYS B 679 20.20 45.61 0.64
C LYS B 679 20.92 44.53 1.45
N PHE B 680 20.95 43.31 0.94
CA PHE B 680 21.67 42.25 1.62
C PHE B 680 23.18 42.46 1.53
N GLN B 681 23.67 42.86 0.36
CA GLN B 681 25.11 42.97 0.16
C GLN B 681 25.69 44.13 0.95
N ARG B 682 25.03 45.29 0.89
CA ARG B 682 25.51 46.50 1.55
C ARG B 682 24.42 47.05 2.46
N PRO B 683 24.43 46.69 3.75
CA PRO B 683 23.42 47.22 4.68
C PRO B 683 23.85 48.47 5.42
N ASN B 684 25.10 48.90 5.28
CA ASN B 684 25.62 50.02 6.05
C ASN B 684 25.46 51.35 5.30
N ASP B 685 26.11 51.45 4.14
CA ASP B 685 26.04 52.68 3.33
C ASP B 685 24.79 52.68 2.45
N PHE B 686 23.65 52.47 3.08
CA PHE B 686 22.38 52.35 2.39
C PHE B 686 21.28 52.85 3.32
N SER B 687 20.04 52.48 3.04
CA SER B 687 18.86 52.86 3.82
C SER B 687 19.00 52.37 5.26
N PRO B 688 18.07 52.73 6.15
CA PRO B 688 18.07 52.19 7.52
C PRO B 688 18.38 50.70 7.52
N PRO B 689 19.12 50.21 8.53
CA PRO B 689 19.73 48.88 8.43
C PRO B 689 18.71 47.76 8.31
N PHE B 690 18.69 47.11 7.15
CA PHE B 690 17.88 45.92 6.95
C PHE B 690 18.40 44.83 7.87
N ARG B 691 17.59 44.41 8.84
CA ARG B 691 18.00 43.39 9.79
C ARG B 691 17.59 42.02 9.26
N PHE B 692 18.57 41.13 9.09
CA PHE B 692 18.32 39.77 8.63
C PHE B 692 19.39 38.87 9.20
N GLY B 693 19.07 37.59 9.31
CA GLY B 693 20.01 36.65 9.89
C GLY B 693 19.50 35.24 9.75
N THR B 694 20.37 34.30 10.12
CA THR B 694 20.09 32.89 9.90
C THR B 694 20.54 32.09 11.11
N VAL B 695 19.98 30.89 11.24
CA VAL B 695 20.39 29.94 12.26
C VAL B 695 21.78 29.43 11.87
N PRO B 696 22.78 29.55 12.72
CA PRO B 696 24.14 29.13 12.34
C PRO B 696 24.35 27.63 12.47
N ASN B 697 25.60 27.19 12.29
CA ASN B 697 25.95 25.78 12.36
C ASN B 697 25.19 24.95 11.33
N GLY B 698 25.03 25.49 10.12
CA GLY B 698 24.31 24.79 9.07
C GLY B 698 24.92 25.00 7.71
N SER B 699 24.21 24.59 6.66
CA SER B 699 24.72 24.75 5.30
C SER B 699 24.48 26.14 4.76
N THR B 700 23.40 26.80 5.16
CA THR B 700 23.16 28.18 4.72
C THR B 700 24.25 29.11 5.22
N GLU B 701 24.69 28.92 6.46
CA GLU B 701 25.75 29.77 6.99
C GLU B 701 27.05 29.60 6.21
N ARG B 702 27.32 28.37 5.76
CA ARG B 702 28.53 28.12 4.97
C ARG B 702 28.50 28.89 3.66
N ASN B 703 27.37 28.86 2.96
CA ASN B 703 27.29 29.56 1.68
C ASN B 703 27.45 31.06 1.88
N ILE B 704 26.80 31.61 2.90
CA ILE B 704 26.94 33.03 3.17
C ILE B 704 28.38 33.35 3.59
N ARG B 705 28.97 32.50 4.43
CA ARG B 705 30.34 32.74 4.87
C ARG B 705 31.32 32.71 3.71
N ASN B 706 31.21 31.71 2.84
CA ASN B 706 32.15 31.56 1.74
C ASN B 706 31.90 32.57 0.64
N ASN B 707 30.63 32.82 0.31
CA ASN B 707 30.34 33.70 -0.82
C ASN B 707 30.38 35.17 -0.42
N TYR B 708 29.61 35.55 0.60
CA TYR B 708 29.48 36.94 1.01
C TYR B 708 30.01 37.10 2.43
N ALA B 709 31.32 37.32 2.56
CA ALA B 709 31.92 37.49 3.88
C ALA B 709 31.42 38.76 4.55
N GLU B 710 31.20 39.83 3.77
CA GLU B 710 30.69 41.07 4.34
C GLU B 710 29.29 40.88 4.94
N MET B 711 28.42 40.17 4.21
CA MET B 711 27.08 39.90 4.72
C MET B 711 27.11 38.96 5.92
N HIS B 712 28.08 38.04 5.96
CA HIS B 712 28.14 37.08 7.04
C HIS B 712 28.42 37.75 8.38
N ALA B 713 29.36 38.70 8.40
CA ALA B 713 29.66 39.41 9.64
C ALA B 713 28.49 40.26 10.10
N TYR B 714 27.81 40.92 9.15
CA TYR B 714 26.64 41.72 9.49
C TYR B 714 25.48 40.88 10.02
N MET B 715 25.44 39.59 9.67
CA MET B 715 24.38 38.70 10.11
C MET B 715 24.63 38.08 11.47
N GLY B 716 25.83 38.28 12.05
CA GLY B 716 26.13 37.66 13.33
C GLY B 716 25.26 38.19 14.45
N LYS B 717 24.99 39.49 14.45
CA LYS B 717 24.19 40.08 15.51
C LYS B 717 22.74 39.62 15.45
N PHE B 718 22.26 39.25 14.27
CA PHE B 718 20.87 38.85 14.08
C PHE B 718 20.69 37.34 14.06
N ASN B 719 21.74 36.57 14.37
CA ASN B 719 21.65 35.12 14.38
C ASN B 719 20.59 34.68 15.39
N GLN B 720 19.76 33.72 14.97
CA GLN B 720 18.71 33.19 15.81
C GLN B 720 19.09 31.80 16.30
N ARG B 721 18.29 31.30 17.24
CA ARG B 721 18.55 30.00 17.85
C ARG B 721 17.67 28.89 17.29
N GLY B 722 16.66 29.22 16.50
CA GLY B 722 15.83 28.18 15.93
C GLY B 722 14.87 28.78 14.92
N VAL B 723 14.22 27.88 14.19
CA VAL B 723 13.25 28.31 13.18
C VAL B 723 12.08 29.03 13.85
N ASP B 724 11.58 28.47 14.95
CA ASP B 724 10.41 29.04 15.62
C ASP B 724 10.69 30.44 16.14
N ASP B 725 11.87 30.66 16.72
CA ASP B 725 12.22 31.98 17.22
C ASP B 725 12.24 33.00 16.10
N ALA B 726 12.80 32.63 14.95
CA ALA B 726 12.93 33.57 13.85
C ALA B 726 11.61 33.84 13.15
N LEU B 727 10.72 32.84 13.11
CA LEU B 727 9.43 33.04 12.46
C LEU B 727 8.60 34.11 13.16
N LEU B 728 8.59 34.12 14.50
CA LEU B 728 7.79 35.10 15.21
C LEU B 728 8.41 36.48 15.17
N SER B 729 9.74 36.57 15.14
CA SER B 729 10.39 37.88 15.14
C SER B 729 10.03 38.68 13.90
N LEU B 730 9.66 38.02 12.81
CA LEU B 730 9.16 38.73 11.63
C LEU B 730 7.84 39.42 11.93
N LYS B 731 6.97 38.76 12.72
CA LYS B 731 5.67 39.33 13.02
C LYS B 731 5.78 40.51 13.99
N THR B 732 6.75 40.48 14.90
CA THR B 732 6.92 41.56 15.85
C THR B 732 7.60 42.78 15.25
N GLY B 733 8.11 42.68 14.03
CA GLY B 733 8.89 43.75 13.44
C GLY B 733 10.36 43.72 13.77
N LYS B 734 10.83 42.70 14.49
CA LYS B 734 12.25 42.59 14.78
C LYS B 734 13.07 42.28 13.52
N LEU B 735 12.59 41.36 12.69
CA LEU B 735 13.27 40.99 11.45
C LEU B 735 12.29 41.10 10.28
N ASP B 736 12.83 41.40 9.10
CA ASP B 736 12.04 41.44 7.88
C ASP B 736 12.58 40.51 6.80
N ALA B 737 13.68 39.81 7.08
CA ALA B 737 14.22 38.81 6.16
C ALA B 737 14.87 37.70 6.98
N PHE B 738 14.43 36.47 6.75
CA PHE B 738 15.01 35.29 7.36
C PHE B 738 15.58 34.40 6.27
N ILE B 739 16.78 33.87 6.51
CA ILE B 739 17.50 33.07 5.51
C ILE B 739 17.63 31.64 6.04
N TYR B 740 17.10 30.68 5.30
CA TYR B 740 17.10 29.29 5.72
C TYR B 740 16.79 28.43 4.51
N ASP B 741 16.57 27.14 4.75
CA ASP B 741 16.26 26.21 3.67
C ASP B 741 14.91 26.52 3.05
N ALA B 742 14.79 26.26 1.76
CA ALA B 742 13.54 26.52 1.06
C ALA B 742 12.47 25.52 1.48
N ALA B 743 12.84 24.25 1.65
CA ALA B 743 11.85 23.22 1.97
C ALA B 743 11.29 23.38 3.36
N VAL B 744 11.96 24.13 4.22
CA VAL B 744 11.46 24.45 5.56
C VAL B 744 10.77 25.81 5.58
N LEU B 745 11.40 26.82 4.99
CA LEU B 745 10.81 28.16 4.99
C LEU B 745 9.50 28.17 4.23
N ASN B 746 9.44 27.53 3.06
CA ASN B 746 8.20 27.55 2.32
C ASN B 746 7.12 26.71 2.99
N TYR B 747 7.52 25.78 3.86
CA TYR B 747 6.54 25.04 4.65
C TYR B 747 5.99 25.89 5.79
N MET B 748 6.83 26.70 6.41
CA MET B 748 6.36 27.60 7.47
C MET B 748 5.36 28.61 6.92
N ALA B 749 5.67 29.24 5.78
CA ALA B 749 4.74 30.18 5.18
C ALA B 749 3.49 29.47 4.68
N GLY B 750 3.58 28.16 4.43
CA GLY B 750 2.42 27.41 4.01
C GLY B 750 1.43 27.12 5.12
N ARG B 751 1.90 27.09 6.37
CA ARG B 751 1.04 26.80 7.50
C ARG B 751 0.87 27.99 8.44
N ASP B 752 1.35 29.17 8.05
CA ASP B 752 1.19 30.33 8.90
C ASP B 752 -0.28 30.69 9.06
N GLU B 753 -0.67 31.01 10.29
CA GLU B 753 -2.03 31.46 10.55
C GLU B 753 -2.18 32.92 10.18
N GLY B 754 -3.23 33.24 9.42
CA GLY B 754 -3.51 34.59 9.03
C GLY B 754 -2.97 34.99 7.68
N CYS B 755 -2.07 34.20 7.10
CA CYS B 755 -1.55 34.45 5.75
C CYS B 755 -0.86 35.82 5.66
N LYS B 756 0.24 35.93 6.39
CA LYS B 756 1.03 37.16 6.45
C LYS B 756 2.45 36.99 5.95
N LEU B 757 3.12 35.91 6.33
CA LEU B 757 4.50 35.68 5.92
C LEU B 757 4.51 35.07 4.53
N VAL B 758 4.88 35.87 3.53
CA VAL B 758 4.88 35.46 2.14
C VAL B 758 6.29 35.58 1.61
N THR B 759 6.79 34.52 0.97
CA THR B 759 8.15 34.53 0.45
C THR B 759 8.30 35.59 -0.63
N ILE B 760 9.54 35.78 -1.07
CA ILE B 760 9.87 36.75 -2.11
C ILE B 760 10.28 35.99 -3.37
N GLY B 761 9.78 36.45 -4.51
CA GLY B 761 10.02 35.76 -5.76
C GLY B 761 9.11 34.59 -6.03
N SER B 762 8.12 34.36 -5.16
CA SER B 762 7.18 33.24 -5.31
C SER B 762 7.92 31.92 -5.46
N GLY B 763 8.99 31.76 -4.70
CA GLY B 763 9.78 30.54 -4.74
C GLY B 763 11.15 30.72 -5.35
N LYS B 764 11.75 31.89 -5.18
CA LYS B 764 13.10 32.13 -5.66
C LYS B 764 14.09 31.38 -4.75
N VAL B 765 14.78 30.41 -5.32
CA VAL B 765 15.68 29.54 -4.56
C VAL B 765 17.10 29.73 -5.10
N PHE B 766 18.03 30.01 -4.19
CA PHE B 766 19.41 30.25 -4.55
C PHE B 766 20.29 29.16 -3.96
N ALA B 767 21.41 28.89 -4.63
CA ALA B 767 22.30 27.80 -4.28
C ALA B 767 21.51 26.50 -4.19
N SER B 768 20.73 26.24 -5.23
CA SER B 768 19.80 25.12 -5.22
C SER B 768 20.54 23.81 -5.01
N THR B 769 20.09 23.06 -4.02
CA THR B 769 20.66 21.77 -3.69
C THR B 769 19.51 20.86 -3.30
N GLY B 770 19.83 19.77 -2.60
CA GLY B 770 18.81 18.81 -2.22
C GLY B 770 19.07 18.25 -0.84
N TYR B 771 18.15 17.43 -0.40
CA TYR B 771 18.35 16.65 0.80
C TYR B 771 19.04 15.34 0.41
N GLY B 772 19.16 14.42 1.36
CA GLY B 772 19.76 13.14 1.03
C GLY B 772 20.29 12.39 2.23
N ILE B 773 20.21 11.06 2.16
CA ILE B 773 20.71 10.20 3.21
C ILE B 773 22.22 10.12 3.10
N ALA B 774 22.94 10.54 4.13
CA ALA B 774 24.38 10.49 4.14
C ALA B 774 24.81 9.10 4.59
N ILE B 775 25.29 8.30 3.65
CA ILE B 775 25.70 6.94 3.91
C ILE B 775 27.22 6.91 4.09
N GLN B 776 27.72 5.83 4.68
CA GLN B 776 29.14 5.69 4.86
C GLN B 776 29.84 5.60 3.52
N LYS B 777 31.07 6.12 3.46
CA LYS B 777 31.80 6.16 2.21
C LYS B 777 32.10 4.77 1.70
N ASP B 778 32.02 4.60 0.38
CA ASP B 778 32.32 3.32 -0.27
C ASP B 778 31.48 2.19 0.29
N SER B 779 30.19 2.45 0.46
CA SER B 779 29.26 1.44 0.95
C SER B 779 28.44 0.89 -0.21
N GLY B 780 28.22 -0.42 -0.20
CA GLY B 780 27.42 -1.04 -1.23
C GLY B 780 25.93 -0.79 -1.09
N TRP B 781 25.50 -0.19 0.01
CA TRP B 781 24.10 0.16 0.19
C TRP B 781 23.70 1.39 -0.59
N LYS B 782 24.65 2.24 -0.96
CA LYS B 782 24.31 3.50 -1.63
C LYS B 782 23.65 3.24 -2.97
N ARG B 783 24.14 2.26 -3.73
CA ARG B 783 23.57 1.96 -5.03
C ARG B 783 22.11 1.52 -4.91
N GLN B 784 21.82 0.68 -3.91
CA GLN B 784 20.45 0.20 -3.74
C GLN B 784 19.56 1.28 -3.14
N VAL B 785 20.10 2.09 -2.24
CA VAL B 785 19.31 3.17 -1.63
C VAL B 785 18.98 4.23 -2.67
N ASP B 786 19.94 4.54 -3.56
CA ASP B 786 19.68 5.52 -4.61
C ASP B 786 18.56 5.08 -5.52
N LEU B 787 18.57 3.81 -5.95
CA LEU B 787 17.50 3.31 -6.79
C LEU B 787 16.19 3.23 -6.03
N ALA B 788 16.25 2.89 -4.74
CA ALA B 788 15.04 2.84 -3.93
C ALA B 788 14.40 4.22 -3.83
N ILE B 789 15.22 5.27 -3.72
CA ILE B 789 14.68 6.63 -3.74
C ILE B 789 14.05 6.94 -5.09
N LEU B 790 14.74 6.57 -6.18
CA LEU B 790 14.21 6.83 -7.51
C LEU B 790 13.02 5.94 -7.85
N GLN B 791 12.84 4.84 -7.13
CA GLN B 791 11.60 4.07 -7.26
C GLN B 791 10.41 4.90 -6.80
N LEU B 792 10.55 5.60 -5.67
CA LEU B 792 9.44 6.39 -5.14
C LEU B 792 9.09 7.53 -6.07
N PHE B 793 10.09 8.14 -6.72
CA PHE B 793 9.81 9.13 -7.74
C PHE B 793 9.04 8.52 -8.90
N GLY B 794 9.45 7.33 -9.34
CA GLY B 794 8.85 6.73 -10.52
C GLY B 794 7.39 6.39 -10.34
N ASP B 795 7.05 5.76 -9.22
CA ASP B 795 5.67 5.33 -8.99
C ASP B 795 4.85 6.35 -8.23
N GLY B 796 5.38 7.55 -8.02
CA GLY B 796 4.60 8.63 -7.47
C GLY B 796 4.43 8.63 -5.98
N GLU B 797 5.19 7.82 -5.24
CA GLU B 797 5.07 7.83 -3.79
C GLU B 797 5.50 9.16 -3.18
N MET B 798 6.36 9.90 -3.87
CA MET B 798 6.77 11.21 -3.37
C MET B 798 5.73 12.28 -3.64
N GLU B 799 4.79 12.03 -4.53
CA GLU B 799 3.72 13.00 -4.75
C GLU B 799 2.72 12.99 -3.61
N GLU B 800 2.37 11.80 -3.12
CA GLU B 800 1.47 11.73 -1.97
C GLU B 800 2.16 12.12 -0.67
N LEU B 801 3.44 11.79 -0.54
CA LEU B 801 4.18 12.20 0.66
C LEU B 801 4.27 13.71 0.76
N GLU B 802 4.49 14.38 -0.38
CA GLU B 802 4.46 15.84 -0.38
C GLU B 802 3.08 16.37 -0.04
N ALA B 803 2.04 15.76 -0.61
CA ALA B 803 0.68 16.21 -0.33
C ALA B 803 0.30 15.98 1.13
N LEU B 804 0.71 14.84 1.69
CA LEU B 804 0.35 14.51 3.06
C LEU B 804 1.17 15.31 4.07
N TRP B 805 2.47 15.39 3.87
CA TRP B 805 3.37 15.94 4.87
C TRP B 805 3.73 17.40 4.62
N LEU B 806 3.75 17.84 3.37
CA LEU B 806 4.23 19.16 3.02
C LEU B 806 3.11 20.05 2.50
N THR B 807 1.88 19.77 2.92
CA THR B 807 0.72 20.51 2.45
C THR B 807 0.76 21.94 2.99
N GLY B 808 -0.06 22.80 2.39
CA GLY B 808 -0.14 24.17 2.81
C GLY B 808 -1.58 24.65 2.87
N ILE B 809 -1.80 25.67 3.69
CA ILE B 809 -3.10 26.29 3.79
C ILE B 809 -3.26 27.41 2.77
N CYS B 810 -2.26 28.30 2.70
CA CYS B 810 -2.28 29.41 1.77
C CYS B 810 -1.51 29.14 0.49
N HIS B 811 -1.12 27.89 0.25
CA HIS B 811 -0.47 27.53 -1.00
C HIS B 811 -1.45 27.49 -2.17
N ASN B 812 -2.75 27.53 -1.90
CA ASN B 812 -3.74 27.47 -2.98
C ASN B 812 -3.94 28.85 -3.62
N GLU B 813 -3.93 29.91 -2.82
CA GLU B 813 -4.16 31.25 -3.32
C GLU B 813 -3.70 32.29 -2.31
N VAL B 817 -8.47 38.23 -5.00
CA VAL B 817 -9.41 39.31 -5.25
C VAL B 817 -9.92 39.87 -3.93
N MET B 818 -9.83 41.19 -3.77
CA MET B 818 -10.30 41.83 -2.56
C MET B 818 -10.85 43.21 -2.90
N SER B 819 -11.71 43.72 -2.03
CA SER B 819 -12.34 45.02 -2.21
C SER B 819 -11.48 46.07 -1.54
N SER B 820 -10.77 46.86 -2.35
CA SER B 820 -9.93 47.94 -1.86
C SER B 820 -10.49 49.28 -2.32
N GLN B 821 -10.52 50.23 -1.40
CA GLN B 821 -11.07 51.55 -1.70
C GLN B 821 -10.25 52.22 -2.80
N LEU B 822 -10.85 53.24 -3.40
CA LEU B 822 -10.16 54.08 -4.36
C LEU B 822 -9.56 55.27 -3.61
N ASP B 823 -8.26 55.46 -3.76
CA ASP B 823 -7.56 56.58 -3.13
C ASP B 823 -7.10 57.53 -4.22
N ILE B 824 -6.35 58.56 -3.81
CA ILE B 824 -5.80 59.48 -4.80
C ILE B 824 -4.85 58.75 -5.74
N ASP B 825 -4.10 57.78 -5.20
CA ASP B 825 -3.17 57.02 -6.02
C ASP B 825 -3.89 56.27 -7.13
N ASN B 826 -5.01 55.62 -6.81
CA ASN B 826 -5.76 54.89 -7.81
C ASN B 826 -6.53 55.82 -8.74
N MET B 827 -6.88 57.01 -8.26
CA MET B 827 -7.71 57.94 -9.03
C MET B 827 -6.96 59.19 -9.45
N ALA B 828 -5.63 59.17 -9.41
CA ALA B 828 -4.86 60.31 -9.89
C ALA B 828 -4.95 60.46 -11.40
N GLY B 829 -5.29 59.40 -12.13
CA GLY B 829 -5.42 59.52 -13.57
C GLY B 829 -6.54 60.45 -13.98
N VAL B 830 -7.69 60.36 -13.31
CA VAL B 830 -8.81 61.23 -13.65
C VAL B 830 -8.51 62.68 -13.26
N PHE B 831 -7.72 62.89 -12.20
CA PHE B 831 -7.38 64.23 -11.78
C PHE B 831 -6.31 64.86 -12.66
N TYR B 832 -5.45 64.03 -13.26
CA TYR B 832 -4.48 64.57 -14.21
C TYR B 832 -5.17 65.09 -15.46
N MET B 833 -6.25 64.42 -15.89
CA MET B 833 -7.00 64.89 -17.04
C MET B 833 -7.69 66.22 -16.76
N LEU B 834 -8.28 66.35 -15.58
CA LEU B 834 -8.88 67.62 -15.18
C LEU B 834 -7.82 68.71 -15.09
N GLY B 835 -6.65 68.37 -14.56
CA GLY B 835 -5.56 69.34 -14.52
C GLY B 835 -5.09 69.74 -15.91
N ALA B 836 -5.03 68.78 -16.84
CA ALA B 836 -4.61 69.10 -18.19
C ALA B 836 -5.66 69.93 -18.93
N ALA B 837 -6.94 69.70 -18.65
CA ALA B 837 -7.99 70.53 -19.23
C ALA B 837 -7.86 71.98 -18.78
N MET B 838 -7.38 72.19 -17.55
CA MET B 838 -7.09 73.54 -17.11
C MET B 838 -5.98 74.16 -17.95
N ALA B 839 -4.97 73.36 -18.30
CA ALA B 839 -3.89 73.86 -19.14
C ALA B 839 -4.37 74.15 -20.55
N LEU B 840 -5.20 73.26 -21.11
CA LEU B 840 -5.70 73.47 -22.46
C LEU B 840 -6.61 74.69 -22.52
N SER B 841 -7.42 74.89 -21.47
CA SER B 841 -8.28 76.07 -21.44
C SER B 841 -7.48 77.35 -21.33
N LEU B 842 -6.41 77.35 -20.53
CA LEU B 842 -5.57 78.53 -20.43
C LEU B 842 -4.84 78.81 -21.73
N ILE B 843 -4.41 77.76 -22.43
CA ILE B 843 -3.75 77.96 -23.72
C ILE B 843 -4.71 78.61 -24.71
N THR B 844 -5.95 78.12 -24.77
CA THR B 844 -6.93 78.74 -25.66
C THR B 844 -7.31 80.13 -25.18
N PHE B 845 -7.18 80.41 -23.89
CA PHE B 845 -7.46 81.74 -23.38
C PHE B 845 -6.50 82.76 -23.98
N ILE B 846 -5.20 82.50 -23.88
CA ILE B 846 -4.22 83.42 -24.46
C ILE B 846 -4.30 83.39 -25.98
N SER B 847 -4.55 82.22 -26.56
CA SER B 847 -4.60 82.12 -28.02
C SER B 847 -5.77 82.91 -28.59
N GLU B 848 -6.96 82.78 -27.99
CA GLU B 848 -8.08 83.59 -28.44
C GLU B 848 -7.86 85.06 -28.16
N HIS B 849 -7.09 85.38 -27.11
CA HIS B 849 -6.71 86.77 -26.88
C HIS B 849 -5.85 87.28 -28.02
N LEU B 850 -4.88 86.48 -28.47
CA LEU B 850 -4.04 86.88 -29.58
C LEU B 850 -4.85 87.07 -30.86
N PHE B 851 -5.97 86.35 -30.99
CA PHE B 851 -6.82 86.49 -32.17
C PHE B 851 -7.43 87.89 -32.23
N TYR B 852 -8.22 88.25 -31.21
CA TYR B 852 -8.94 89.51 -31.29
C TYR B 852 -8.00 90.70 -31.12
N TRP B 853 -6.92 90.54 -30.37
CA TRP B 853 -5.95 91.62 -30.21
C TRP B 853 -5.32 91.99 -31.54
N GLN B 854 -5.00 91.01 -32.36
CA GLN B 854 -4.40 91.26 -33.67
C GLN B 854 -5.41 91.90 -34.61
N LYS C 8 44.13 -60.23 -4.62
CA LYS C 8 44.01 -60.82 -5.95
C LYS C 8 45.03 -60.22 -6.91
N ILE C 9 44.88 -60.54 -8.19
CA ILE C 9 45.77 -60.01 -9.23
C ILE C 9 45.10 -58.75 -9.77
N VAL C 10 45.32 -57.64 -9.09
CA VAL C 10 44.78 -56.36 -9.53
C VAL C 10 45.66 -55.82 -10.64
N ASN C 11 45.05 -55.53 -11.79
CA ASN C 11 45.78 -55.04 -12.95
C ASN C 11 45.64 -53.53 -13.04
N ILE C 12 46.78 -52.85 -13.25
CA ILE C 12 46.83 -51.40 -13.27
C ILE C 12 47.54 -50.96 -14.55
N GLY C 13 47.46 -51.81 -15.58
CA GLY C 13 48.24 -51.56 -16.78
C GLY C 13 47.88 -50.24 -17.45
N ALA C 14 48.88 -49.66 -18.10
CA ALA C 14 48.78 -48.35 -18.72
C ALA C 14 48.91 -48.47 -20.23
N VAL C 15 48.68 -47.34 -20.91
CA VAL C 15 48.87 -47.23 -22.35
C VAL C 15 49.73 -45.98 -22.57
N LEU C 16 51.05 -46.16 -22.60
CA LEU C 16 51.99 -45.06 -22.69
C LEU C 16 52.91 -45.25 -23.87
N SER C 17 53.21 -44.16 -24.57
CA SER C 17 54.24 -44.13 -25.58
C SER C 17 55.59 -44.01 -24.88
N THR C 18 56.65 -43.72 -25.64
CA THR C 18 58.01 -43.61 -25.10
C THR C 18 58.41 -44.93 -24.40
N ARG C 19 58.62 -45.94 -25.25
CA ARG C 19 58.98 -47.30 -24.86
C ARG C 19 59.98 -47.31 -23.70
N LYS C 20 60.94 -46.39 -23.73
CA LYS C 20 61.91 -46.29 -22.63
C LYS C 20 61.23 -45.92 -21.32
N HIS C 21 60.25 -45.02 -21.36
CA HIS C 21 59.53 -44.67 -20.14
C HIS C 21 58.73 -45.85 -19.60
N GLU C 22 58.22 -46.70 -20.50
CA GLU C 22 57.47 -47.87 -20.04
C GLU C 22 58.33 -48.81 -19.21
N GLN C 23 59.65 -48.80 -19.44
CA GLN C 23 60.54 -49.60 -18.61
C GLN C 23 60.44 -49.15 -17.16
N MET C 24 60.35 -47.84 -16.92
CA MET C 24 60.19 -47.35 -15.57
C MET C 24 58.83 -47.74 -15.00
N PHE C 25 57.81 -47.81 -15.86
CA PHE C 25 56.49 -48.23 -15.40
C PHE C 25 56.52 -49.63 -14.80
N ARG C 26 57.27 -50.54 -15.44
CA ARG C 26 57.44 -51.87 -14.86
C ARG C 26 58.16 -51.79 -13.51
N GLU C 27 59.20 -50.96 -13.43
CA GLU C 27 59.85 -50.73 -12.15
C GLU C 27 58.93 -50.03 -11.17
N ALA C 28 58.11 -49.09 -11.67
CA ALA C 28 57.18 -48.40 -10.80
C ALA C 28 56.16 -49.36 -10.19
N VAL C 29 55.65 -50.28 -11.00
CA VAL C 29 54.72 -51.28 -10.47
C VAL C 29 55.41 -52.20 -9.48
N ASN C 30 56.63 -52.63 -9.81
CA ASN C 30 57.37 -53.51 -8.92
C ASN C 30 57.66 -52.83 -7.58
N GLN C 31 57.98 -51.53 -7.61
CA GLN C 31 58.21 -50.79 -6.38
C GLN C 31 56.96 -50.76 -5.50
N ALA C 32 55.79 -50.56 -6.11
CA ALA C 32 54.55 -50.57 -5.36
C ALA C 32 54.26 -51.94 -4.75
N ASN C 33 54.65 -53.01 -5.45
CA ASN C 33 54.46 -54.34 -4.90
C ASN C 33 55.28 -54.54 -3.63
N LYS C 34 56.52 -54.04 -3.61
CA LYS C 34 57.34 -54.13 -2.42
C LYS C 34 56.76 -53.31 -1.27
N ARG C 35 55.85 -52.38 -1.55
CA ARG C 35 55.23 -51.58 -0.51
C ARG C 35 54.06 -52.34 0.12
N ILE C 41 46.09 -57.36 -3.67
CA ILE C 41 47.35 -57.38 -2.95
C ILE C 41 48.52 -57.37 -3.93
N GLN C 42 48.21 -57.54 -5.21
CA GLN C 42 49.23 -57.61 -6.25
C GLN C 42 48.86 -56.66 -7.37
N LEU C 43 49.87 -55.97 -7.91
CA LEU C 43 49.71 -55.08 -9.06
C LEU C 43 50.50 -55.63 -10.23
N ASN C 44 49.87 -55.68 -11.40
CA ASN C 44 50.50 -56.15 -12.62
C ASN C 44 50.49 -55.05 -13.65
N ALA C 45 51.54 -55.01 -14.47
CA ALA C 45 51.72 -53.97 -15.48
C ALA C 45 51.64 -54.58 -16.87
N THR C 46 50.84 -53.97 -17.74
CA THR C 46 50.71 -54.37 -19.14
C THR C 46 50.75 -53.14 -20.05
N SER C 47 51.77 -52.31 -19.85
CA SER C 47 51.91 -51.08 -20.62
C SER C 47 52.00 -51.40 -22.12
N VAL C 48 51.30 -50.60 -22.92
CA VAL C 48 51.27 -50.76 -24.37
C VAL C 48 51.47 -49.39 -25.01
N THR C 49 52.18 -49.36 -26.13
CA THR C 49 52.47 -48.12 -26.82
C THR C 49 51.19 -47.51 -27.40
N HIS C 50 51.31 -46.28 -27.90
CA HIS C 50 50.18 -45.54 -28.43
C HIS C 50 50.02 -45.81 -29.92
N LYS C 51 48.83 -46.20 -30.31
CA LYS C 51 48.55 -46.42 -31.72
C LYS C 51 48.44 -45.07 -32.44
N PRO C 52 49.20 -44.85 -33.51
CA PRO C 52 49.12 -43.55 -34.20
C PRO C 52 47.74 -43.23 -34.74
N ASN C 53 47.01 -44.23 -35.22
CA ASN C 53 45.68 -44.00 -35.77
C ASN C 53 44.65 -43.97 -34.64
N ALA C 54 43.77 -42.97 -34.68
CA ALA C 54 42.81 -42.80 -33.60
C ALA C 54 41.83 -43.96 -33.53
N ILE C 55 41.33 -44.42 -34.67
CA ILE C 55 40.37 -45.52 -34.68
C ILE C 55 41.01 -46.80 -34.18
N GLN C 56 42.21 -47.10 -34.66
CA GLN C 56 42.93 -48.27 -34.15
C GLN C 56 43.33 -48.10 -32.69
N MET C 57 43.45 -46.85 -32.23
CA MET C 57 43.82 -46.62 -30.83
C MET C 57 42.70 -47.07 -29.89
N ALA C 58 41.44 -46.78 -30.25
CA ALA C 58 40.33 -47.08 -29.36
C ALA C 58 40.15 -48.58 -29.17
N LEU C 59 40.28 -49.35 -30.26
CA LEU C 59 40.09 -50.80 -30.17
C LEU C 59 41.15 -51.43 -29.27
N SER C 60 42.40 -50.98 -29.40
CA SER C 60 43.48 -51.57 -28.63
C SER C 60 43.32 -51.33 -27.14
N VAL C 61 42.52 -50.35 -26.73
CA VAL C 61 42.30 -50.10 -25.31
C VAL C 61 41.61 -51.29 -24.67
N CYS C 62 40.52 -51.76 -25.27
CA CYS C 62 39.79 -52.90 -24.74
C CYS C 62 40.40 -54.22 -25.17
N GLU C 63 41.04 -54.27 -26.34
CA GLU C 63 41.70 -55.49 -26.79
C GLU C 63 42.82 -55.89 -25.83
N ASP C 64 43.57 -54.91 -25.33
CA ASP C 64 44.56 -55.20 -24.31
C ASP C 64 43.91 -55.47 -22.95
N LEU C 65 42.73 -54.91 -22.72
CA LEU C 65 41.97 -55.24 -21.52
C LEU C 65 41.53 -56.70 -21.48
N ILE C 66 41.42 -57.34 -22.65
CA ILE C 66 40.95 -58.71 -22.70
C ILE C 66 41.88 -59.64 -21.92
N SER C 67 43.19 -59.48 -22.11
CA SER C 67 44.17 -60.29 -21.43
C SER C 67 44.65 -59.68 -20.12
N SER C 68 44.08 -58.55 -19.71
CA SER C 68 44.58 -57.87 -18.51
C SER C 68 43.49 -57.56 -17.49
N GLN C 69 42.28 -57.21 -17.93
CA GLN C 69 41.20 -56.80 -17.03
C GLN C 69 41.65 -55.63 -16.14
N VAL C 70 42.19 -54.59 -16.79
CA VAL C 70 42.85 -53.52 -16.05
C VAL C 70 41.84 -52.71 -15.25
N TYR C 71 42.29 -52.20 -14.11
CA TYR C 71 41.46 -51.41 -13.21
C TYR C 71 41.50 -49.91 -13.53
N ALA C 72 42.62 -49.43 -14.08
CA ALA C 72 42.74 -48.04 -14.49
C ALA C 72 43.70 -47.97 -15.67
N ILE C 73 43.59 -46.88 -16.42
CA ILE C 73 44.38 -46.68 -17.63
C ILE C 73 45.14 -45.37 -17.49
N LEU C 74 46.42 -45.39 -17.89
CA LEU C 74 47.22 -44.18 -17.95
C LEU C 74 47.54 -43.84 -19.40
N VAL C 75 47.39 -42.57 -19.75
CA VAL C 75 47.70 -42.09 -21.10
C VAL C 75 48.71 -40.96 -20.97
N SER C 76 49.63 -40.89 -21.94
CA SER C 76 50.75 -39.96 -21.89
C SER C 76 50.92 -39.26 -23.23
N HIS C 77 51.92 -38.40 -23.30
CA HIS C 77 52.20 -37.61 -24.49
C HIS C 77 52.71 -38.52 -25.60
N PRO C 78 52.07 -38.54 -26.77
CA PRO C 78 52.51 -39.41 -27.86
C PRO C 78 53.68 -38.80 -28.60
N PRO C 79 54.42 -39.58 -29.40
CA PRO C 79 55.44 -38.99 -30.26
C PRO C 79 54.87 -37.97 -31.24
N THR C 80 53.63 -38.16 -31.70
CA THR C 80 53.02 -37.21 -32.61
C THR C 80 52.83 -35.86 -31.91
N PRO C 81 52.90 -34.76 -32.65
CA PRO C 81 52.81 -33.44 -32.02
C PRO C 81 51.39 -32.93 -31.83
N ASN C 82 50.41 -33.84 -31.92
CA ASN C 82 49.01 -33.43 -31.75
C ASN C 82 48.77 -32.86 -30.34
N ASP C 83 49.32 -33.51 -29.32
CA ASP C 83 49.23 -33.10 -27.92
C ASP C 83 47.79 -33.00 -27.43
N HIS C 84 46.84 -33.52 -28.21
CA HIS C 84 45.41 -33.48 -27.90
C HIS C 84 44.74 -34.42 -28.90
N PHE C 85 43.60 -34.97 -28.51
CA PHE C 85 42.92 -36.13 -29.10
C PHE C 85 43.60 -37.44 -28.71
N THR C 86 44.76 -37.40 -28.05
CA THR C 86 45.37 -38.65 -27.62
C THR C 86 44.54 -39.36 -26.56
N PRO C 87 44.03 -38.70 -25.52
CA PRO C 87 43.23 -39.44 -24.53
C PRO C 87 41.78 -39.70 -24.94
N THR C 88 41.29 -39.09 -26.01
CA THR C 88 39.90 -39.34 -26.39
C THR C 88 39.60 -40.81 -26.69
N PRO C 89 40.40 -41.54 -27.48
CA PRO C 89 40.10 -42.96 -27.65
C PRO C 89 40.21 -43.77 -26.38
N VAL C 90 41.06 -43.36 -25.43
CA VAL C 90 41.23 -44.13 -24.20
C VAL C 90 40.29 -43.68 -23.10
N SER C 91 39.64 -42.53 -23.24
CA SER C 91 38.73 -42.05 -22.20
C SER C 91 37.30 -42.52 -22.44
N TYR C 92 36.82 -42.39 -23.67
CA TYR C 92 35.45 -42.80 -23.96
C TYR C 92 35.31 -44.32 -23.96
N THR C 93 36.27 -45.03 -24.56
CA THR C 93 36.21 -46.49 -24.58
C THR C 93 36.28 -47.05 -23.17
N ALA C 94 37.16 -46.52 -22.33
CA ALA C 94 37.18 -46.91 -20.93
C ALA C 94 36.04 -46.28 -20.15
N GLY C 95 35.55 -45.12 -20.59
CA GLY C 95 34.45 -44.47 -19.91
C GLY C 95 33.12 -45.17 -20.07
N PHE C 96 33.00 -46.03 -21.09
CA PHE C 96 31.80 -46.83 -21.24
C PHE C 96 31.61 -47.75 -20.04
N TYR C 97 32.70 -48.32 -19.53
CA TYR C 97 32.68 -49.18 -18.36
C TYR C 97 32.99 -48.41 -17.07
N ARG C 98 33.03 -47.09 -17.12
CA ARG C 98 33.37 -46.25 -15.97
C ARG C 98 34.75 -46.59 -15.42
N ILE C 99 35.67 -46.93 -16.31
CA ILE C 99 37.06 -47.19 -15.91
C ILE C 99 37.80 -45.87 -15.79
N PRO C 100 38.38 -45.55 -14.63
CA PRO C 100 39.10 -44.29 -14.49
C PRO C 100 40.37 -44.29 -15.32
N VAL C 101 40.61 -43.17 -16.00
CA VAL C 101 41.78 -42.97 -16.84
C VAL C 101 42.55 -41.78 -16.31
N LEU C 102 43.88 -41.92 -16.24
CA LEU C 102 44.74 -40.89 -15.67
C LEU C 102 45.41 -40.10 -16.78
N GLY C 103 45.24 -38.78 -16.73
CA GLY C 103 45.84 -37.86 -17.69
C GLY C 103 47.25 -37.45 -17.34
N LEU C 104 48.23 -38.29 -17.68
CA LEU C 104 49.60 -38.05 -17.23
C LEU C 104 50.13 -36.72 -17.74
N THR C 105 50.04 -36.48 -19.05
CA THR C 105 50.64 -35.31 -19.68
C THR C 105 49.67 -34.64 -20.64
N THR C 106 48.43 -34.42 -20.19
CA THR C 106 47.45 -33.70 -20.98
C THR C 106 47.02 -32.44 -20.23
N ARG C 107 46.97 -31.32 -20.96
CA ARG C 107 46.68 -30.02 -20.35
C ARG C 107 45.48 -29.33 -20.98
N MET C 108 44.79 -29.98 -21.92
CA MET C 108 43.60 -29.39 -22.50
C MET C 108 42.46 -29.40 -21.50
N SER C 109 41.65 -28.34 -21.53
CA SER C 109 40.58 -28.17 -20.57
C SER C 109 39.30 -28.89 -20.97
N ILE C 110 39.28 -29.56 -22.11
CA ILE C 110 38.08 -30.31 -22.52
C ILE C 110 37.84 -31.48 -21.57
N TYR C 111 38.91 -32.11 -21.08
CA TYR C 111 38.80 -33.28 -20.22
C TYR C 111 38.36 -32.93 -18.81
N SER C 112 37.91 -31.71 -18.56
CA SER C 112 37.50 -31.28 -17.23
C SER C 112 35.99 -31.33 -17.03
N ASP C 113 35.24 -31.88 -17.99
CA ASP C 113 33.80 -31.97 -17.87
C ASP C 113 33.38 -33.41 -17.59
N LYS C 114 32.63 -33.61 -16.52
CA LYS C 114 32.22 -34.95 -16.14
C LYS C 114 31.15 -35.50 -17.07
N SER C 115 30.37 -34.63 -17.69
CA SER C 115 29.29 -35.09 -18.56
C SER C 115 29.83 -35.82 -19.78
N ILE C 116 30.92 -35.32 -20.36
CA ILE C 116 31.47 -35.90 -21.57
C ILE C 116 32.57 -36.91 -21.25
N HIS C 117 33.51 -36.55 -20.38
CA HIS C 117 34.58 -37.45 -19.95
C HIS C 117 34.19 -37.95 -18.55
N LEU C 118 33.42 -39.04 -18.53
CA LEU C 118 32.80 -39.49 -17.30
C LEU C 118 33.84 -40.01 -16.31
N SER C 119 34.83 -40.76 -16.80
CA SER C 119 35.87 -41.33 -15.95
C SER C 119 37.22 -40.85 -16.49
N PHE C 120 37.75 -39.79 -15.88
CA PHE C 120 39.03 -39.22 -16.26
C PHE C 120 39.55 -38.38 -15.10
N LEU C 121 40.79 -38.63 -14.69
CA LEU C 121 41.44 -37.87 -13.65
C LEU C 121 42.80 -37.41 -14.15
N ARG C 122 43.14 -36.15 -13.86
CA ARG C 122 44.34 -35.54 -14.41
C ARG C 122 45.38 -35.34 -13.31
N THR C 123 46.58 -35.85 -13.54
CA THR C 123 47.72 -35.62 -12.66
C THR C 123 48.45 -34.32 -12.97
N VAL C 124 48.01 -33.59 -13.99
CA VAL C 124 48.56 -32.28 -14.32
C VAL C 124 47.42 -31.29 -14.45
N PRO C 125 47.61 -30.01 -14.16
CA PRO C 125 46.51 -29.05 -14.28
C PRO C 125 46.29 -28.68 -15.74
N PRO C 126 45.06 -28.36 -16.11
CA PRO C 126 44.78 -27.97 -17.50
C PRO C 126 45.23 -26.55 -17.78
N TYR C 127 45.32 -26.23 -19.06
CA TYR C 127 45.73 -24.88 -19.48
C TYR C 127 44.80 -23.82 -18.90
N SER C 128 43.52 -24.14 -18.76
CA SER C 128 42.55 -23.16 -18.27
C SER C 128 42.76 -22.81 -16.82
N HIS C 129 43.61 -23.53 -16.10
CA HIS C 129 43.90 -23.22 -14.71
C HIS C 129 45.02 -22.20 -14.55
N GLN C 130 45.62 -21.74 -15.64
CA GLN C 130 46.58 -20.64 -15.55
C GLN C 130 45.93 -19.37 -15.07
N SER C 131 44.67 -19.16 -15.41
CA SER C 131 43.97 -17.94 -15.01
C SER C 131 43.85 -17.82 -13.50
N SER C 132 44.04 -18.91 -12.76
CA SER C 132 44.17 -18.81 -11.32
C SER C 132 45.49 -18.15 -10.94
N VAL C 133 46.55 -18.40 -11.71
CA VAL C 133 47.82 -17.71 -11.48
C VAL C 133 47.64 -16.22 -11.74
N TRP C 134 47.03 -15.89 -12.87
CA TRP C 134 46.94 -14.49 -13.30
C TRP C 134 46.14 -13.65 -12.30
N PHE C 135 45.00 -14.17 -11.85
CA PHE C 135 44.12 -13.37 -11.00
C PHE C 135 44.79 -13.03 -9.67
N GLU C 136 45.55 -13.97 -9.12
CA GLU C 136 46.27 -13.70 -7.88
C GLU C 136 47.49 -12.83 -8.13
N MET C 137 48.05 -12.89 -9.34
CA MET C 137 49.16 -12.02 -9.71
C MET C 137 48.72 -10.57 -9.79
N MET C 138 47.44 -10.31 -10.07
CA MET C 138 46.94 -8.94 -10.13
C MET C 138 47.20 -8.20 -8.83
N ARG C 139 46.77 -8.77 -7.70
CA ARG C 139 46.88 -8.07 -6.43
C ARG C 139 48.34 -7.90 -6.01
N VAL C 140 49.21 -8.80 -6.45
CA VAL C 140 50.63 -8.65 -6.18
C VAL C 140 51.18 -7.41 -6.88
N TYR C 141 50.77 -7.19 -8.13
CA TYR C 141 51.24 -6.06 -8.92
C TYR C 141 50.22 -4.93 -9.00
N SER C 142 49.11 -5.03 -8.27
CA SER C 142 48.11 -3.97 -8.21
C SER C 142 47.59 -3.61 -9.60
N TRP C 143 46.97 -4.59 -10.25
CA TRP C 143 46.35 -4.44 -11.56
C TRP C 143 44.86 -4.75 -11.44
N ASN C 144 44.03 -3.90 -12.04
CA ASN C 144 42.59 -4.12 -12.03
C ASN C 144 41.93 -3.96 -13.38
N HIS C 145 42.54 -3.25 -14.32
CA HIS C 145 41.98 -3.05 -15.65
C HIS C 145 42.81 -3.85 -16.64
N ILE C 146 42.19 -4.86 -17.25
CA ILE C 146 42.88 -5.82 -18.11
C ILE C 146 42.10 -6.02 -19.39
N ILE C 147 42.78 -6.61 -20.36
CA ILE C 147 42.20 -6.94 -21.65
C ILE C 147 42.44 -8.42 -21.90
N LEU C 148 41.36 -9.15 -22.19
CA LEU C 148 41.43 -10.58 -22.46
C LEU C 148 41.38 -10.82 -23.97
N LEU C 149 42.32 -11.62 -24.46
CA LEU C 149 42.41 -11.94 -25.88
C LEU C 149 42.14 -13.42 -26.12
N VAL C 150 41.13 -13.97 -25.44
CA VAL C 150 40.82 -15.38 -25.56
C VAL C 150 40.38 -15.69 -26.98
N SER C 151 40.45 -16.97 -27.33
CA SER C 151 40.04 -17.45 -28.64
C SER C 151 38.63 -18.05 -28.58
N ASP C 152 38.06 -18.27 -29.76
CA ASP C 152 36.70 -18.78 -29.86
C ASP C 152 36.59 -20.26 -29.53
N ASP C 153 37.71 -20.97 -29.40
CA ASP C 153 37.68 -22.38 -29.11
C ASP C 153 37.20 -22.62 -27.67
N HIS C 154 36.96 -23.88 -27.34
CA HIS C 154 36.60 -24.23 -25.97
C HIS C 154 37.72 -23.92 -25.00
N GLU C 155 38.97 -24.13 -25.42
CA GLU C 155 40.10 -23.84 -24.55
C GLU C 155 40.17 -22.36 -24.21
N GLY C 156 39.94 -21.49 -25.20
CA GLY C 156 39.92 -20.06 -24.92
C GLY C 156 38.75 -19.66 -24.05
N ARG C 157 37.58 -20.28 -24.27
CA ARG C 157 36.40 -19.95 -23.47
C ARG C 157 36.57 -20.42 -22.03
N ALA C 158 37.23 -21.56 -21.83
CA ALA C 158 37.43 -22.06 -20.47
C ALA C 158 38.30 -21.12 -19.66
N ALA C 159 39.38 -20.60 -20.26
CA ALA C 159 40.21 -19.64 -19.56
C ALA C 159 39.45 -18.37 -19.24
N GLN C 160 38.66 -17.87 -20.19
CA GLN C 160 37.83 -16.70 -19.92
C GLN C 160 36.81 -16.99 -18.84
N LYS C 161 36.19 -18.17 -18.88
CA LYS C 161 35.15 -18.50 -17.93
C LYS C 161 35.69 -18.56 -16.50
N ARG C 162 36.84 -19.19 -16.31
CA ARG C 162 37.36 -19.30 -14.95
C ARG C 162 37.96 -17.99 -14.46
N LEU C 163 38.64 -17.25 -15.34
CA LEU C 163 39.19 -15.95 -14.96
C LEU C 163 38.08 -14.99 -14.56
N GLU C 164 36.97 -14.99 -15.28
CA GLU C 164 35.87 -14.10 -14.93
C GLU C 164 35.29 -14.44 -13.57
N THR C 165 35.20 -15.73 -13.24
CA THR C 165 34.65 -16.12 -11.96
C THR C 165 35.49 -15.58 -10.81
N LEU C 166 36.82 -15.66 -10.93
CA LEU C 166 37.68 -15.08 -9.89
C LEU C 166 37.54 -13.57 -9.84
N LEU C 167 37.39 -12.92 -11.00
CA LEU C 167 37.23 -11.48 -11.02
C LEU C 167 35.94 -11.06 -10.32
N GLU C 168 34.86 -11.79 -10.54
CA GLU C 168 33.60 -11.48 -9.86
C GLU C 168 33.71 -11.67 -8.36
N GLU C 169 34.60 -12.56 -7.90
CA GLU C 169 34.81 -12.72 -6.47
C GLU C 169 35.34 -11.44 -5.84
N ARG C 170 36.05 -10.62 -6.61
CA ARG C 170 36.58 -9.35 -6.15
C ARG C 170 35.72 -8.18 -6.56
N GLU C 171 34.52 -8.42 -7.08
CA GLU C 171 33.62 -7.37 -7.56
C GLU C 171 34.29 -6.50 -8.62
N SER C 172 35.06 -7.15 -9.50
CA SER C 172 35.72 -6.48 -10.61
C SER C 172 35.49 -7.28 -11.87
N LYS C 173 35.61 -6.59 -13.00
CA LYS C 173 35.38 -7.21 -14.30
C LYS C 173 36.50 -6.83 -15.26
N ALA C 174 36.74 -7.69 -16.25
CA ALA C 174 37.68 -7.37 -17.30
C ALA C 174 37.13 -6.25 -18.18
N GLU C 175 38.02 -5.37 -18.63
CA GLU C 175 37.57 -4.26 -19.48
C GLU C 175 36.99 -4.76 -20.78
N LYS C 176 37.66 -5.71 -21.43
CA LYS C 176 37.17 -6.28 -22.67
C LYS C 176 37.61 -7.74 -22.75
N VAL C 177 36.80 -8.56 -23.40
CA VAL C 177 37.01 -10.00 -23.43
C VAL C 177 37.09 -10.40 -24.90
N LEU C 178 37.75 -9.57 -25.70
CA LEU C 178 37.87 -9.78 -27.15
C LEU C 178 38.17 -11.23 -27.48
N GLN C 179 37.33 -11.81 -28.34
CA GLN C 179 37.49 -13.17 -28.82
C GLN C 179 37.76 -13.15 -30.32
N PHE C 180 38.68 -14.00 -30.75
CA PHE C 180 39.03 -14.09 -32.16
C PHE C 180 38.95 -15.53 -32.62
N ASP C 181 38.57 -15.72 -33.88
CA ASP C 181 38.47 -17.05 -34.44
C ASP C 181 39.86 -17.68 -34.55
N PRO C 182 40.02 -18.93 -34.14
CA PRO C 182 41.34 -19.59 -34.29
C PRO C 182 41.69 -19.79 -35.74
N GLY C 183 42.99 -19.70 -36.03
CA GLY C 183 43.45 -19.82 -37.39
C GLY C 183 43.27 -18.57 -38.24
N THR C 184 42.84 -17.47 -37.64
CA THR C 184 42.64 -16.23 -38.38
C THR C 184 44.00 -15.60 -38.70
N LYS C 185 44.20 -15.25 -39.98
CA LYS C 185 45.46 -14.65 -40.39
C LYS C 185 45.50 -13.15 -40.10
N ASN C 186 44.38 -12.47 -40.28
CA ASN C 186 44.30 -11.02 -40.09
C ASN C 186 43.60 -10.74 -38.76
N VAL C 187 44.39 -10.52 -37.72
CA VAL C 187 43.86 -10.26 -36.39
C VAL C 187 43.88 -8.77 -36.03
N THR C 188 44.36 -7.92 -36.94
CA THR C 188 44.50 -6.50 -36.62
C THR C 188 43.16 -5.85 -36.31
N ALA C 189 42.07 -6.37 -36.86
CA ALA C 189 40.76 -5.81 -36.56
C ALA C 189 40.41 -5.97 -35.09
N LEU C 190 40.74 -7.12 -34.50
CA LEU C 190 40.49 -7.32 -33.08
C LEU C 190 41.36 -6.40 -32.24
N LEU C 191 42.66 -6.37 -32.52
CA LEU C 191 43.56 -5.52 -31.75
C LEU C 191 43.29 -4.04 -31.97
N MET C 192 42.67 -3.68 -33.10
CA MET C 192 42.33 -2.28 -33.33
C MET C 192 41.35 -1.78 -32.28
N GLU C 193 40.38 -2.59 -31.90
CA GLU C 193 39.44 -2.19 -30.86
C GLU C 193 40.14 -2.08 -29.51
N ALA C 194 41.09 -2.96 -29.23
CA ALA C 194 41.76 -2.98 -27.95
C ALA C 194 42.69 -1.80 -27.73
N LYS C 195 42.99 -1.02 -28.77
CA LYS C 195 43.94 0.07 -28.61
C LYS C 195 43.34 1.23 -27.84
N GLU C 196 42.09 1.60 -28.15
CA GLU C 196 41.47 2.74 -27.47
C GLU C 196 41.10 2.44 -26.03
N LEU C 197 41.10 1.18 -25.62
CA LEU C 197 40.75 0.85 -24.24
C LEU C 197 41.82 1.36 -23.30
N GLU C 198 41.39 1.82 -22.11
CA GLU C 198 42.31 2.44 -21.16
C GLU C 198 43.23 1.43 -20.50
N ALA C 199 42.87 0.15 -20.50
CA ALA C 199 43.71 -0.85 -19.84
C ALA C 199 44.94 -1.16 -20.68
N ARG C 200 46.10 -1.13 -20.05
CA ARG C 200 47.36 -1.46 -20.71
C ARG C 200 47.87 -2.85 -20.35
N VAL C 201 47.07 -3.64 -19.64
CA VAL C 201 47.43 -5.01 -19.26
C VAL C 201 46.70 -5.95 -20.20
N ILE C 202 47.44 -6.76 -20.95
CA ILE C 202 46.89 -7.64 -21.97
C ILE C 202 47.14 -9.07 -21.56
N ILE C 203 46.08 -9.86 -21.49
CA ILE C 203 46.15 -11.28 -21.15
C ILE C 203 45.77 -12.07 -22.39
N LEU C 204 46.68 -12.91 -22.86
CA LEU C 204 46.48 -13.69 -24.07
C LEU C 204 46.37 -15.16 -23.71
N SER C 205 45.29 -15.80 -24.15
CA SER C 205 45.03 -17.20 -23.85
C SER C 205 44.82 -17.99 -25.14
N ALA C 206 45.66 -17.73 -26.14
CA ALA C 206 45.56 -18.39 -27.43
C ALA C 206 46.52 -19.57 -27.50
N SER C 207 46.45 -20.31 -28.60
CA SER C 207 47.38 -21.40 -28.85
C SER C 207 48.68 -20.86 -29.45
N GLU C 208 49.65 -21.76 -29.66
CA GLU C 208 50.95 -21.33 -30.17
C GLU C 208 50.84 -20.76 -31.57
N ASP C 209 50.00 -21.37 -32.41
CA ASP C 209 49.82 -20.87 -33.77
C ASP C 209 49.11 -19.52 -33.75
N ASP C 210 48.02 -19.43 -33.00
CA ASP C 210 47.26 -18.19 -32.92
C ASP C 210 48.02 -17.07 -32.24
N ALA C 211 48.96 -17.41 -31.35
CA ALA C 211 49.75 -16.39 -30.67
C ALA C 211 50.68 -15.66 -31.64
N ALA C 212 51.22 -16.38 -32.63
CA ALA C 212 52.12 -15.75 -33.58
C ALA C 212 51.41 -14.65 -34.36
N THR C 213 50.17 -14.89 -34.77
CA THR C 213 49.42 -13.86 -35.49
C THR C 213 49.18 -12.65 -34.61
N VAL C 214 48.87 -12.86 -33.34
CA VAL C 214 48.66 -11.74 -32.42
C VAL C 214 49.94 -10.95 -32.23
N TYR C 215 51.05 -11.64 -32.03
CA TYR C 215 52.32 -10.95 -31.79
C TYR C 215 52.75 -10.15 -33.01
N ARG C 216 52.58 -10.73 -34.21
CA ARG C 216 52.97 -10.01 -35.42
C ARG C 216 52.19 -8.72 -35.58
N ALA C 217 50.87 -8.78 -35.36
CA ALA C 217 50.06 -7.58 -35.49
C ALA C 217 50.37 -6.57 -34.38
N ALA C 218 50.49 -7.05 -33.14
CA ALA C 218 50.76 -6.13 -32.04
C ALA C 218 52.07 -5.38 -32.22
N ALA C 219 53.04 -6.00 -32.90
CA ALA C 219 54.29 -5.32 -33.19
C ALA C 219 54.08 -4.14 -34.13
N MET C 220 53.23 -4.31 -35.15
CA MET C 220 53.04 -3.27 -36.14
C MET C 220 51.94 -2.28 -35.79
N LEU C 221 51.19 -2.54 -34.71
CA LEU C 221 50.31 -1.54 -34.14
C LEU C 221 50.97 -0.77 -33.00
N ASN C 222 52.27 -0.98 -32.78
CA ASN C 222 53.02 -0.31 -31.73
C ASN C 222 52.45 -0.58 -30.34
N MET C 223 51.91 -1.77 -30.14
CA MET C 223 51.39 -2.19 -28.84
C MET C 223 52.44 -2.84 -27.96
N THR C 224 53.64 -3.09 -28.48
CA THR C 224 54.70 -3.73 -27.73
C THR C 224 55.64 -2.74 -27.07
N GLY C 225 55.34 -1.44 -27.14
CA GLY C 225 56.19 -0.42 -26.58
C GLY C 225 56.08 -0.35 -25.07
N SER C 226 56.67 0.71 -24.52
CA SER C 226 56.68 0.89 -23.08
C SER C 226 55.27 1.14 -22.56
N GLY C 227 55.06 0.80 -21.29
CA GLY C 227 53.77 0.97 -20.66
C GLY C 227 52.76 -0.12 -20.96
N TYR C 228 53.15 -1.16 -21.70
CA TYR C 228 52.26 -2.26 -22.03
C TYR C 228 52.72 -3.51 -21.30
N VAL C 229 51.76 -4.28 -20.80
CA VAL C 229 52.02 -5.52 -20.08
C VAL C 229 51.38 -6.66 -20.84
N TRP C 230 52.12 -7.75 -21.01
CA TRP C 230 51.63 -8.95 -21.68
C TRP C 230 51.73 -10.12 -20.70
N LEU C 231 50.59 -10.54 -20.17
CA LEU C 231 50.50 -11.77 -19.41
C LEU C 231 50.12 -12.91 -20.35
N VAL C 232 50.89 -13.98 -20.33
CA VAL C 232 50.78 -15.02 -21.33
C VAL C 232 51.09 -16.37 -20.68
N GLY C 233 50.38 -17.41 -21.11
CA GLY C 233 50.57 -18.75 -20.59
C GLY C 233 51.70 -19.50 -21.27
N GLU C 234 51.70 -20.81 -21.08
CA GLU C 234 52.81 -21.66 -21.52
C GLU C 234 52.82 -21.89 -23.02
N ARG C 235 51.65 -21.93 -23.67
CA ARG C 235 51.61 -22.28 -25.09
C ARG C 235 52.24 -21.18 -25.95
N GLU C 236 52.09 -19.92 -25.55
CA GLU C 236 52.51 -18.80 -26.37
C GLU C 236 53.92 -18.31 -26.06
N ILE C 237 54.63 -18.97 -25.15
CA ILE C 237 56.02 -18.63 -24.87
C ILE C 237 56.96 -19.71 -25.38
N SER C 238 56.51 -20.53 -26.32
CA SER C 238 57.31 -21.64 -26.81
C SER C 238 56.94 -21.94 -28.25
N GLY C 239 57.86 -22.60 -28.95
CA GLY C 239 57.62 -22.96 -30.34
C GLY C 239 57.65 -21.74 -31.24
N ASN C 240 56.68 -21.66 -32.14
CA ASN C 240 56.62 -20.55 -33.08
C ASN C 240 56.37 -19.23 -32.37
N ALA C 241 55.55 -19.24 -31.31
CA ALA C 241 55.16 -18.00 -30.65
C ALA C 241 56.35 -17.33 -29.98
N LEU C 242 57.27 -18.11 -29.41
CA LEU C 242 58.44 -17.51 -28.77
C LEU C 242 59.30 -16.76 -29.77
N ARG C 243 59.38 -17.25 -31.00
CA ARG C 243 60.21 -16.62 -32.01
C ARG C 243 59.66 -15.29 -32.49
N TYR C 244 58.43 -14.93 -32.11
CA TYR C 244 57.87 -13.63 -32.41
C TYR C 244 57.37 -12.88 -31.19
N ALA C 245 57.48 -13.47 -30.01
CA ALA C 245 57.07 -12.77 -28.81
C ALA C 245 57.99 -11.59 -28.54
N PRO C 246 57.47 -10.47 -28.07
CA PRO C 246 58.31 -9.31 -27.76
C PRO C 246 58.99 -9.51 -26.41
N ASP C 247 59.87 -8.57 -26.08
CA ASP C 247 60.54 -8.60 -24.79
C ASP C 247 59.54 -8.29 -23.68
N GLY C 248 59.86 -8.78 -22.47
CA GLY C 248 59.03 -8.53 -21.32
C GLY C 248 57.78 -9.38 -21.23
N ILE C 249 57.66 -10.41 -22.07
CA ILE C 249 56.53 -11.34 -21.97
C ILE C 249 56.57 -12.00 -20.61
N LEU C 250 55.59 -11.70 -19.77
CA LEU C 250 55.49 -12.29 -18.44
C LEU C 250 54.83 -13.65 -18.58
N GLY C 251 55.61 -14.61 -19.06
CA GLY C 251 55.09 -15.92 -19.40
C GLY C 251 54.81 -16.77 -18.17
N LEU C 252 54.60 -18.06 -18.43
CA LEU C 252 54.35 -19.04 -17.39
C LEU C 252 54.88 -20.38 -17.85
N GLN C 253 55.20 -21.25 -16.89
CA GLN C 253 55.68 -22.59 -17.19
C GLN C 253 55.33 -23.51 -16.04
N LEU C 254 55.28 -24.81 -16.34
CA LEU C 254 55.10 -25.84 -15.34
C LEU C 254 56.45 -26.46 -15.00
N ILE C 255 56.65 -26.78 -13.72
CA ILE C 255 57.95 -27.20 -13.25
C ILE C 255 58.38 -28.49 -13.94
N ASN C 256 57.50 -29.47 -13.99
CA ASN C 256 57.82 -30.79 -14.54
C ASN C 256 56.65 -31.33 -15.36
N GLY C 257 55.99 -30.46 -16.11
CA GLY C 257 54.88 -30.91 -16.94
C GLY C 257 55.31 -31.82 -18.06
N LYS C 258 56.47 -31.55 -18.66
CA LYS C 258 56.96 -32.34 -19.78
C LYS C 258 57.67 -33.62 -19.33
N ASN C 259 57.91 -33.80 -18.03
CA ASN C 259 58.55 -35.00 -17.52
C ASN C 259 57.47 -36.03 -17.22
N GLU C 260 57.44 -37.10 -18.02
CA GLU C 260 56.45 -38.15 -17.81
C GLU C 260 56.77 -38.95 -16.55
N SER C 261 58.04 -39.34 -16.39
CA SER C 261 58.40 -40.23 -15.29
C SER C 261 58.10 -39.61 -13.93
N ALA C 262 58.10 -38.28 -13.85
CA ALA C 262 57.73 -37.62 -12.61
C ALA C 262 56.28 -37.91 -12.25
N HIS C 263 55.41 -38.00 -13.27
CA HIS C 263 53.99 -38.16 -13.04
C HIS C 263 53.56 -39.62 -12.95
N ILE C 264 54.21 -40.53 -13.70
CA ILE C 264 53.83 -41.93 -13.63
C ILE C 264 54.02 -42.47 -12.22
N SER C 265 55.15 -42.16 -11.59
CA SER C 265 55.42 -42.66 -10.24
C SER C 265 54.40 -42.14 -9.25
N ASP C 266 54.06 -40.86 -9.32
CA ASP C 266 53.04 -40.32 -8.43
C ASP C 266 51.66 -40.85 -8.77
N ALA C 267 51.37 -41.00 -10.06
CA ALA C 267 50.06 -41.53 -10.46
C ALA C 267 49.89 -42.97 -10.01
N VAL C 268 50.92 -43.79 -10.18
CA VAL C 268 50.84 -45.19 -9.74
C VAL C 268 50.65 -45.27 -8.24
N GLY C 269 51.34 -44.42 -7.49
CA GLY C 269 51.17 -44.41 -6.04
C GLY C 269 49.76 -44.05 -5.61
N VAL C 270 49.15 -43.08 -6.30
CA VAL C 270 47.82 -42.64 -5.92
C VAL C 270 46.80 -43.76 -6.11
N VAL C 271 46.87 -44.46 -7.24
CA VAL C 271 45.97 -45.58 -7.48
C VAL C 271 46.24 -46.70 -6.47
N ALA C 272 47.50 -46.90 -6.10
CA ALA C 272 47.83 -47.95 -5.13
C ALA C 272 47.15 -47.71 -3.79
N GLN C 273 47.11 -46.46 -3.34
CA GLN C 273 46.40 -46.14 -2.10
C GLN C 273 44.90 -46.44 -2.24
N ALA C 274 44.31 -46.09 -3.38
CA ALA C 274 42.91 -46.41 -3.61
C ALA C 274 42.69 -47.91 -3.74
N VAL C 275 43.69 -48.64 -4.25
CA VAL C 275 43.60 -50.10 -4.28
C VAL C 275 43.44 -50.64 -2.86
N HIS C 276 44.21 -50.11 -1.91
CA HIS C 276 44.05 -50.49 -0.51
C HIS C 276 42.66 -50.12 -0.02
N GLU C 277 42.12 -48.99 -0.45
CA GLU C 277 40.75 -48.64 -0.09
C GLU C 277 39.77 -49.62 -0.70
N LEU C 278 40.03 -50.06 -1.94
CA LEU C 278 39.17 -51.03 -2.60
C LEU C 278 39.23 -52.42 -1.98
N LEU C 279 40.22 -52.69 -1.12
CA LEU C 279 40.32 -54.01 -0.52
C LEU C 279 39.11 -54.31 0.35
N GLU C 280 38.66 -53.33 1.13
CA GLU C 280 37.47 -53.48 1.98
C GLU C 280 36.35 -52.63 1.42
N LYS C 281 35.23 -53.27 1.08
CA LYS C 281 34.05 -52.60 0.58
C LYS C 281 32.92 -53.63 0.54
N GLU C 282 31.78 -53.20 0.02
CA GLU C 282 30.60 -54.05 -0.12
C GLU C 282 30.31 -54.27 -1.59
N ASN C 283 30.20 -55.54 -2.00
CA ASN C 283 29.85 -55.91 -3.36
C ASN C 283 30.85 -55.34 -4.38
N ILE C 284 32.10 -55.79 -4.24
CA ILE C 284 33.16 -55.39 -5.17
C ILE C 284 33.05 -56.26 -6.42
N THR C 285 32.83 -55.61 -7.56
CA THR C 285 32.71 -56.31 -8.84
C THR C 285 33.97 -56.05 -9.66
N ASP C 286 34.60 -57.12 -10.13
CA ASP C 286 35.80 -56.98 -10.93
C ASP C 286 35.46 -56.37 -12.29
N PRO C 287 36.39 -55.63 -12.88
CA PRO C 287 36.15 -55.01 -14.19
C PRO C 287 35.83 -56.06 -15.24
N PRO C 288 35.23 -55.66 -16.36
CA PRO C 288 34.89 -56.63 -17.40
C PRO C 288 36.13 -57.34 -17.92
N ARG C 289 35.94 -58.61 -18.28
CA ARG C 289 37.06 -59.42 -18.78
C ARG C 289 37.60 -58.87 -20.09
N GLY C 290 36.72 -58.44 -20.98
CA GLY C 290 37.14 -57.89 -22.24
C GLY C 290 36.04 -57.07 -22.86
N CYS C 291 36.14 -56.85 -24.17
CA CYS C 291 35.10 -56.16 -24.93
C CYS C 291 34.47 -57.18 -25.87
N VAL C 292 33.53 -57.96 -25.33
CA VAL C 292 32.81 -58.97 -26.10
C VAL C 292 31.32 -58.73 -25.95
N GLY C 293 30.82 -58.86 -24.73
CA GLY C 293 29.40 -58.69 -24.46
C GLY C 293 29.16 -58.06 -23.09
N ASN C 294 30.23 -57.58 -22.45
CA ASN C 294 30.12 -57.00 -21.12
C ASN C 294 29.53 -55.60 -21.24
N THR C 295 28.21 -55.55 -21.38
CA THR C 295 27.49 -54.29 -21.43
C THR C 295 27.33 -53.66 -20.04
N ASN C 296 27.74 -54.36 -18.99
CA ASN C 296 27.66 -53.81 -17.65
C ASN C 296 28.54 -52.58 -17.52
N ILE C 297 28.14 -51.67 -16.62
CA ILE C 297 28.84 -50.42 -16.43
C ILE C 297 29.92 -50.50 -15.36
N TRP C 298 30.15 -51.68 -14.77
CA TRP C 298 31.12 -51.86 -13.70
C TRP C 298 30.81 -50.95 -12.51
N LYS C 299 29.68 -51.27 -11.87
CA LYS C 299 29.15 -50.51 -10.73
C LYS C 299 30.24 -50.09 -9.76
N THR C 300 31.28 -50.91 -9.60
CA THR C 300 32.37 -50.57 -8.71
C THR C 300 33.24 -49.46 -9.25
N GLY C 301 33.18 -49.18 -10.55
CA GLY C 301 33.99 -48.15 -11.17
C GLY C 301 33.78 -46.77 -10.59
N PRO C 302 32.53 -46.33 -10.47
CA PRO C 302 32.27 -45.04 -9.79
C PRO C 302 32.79 -45.01 -8.37
N LEU C 303 32.71 -46.14 -7.65
CA LEU C 303 33.28 -46.20 -6.31
C LEU C 303 34.79 -46.04 -6.36
N PHE C 304 35.44 -46.69 -7.33
CA PHE C 304 36.87 -46.52 -7.51
C PHE C 304 37.22 -45.07 -7.87
N LYS C 305 36.44 -44.47 -8.75
CA LYS C 305 36.70 -43.09 -9.15
C LYS C 305 36.40 -42.12 -8.02
N ARG C 306 35.35 -42.37 -7.24
CA ARG C 306 35.00 -41.48 -6.14
C ARG C 306 36.08 -41.47 -5.07
N VAL C 307 36.60 -42.65 -4.70
CA VAL C 307 37.65 -42.70 -3.70
C VAL C 307 39.00 -42.25 -4.27
N LEU C 308 39.13 -42.19 -5.59
CA LEU C 308 40.39 -41.79 -6.19
C LEU C 308 40.61 -40.27 -6.12
N MET C 309 39.53 -39.48 -6.10
CA MET C 309 39.68 -38.05 -5.87
C MET C 309 40.08 -37.78 -4.43
N SER C 310 39.42 -38.44 -3.48
CA SER C 310 39.69 -38.21 -2.05
C SER C 310 41.02 -38.79 -1.60
N SER C 311 41.70 -39.57 -2.44
CA SER C 311 42.99 -40.14 -2.09
C SER C 311 44.07 -39.09 -2.34
N LYS C 312 44.55 -38.47 -1.27
CA LYS C 312 45.58 -37.45 -1.35
C LYS C 312 46.91 -38.07 -0.94
N TYR C 313 47.96 -37.78 -1.72
CA TYR C 313 49.28 -38.33 -1.46
C TYR C 313 50.00 -37.43 -0.46
N ALA C 314 50.54 -38.04 0.60
CA ALA C 314 51.28 -37.27 1.59
C ALA C 314 52.55 -36.65 0.98
N ASP C 315 53.23 -37.40 0.12
CA ASP C 315 54.46 -36.95 -0.51
C ASP C 315 54.45 -37.39 -1.96
N GLY C 316 55.60 -37.32 -2.62
CA GLY C 316 55.72 -37.79 -3.97
C GLY C 316 56.85 -37.07 -4.69
N VAL C 317 57.06 -37.49 -5.94
CA VAL C 317 58.09 -36.89 -6.77
C VAL C 317 57.76 -35.43 -7.07
N THR C 318 56.49 -35.14 -7.37
CA THR C 318 56.03 -33.79 -7.66
C THR C 318 55.26 -33.18 -6.49
N GLY C 319 55.69 -33.44 -5.27
CA GLY C 319 54.98 -32.91 -4.12
C GLY C 319 53.68 -33.65 -3.88
N ARG C 320 52.82 -33.01 -3.09
CA ARG C 320 51.52 -33.60 -2.78
C ARG C 320 50.65 -33.63 -4.03
N VAL C 321 50.05 -34.79 -4.28
CA VAL C 321 49.23 -35.01 -5.47
C VAL C 321 47.78 -35.08 -5.02
N GLU C 322 47.06 -33.98 -5.20
CA GLU C 322 45.65 -33.90 -4.84
C GLU C 322 44.83 -33.75 -6.10
N PHE C 323 43.65 -34.37 -6.11
CA PHE C 323 42.76 -34.36 -7.26
C PHE C 323 41.56 -33.47 -6.98
N ASN C 324 41.25 -32.60 -7.93
CA ASN C 324 40.13 -31.68 -7.78
C ASN C 324 38.81 -32.42 -7.95
N GLU C 325 37.71 -31.71 -7.68
CA GLU C 325 36.39 -32.28 -7.86
C GLU C 325 36.14 -32.66 -9.30
N ASP C 326 36.74 -31.94 -10.24
CA ASP C 326 36.64 -32.26 -11.66
C ASP C 326 37.77 -33.16 -12.14
N GLY C 327 38.64 -33.62 -11.24
CA GLY C 327 39.74 -34.48 -11.60
C GLY C 327 41.04 -33.77 -11.89
N ASP C 328 41.07 -32.45 -11.81
CA ASP C 328 42.28 -31.69 -12.09
C ASP C 328 43.20 -31.68 -10.88
N ARG C 329 44.42 -31.19 -11.09
CA ARG C 329 45.39 -31.08 -10.01
C ARG C 329 45.00 -29.96 -9.06
N LYS C 330 45.37 -30.13 -7.80
CA LYS C 330 45.12 -29.15 -6.76
C LYS C 330 46.44 -28.72 -6.13
N PHE C 331 46.58 -27.41 -5.91
CA PHE C 331 47.77 -26.83 -5.30
C PHE C 331 49.03 -27.17 -6.09
N ALA C 332 48.99 -26.90 -7.39
CA ALA C 332 50.15 -27.06 -8.24
C ALA C 332 51.09 -25.86 -8.11
N ASN C 333 52.21 -25.92 -8.80
CA ASN C 333 53.23 -24.87 -8.72
C ASN C 333 53.64 -24.45 -10.13
N TYR C 334 53.59 -23.14 -10.38
CA TYR C 334 53.91 -22.58 -11.69
C TYR C 334 55.14 -21.70 -11.60
N SER C 335 55.91 -21.69 -12.67
CA SER C 335 57.14 -20.91 -12.77
C SER C 335 56.93 -19.76 -13.74
N ILE C 336 57.37 -18.58 -13.35
CA ILE C 336 57.12 -17.34 -14.09
C ILE C 336 58.37 -17.02 -14.89
N MET C 337 58.33 -17.32 -16.19
CA MET C 337 59.40 -16.91 -17.10
C MET C 337 59.33 -15.42 -17.37
N ASN C 338 60.25 -14.95 -18.20
CA ASN C 338 60.32 -13.57 -18.64
C ASN C 338 61.27 -13.49 -19.81
N LEU C 339 60.81 -12.95 -20.93
CA LEU C 339 61.65 -12.87 -22.13
C LEU C 339 62.62 -11.72 -21.96
N GLN C 340 63.68 -11.98 -21.20
CA GLN C 340 64.77 -11.03 -21.00
C GLN C 340 65.93 -11.41 -21.92
N ASN C 341 66.25 -10.51 -22.85
CA ASN C 341 67.32 -10.73 -23.82
C ASN C 341 67.09 -12.03 -24.60
N ARG C 342 65.86 -12.21 -25.08
CA ARG C 342 65.47 -13.36 -25.88
C ARG C 342 65.66 -14.68 -25.14
N LYS C 343 65.70 -14.63 -23.81
CA LYS C 343 65.94 -15.82 -22.99
C LYS C 343 64.94 -15.84 -21.84
N LEU C 344 64.19 -16.93 -21.75
CA LEU C 344 63.16 -17.07 -20.72
C LEU C 344 63.84 -17.38 -19.40
N VAL C 345 63.89 -16.39 -18.51
CA VAL C 345 64.55 -16.52 -17.22
C VAL C 345 63.50 -16.39 -16.13
N GLN C 346 63.50 -17.33 -15.19
CA GLN C 346 62.47 -17.35 -14.16
C GLN C 346 62.66 -16.19 -13.20
N VAL C 347 61.59 -15.42 -12.99
CA VAL C 347 61.65 -14.27 -12.10
C VAL C 347 60.55 -14.42 -11.06
N GLY C 348 60.19 -15.65 -10.75
CA GLY C 348 59.17 -15.89 -9.74
C GLY C 348 58.83 -17.37 -9.66
N ILE C 349 57.91 -17.66 -8.75
CA ILE C 349 57.45 -19.03 -8.56
C ILE C 349 56.08 -18.98 -7.90
N TYR C 350 55.33 -20.06 -8.04
CA TYR C 350 54.03 -20.22 -7.40
C TYR C 350 54.11 -21.35 -6.39
N ASN C 351 53.75 -21.06 -5.14
CA ASN C 351 53.74 -22.06 -4.09
C ASN C 351 52.38 -22.73 -3.93
N GLY C 352 51.43 -22.43 -4.81
CA GLY C 352 50.10 -22.98 -4.74
C GLY C 352 49.09 -22.11 -4.01
N THR C 353 49.54 -21.07 -3.31
CA THR C 353 48.61 -20.21 -2.58
C THR C 353 48.86 -18.73 -2.92
N HIS C 354 50.10 -18.39 -3.24
CA HIS C 354 50.44 -17.01 -3.58
C HIS C 354 51.70 -17.00 -4.41
N VAL C 355 51.92 -15.90 -5.12
CA VAL C 355 53.07 -15.76 -6.00
C VAL C 355 54.29 -15.37 -5.18
N ILE C 356 55.38 -16.11 -5.35
CA ILE C 356 56.63 -15.77 -4.69
C ILE C 356 57.61 -15.30 -5.76
N PRO C 357 57.77 -13.99 -5.96
CA PRO C 357 58.69 -13.51 -6.98
C PRO C 357 60.14 -13.78 -6.61
N ASN C 358 60.96 -13.95 -7.64
CA ASN C 358 62.38 -14.17 -7.43
C ASN C 358 63.07 -12.87 -6.99
N ASP C 359 64.31 -13.01 -6.54
CA ASP C 359 65.08 -11.86 -6.10
C ASP C 359 65.34 -10.89 -7.25
N ARG C 360 65.59 -11.42 -8.44
CA ARG C 360 65.96 -10.59 -9.57
C ARG C 360 64.77 -9.73 -10.03
N LYS C 361 65.10 -8.66 -10.75
CA LYS C 361 64.08 -7.73 -11.23
C LYS C 361 63.48 -8.22 -12.55
N ILE C 362 62.40 -7.55 -12.95
CA ILE C 362 61.68 -7.87 -14.18
C ILE C 362 61.97 -6.77 -15.19
N ILE C 363 62.37 -7.16 -16.39
CA ILE C 363 62.51 -6.23 -17.50
C ILE C 363 61.19 -6.22 -18.25
N TRP C 364 60.43 -5.14 -18.09
CA TRP C 364 59.11 -5.01 -18.67
C TRP C 364 59.20 -4.74 -20.16
N PRO C 365 58.10 -4.93 -20.90
CA PRO C 365 58.13 -4.64 -22.34
C PRO C 365 58.52 -3.19 -22.60
N GLY C 366 59.29 -2.99 -23.67
CA GLY C 366 59.86 -1.70 -23.96
C GLY C 366 61.13 -1.38 -23.20
N GLY C 367 61.63 -2.30 -22.40
CA GLY C 367 62.84 -2.07 -21.63
C GLY C 367 62.65 -1.20 -20.42
N GLU C 368 61.43 -1.10 -19.88
CA GLU C 368 61.17 -0.24 -18.73
C GLU C 368 61.51 -0.99 -17.44
N THR C 369 62.40 -0.40 -16.65
CA THR C 369 62.78 -1.04 -15.39
C THR C 369 61.67 -0.94 -14.35
N GLU C 370 61.06 0.24 -14.23
CA GLU C 370 59.98 0.41 -13.26
C GLU C 370 58.72 -0.30 -13.74
N LYS C 371 57.90 -0.72 -12.79
CA LYS C 371 56.67 -1.42 -13.12
C LYS C 371 55.68 -0.46 -13.74
N PRO C 372 55.19 -0.69 -14.95
CA PRO C 372 54.20 0.22 -15.53
C PRO C 372 52.88 0.16 -14.76
N ARG C 373 52.17 1.29 -14.78
CA ARG C 373 50.89 1.37 -14.10
C ARG C 373 49.88 0.42 -14.74
N GLY C 374 49.89 0.32 -16.06
CA GLY C 374 48.94 -0.52 -16.75
C GLY C 374 47.57 0.10 -16.94
N TYR C 375 47.48 1.42 -16.86
CA TYR C 375 46.21 2.11 -17.01
C TYR C 375 46.47 3.50 -17.58
N GLN C 376 45.43 4.09 -18.18
CA GLN C 376 45.54 5.43 -18.73
C GLN C 376 44.17 6.09 -18.71
N MET C 377 44.17 7.41 -18.88
CA MET C 377 42.96 8.21 -18.93
C MET C 377 42.81 8.78 -20.33
N SER C 378 41.59 8.72 -20.87
CA SER C 378 41.38 9.16 -22.25
C SER C 378 41.50 10.68 -22.37
N THR C 379 41.05 11.42 -21.36
CA THR C 379 40.96 12.88 -21.38
C THR C 379 40.03 13.33 -22.50
N ARG C 380 40.41 13.11 -23.75
CA ARG C 380 39.51 13.42 -24.86
C ARG C 380 38.25 12.58 -24.74
N LEU C 381 37.11 13.25 -24.65
CA LEU C 381 35.84 12.59 -24.42
C LEU C 381 34.93 12.79 -25.61
N LYS C 382 34.03 11.83 -25.81
CA LYS C 382 32.96 11.95 -26.78
C LYS C 382 31.68 12.25 -26.02
N ILE C 383 31.03 13.35 -26.40
CA ILE C 383 29.88 13.85 -25.67
C ILE C 383 28.69 13.94 -26.61
N VAL C 384 27.57 13.34 -26.21
CA VAL C 384 26.38 13.26 -27.03
C VAL C 384 25.33 14.19 -26.46
N THR C 385 24.78 15.06 -27.31
CA THR C 385 23.80 16.05 -26.91
C THR C 385 22.62 15.98 -27.86
N ILE C 386 21.46 16.33 -27.33
CA ILE C 386 20.24 16.42 -28.14
C ILE C 386 19.93 17.90 -28.34
N HIS C 387 19.06 18.17 -29.30
CA HIS C 387 18.66 19.54 -29.58
C HIS C 387 17.51 19.92 -28.66
N GLN C 388 17.79 20.75 -27.67
CA GLN C 388 16.77 21.27 -26.77
C GLN C 388 16.86 22.79 -26.76
N GLU C 389 15.69 23.43 -26.78
CA GLU C 389 15.64 24.87 -27.08
C GLU C 389 16.44 25.72 -26.10
N PRO C 390 16.28 25.61 -24.79
CA PRO C 390 17.02 26.50 -23.88
C PRO C 390 18.38 26.00 -23.46
N PHE C 391 18.70 24.73 -23.67
CA PHE C 391 19.93 24.13 -23.18
C PHE C 391 20.98 23.94 -24.25
N VAL C 392 20.59 23.47 -25.44
CA VAL C 392 21.51 23.18 -26.52
C VAL C 392 20.91 23.75 -27.80
N TYR C 393 21.37 24.93 -28.19
CA TYR C 393 20.98 25.50 -29.47
C TYR C 393 21.85 24.92 -30.58
N VAL C 394 21.23 24.40 -31.63
CA VAL C 394 21.95 23.92 -32.81
C VAL C 394 21.69 24.89 -33.94
N LYS C 395 22.76 25.38 -34.55
CA LYS C 395 22.65 26.31 -35.67
C LYS C 395 23.61 25.89 -36.77
N PRO C 396 23.24 26.14 -38.03
CA PRO C 396 24.12 25.74 -39.14
C PRO C 396 25.43 26.51 -39.10
N THR C 397 26.50 25.83 -39.52
CA THR C 397 27.80 26.46 -39.58
C THR C 397 27.84 27.46 -40.73
N LEU C 398 28.80 28.38 -40.64
CA LEU C 398 28.98 29.36 -41.70
C LEU C 398 29.53 28.70 -42.96
N SER C 399 29.66 29.50 -44.02
CA SER C 399 30.17 28.98 -45.29
C SER C 399 31.59 28.46 -45.14
N ASP C 400 32.44 29.21 -44.43
CA ASP C 400 33.83 28.80 -44.23
C ASP C 400 33.96 27.64 -43.26
N GLY C 401 32.90 27.29 -42.53
CA GLY C 401 32.95 26.20 -41.58
C GLY C 401 33.23 26.59 -40.16
N THR C 402 33.25 27.87 -39.83
CA THR C 402 33.48 28.34 -38.48
C THR C 402 32.15 28.65 -37.79
N CYS C 403 32.23 29.00 -36.51
CA CYS C 403 31.06 29.31 -35.72
C CYS C 403 30.75 30.79 -35.78
N LYS C 404 29.51 31.13 -36.13
CA LYS C 404 29.10 32.52 -36.21
C LYS C 404 29.26 33.19 -34.85
N GLU C 405 29.89 34.36 -34.85
CA GLU C 405 30.21 35.07 -33.63
C GLU C 405 29.04 35.99 -33.28
N GLU C 406 28.40 35.72 -32.15
CA GLU C 406 27.34 36.58 -31.65
C GLU C 406 27.63 36.92 -30.20
N PHE C 407 27.27 38.14 -29.80
CA PHE C 407 27.57 38.66 -28.48
C PHE C 407 26.29 38.76 -27.67
N THR C 408 26.40 38.51 -26.37
CA THR C 408 25.27 38.68 -25.48
C THR C 408 24.96 40.18 -25.33
N VAL C 409 23.80 40.46 -24.73
CA VAL C 409 23.39 41.85 -24.56
C VAL C 409 24.37 42.59 -23.66
N ASN C 410 24.85 41.93 -22.61
CA ASN C 410 25.79 42.55 -21.68
C ASN C 410 27.17 42.74 -22.29
N GLY C 411 27.42 42.19 -23.49
CA GLY C 411 28.69 42.34 -24.16
C GLY C 411 29.58 41.12 -24.10
N ASP C 412 29.30 40.18 -23.20
CA ASP C 412 30.09 38.96 -23.12
C ASP C 412 29.89 38.13 -24.38
N PRO C 413 30.92 37.42 -24.82
CA PRO C 413 30.78 36.61 -26.03
C PRO C 413 30.11 35.28 -25.74
N VAL C 414 29.37 34.80 -26.74
CA VAL C 414 28.70 33.50 -26.63
C VAL C 414 29.71 32.42 -26.98
N LYS C 415 29.90 31.47 -26.07
CA LYS C 415 30.78 30.34 -26.33
C LYS C 415 30.04 29.31 -27.17
N LYS C 416 30.66 28.86 -28.25
CA LYS C 416 30.07 27.89 -29.16
C LYS C 416 31.06 26.76 -29.40
N VAL C 417 30.52 25.57 -29.66
CA VAL C 417 31.31 24.41 -30.03
C VAL C 417 30.73 23.84 -31.31
N ILE C 418 31.55 23.07 -32.01
CA ILE C 418 31.19 22.53 -33.31
C ILE C 418 30.58 21.15 -33.10
N CYS C 419 29.29 21.02 -33.37
CA CYS C 419 28.61 19.75 -33.34
C CYS C 419 28.78 19.04 -34.69
N THR C 420 28.64 17.72 -34.66
CA THR C 420 28.69 16.91 -35.86
C THR C 420 27.47 16.01 -35.92
N GLY C 421 26.31 16.62 -35.76
CA GLY C 421 25.07 15.87 -35.79
C GLY C 421 24.62 15.58 -37.20
N PRO C 422 23.46 14.95 -37.30
CA PRO C 422 22.97 14.52 -38.61
C PRO C 422 22.39 15.67 -39.42
N ASN C 423 21.82 15.36 -40.58
CA ASN C 423 21.27 16.39 -41.45
C ASN C 423 20.07 17.07 -40.80
N ASP C 424 19.55 18.09 -41.48
CA ASP C 424 18.45 18.87 -40.92
C ASP C 424 17.21 18.01 -40.69
N THR C 425 16.90 17.12 -41.64
CA THR C 425 15.69 16.31 -41.52
C THR C 425 15.98 14.95 -40.88
N SER C 426 16.83 14.15 -41.52
CA SER C 426 17.10 12.79 -41.06
C SER C 426 18.31 12.23 -41.81
N PRO C 427 19.04 11.29 -41.21
CA PRO C 427 20.20 10.69 -41.89
C PRO C 427 19.91 9.38 -42.61
N GLY C 428 18.65 8.95 -42.70
CA GLY C 428 18.33 7.70 -43.35
C GLY C 428 18.53 7.72 -44.85
N SER C 429 17.72 8.51 -45.56
CA SER C 429 17.89 8.68 -46.99
C SER C 429 19.04 9.65 -47.26
N PRO C 430 19.05 10.87 -46.68
CA PRO C 430 20.25 11.71 -46.85
C PRO C 430 21.32 11.35 -45.82
N ARG C 431 22.09 10.31 -46.14
CA ARG C 431 23.10 9.78 -45.23
C ARG C 431 24.28 10.74 -45.17
N HIS C 432 24.12 11.78 -44.34
CA HIS C 432 25.15 12.78 -44.17
C HIS C 432 24.99 13.41 -42.79
N THR C 433 26.11 13.72 -42.15
CA THR C 433 26.14 14.33 -40.83
C THR C 433 26.86 15.67 -40.96
N VAL C 434 26.10 16.70 -41.31
CA VAL C 434 26.69 18.04 -41.51
C VAL C 434 27.11 18.60 -40.17
N PRO C 435 28.32 19.15 -40.05
CA PRO C 435 28.69 19.84 -38.81
C PRO C 435 27.86 21.08 -38.57
N GLN C 436 27.66 21.40 -37.29
CA GLN C 436 26.84 22.52 -36.87
C GLN C 436 27.55 23.24 -35.74
N CYS C 437 26.96 24.35 -35.30
CA CYS C 437 27.45 25.11 -34.16
C CYS C 437 26.47 24.94 -33.00
N CYS C 438 27.00 24.63 -31.82
CA CYS C 438 26.18 24.36 -30.65
C CYS C 438 26.58 25.29 -29.51
N TYR C 439 25.58 25.77 -28.79
CA TYR C 439 25.78 26.65 -27.65
C TYR C 439 24.53 26.59 -26.78
N GLY C 440 24.69 26.96 -25.53
CA GLY C 440 23.56 26.99 -24.62
C GLY C 440 24.00 26.70 -23.21
N PHE C 441 23.02 26.39 -22.38
CA PHE C 441 23.26 26.19 -20.95
C PHE C 441 24.09 24.94 -20.71
N CYS C 442 23.74 23.84 -21.36
CA CYS C 442 24.48 22.59 -21.16
C CYS C 442 25.90 22.71 -21.69
N ILE C 443 26.08 23.34 -22.84
CA ILE C 443 27.40 23.49 -23.41
C ILE C 443 28.25 24.45 -22.59
N ASP C 444 27.64 25.54 -22.10
CA ASP C 444 28.38 26.45 -21.23
C ASP C 444 28.80 25.73 -19.95
N LEU C 445 27.94 24.87 -19.41
CA LEU C 445 28.31 24.07 -18.26
C LEU C 445 29.37 23.04 -18.63
N LEU C 446 29.30 22.50 -19.84
CA LEU C 446 30.29 21.53 -20.29
C LEU C 446 31.67 22.16 -20.40
N ILE C 447 31.75 23.38 -20.95
CA ILE C 447 33.04 24.06 -21.07
C ILE C 447 33.65 24.29 -19.69
N LYS C 448 32.82 24.64 -18.71
CA LYS C 448 33.33 24.81 -17.35
C LYS C 448 33.83 23.49 -16.78
N LEU C 449 33.13 22.40 -17.07
CA LEU C 449 33.56 21.09 -16.59
C LEU C 449 34.93 20.73 -17.15
N ALA C 450 35.15 21.01 -18.43
CA ALA C 450 36.43 20.68 -19.06
C ALA C 450 37.57 21.47 -18.43
N ARG C 451 37.36 22.77 -18.18
CA ARG C 451 38.41 23.58 -17.58
C ARG C 451 38.75 23.10 -16.18
N THR C 452 37.74 22.74 -15.39
CA THR C 452 37.97 22.34 -14.01
C THR C 452 38.43 20.90 -13.88
N MET C 453 38.27 20.09 -14.92
CA MET C 453 38.71 18.71 -14.89
C MET C 453 39.79 18.39 -15.91
N ASN C 454 40.21 19.38 -16.71
CA ASN C 454 41.33 19.24 -17.64
C ASN C 454 41.10 18.08 -18.62
N PHE C 455 40.08 18.23 -19.45
CA PHE C 455 39.84 17.29 -20.53
C PHE C 455 39.31 18.02 -21.75
N THR C 456 39.48 17.40 -22.91
CA THR C 456 38.95 17.88 -24.17
C THR C 456 37.73 17.05 -24.55
N TYR C 457 37.02 17.49 -25.59
CA TYR C 457 35.76 16.86 -25.93
C TYR C 457 35.52 16.92 -27.43
N GLU C 458 34.51 16.18 -27.87
CA GLU C 458 34.07 16.15 -29.27
C GLU C 458 32.55 16.02 -29.25
N VAL C 459 31.86 17.16 -29.26
CA VAL C 459 30.41 17.16 -29.12
C VAL C 459 29.77 16.76 -30.44
N HIS C 460 28.88 15.77 -30.37
CA HIS C 460 28.14 15.33 -31.54
C HIS C 460 26.71 15.03 -31.14
N LEU C 461 25.77 15.43 -31.98
CA LEU C 461 24.36 15.26 -31.66
C LEU C 461 23.97 13.80 -31.73
N VAL C 462 22.72 13.52 -31.40
CA VAL C 462 22.23 12.15 -31.32
C VAL C 462 21.76 11.73 -32.70
N ALA C 463 22.20 10.56 -33.13
CA ALA C 463 21.77 10.05 -34.43
C ALA C 463 20.26 9.80 -34.45
N ASP C 464 19.74 9.20 -33.39
CA ASP C 464 18.30 8.93 -33.33
C ASP C 464 17.49 10.19 -33.10
N GLY C 465 18.03 11.14 -32.34
CA GLY C 465 17.27 12.30 -31.95
C GLY C 465 16.34 12.06 -30.79
N LYS C 466 16.53 10.98 -30.04
CA LYS C 466 15.68 10.63 -28.91
C LYS C 466 16.52 10.45 -27.66
N PHE C 467 15.91 10.74 -26.51
CA PHE C 467 16.64 10.72 -25.25
C PHE C 467 17.00 9.31 -24.83
N GLY C 468 16.05 8.38 -24.90
CA GLY C 468 16.35 7.01 -24.56
C GLY C 468 15.28 6.27 -23.80
N THR C 469 14.91 5.09 -24.30
CA THR C 469 13.96 4.21 -23.63
C THR C 469 14.35 2.76 -23.92
N GLN C 470 13.81 1.86 -23.12
CA GLN C 470 13.97 0.43 -23.37
C GLN C 470 12.87 -0.02 -24.32
N GLU C 471 13.26 -0.67 -25.41
CA GLU C 471 12.33 -1.07 -26.45
C GLU C 471 12.44 -2.56 -26.73
N ARG C 472 11.32 -3.16 -27.11
CA ARG C 472 11.30 -4.58 -27.42
C ARG C 472 11.99 -4.87 -28.74
N VAL C 473 11.45 -4.32 -29.83
CA VAL C 473 11.98 -4.53 -31.17
C VAL C 473 12.01 -6.02 -31.47
N ASN C 474 10.87 -6.58 -31.87
CA ASN C 474 10.76 -8.01 -32.14
C ASN C 474 11.61 -8.46 -33.32
N ASN C 475 12.09 -7.53 -34.15
CA ASN C 475 12.91 -7.90 -35.28
C ASN C 475 14.21 -8.57 -34.82
N SER C 476 14.83 -8.06 -33.77
CA SER C 476 16.04 -8.63 -33.22
C SER C 476 15.79 -9.42 -31.93
N ASN C 477 14.62 -9.27 -31.32
CA ASN C 477 14.27 -9.93 -30.06
C ASN C 477 15.34 -9.66 -29.01
N LYS C 478 15.46 -8.38 -28.66
CA LYS C 478 16.46 -7.95 -27.68
C LYS C 478 16.06 -6.59 -27.15
N LYS C 479 16.31 -6.37 -25.86
CA LYS C 479 16.07 -5.08 -25.22
C LYS C 479 17.33 -4.22 -25.34
N GLU C 480 17.18 -3.04 -25.92
CA GLU C 480 18.30 -2.11 -26.03
C GLU C 480 17.77 -0.70 -25.91
N TRP C 481 18.65 0.21 -25.53
CA TRP C 481 18.31 1.62 -25.46
C TRP C 481 18.46 2.28 -26.83
N ASN C 482 17.69 3.33 -27.05
CA ASN C 482 17.65 4.02 -28.33
C ASN C 482 18.13 5.46 -28.15
N GLY C 483 19.15 5.83 -28.90
CA GLY C 483 19.55 7.22 -28.99
C GLY C 483 20.59 7.58 -27.97
N MET C 484 20.35 8.67 -27.24
CA MET C 484 21.33 9.20 -26.31
C MET C 484 21.71 8.17 -25.26
N MET C 485 20.71 7.47 -24.72
CA MET C 485 20.99 6.39 -23.77
C MET C 485 21.68 5.22 -24.45
N GLY C 486 21.37 4.96 -25.72
CA GLY C 486 22.01 3.89 -26.45
C GLY C 486 23.38 4.20 -26.98
N GLU C 487 23.79 5.46 -26.98
CA GLU C 487 25.13 5.83 -27.41
C GLU C 487 26.13 5.79 -26.28
N LEU C 488 25.69 5.99 -25.04
CA LEU C 488 26.58 5.80 -23.90
C LEU C 488 27.04 4.35 -23.79
N LEU C 489 26.08 3.43 -23.77
CA LEU C 489 26.41 2.04 -23.51
C LEU C 489 27.15 1.41 -24.68
N SER C 490 26.80 1.78 -25.90
CA SER C 490 27.49 1.26 -27.07
C SER C 490 28.91 1.80 -27.21
N GLY C 491 29.29 2.80 -26.40
CA GLY C 491 30.64 3.31 -26.41
C GLY C 491 30.88 4.48 -27.34
N GLN C 492 29.89 4.87 -28.14
CA GLN C 492 30.05 5.99 -29.05
C GLN C 492 30.09 7.33 -28.32
N ALA C 493 29.74 7.37 -27.04
CA ALA C 493 29.79 8.58 -26.25
C ALA C 493 30.31 8.25 -24.86
N ASP C 494 31.22 9.08 -24.36
CA ASP C 494 31.74 8.92 -23.00
C ASP C 494 30.89 9.63 -21.97
N MET C 495 30.00 10.53 -22.38
CA MET C 495 29.27 11.39 -21.47
C MET C 495 28.00 11.84 -22.17
N ILE C 496 27.04 12.31 -21.38
CA ILE C 496 25.79 12.83 -21.90
C ILE C 496 25.59 14.20 -21.26
N VAL C 497 25.96 15.26 -21.96
CA VAL C 497 25.78 16.62 -21.47
C VAL C 497 24.52 17.15 -22.14
N ALA C 498 23.39 16.93 -21.51
CA ALA C 498 22.10 17.27 -22.09
C ALA C 498 21.01 17.15 -21.03
N PRO C 499 19.80 17.61 -21.31
CA PRO C 499 18.71 17.45 -20.33
C PRO C 499 18.26 16.01 -20.16
N LEU C 500 19.06 15.19 -19.48
CA LEU C 500 18.68 13.83 -19.13
C LEU C 500 18.11 13.82 -17.72
N THR C 501 16.86 13.42 -17.58
CA THR C 501 16.31 13.29 -16.24
C THR C 501 16.80 12.00 -15.60
N ILE C 502 16.92 12.03 -14.28
CA ILE C 502 17.40 10.89 -13.52
C ILE C 502 16.23 9.94 -13.29
N ASN C 503 16.24 8.81 -13.99
CA ASN C 503 15.21 7.79 -13.87
C ASN C 503 15.78 6.57 -13.18
N ASN C 504 14.89 5.75 -12.61
CA ASN C 504 15.30 4.48 -12.05
C ASN C 504 15.81 3.54 -13.14
N GLU C 505 15.11 3.48 -14.26
CA GLU C 505 15.53 2.61 -15.36
C GLU C 505 16.87 3.06 -15.93
N ARG C 506 17.07 4.36 -16.10
CA ARG C 506 18.34 4.84 -16.60
C ARG C 506 19.44 4.66 -15.57
N ALA C 507 19.14 4.92 -14.29
CA ALA C 507 20.15 4.85 -13.26
C ALA C 507 20.63 3.43 -12.98
N GLN C 508 19.88 2.43 -13.43
CA GLN C 508 20.33 1.06 -13.25
C GLN C 508 21.50 0.72 -14.16
N TYR C 509 21.51 1.27 -15.37
CA TYR C 509 22.56 0.98 -16.33
C TYR C 509 23.68 2.02 -16.30
N ILE C 510 23.36 3.28 -16.54
CA ILE C 510 24.32 4.35 -16.45
C ILE C 510 24.16 5.06 -15.11
N GLU C 511 25.16 5.85 -14.75
CA GLU C 511 25.12 6.63 -13.53
C GLU C 511 24.98 8.11 -13.86
N PHE C 512 24.36 8.84 -12.94
CA PHE C 512 24.12 10.26 -13.10
C PHE C 512 24.88 11.04 -12.04
N SER C 513 25.31 12.24 -12.41
CA SER C 513 25.84 13.16 -11.43
C SER C 513 24.71 13.71 -10.58
N LYS C 514 25.06 14.54 -9.61
CA LYS C 514 24.05 15.29 -8.89
C LYS C 514 23.34 16.21 -9.88
N PRO C 515 22.04 16.48 -9.69
CA PRO C 515 21.33 17.32 -10.65
C PRO C 515 21.97 18.68 -10.80
N PHE C 516 22.04 19.15 -12.04
CA PHE C 516 22.40 20.53 -12.32
C PHE C 516 21.18 21.37 -12.62
N LYS C 517 19.98 20.78 -12.61
CA LYS C 517 18.76 21.52 -12.88
C LYS C 517 17.62 20.71 -12.26
N TYR C 518 17.11 21.19 -11.13
CA TYR C 518 15.93 20.59 -10.52
C TYR C 518 14.68 21.07 -11.23
N GLN C 519 13.82 20.15 -11.63
CA GLN C 519 12.69 20.50 -12.48
C GLN C 519 11.58 19.47 -12.26
N GLY C 520 10.62 19.47 -13.19
CA GLY C 520 9.54 18.51 -13.15
C GLY C 520 8.71 18.60 -14.41
N LEU C 521 7.56 17.95 -14.39
CA LEU C 521 6.67 17.90 -15.55
C LEU C 521 5.52 18.88 -15.38
N THR C 522 5.23 19.65 -16.44
CA THR C 522 4.10 20.56 -16.46
C THR C 522 3.31 20.42 -17.76
N ILE C 523 2.41 21.38 -18.01
CA ILE C 523 1.58 21.42 -19.21
C ILE C 523 1.82 22.75 -19.91
N LEU C 524 1.87 22.72 -21.24
CA LEU C 524 2.00 23.91 -22.04
C LEU C 524 0.69 24.15 -22.79
N VAL C 525 0.06 25.30 -22.55
CA VAL C 525 -1.22 25.62 -23.15
C VAL C 525 -1.16 27.02 -23.74
N LYS C 526 -2.07 27.28 -24.68
CA LYS C 526 -2.07 28.55 -25.40
C LYS C 526 -2.62 29.67 -24.52
N LYS C 527 -2.01 30.85 -24.66
CA LYS C 527 -2.51 32.03 -23.96
C LYS C 527 -3.90 32.40 -24.49
N GLU C 528 -4.82 32.68 -23.58
CA GLU C 528 -6.18 33.04 -23.95
C GLU C 528 -6.25 34.54 -24.15
N ILE C 529 -6.38 34.96 -25.41
CA ILE C 529 -6.52 36.38 -25.73
C ILE C 529 -7.94 36.81 -25.34
N PRO C 530 -8.08 37.77 -24.42
CA PRO C 530 -9.43 38.22 -24.04
C PRO C 530 -10.15 38.85 -25.23
N ARG C 531 -11.43 38.52 -25.34
CA ARG C 531 -12.28 39.07 -26.39
C ARG C 531 -13.72 38.85 -25.97
N SER C 532 -14.49 39.93 -25.88
CA SER C 532 -15.88 39.83 -25.44
C SER C 532 -16.72 39.09 -26.46
N THR C 533 -17.69 38.33 -25.97
CA THR C 533 -18.67 37.68 -26.82
C THR C 533 -19.92 38.52 -27.01
N LEU C 534 -19.87 39.79 -26.63
CA LEU C 534 -21.01 40.69 -26.77
C LEU C 534 -21.25 40.94 -28.25
N ASP C 535 -22.27 40.29 -28.81
CA ASP C 535 -22.57 40.46 -30.21
C ASP C 535 -23.06 41.88 -30.52
N SER C 536 -23.95 42.40 -29.68
CA SER C 536 -24.51 43.73 -29.88
C SER C 536 -25.05 44.24 -28.55
N PHE C 537 -25.56 45.47 -28.59
CA PHE C 537 -26.12 46.09 -27.39
C PHE C 537 -27.44 45.45 -26.96
N MET C 538 -28.08 44.69 -27.85
CA MET C 538 -29.36 44.05 -27.56
C MET C 538 -29.21 42.75 -26.80
N GLN C 539 -28.00 42.40 -26.40
CA GLN C 539 -27.80 41.16 -25.66
C GLN C 539 -28.51 41.13 -24.31
N PRO C 540 -28.41 42.15 -23.46
CA PRO C 540 -29.01 42.03 -22.12
C PRO C 540 -30.51 41.77 -22.13
N PHE C 541 -31.23 42.25 -23.13
CA PHE C 541 -32.67 42.09 -23.19
C PHE C 541 -33.04 41.17 -24.33
N GLN C 542 -34.00 40.28 -24.09
CA GLN C 542 -34.54 39.48 -25.17
C GLN C 542 -35.28 40.38 -26.15
N SER C 543 -35.43 39.89 -27.39
CA SER C 543 -36.05 40.70 -28.43
C SER C 543 -37.50 41.06 -28.11
N THR C 544 -38.15 40.31 -27.23
CA THR C 544 -39.50 40.65 -26.83
C THR C 544 -39.52 41.80 -25.82
N LEU C 545 -38.52 41.85 -24.92
CA LEU C 545 -38.46 42.96 -23.98
C LEU C 545 -38.28 44.29 -24.69
N TRP C 546 -37.48 44.32 -25.76
CA TRP C 546 -37.35 45.55 -26.53
C TRP C 546 -38.69 45.97 -27.13
N LEU C 547 -39.50 44.99 -27.54
CA LEU C 547 -40.81 45.32 -28.09
C LEU C 547 -41.77 45.79 -27.01
N LEU C 548 -41.75 45.15 -25.84
CA LEU C 548 -42.69 45.55 -24.80
C LEU C 548 -42.29 46.86 -24.15
N VAL C 549 -40.98 47.12 -24.04
CA VAL C 549 -40.53 48.42 -23.56
C VAL C 549 -40.93 49.50 -24.54
N GLY C 550 -40.75 49.23 -25.84
CA GLY C 550 -41.15 50.21 -26.84
C GLY C 550 -42.65 50.41 -26.92
N LEU C 551 -43.43 49.34 -26.79
CA LEU C 551 -44.88 49.46 -26.84
C LEU C 551 -45.42 50.25 -25.67
N SER C 552 -44.89 50.00 -24.47
CA SER C 552 -45.40 50.67 -23.28
C SER C 552 -45.17 52.18 -23.32
N VAL C 553 -44.15 52.64 -24.04
CA VAL C 553 -43.94 54.08 -24.20
C VAL C 553 -45.16 54.71 -24.86
N HIS C 554 -45.74 54.02 -25.83
CA HIS C 554 -46.92 54.53 -26.52
C HIS C 554 -48.20 54.34 -25.73
N VAL C 555 -48.28 53.29 -24.90
CA VAL C 555 -49.46 53.10 -24.08
C VAL C 555 -49.53 54.16 -22.99
N VAL C 556 -48.39 54.45 -22.35
CA VAL C 556 -48.35 55.50 -21.35
C VAL C 556 -48.60 56.87 -21.99
N ALA C 557 -47.99 57.12 -23.15
CA ALA C 557 -48.14 58.42 -23.80
C ALA C 557 -49.59 58.70 -24.14
N VAL C 558 -50.29 57.73 -24.70
CA VAL C 558 -51.70 57.89 -25.00
C VAL C 558 -52.51 58.07 -23.72
N MET C 559 -52.17 57.32 -22.68
CA MET C 559 -52.91 57.44 -21.42
C MET C 559 -52.70 58.81 -20.79
N LEU C 560 -51.47 59.33 -20.84
CA LEU C 560 -51.23 60.67 -20.31
C LEU C 560 -52.03 61.71 -21.07
N TYR C 561 -52.14 61.56 -22.39
CA TYR C 561 -52.92 62.48 -23.19
C TYR C 561 -54.39 62.43 -22.80
N LEU C 562 -54.93 61.23 -22.60
CA LEU C 562 -56.35 61.09 -22.31
C LEU C 562 -56.66 61.49 -20.87
N LEU C 563 -55.77 61.18 -19.94
CA LEU C 563 -55.98 61.59 -18.57
C LEU C 563 -55.98 63.10 -18.42
N ASP C 564 -55.05 63.78 -19.11
CA ASP C 564 -54.97 65.23 -19.03
C ASP C 564 -56.17 65.89 -19.68
N ARG C 565 -56.55 65.43 -20.87
CA ARG C 565 -57.60 66.09 -21.64
C ARG C 565 -58.95 65.99 -20.94
N PHE C 566 -59.24 64.86 -20.31
CA PHE C 566 -60.55 64.60 -19.75
C PHE C 566 -60.64 64.85 -18.26
N SER C 567 -59.62 65.38 -17.67
CA SER C 567 -59.82 65.55 -16.24
C SER C 567 -60.17 66.99 -15.91
N PRO C 568 -60.99 67.20 -14.88
CA PRO C 568 -61.35 68.57 -14.49
C PRO C 568 -60.16 69.30 -13.90
N PHE C 569 -60.17 70.62 -14.08
CA PHE C 569 -59.13 71.54 -13.60
C PHE C 569 -57.72 70.97 -13.67
N ASP C 582 -50.72 74.45 -22.02
CA ASP C 582 -50.28 73.93 -20.73
C ASP C 582 -50.60 72.45 -20.61
N ALA C 583 -51.75 72.05 -21.15
CA ALA C 583 -52.15 70.65 -21.11
C ALA C 583 -51.30 69.84 -22.08
N LEU C 584 -51.23 68.53 -21.81
CA LEU C 584 -50.40 67.64 -22.61
C LEU C 584 -51.14 67.26 -23.88
N THR C 585 -50.61 67.68 -25.03
CA THR C 585 -51.14 67.24 -26.30
C THR C 585 -50.59 65.86 -26.64
N LEU C 586 -51.11 65.27 -27.72
CA LEU C 586 -50.68 63.93 -28.10
C LEU C 586 -49.21 63.92 -28.47
N SER C 587 -48.77 64.91 -29.24
CA SER C 587 -47.36 64.99 -29.60
C SER C 587 -46.50 65.25 -28.37
N SER C 588 -46.93 66.14 -27.49
CA SER C 588 -46.16 66.45 -26.29
C SER C 588 -46.03 65.22 -25.39
N ALA C 589 -47.10 64.44 -25.27
CA ALA C 589 -47.06 63.26 -24.43
C ALA C 589 -46.10 62.20 -24.98
N MET C 590 -45.95 62.13 -26.30
CA MET C 590 -44.99 61.20 -26.88
C MET C 590 -43.56 61.63 -26.61
N TRP C 591 -43.32 62.94 -26.56
CA TRP C 591 -41.99 63.44 -26.22
C TRP C 591 -41.68 63.25 -24.75
N PHE C 592 -42.70 63.32 -23.89
CA PHE C 592 -42.47 63.10 -22.48
C PHE C 592 -42.09 61.65 -22.21
N SER C 593 -42.85 60.71 -22.78
CA SER C 593 -42.62 59.30 -22.50
C SER C 593 -41.27 58.84 -23.02
N TRP C 594 -40.89 59.30 -24.21
CA TRP C 594 -39.59 58.93 -24.76
C TRP C 594 -38.46 59.61 -24.01
N GLY C 595 -38.60 60.91 -23.72
CA GLY C 595 -37.54 61.64 -23.08
C GLY C 595 -37.24 61.12 -21.68
N VAL C 596 -38.26 60.66 -20.97
CA VAL C 596 -38.04 60.04 -19.67
C VAL C 596 -37.25 58.74 -19.83
N LEU C 597 -37.61 57.94 -20.83
CA LEU C 597 -36.92 56.67 -21.03
C LEU C 597 -35.48 56.88 -21.49
N LEU C 598 -35.29 57.71 -22.50
CA LEU C 598 -33.97 57.93 -23.10
C LEU C 598 -33.14 58.97 -22.35
N ASN C 599 -33.71 59.61 -21.34
CA ASN C 599 -33.00 60.58 -20.50
C ASN C 599 -32.49 61.76 -21.31
N SER C 600 -33.23 62.13 -22.34
CA SER C 600 -32.90 63.33 -23.11
C SER C 600 -33.76 64.48 -22.64
N GLY C 601 -33.26 65.69 -22.86
CA GLY C 601 -34.02 66.84 -22.45
C GLY C 601 -35.14 67.21 -23.38
N ILE C 602 -35.31 66.47 -24.48
CA ILE C 602 -36.31 66.82 -25.47
C ILE C 602 -37.71 66.73 -24.86
N GLY C 603 -38.54 67.72 -25.15
CA GLY C 603 -39.86 67.75 -24.59
C GLY C 603 -39.93 68.70 -23.41
N GLU C 604 -40.46 69.89 -23.64
CA GLU C 604 -40.55 70.90 -22.61
C GLU C 604 -41.86 70.84 -21.82
N GLY C 605 -42.72 69.88 -22.13
CA GLY C 605 -43.98 69.72 -21.44
C GLY C 605 -43.97 68.58 -20.45
N ALA C 606 -44.78 68.72 -19.42
CA ALA C 606 -44.96 67.73 -18.37
C ALA C 606 -46.45 67.53 -18.14
N PRO C 607 -46.85 66.36 -17.64
CA PRO C 607 -48.28 66.14 -17.39
C PRO C 607 -48.83 67.15 -16.40
N ARG C 608 -50.07 67.56 -16.63
CA ARG C 608 -50.69 68.64 -15.87
C ARG C 608 -51.60 68.14 -14.76
N SER C 609 -52.45 67.16 -15.04
CA SER C 609 -53.44 66.71 -14.07
C SER C 609 -52.80 65.83 -13.01
N PHE C 610 -53.55 65.64 -11.91
CA PHE C 610 -53.09 64.78 -10.84
C PHE C 610 -52.98 63.33 -11.28
N SER C 611 -53.97 62.85 -12.04
CA SER C 611 -53.97 61.45 -12.47
C SER C 611 -52.85 61.18 -13.47
N ALA C 612 -52.58 62.14 -14.36
CA ALA C 612 -51.50 61.96 -15.32
C ALA C 612 -50.13 62.01 -14.64
N ARG C 613 -50.01 62.80 -13.57
CA ARG C 613 -48.73 62.91 -12.88
C ARG C 613 -48.32 61.60 -12.23
N ILE C 614 -49.28 60.88 -11.63
CA ILE C 614 -48.97 59.60 -10.99
C ILE C 614 -48.39 58.62 -12.01
N LEU C 615 -49.01 58.54 -13.19
CA LEU C 615 -48.50 57.70 -14.25
C LEU C 615 -47.13 58.18 -14.73
N GLY C 616 -46.92 59.49 -14.74
CA GLY C 616 -45.62 60.02 -15.10
C GLY C 616 -44.57 59.79 -14.03
N MET C 617 -44.98 59.63 -12.78
CA MET C 617 -44.03 59.33 -11.72
C MET C 617 -43.63 57.86 -11.72
N VAL C 618 -44.59 56.97 -11.98
CA VAL C 618 -44.27 55.54 -12.10
C VAL C 618 -43.47 55.27 -13.36
N TRP C 619 -43.83 55.92 -14.46
CA TRP C 619 -43.09 55.75 -15.71
C TRP C 619 -41.62 56.15 -15.53
N ALA C 620 -41.37 57.20 -14.74
CA ALA C 620 -40.00 57.58 -14.45
C ALA C 620 -39.28 56.49 -13.67
N GLY C 621 -39.97 55.88 -12.69
CA GLY C 621 -39.38 54.78 -11.96
C GLY C 621 -39.19 53.54 -12.82
N PHE C 622 -40.16 53.24 -13.67
CA PHE C 622 -40.03 52.12 -14.61
C PHE C 622 -38.85 52.32 -15.53
N ALA C 623 -38.66 53.54 -16.02
CA ALA C 623 -37.56 53.82 -16.93
C ALA C 623 -36.21 53.67 -16.25
N MET C 624 -36.13 53.96 -14.95
CA MET C 624 -34.87 53.79 -14.24
C MET C 624 -34.53 52.31 -14.08
N ILE C 625 -35.51 51.49 -13.73
CA ILE C 625 -35.26 50.08 -13.49
C ILE C 625 -34.82 49.38 -14.77
N ILE C 626 -35.43 49.76 -15.90
CA ILE C 626 -35.03 49.18 -17.18
C ILE C 626 -33.58 49.52 -17.49
N VAL C 627 -33.18 50.77 -17.26
CA VAL C 627 -31.80 51.18 -17.51
C VAL C 627 -30.86 50.55 -16.50
N ALA C 628 -31.27 50.48 -15.23
CA ALA C 628 -30.44 49.88 -14.20
C ALA C 628 -30.21 48.40 -14.46
N SER C 629 -31.26 47.69 -14.86
CA SER C 629 -31.14 46.25 -15.07
C SER C 629 -30.47 45.92 -16.40
N TYR C 630 -30.31 46.88 -17.29
CA TYR C 630 -29.46 46.69 -18.45
C TYR C 630 -28.00 46.62 -18.05
N THR C 631 -27.53 47.59 -17.25
CA THR C 631 -26.13 47.59 -16.83
C THR C 631 -25.86 46.45 -15.85
N ALA C 632 -26.81 46.18 -14.96
CA ALA C 632 -26.64 45.10 -14.01
C ALA C 632 -26.56 43.74 -14.71
N ASN C 633 -27.34 43.57 -15.77
CA ASN C 633 -27.23 42.33 -16.55
C ASN C 633 -26.01 42.35 -17.46
N LEU C 634 -25.66 43.51 -18.00
CA LEU C 634 -24.43 43.61 -18.79
C LEU C 634 -23.21 43.30 -17.94
N ALA C 635 -23.17 43.81 -16.72
CA ALA C 635 -22.06 43.51 -15.83
C ALA C 635 -22.00 42.01 -15.50
N ALA C 636 -23.16 41.40 -15.29
CA ALA C 636 -23.19 39.96 -15.04
C ALA C 636 -22.66 39.19 -16.23
N PHE C 637 -23.02 39.62 -17.44
CA PHE C 637 -22.50 38.99 -18.64
C PHE C 637 -20.99 39.19 -18.76
N LEU C 638 -20.52 40.41 -18.48
CA LEU C 638 -19.10 40.70 -18.63
C LEU C 638 -18.26 40.04 -17.54
N VAL C 639 -18.78 40.01 -16.31
CA VAL C 639 -18.06 39.32 -15.24
C VAL C 639 -17.98 37.83 -15.52
N LEU C 640 -19.07 37.23 -15.99
CA LEU C 640 -19.14 35.79 -16.24
C LEU C 640 -18.87 35.45 -17.70
N ASP C 641 -18.08 36.27 -18.39
CA ASP C 641 -17.69 36.00 -19.77
C ASP C 641 -16.40 35.22 -19.86
N ARG C 642 -16.08 34.44 -18.85
CA ARG C 642 -14.79 33.78 -18.77
C ARG C 642 -14.71 32.62 -19.75
N PRO C 643 -13.64 32.50 -20.52
CA PRO C 643 -13.44 31.34 -21.41
C PRO C 643 -12.80 30.18 -20.63
N GLU C 644 -13.65 29.44 -19.93
CA GLU C 644 -13.23 28.39 -19.00
C GLU C 644 -12.28 28.97 -17.96
N GLU C 645 -11.48 28.12 -17.30
CA GLU C 645 -10.50 28.59 -16.35
C GLU C 645 -9.08 28.32 -16.84
N ARG C 646 -8.74 27.06 -17.08
CA ARG C 646 -7.52 26.62 -17.76
C ARG C 646 -7.54 25.10 -17.78
N ILE C 647 -6.58 24.52 -18.49
CA ILE C 647 -6.45 23.07 -18.55
C ILE C 647 -5.95 22.52 -17.22
N THR C 648 -5.06 23.24 -16.55
CA THR C 648 -4.57 22.91 -15.21
C THR C 648 -3.83 21.57 -15.27
N GLY C 649 -3.54 20.96 -14.10
CA GLY C 649 -2.62 19.85 -14.03
C GLY C 649 -3.29 18.50 -14.25
N ILE C 650 -2.54 17.44 -13.92
CA ILE C 650 -3.02 16.09 -14.14
C ILE C 650 -4.23 15.79 -13.28
N ASN C 651 -4.37 16.47 -12.15
CA ASN C 651 -5.49 16.23 -11.25
C ASN C 651 -6.83 16.55 -11.91
N ASP C 652 -6.83 17.39 -12.94
CA ASP C 652 -8.07 17.70 -13.63
C ASP C 652 -8.62 16.45 -14.30
N PRO C 653 -9.94 16.23 -14.28
CA PRO C 653 -10.50 15.02 -14.88
C PRO C 653 -10.55 15.04 -16.40
N ARG C 654 -10.37 16.21 -17.02
CA ARG C 654 -10.38 16.27 -18.48
C ARG C 654 -9.24 15.45 -19.05
N LEU C 655 -8.06 15.52 -18.44
CA LEU C 655 -6.93 14.72 -18.89
C LEU C 655 -7.09 13.26 -18.49
N ARG C 656 -7.80 13.00 -17.40
CA ARG C 656 -7.96 11.62 -16.93
C ARG C 656 -8.74 10.78 -17.94
N ASN C 657 -9.77 11.37 -18.55
CA ASN C 657 -10.42 10.57 -19.57
C ASN C 657 -9.97 11.01 -20.96
N PRO C 658 -9.79 10.08 -21.88
CA PRO C 658 -9.38 10.44 -23.25
C PRO C 658 -10.58 10.86 -24.09
N SER C 659 -10.64 12.15 -24.42
CA SER C 659 -11.65 12.69 -25.31
C SER C 659 -10.99 13.14 -26.61
N ASP C 660 -11.78 13.16 -27.68
CA ASP C 660 -11.22 13.46 -29.00
C ASP C 660 -10.92 14.95 -29.14
N LYS C 661 -11.78 15.82 -28.61
CA LYS C 661 -11.58 17.25 -28.75
C LYS C 661 -10.31 17.70 -28.02
N PHE C 662 -10.06 17.16 -26.84
CA PHE C 662 -8.85 17.46 -26.08
C PHE C 662 -7.75 16.52 -26.51
N ILE C 663 -6.65 17.08 -27.01
CA ILE C 663 -5.49 16.29 -27.42
C ILE C 663 -4.31 16.72 -26.57
N TYR C 664 -3.68 15.76 -25.92
CA TYR C 664 -2.43 15.98 -25.18
C TYR C 664 -1.42 14.94 -25.60
N ALA C 665 -0.15 15.34 -25.60
CA ALA C 665 0.90 14.44 -26.09
C ALA C 665 2.22 14.85 -25.48
N THR C 666 3.19 13.93 -25.57
CA THR C 666 4.57 14.19 -25.17
C THR C 666 5.49 13.80 -26.31
N VAL C 667 6.78 13.73 -26.04
CA VAL C 667 7.75 13.31 -27.04
C VAL C 667 7.98 11.81 -26.92
N LYS C 668 8.06 11.14 -28.07
CA LYS C 668 8.28 9.71 -28.10
C LYS C 668 9.62 9.36 -27.45
N GLN C 669 9.63 8.26 -26.71
CA GLN C 669 10.87 7.67 -26.19
C GLN C 669 11.64 8.67 -25.33
N SER C 670 11.02 9.07 -24.23
CA SER C 670 11.61 10.01 -23.29
C SER C 670 11.35 9.49 -21.88
N SER C 671 11.63 10.33 -20.89
CA SER C 671 11.32 9.97 -19.50
C SER C 671 9.83 10.06 -19.22
N VAL C 672 9.14 10.98 -19.88
CA VAL C 672 7.70 11.15 -19.65
C VAL C 672 6.95 9.89 -20.07
N ASP C 673 7.36 9.27 -21.17
CA ASP C 673 6.72 8.04 -21.61
C ASP C 673 6.89 6.93 -20.59
N ILE C 674 8.08 6.81 -20.01
CA ILE C 674 8.31 5.78 -19.00
C ILE C 674 7.45 6.05 -17.77
N TYR C 675 7.35 7.31 -17.37
CA TYR C 675 6.57 7.65 -16.18
C TYR C 675 5.12 7.26 -16.35
N PHE C 676 4.53 7.59 -17.50
CA PHE C 676 3.12 7.26 -17.71
C PHE C 676 2.93 5.77 -17.93
N ARG C 677 3.90 5.12 -18.58
CA ARG C 677 3.82 3.67 -18.76
C ARG C 677 3.89 2.94 -17.43
N ARG C 678 4.82 3.35 -16.57
CA ARG C 678 4.98 2.69 -15.28
C ARG C 678 3.89 3.03 -14.29
N GLN C 679 3.11 4.09 -14.55
CA GLN C 679 2.03 4.44 -13.64
C GLN C 679 0.86 3.48 -13.78
N VAL C 680 0.13 3.30 -12.69
CA VAL C 680 -0.97 2.35 -12.63
C VAL C 680 -2.30 3.03 -12.97
N GLU C 681 -2.56 4.17 -12.34
CA GLU C 681 -3.83 4.86 -12.54
C GLU C 681 -3.88 5.68 -13.82
N LEU C 682 -2.75 5.87 -14.50
CA LEU C 682 -2.70 6.69 -15.70
C LEU C 682 -2.63 5.85 -16.97
N SER C 683 -3.00 4.57 -16.89
CA SER C 683 -3.02 3.73 -18.09
C SER C 683 -4.04 4.24 -19.11
N THR C 684 -5.06 4.96 -18.65
CA THR C 684 -6.02 5.53 -19.58
C THR C 684 -5.43 6.71 -20.34
N MET C 685 -4.58 7.51 -19.71
CA MET C 685 -3.97 8.63 -20.40
C MET C 685 -2.87 8.19 -21.33
N TYR C 686 -2.16 7.11 -21.00
CA TYR C 686 -1.05 6.66 -21.83
C TYR C 686 -1.54 6.25 -23.21
N ARG C 687 -2.69 5.58 -23.29
CA ARG C 687 -3.23 5.17 -24.58
C ARG C 687 -3.56 6.38 -25.45
N HIS C 688 -4.06 7.45 -24.84
CA HIS C 688 -4.30 8.68 -25.60
C HIS C 688 -2.99 9.25 -26.14
N MET C 689 -1.94 9.24 -25.33
CA MET C 689 -0.66 9.79 -25.76
C MET C 689 -0.03 8.94 -26.86
N GLU C 690 -0.16 7.62 -26.75
CA GLU C 690 0.55 6.73 -27.68
C GLU C 690 0.16 6.98 -29.12
N LYS C 691 -1.07 7.44 -29.36
CA LYS C 691 -1.53 7.73 -30.71
C LYS C 691 -1.35 9.20 -31.11
N HIS C 692 -0.71 10.00 -30.27
CA HIS C 692 -0.50 11.41 -30.58
C HIS C 692 0.91 11.91 -30.29
N ASN C 693 1.82 11.04 -29.84
CA ASN C 693 3.13 11.49 -29.39
C ASN C 693 3.92 12.10 -30.55
N TYR C 694 4.78 13.06 -30.21
CA TYR C 694 5.56 13.79 -31.19
C TYR C 694 6.99 13.29 -31.22
N GLU C 695 7.68 13.59 -32.32
CA GLU C 695 9.06 13.15 -32.49
C GLU C 695 10.03 13.99 -31.69
N SER C 696 9.75 15.29 -31.51
CA SER C 696 10.64 16.15 -30.74
C SER C 696 9.83 17.28 -30.13
N ALA C 697 10.36 17.85 -29.05
CA ALA C 697 9.67 18.90 -28.33
C ALA C 697 9.53 20.18 -29.15
N ALA C 698 10.38 20.37 -30.16
CA ALA C 698 10.24 21.56 -31.00
C ALA C 698 8.94 21.53 -31.80
N GLU C 699 8.57 20.35 -32.31
CA GLU C 699 7.34 20.24 -33.07
C GLU C 699 6.12 20.43 -32.18
N ALA C 700 6.12 19.82 -30.99
CA ALA C 700 4.95 19.87 -30.13
C ALA C 700 4.65 21.30 -29.68
N ILE C 701 5.68 22.06 -29.35
CA ILE C 701 5.48 23.46 -29.00
C ILE C 701 4.92 24.22 -30.20
N GLN C 702 5.45 23.96 -31.39
CA GLN C 702 4.91 24.58 -32.60
C GLN C 702 3.50 24.13 -32.88
N ALA C 703 3.17 22.88 -32.54
CA ALA C 703 1.82 22.38 -32.77
C ALA C 703 0.80 23.13 -31.92
N VAL C 704 1.15 23.43 -30.66
CA VAL C 704 0.25 24.22 -29.82
C VAL C 704 0.03 25.60 -30.42
N ARG C 705 1.09 26.20 -30.96
CA ARG C 705 0.96 27.51 -31.59
C ARG C 705 0.04 27.46 -32.81
N ASP C 706 -0.05 26.30 -33.45
CA ASP C 706 -0.95 26.11 -34.59
C ASP C 706 -2.32 25.62 -34.17
N ASN C 707 -2.58 25.50 -32.87
CA ASN C 707 -3.86 25.11 -32.31
C ASN C 707 -4.29 23.71 -32.76
N LYS C 708 -3.34 22.88 -33.18
CA LYS C 708 -3.61 21.46 -33.37
C LYS C 708 -3.30 20.64 -32.13
N LEU C 709 -2.80 21.28 -31.08
CA LEU C 709 -2.57 20.65 -29.78
C LEU C 709 -2.98 21.63 -28.70
N HIS C 710 -3.30 21.10 -27.52
CA HIS C 710 -3.73 21.93 -26.41
C HIS C 710 -3.02 21.65 -25.11
N ALA C 711 -2.18 20.62 -25.04
CA ALA C 711 -1.49 20.27 -23.81
C ALA C 711 -0.26 19.47 -24.16
N PHE C 712 0.92 19.99 -23.81
CA PHE C 712 2.19 19.31 -24.04
C PHE C 712 2.83 19.05 -22.68
N ILE C 713 2.93 17.78 -22.31
CA ILE C 713 3.45 17.40 -21.00
C ILE C 713 4.94 17.14 -21.13
N TRP C 714 5.76 18.08 -20.68
CA TRP C 714 7.20 18.01 -20.86
C TRP C 714 7.88 18.61 -19.63
N ASP C 715 9.21 18.65 -19.68
CA ASP C 715 9.99 19.15 -18.56
C ASP C 715 9.68 20.63 -18.31
N SER C 716 9.63 21.00 -17.04
CA SER C 716 9.25 22.36 -16.68
C SER C 716 10.24 23.38 -17.21
N ALA C 717 11.54 23.07 -17.13
CA ALA C 717 12.56 24.05 -17.51
C ALA C 717 12.45 24.43 -18.97
N VAL C 718 12.13 23.47 -19.83
CA VAL C 718 11.95 23.78 -21.25
C VAL C 718 10.67 24.57 -21.47
N LEU C 719 9.58 24.14 -20.85
CA LEU C 719 8.28 24.75 -21.12
C LEU C 719 8.20 26.17 -20.55
N GLU C 720 8.80 26.39 -19.38
CA GLU C 720 8.78 27.73 -18.81
C GLU C 720 9.58 28.71 -19.66
N PHE C 721 10.58 28.22 -20.40
CA PHE C 721 11.32 29.07 -21.32
C PHE C 721 10.43 29.58 -22.44
N GLU C 722 9.58 28.72 -22.98
CA GLU C 722 8.68 29.13 -24.06
C GLU C 722 7.69 30.18 -23.59
N ALA C 723 7.18 30.03 -22.37
CA ALA C 723 6.25 31.02 -21.84
C ALA C 723 6.91 32.39 -21.72
N SER C 724 8.18 32.42 -21.30
CA SER C 724 8.88 33.69 -21.18
C SER C 724 9.20 34.27 -22.55
N GLN C 725 9.53 33.42 -23.52
CA GLN C 725 9.93 33.88 -24.84
C GLN C 725 8.74 34.08 -25.78
N LYS C 726 7.66 33.34 -25.61
CA LYS C 726 6.50 33.44 -26.47
C LYS C 726 5.30 33.83 -25.63
N CYS C 727 4.63 34.92 -26.02
CA CYS C 727 3.46 35.41 -25.31
C CYS C 727 2.17 34.74 -25.76
N ASP C 728 2.25 33.82 -26.72
CA ASP C 728 1.10 33.05 -27.15
C ASP C 728 0.95 31.74 -26.38
N LEU C 729 1.90 31.37 -25.54
CA LEU C 729 1.83 30.16 -24.74
C LEU C 729 2.00 30.50 -23.27
N VAL C 730 1.09 30.02 -22.45
CA VAL C 730 1.12 30.24 -21.01
C VAL C 730 1.29 28.90 -20.32
N THR C 731 2.25 28.83 -19.41
CA THR C 731 2.46 27.62 -18.65
C THR C 731 1.44 27.54 -17.52
N THR C 732 0.66 26.48 -17.49
CA THR C 732 -0.33 26.28 -16.43
C THR C 732 -0.30 24.84 -15.97
N GLY C 733 -0.27 24.65 -14.66
CA GLY C 733 -0.23 23.33 -14.09
C GLY C 733 0.69 23.26 -12.89
N GLU C 734 0.66 22.15 -12.17
CA GLU C 734 1.50 21.95 -11.01
C GLU C 734 2.51 20.85 -11.28
N LEU C 735 3.71 21.02 -10.73
CA LEU C 735 4.83 20.13 -11.02
C LEU C 735 4.53 18.72 -10.53
N PHE C 736 5.00 17.73 -11.29
CA PHE C 736 4.95 16.35 -10.87
C PHE C 736 6.12 15.61 -11.51
N PHE C 737 6.47 14.48 -10.92
CA PHE C 737 7.68 13.73 -11.26
C PHE C 737 8.91 14.65 -11.21
N ARG C 738 9.20 15.11 -10.00
CA ARG C 738 10.27 16.10 -9.80
C ARG C 738 11.61 15.38 -9.70
N SER C 739 12.19 15.09 -10.86
CA SER C 739 13.54 14.55 -10.95
C SER C 739 14.34 15.40 -11.92
N GLY C 740 15.52 15.85 -11.47
CA GLY C 740 16.28 16.84 -12.20
C GLY C 740 17.12 16.25 -13.30
N PHE C 741 17.95 17.11 -13.89
CA PHE C 741 18.81 16.75 -15.01
C PHE C 741 20.21 16.47 -14.50
N GLY C 742 20.79 15.35 -14.93
CA GLY C 742 22.12 14.99 -14.53
C GLY C 742 22.98 14.65 -15.73
N ILE C 743 24.28 14.78 -15.53
CA ILE C 743 25.27 14.37 -16.51
C ILE C 743 25.45 12.86 -16.39
N GLY C 744 25.05 12.13 -17.43
CA GLY C 744 25.08 10.68 -17.39
C GLY C 744 26.37 10.14 -17.96
N MET C 745 27.00 9.24 -17.22
CA MET C 745 28.18 8.51 -17.67
C MET C 745 27.98 7.03 -17.36
N ARG C 746 28.89 6.21 -17.89
CA ARG C 746 28.79 4.78 -17.68
C ARG C 746 29.19 4.44 -16.24
N LYS C 747 29.04 3.15 -15.89
CA LYS C 747 29.26 2.74 -14.51
C LYS C 747 30.70 2.97 -14.06
N ASP C 748 31.66 2.69 -14.94
CA ASP C 748 33.07 2.86 -14.57
C ASP C 748 33.36 4.30 -14.20
N SER C 749 33.24 5.20 -15.18
CA SER C 749 33.22 6.65 -14.99
C SER C 749 34.31 7.12 -14.03
N PRO C 750 35.57 7.20 -14.48
CA PRO C 750 36.60 7.79 -13.62
C PRO C 750 36.33 9.23 -13.27
N TRP C 751 35.42 9.91 -13.98
CA TRP C 751 35.06 11.28 -13.70
C TRP C 751 33.83 11.41 -12.82
N LYS C 752 33.29 10.31 -12.32
CA LYS C 752 32.02 10.36 -11.59
C LYS C 752 32.12 11.26 -10.36
N GLN C 753 33.12 11.03 -9.51
CA GLN C 753 33.19 11.81 -8.28
C GLN C 753 33.49 13.28 -8.56
N ASN C 754 34.40 13.56 -9.49
CA ASN C 754 34.80 14.93 -9.74
C ASN C 754 33.73 15.72 -10.49
N VAL C 755 32.91 15.06 -11.28
CA VAL C 755 31.86 15.76 -12.02
C VAL C 755 30.78 16.25 -11.06
N SER C 756 30.33 15.39 -10.15
CA SER C 756 29.25 15.76 -9.25
C SER C 756 29.70 16.85 -8.27
N LEU C 757 30.96 16.81 -7.85
CA LEU C 757 31.45 17.85 -6.94
C LEU C 757 31.49 19.21 -7.64
N SER C 758 31.93 19.25 -8.90
CA SER C 758 31.96 20.51 -9.62
C SER C 758 30.56 21.01 -9.94
N ILE C 759 29.59 20.11 -10.02
CA ILE C 759 28.21 20.54 -10.14
C ILE C 759 27.73 21.12 -8.82
N LEU C 760 28.03 20.46 -7.71
CA LEU C 760 27.67 20.98 -6.40
C LEU C 760 28.41 22.28 -6.10
N LYS C 761 29.70 22.34 -6.42
CA LYS C 761 30.48 23.53 -6.15
C LYS C 761 29.96 24.72 -6.95
N SER C 762 29.63 24.50 -8.22
CA SER C 762 29.08 25.58 -9.03
C SER C 762 27.73 26.03 -8.53
N HIS C 763 26.95 25.13 -7.92
CA HIS C 763 25.69 25.52 -7.32
C HIS C 763 25.92 26.48 -6.16
N GLU C 764 26.93 26.19 -5.33
CA GLU C 764 27.26 27.06 -4.20
C GLU C 764 28.10 28.27 -4.61
N ASN C 765 28.71 28.25 -5.78
CA ASN C 765 29.49 29.37 -6.28
C ASN C 765 28.65 30.38 -7.05
N GLY C 766 27.36 30.11 -7.23
CA GLY C 766 26.55 30.96 -8.06
C GLY C 766 26.79 30.81 -9.54
N PHE C 767 27.56 29.81 -9.96
CA PHE C 767 27.84 29.65 -11.39
C PHE C 767 26.59 29.27 -12.17
N MET C 768 25.79 28.34 -11.63
CA MET C 768 24.56 27.97 -12.31
C MET C 768 23.51 29.08 -12.22
N GLU C 769 23.61 29.94 -11.22
CA GLU C 769 22.74 31.11 -11.16
C GLU C 769 23.04 32.06 -12.31
N ASP C 770 24.32 32.24 -12.63
CA ASP C 770 24.69 33.05 -13.79
C ASP C 770 24.19 32.43 -15.08
N LEU C 771 24.36 31.12 -15.23
CA LEU C 771 23.89 30.45 -16.44
C LEU C 771 22.38 30.41 -16.51
N ASP C 772 21.71 30.46 -15.36
CA ASP C 772 20.26 30.57 -15.35
C ASP C 772 19.81 31.90 -15.94
N LYS C 773 20.52 32.98 -15.60
CA LYS C 773 20.14 34.30 -16.07
C LYS C 773 20.35 34.46 -17.57
N THR C 774 21.50 33.98 -18.08
CA THR C 774 21.86 34.27 -19.45
C THR C 774 21.19 33.36 -20.46
N TRP C 775 20.51 32.31 -20.02
CA TRP C 775 19.98 31.33 -20.96
C TRP C 775 18.51 31.04 -20.73
N VAL C 776 18.03 31.20 -19.50
CA VAL C 776 16.67 30.81 -19.12
C VAL C 776 15.84 32.02 -18.75
N ARG C 777 16.30 32.83 -17.80
CA ARG C 777 15.53 33.94 -17.26
C ARG C 777 15.69 35.14 -18.17
N TYR C 778 14.80 35.26 -19.15
CA TYR C 778 14.78 36.40 -20.06
C TYR C 778 13.58 37.32 -19.85
N GLN C 779 12.43 36.77 -19.49
CA GLN C 779 11.20 37.53 -19.24
C GLN C 779 10.84 38.28 -20.51
N GLU C 780 10.67 39.61 -20.49
CA GLU C 780 10.29 40.40 -21.66
C GLU C 780 8.95 39.94 -22.23
N CYS C 781 8.09 39.36 -21.38
CA CYS C 781 6.77 38.91 -21.78
C CYS C 781 5.98 38.58 -20.53
N ASP C 782 4.73 39.05 -20.48
CA ASP C 782 3.90 38.81 -19.31
C ASP C 782 3.43 37.36 -19.27
N SER C 783 2.96 36.95 -18.10
CA SER C 783 2.53 35.57 -17.88
C SER C 783 1.05 35.38 -18.15
N ARG C 784 0.20 36.10 -17.41
CA ARG C 784 -1.24 35.96 -17.56
C ARG C 784 -1.91 37.17 -16.93
N SER C 785 -3.24 37.14 -16.92
CA SER C 785 -4.04 38.21 -16.32
C SER C 785 -5.41 37.63 -15.99
N ASN C 786 -6.26 38.48 -15.41
CA ASN C 786 -7.62 38.07 -15.06
C ASN C 786 -8.56 38.10 -16.25
N ALA C 787 -8.04 38.32 -17.45
CA ALA C 787 -8.81 38.37 -18.68
C ALA C 787 -10.09 39.21 -18.59
N PRO C 788 -10.01 40.47 -18.13
CA PRO C 788 -11.16 41.37 -18.27
C PRO C 788 -11.10 42.10 -19.61
N ALA C 789 -11.61 41.44 -20.64
CA ALA C 789 -11.56 41.99 -21.99
C ALA C 789 -12.24 43.35 -22.08
N THR C 790 -11.58 44.30 -22.73
CA THR C 790 -12.18 45.59 -23.00
C THR C 790 -13.09 45.50 -24.21
N LEU C 791 -14.06 46.41 -24.28
CA LEU C 791 -15.08 46.38 -25.33
C LEU C 791 -14.52 47.07 -26.57
N THR C 792 -14.25 46.29 -27.60
CA THR C 792 -13.71 46.83 -28.84
C THR C 792 -14.82 47.42 -29.70
N PHE C 793 -14.46 47.92 -30.87
CA PHE C 793 -15.44 48.54 -31.75
C PHE C 793 -16.41 47.50 -32.31
N GLU C 794 -15.92 46.32 -32.67
CA GLU C 794 -16.79 45.29 -33.21
C GLU C 794 -17.86 44.88 -32.21
N ASN C 795 -17.50 44.87 -30.92
CA ASN C 795 -18.50 44.60 -29.89
C ASN C 795 -19.48 45.76 -29.76
N MET C 796 -19.00 46.99 -29.93
CA MET C 796 -19.81 48.18 -29.72
C MET C 796 -20.35 48.76 -31.02
N ALA C 797 -20.20 48.06 -32.14
CA ALA C 797 -20.65 48.61 -33.41
C ALA C 797 -22.17 48.59 -33.58
N GLY C 798 -22.89 47.94 -32.67
CA GLY C 798 -24.34 47.90 -32.81
C GLY C 798 -24.98 49.26 -32.68
N VAL C 799 -24.59 50.01 -31.65
CA VAL C 799 -25.17 51.34 -31.44
C VAL C 799 -24.69 52.31 -32.51
N PHE C 800 -23.43 52.21 -32.90
CA PHE C 800 -22.90 53.12 -33.90
C PHE C 800 -23.61 52.96 -35.24
N MET C 801 -23.91 51.72 -35.63
CA MET C 801 -24.66 51.49 -36.84
C MET C 801 -26.12 51.92 -36.70
N LEU C 802 -26.62 52.02 -35.47
CA LEU C 802 -27.96 52.54 -35.25
C LEU C 802 -28.01 54.06 -35.41
N VAL C 803 -26.99 54.75 -34.89
CA VAL C 803 -26.94 56.21 -35.03
C VAL C 803 -26.74 56.60 -36.49
N ALA C 804 -25.89 55.87 -37.21
CA ALA C 804 -25.73 56.14 -38.63
C ALA C 804 -27.03 55.88 -39.39
N GLY C 805 -27.85 54.95 -38.89
CA GLY C 805 -29.18 54.79 -39.45
C GLY C 805 -30.07 55.97 -39.15
N GLY C 806 -29.92 56.57 -37.98
CA GLY C 806 -30.73 57.72 -37.63
C GLY C 806 -30.49 58.90 -38.53
N ILE C 807 -29.24 59.09 -38.96
CA ILE C 807 -28.94 60.14 -39.94
C ILE C 807 -29.55 59.79 -41.30
N VAL C 808 -29.39 58.55 -41.74
CA VAL C 808 -29.97 58.14 -43.02
C VAL C 808 -31.49 58.21 -42.97
N ALA C 809 -32.08 57.69 -41.90
CA ALA C 809 -33.54 57.76 -41.76
C ALA C 809 -34.01 59.19 -41.56
N GLY C 810 -33.14 60.06 -41.03
CA GLY C 810 -33.49 61.46 -40.93
C GLY C 810 -33.48 62.20 -42.25
N ILE C 811 -32.81 61.64 -43.25
CA ILE C 811 -32.84 62.23 -44.59
C ILE C 811 -34.25 62.19 -45.16
N PHE C 812 -34.95 61.07 -44.96
CA PHE C 812 -36.32 60.96 -45.42
C PHE C 812 -37.29 61.75 -44.56
N LEU C 813 -36.96 61.95 -43.28
CA LEU C 813 -37.88 62.63 -42.38
C LEU C 813 -37.90 64.13 -42.63
N ILE C 814 -36.78 64.72 -43.03
CA ILE C 814 -36.77 66.15 -43.33
C ILE C 814 -37.63 66.44 -44.56
N PHE C 815 -37.63 65.53 -45.53
CA PHE C 815 -38.53 65.68 -46.68
C PHE C 815 -39.99 65.56 -46.25
N ILE C 816 -40.29 64.61 -45.37
CA ILE C 816 -41.66 64.43 -44.90
C ILE C 816 -42.10 65.64 -44.07
N GLU C 817 -41.23 66.15 -43.20
CA GLU C 817 -41.59 67.26 -42.34
C GLU C 817 -41.93 68.51 -43.15
N ILE C 818 -41.15 68.78 -44.20
CA ILE C 818 -41.45 69.90 -45.09
C ILE C 818 -42.77 69.65 -45.81
N ALA C 819 -42.99 68.42 -46.30
CA ALA C 819 -44.22 68.12 -47.02
C ALA C 819 -45.44 68.24 -46.12
N TYR C 820 -45.32 67.80 -44.87
CA TYR C 820 -46.46 67.84 -43.96
C TYR C 820 -46.91 69.27 -43.70
N LYS C 821 -45.95 70.19 -43.51
CA LYS C 821 -46.31 71.60 -43.39
C LYS C 821 -46.92 72.13 -44.67
N ARG C 822 -46.37 71.74 -45.82
CA ARG C 822 -46.96 72.13 -47.09
C ARG C 822 -48.33 71.52 -47.29
N HIS C 823 -48.50 70.27 -46.88
CA HIS C 823 -49.80 69.60 -47.04
C HIS C 823 -50.86 70.24 -46.17
N LYS C 824 -50.55 70.47 -44.90
CA LYS C 824 -51.51 71.05 -43.97
C LYS C 824 -50.87 72.13 -43.11
N SER D 43 24.97 -42.39 -56.09
CA SER D 43 24.07 -42.80 -55.02
C SER D 43 24.60 -42.38 -53.65
N ILE D 44 23.75 -42.47 -52.64
CA ILE D 44 24.10 -42.10 -51.27
C ILE D 44 24.05 -43.34 -50.41
N GLY D 45 25.15 -43.64 -49.74
CA GLY D 45 25.22 -44.79 -48.86
C GLY D 45 24.81 -44.45 -47.44
N ILE D 46 23.65 -44.94 -47.02
CA ILE D 46 23.14 -44.72 -45.67
C ILE D 46 22.98 -46.08 -45.00
N ALA D 47 23.53 -46.22 -43.81
CA ALA D 47 23.53 -47.49 -43.08
C ALA D 47 22.83 -47.26 -41.74
N VAL D 48 21.51 -47.42 -41.72
CA VAL D 48 20.78 -47.30 -40.47
C VAL D 48 21.07 -48.52 -39.60
N ILE D 49 21.50 -48.28 -38.38
CA ILE D 49 21.89 -49.33 -37.45
C ILE D 49 20.95 -49.29 -36.26
N LEU D 50 20.36 -50.45 -35.93
CA LEU D 50 19.46 -50.58 -34.80
C LEU D 50 20.12 -51.44 -33.74
N VAL D 51 19.93 -51.06 -32.47
CA VAL D 51 20.54 -51.74 -31.34
C VAL D 51 19.43 -52.24 -30.43
N GLY D 52 19.51 -53.50 -30.04
CA GLY D 52 18.52 -54.07 -29.14
C GLY D 52 17.20 -54.34 -29.83
N THR D 53 16.16 -54.44 -29.01
CA THR D 53 14.83 -54.75 -29.52
C THR D 53 14.26 -53.57 -30.31
N SER D 54 13.83 -53.85 -31.53
CA SER D 54 13.26 -52.82 -32.41
C SER D 54 12.46 -53.51 -33.50
N ASP D 55 11.64 -52.72 -34.19
CA ASP D 55 10.81 -53.21 -35.29
C ASP D 55 11.54 -52.96 -36.60
N GLU D 56 12.43 -53.90 -36.95
CA GLU D 56 13.21 -53.76 -38.17
C GLU D 56 12.32 -53.80 -39.40
N VAL D 57 11.33 -54.70 -39.41
CA VAL D 57 10.44 -54.82 -40.56
C VAL D 57 9.65 -53.52 -40.75
N ALA D 58 9.14 -52.95 -39.66
CA ALA D 58 8.44 -51.68 -39.76
C ALA D 58 9.36 -50.57 -40.25
N ILE D 59 10.61 -50.56 -39.76
CA ILE D 59 11.58 -49.56 -40.22
C ILE D 59 11.88 -49.76 -41.69
N LYS D 60 12.04 -51.01 -42.14
CA LYS D 60 12.33 -51.28 -43.54
C LYS D 60 11.23 -50.79 -44.46
N ASP D 61 9.98 -50.84 -44.00
CA ASP D 61 8.87 -50.35 -44.80
C ASP D 61 8.94 -48.83 -45.01
N ALA D 62 9.45 -48.10 -44.01
CA ALA D 62 9.59 -46.66 -44.17
C ALA D 62 10.59 -46.30 -45.24
N HIS D 63 11.57 -47.17 -45.49
CA HIS D 63 12.53 -46.92 -46.56
C HIS D 63 11.83 -46.89 -47.92
N GLU D 64 10.88 -47.82 -48.13
CA GLU D 64 10.09 -47.79 -49.36
C GLU D 64 9.19 -46.55 -49.40
N LYS D 65 8.58 -46.20 -48.27
CA LYS D 65 7.72 -45.02 -48.23
C LYS D 65 8.52 -43.73 -48.35
N ASP D 66 9.84 -43.79 -48.17
CA ASP D 66 10.69 -42.61 -48.30
C ASP D 66 10.68 -42.13 -49.75
N ASP D 67 10.09 -40.97 -49.98
CA ASP D 67 9.89 -40.42 -51.33
C ASP D 67 10.80 -39.21 -51.51
N PHE D 68 11.88 -39.39 -52.26
CA PHE D 68 12.79 -38.30 -52.59
C PHE D 68 13.09 -38.27 -54.08
N HIS D 69 12.07 -38.56 -54.90
CA HIS D 69 12.25 -38.50 -56.34
C HIS D 69 12.52 -37.08 -56.81
N HIS D 70 11.88 -36.09 -56.17
CA HIS D 70 12.10 -34.70 -56.53
C HIS D 70 13.55 -34.29 -56.30
N LEU D 71 14.13 -34.73 -55.19
CA LEU D 71 15.53 -34.39 -54.91
C LEU D 71 16.49 -35.23 -55.74
N SER D 72 16.08 -36.43 -56.15
CA SER D 72 16.94 -37.35 -56.92
C SER D 72 18.22 -37.65 -56.14
N VAL D 73 18.05 -38.30 -55.00
CA VAL D 73 19.16 -38.59 -54.09
C VAL D 73 19.74 -39.98 -54.27
N VAL D 74 18.95 -40.93 -54.76
CA VAL D 74 19.36 -42.33 -54.88
C VAL D 74 19.85 -42.84 -53.53
N PRO D 75 18.96 -43.06 -52.56
CA PRO D 75 19.40 -43.49 -51.22
C PRO D 75 19.61 -45.00 -51.18
N ARG D 76 20.84 -45.41 -50.88
CA ARG D 76 21.17 -46.83 -50.74
C ARG D 76 21.13 -47.17 -49.25
N VAL D 77 19.91 -47.31 -48.73
CA VAL D 77 19.71 -47.49 -47.30
C VAL D 77 19.90 -48.95 -46.93
N GLU D 78 20.76 -49.21 -45.95
CA GLU D 78 21.05 -50.55 -45.46
C GLU D 78 20.77 -50.59 -43.97
N LEU D 79 20.04 -51.61 -43.53
CA LEU D 79 19.67 -51.76 -42.13
C LEU D 79 20.43 -52.95 -41.55
N VAL D 80 21.14 -52.71 -40.46
CA VAL D 80 21.83 -53.75 -39.71
C VAL D 80 21.43 -53.63 -38.25
N ALA D 81 21.00 -54.74 -37.66
CA ALA D 81 20.57 -54.78 -36.27
C ALA D 81 21.53 -55.65 -35.47
N MET D 82 21.94 -55.15 -34.32
CA MET D 82 22.91 -55.86 -33.49
C MET D 82 22.87 -55.30 -32.07
N ASN D 83 23.08 -56.18 -31.10
CA ASN D 83 22.98 -55.80 -29.70
C ASN D 83 24.11 -54.84 -29.31
N GLU D 84 23.95 -54.20 -28.15
CA GLU D 84 24.90 -53.18 -27.73
C GLU D 84 26.31 -53.74 -27.59
N THR D 85 26.44 -54.91 -26.96
CA THR D 85 27.71 -55.62 -26.82
C THR D 85 28.81 -54.73 -26.26
N ASP D 86 29.78 -54.37 -27.09
CA ASP D 86 30.94 -53.60 -26.67
C ASP D 86 31.20 -52.46 -27.65
N PRO D 87 31.85 -51.39 -27.19
CA PRO D 87 32.17 -50.28 -28.11
C PRO D 87 33.07 -50.69 -29.26
N LYS D 88 33.98 -51.64 -29.05
CA LYS D 88 34.80 -52.13 -30.15
C LYS D 88 33.93 -52.73 -31.25
N SER D 89 32.91 -53.48 -30.87
CA SER D 89 31.93 -53.96 -31.85
C SER D 89 31.19 -52.79 -32.48
N ILE D 90 30.81 -51.80 -31.68
CA ILE D 90 30.16 -50.61 -32.21
C ILE D 90 31.08 -49.89 -33.20
N ILE D 91 32.34 -49.73 -32.83
CA ILE D 91 33.30 -49.11 -33.75
C ILE D 91 33.51 -49.97 -34.97
N THR D 92 33.79 -51.27 -34.76
CA THR D 92 34.14 -52.13 -35.88
C THR D 92 32.96 -52.44 -36.77
N ARG D 93 31.73 -52.23 -36.30
CA ARG D 93 30.58 -52.43 -37.18
C ARG D 93 30.52 -51.38 -38.27
N ILE D 94 30.96 -50.16 -37.98
CA ILE D 94 30.85 -49.06 -38.94
C ILE D 94 31.98 -49.10 -39.95
N CYS D 95 33.23 -49.08 -39.46
CA CYS D 95 34.37 -48.99 -40.37
C CYS D 95 34.47 -50.21 -41.28
N ASP D 96 34.20 -51.40 -40.74
CA ASP D 96 34.19 -52.61 -41.56
C ASP D 96 33.10 -52.51 -42.61
N LEU D 97 31.90 -52.08 -42.22
CA LEU D 97 30.84 -51.89 -43.19
C LEU D 97 31.08 -50.66 -44.06
N MET D 98 31.84 -49.68 -43.56
CA MET D 98 32.21 -48.54 -44.39
C MET D 98 33.08 -48.97 -45.56
N SER D 99 34.05 -49.88 -45.32
CA SER D 99 34.90 -50.38 -46.38
C SER D 99 34.16 -51.32 -47.32
N ASP D 100 32.96 -51.76 -46.96
CA ASP D 100 32.20 -52.69 -47.79
C ASP D 100 31.32 -51.97 -48.81
N ARG D 101 30.69 -50.86 -48.42
CA ARG D 101 29.77 -50.16 -49.29
C ARG D 101 30.12 -48.71 -49.54
N LYS D 102 31.13 -48.17 -48.85
CA LYS D 102 31.51 -46.77 -48.97
C LYS D 102 30.31 -45.86 -48.69
N ILE D 103 29.65 -46.13 -47.58
CA ILE D 103 28.43 -45.38 -47.23
C ILE D 103 28.77 -43.91 -47.00
N GLN D 104 27.81 -43.04 -47.30
CA GLN D 104 28.00 -41.61 -47.11
C GLN D 104 27.55 -41.16 -45.73
N GLY D 105 26.50 -41.76 -45.19
CA GLY D 105 25.98 -41.35 -43.89
C GLY D 105 25.59 -42.55 -43.07
N VAL D 106 25.46 -42.31 -41.77
CA VAL D 106 25.09 -43.34 -40.81
C VAL D 106 23.95 -42.81 -39.94
N VAL D 107 22.92 -43.63 -39.74
CA VAL D 107 21.84 -43.34 -38.82
C VAL D 107 21.88 -44.39 -37.72
N PHE D 108 22.05 -43.94 -36.48
CA PHE D 108 22.24 -44.84 -35.35
C PHE D 108 21.06 -44.74 -34.40
N ALA D 109 20.49 -45.90 -34.06
CA ALA D 109 19.38 -45.98 -33.13
C ALA D 109 19.73 -46.94 -32.01
N ASP D 110 19.14 -46.72 -30.85
CA ASP D 110 19.45 -47.53 -29.68
C ASP D 110 18.27 -47.50 -28.73
N ASP D 111 18.24 -48.46 -27.82
CA ASP D 111 17.30 -48.46 -26.70
C ASP D 111 17.95 -48.18 -25.36
N THR D 112 19.23 -48.50 -25.21
CA THR D 112 19.92 -48.29 -23.95
C THR D 112 20.16 -46.80 -23.72
N ASP D 113 20.19 -46.41 -22.45
CA ASP D 113 20.38 -45.03 -22.04
C ASP D 113 21.83 -44.74 -21.63
N GLN D 114 22.79 -45.41 -22.26
CA GLN D 114 24.20 -45.17 -21.96
C GLN D 114 24.67 -43.94 -22.74
N GLU D 115 25.16 -42.94 -22.01
CA GLU D 115 25.62 -41.71 -22.66
C GLU D 115 26.89 -41.93 -23.46
N ALA D 116 27.66 -42.98 -23.15
CA ALA D 116 28.94 -43.20 -23.81
C ALA D 116 28.79 -43.50 -25.29
N ILE D 117 27.59 -43.89 -25.73
CA ILE D 117 27.38 -44.18 -27.15
C ILE D 117 27.46 -42.90 -27.97
N ALA D 118 26.95 -41.79 -27.43
CA ALA D 118 27.05 -40.53 -28.15
C ALA D 118 28.50 -40.11 -28.36
N GLN D 119 29.33 -40.27 -27.33
CA GLN D 119 30.73 -39.87 -27.41
C GLN D 119 31.48 -40.73 -28.41
N ILE D 120 31.23 -42.04 -28.41
CA ILE D 120 31.91 -42.93 -29.35
C ILE D 120 31.51 -42.60 -30.78
N LEU D 121 30.25 -42.22 -30.99
CA LEU D 121 29.78 -41.91 -32.34
C LEU D 121 30.41 -40.65 -32.90
N ASP D 122 31.01 -39.80 -32.05
CA ASP D 122 31.66 -38.60 -32.55
C ASP D 122 32.93 -38.93 -33.34
N PHE D 123 33.69 -39.94 -32.91
CA PHE D 123 34.91 -40.31 -33.63
C PHE D 123 34.60 -40.67 -35.08
N ILE D 124 33.63 -41.56 -35.29
CA ILE D 124 33.29 -41.92 -36.66
C ILE D 124 32.76 -40.70 -37.39
N SER D 125 32.14 -39.77 -36.68
CA SER D 125 31.72 -38.52 -37.30
C SER D 125 32.92 -37.61 -37.57
N ALA D 126 33.96 -37.69 -36.74
CA ALA D 126 35.12 -36.83 -36.86
C ALA D 126 36.29 -37.50 -37.57
N GLN D 127 36.71 -38.67 -37.11
CA GLN D 127 37.84 -39.35 -37.72
C GLN D 127 37.53 -39.75 -39.16
N THR D 128 36.34 -40.27 -39.41
CA THR D 128 35.96 -40.70 -40.75
C THR D 128 35.20 -39.63 -41.53
N LEU D 129 34.86 -38.51 -40.90
CA LEU D 129 34.15 -37.41 -41.55
C LEU D 129 32.88 -37.89 -42.25
N THR D 130 32.15 -38.77 -41.58
CA THR D 130 30.91 -39.32 -42.09
C THR D 130 29.75 -38.89 -41.20
N PRO D 131 28.68 -38.32 -41.76
CA PRO D 131 27.55 -37.89 -40.94
C PRO D 131 26.95 -39.03 -40.14
N ILE D 132 26.63 -38.75 -38.88
CA ILE D 132 26.04 -39.72 -37.97
C ILE D 132 24.88 -39.05 -37.27
N LEU D 133 23.74 -39.73 -37.24
CA LEU D 133 22.51 -39.19 -36.66
C LEU D 133 22.17 -39.98 -35.41
N GLY D 134 22.06 -39.29 -34.29
CA GLY D 134 21.62 -39.90 -33.05
C GLY D 134 20.12 -39.79 -32.87
N ILE D 135 19.37 -40.58 -33.63
CA ILE D 135 17.92 -40.39 -33.68
C ILE D 135 17.27 -40.82 -32.37
N HIS D 136 17.69 -41.95 -31.80
CA HIS D 136 16.99 -42.51 -30.66
C HIS D 136 17.97 -43.13 -29.68
N GLY D 137 17.54 -43.22 -28.43
CA GLY D 137 18.30 -43.94 -27.43
C GLY D 137 19.44 -43.12 -26.85
N GLY D 138 20.51 -43.82 -26.46
CA GLY D 138 21.66 -43.16 -25.90
C GLY D 138 22.34 -42.21 -26.87
N SER D 139 22.31 -42.52 -28.16
CA SER D 139 22.88 -41.64 -29.16
C SER D 139 22.13 -40.31 -29.25
N SER D 140 20.92 -40.23 -28.71
CA SER D 140 20.17 -38.99 -28.67
C SER D 140 20.35 -38.22 -27.38
N MET D 141 21.18 -38.72 -26.46
CA MET D 141 21.51 -37.96 -25.25
C MET D 141 22.41 -36.80 -25.66
N ILE D 142 21.85 -35.58 -25.64
CA ILE D 142 22.56 -34.43 -26.15
C ILE D 142 23.79 -34.15 -25.32
N MET D 143 24.95 -34.07 -25.98
CA MET D 143 26.20 -33.69 -25.34
C MET D 143 26.51 -32.25 -25.71
N ALA D 144 26.79 -31.44 -24.69
CA ALA D 144 26.90 -30.00 -24.91
C ALA D 144 28.10 -29.66 -25.79
N ASP D 145 29.25 -30.29 -25.54
CA ASP D 145 30.48 -29.99 -26.26
C ASP D 145 30.90 -31.18 -27.09
N LYS D 146 31.07 -30.95 -28.39
CA LYS D 146 31.50 -31.97 -29.33
C LYS D 146 32.87 -31.60 -29.88
N ASP D 147 33.35 -32.42 -30.80
CA ASP D 147 34.56 -32.07 -31.53
C ASP D 147 34.29 -30.94 -32.50
N GLU D 148 35.30 -30.10 -32.73
CA GLU D 148 35.14 -28.96 -33.63
C GLU D 148 34.95 -29.40 -35.07
N SER D 149 35.32 -30.63 -35.42
CA SER D 149 35.19 -31.14 -36.78
C SER D 149 34.21 -32.30 -36.87
N SER D 150 33.44 -32.57 -35.83
CA SER D 150 32.58 -33.73 -35.81
C SER D 150 31.35 -33.54 -36.69
N MET D 151 30.93 -34.61 -37.35
CA MET D 151 29.73 -34.62 -38.16
C MET D 151 28.50 -35.11 -37.40
N PHE D 152 28.64 -35.33 -36.10
CA PHE D 152 27.57 -35.90 -35.30
C PHE D 152 26.41 -34.92 -35.14
N PHE D 153 25.20 -35.45 -35.22
CA PHE D 153 23.99 -34.67 -34.97
C PHE D 153 23.02 -35.54 -34.17
N GLN D 154 22.20 -34.89 -33.36
CA GLN D 154 21.35 -35.60 -32.41
C GLN D 154 19.93 -35.08 -32.47
N PHE D 155 19.00 -35.97 -32.14
CA PHE D 155 17.58 -35.64 -32.06
C PHE D 155 17.25 -35.34 -30.61
N GLY D 156 17.57 -34.13 -30.18
CA GLY D 156 17.31 -33.73 -28.82
C GLY D 156 17.37 -32.23 -28.63
N PRO D 157 16.86 -31.76 -27.50
CA PRO D 157 16.95 -30.34 -27.17
C PRO D 157 18.15 -30.03 -26.30
N SER D 158 18.62 -28.79 -26.42
CA SER D 158 19.70 -28.33 -25.58
C SER D 158 19.15 -27.86 -24.23
N ILE D 159 20.06 -27.70 -23.27
CA ILE D 159 19.64 -27.25 -21.95
C ILE D 159 19.16 -25.81 -21.99
N GLU D 160 19.54 -25.04 -23.00
CA GLU D 160 18.98 -23.71 -23.17
C GLU D 160 17.58 -23.77 -23.77
N GLN D 161 17.32 -24.74 -24.63
CA GLN D 161 15.98 -24.91 -25.19
C GLN D 161 15.01 -25.42 -24.14
N GLN D 162 15.46 -26.31 -23.27
CA GLN D 162 14.60 -26.79 -22.20
C GLN D 162 14.33 -25.71 -21.16
N ALA D 163 15.29 -24.80 -20.95
CA ALA D 163 15.07 -23.71 -20.01
C ALA D 163 14.05 -22.70 -20.56
N SER D 164 14.09 -22.45 -21.87
CA SER D 164 13.18 -21.47 -22.46
C SER D 164 11.73 -21.93 -22.35
N VAL D 165 11.47 -23.21 -22.62
CA VAL D 165 10.10 -23.71 -22.53
C VAL D 165 9.64 -23.79 -21.07
N MET D 166 10.57 -24.03 -20.15
CA MET D 166 10.23 -24.00 -18.73
C MET D 166 9.78 -22.62 -18.30
N LEU D 167 10.14 -21.57 -19.04
CA LEU D 167 9.61 -20.23 -18.77
C LEU D 167 8.28 -20.00 -19.47
N ASN D 168 8.01 -20.70 -20.57
CA ASN D 168 6.72 -20.57 -21.23
C ASN D 168 5.60 -21.18 -20.40
N ILE D 169 5.91 -22.23 -19.62
CA ILE D 169 4.91 -22.80 -18.74
C ILE D 169 4.46 -21.79 -17.70
N MET D 170 5.42 -21.07 -17.10
CA MET D 170 5.09 -20.09 -16.08
C MET D 170 4.35 -18.89 -16.66
N GLU D 171 4.68 -18.50 -17.90
CA GLU D 171 3.96 -17.40 -18.54
C GLU D 171 2.50 -17.77 -18.79
N GLU D 172 2.24 -19.01 -19.22
CA GLU D 172 0.88 -19.39 -19.58
C GLU D 172 -0.05 -19.30 -18.38
N TYR D 173 0.42 -19.70 -17.21
CA TYR D 173 -0.39 -19.68 -16.00
C TYR D 173 -0.06 -18.49 -15.10
N ASP D 174 0.69 -17.52 -15.61
CA ASP D 174 0.97 -16.27 -14.89
C ASP D 174 1.70 -16.52 -13.59
N TRP D 175 2.64 -17.47 -13.62
CA TRP D 175 3.59 -17.66 -12.53
C TRP D 175 4.83 -16.83 -12.83
N TYR D 176 5.17 -15.93 -11.90
CA TYR D 176 6.30 -15.04 -12.11
C TYR D 176 7.32 -15.07 -10.98
N ILE D 177 7.06 -15.79 -9.90
CA ILE D 177 8.04 -15.94 -8.84
C ILE D 177 9.04 -17.02 -9.24
N PHE D 178 10.32 -16.77 -8.98
CA PHE D 178 11.40 -17.58 -9.51
C PHE D 178 12.29 -18.06 -8.39
N SER D 179 13.03 -19.14 -8.66
CA SER D 179 14.15 -19.57 -7.84
C SER D 179 14.87 -20.68 -8.58
N ILE D 180 16.20 -20.66 -8.52
CA ILE D 180 17.03 -21.58 -9.29
C ILE D 180 17.99 -22.28 -8.34
N VAL D 181 18.03 -23.61 -8.42
CA VAL D 181 18.90 -24.44 -7.59
C VAL D 181 19.69 -25.34 -8.51
N THR D 182 21.01 -25.21 -8.49
CA THR D 182 21.88 -25.94 -9.41
C THR D 182 23.02 -26.60 -8.64
N THR D 183 23.50 -27.71 -9.19
CA THR D 183 24.69 -28.37 -8.71
C THR D 183 25.88 -27.99 -9.57
N TYR D 184 27.00 -28.68 -9.38
CA TYR D 184 28.20 -28.45 -10.17
C TYR D 184 28.19 -29.20 -11.49
N PHE D 185 27.03 -29.66 -11.96
CA PHE D 185 26.97 -30.34 -13.24
C PHE D 185 27.39 -29.40 -14.36
N PRO D 186 28.07 -29.92 -15.39
CA PRO D 186 28.68 -29.02 -16.39
C PRO D 186 27.69 -28.11 -17.11
N GLY D 187 26.43 -28.51 -17.21
CA GLY D 187 25.49 -27.63 -17.87
C GLY D 187 24.89 -26.55 -17.00
N TYR D 188 25.32 -26.45 -15.74
CA TYR D 188 24.71 -25.50 -14.83
C TYR D 188 24.97 -24.06 -15.25
N GLN D 189 26.13 -23.78 -15.83
CA GLN D 189 26.42 -22.42 -16.27
C GLN D 189 25.53 -22.01 -17.43
N ASP D 190 25.36 -22.88 -18.41
CA ASP D 190 24.53 -22.56 -19.57
C ASP D 190 23.06 -22.48 -19.17
N PHE D 191 22.62 -23.33 -18.26
CA PHE D 191 21.22 -23.32 -17.84
C PHE D 191 20.85 -22.01 -17.16
N VAL D 192 21.69 -21.54 -16.24
CA VAL D 192 21.38 -20.31 -15.51
C VAL D 192 21.53 -19.10 -16.43
N ASN D 193 22.55 -19.11 -17.29
CA ASN D 193 22.78 -17.98 -18.18
C ASN D 193 21.61 -17.76 -19.13
N LYS D 194 21.06 -18.84 -19.69
CA LYS D 194 19.92 -18.70 -20.59
C LYS D 194 18.70 -18.15 -19.85
N ILE D 195 18.46 -18.61 -18.63
CA ILE D 195 17.32 -18.12 -17.88
C ILE D 195 17.48 -16.64 -17.55
N ARG D 196 18.67 -16.25 -17.10
CA ARG D 196 18.89 -14.86 -16.71
C ARG D 196 18.78 -13.93 -17.91
N SER D 197 19.33 -14.34 -19.06
CA SER D 197 19.24 -13.51 -20.26
C SER D 197 17.80 -13.35 -20.72
N THR D 198 17.01 -14.43 -20.68
CA THR D 198 15.63 -14.36 -21.12
C THR D 198 14.77 -13.54 -20.18
N ILE D 199 15.16 -13.44 -18.91
CA ILE D 199 14.40 -12.63 -17.96
C ILE D 199 14.51 -11.15 -18.30
N GLU D 200 15.73 -10.68 -18.56
CA GLU D 200 15.96 -9.26 -18.76
C GLU D 200 15.67 -8.79 -20.18
N ASN D 201 15.47 -9.72 -21.12
CA ASN D 201 15.21 -9.34 -22.50
C ASN D 201 13.73 -9.21 -22.80
N SER D 202 12.86 -9.36 -21.80
CA SER D 202 11.42 -9.24 -21.99
C SER D 202 10.85 -8.31 -20.93
N PHE D 203 9.77 -7.63 -21.28
CA PHE D 203 9.16 -6.66 -20.38
C PHE D 203 8.19 -7.30 -19.39
N VAL D 204 7.94 -8.60 -19.49
CA VAL D 204 7.08 -9.29 -18.54
C VAL D 204 7.76 -9.32 -17.19
N GLY D 205 7.00 -9.00 -16.14
CA GLY D 205 7.56 -8.95 -14.81
C GLY D 205 8.10 -10.28 -14.32
N TRP D 206 9.42 -10.39 -14.27
CA TRP D 206 10.11 -11.59 -13.78
C TRP D 206 10.88 -11.21 -12.53
N GLU D 207 10.71 -11.99 -11.47
CA GLU D 207 11.41 -11.74 -10.21
C GLU D 207 12.19 -13.01 -9.84
N LEU D 208 13.50 -12.97 -10.04
CA LEU D 208 14.38 -14.05 -9.63
C LEU D 208 14.87 -13.79 -8.20
N GLU D 209 14.50 -14.67 -7.27
CA GLU D 209 14.93 -14.47 -5.88
C GLU D 209 16.38 -14.85 -5.69
N GLU D 210 16.74 -16.11 -5.94
CA GLU D 210 18.09 -16.55 -5.66
C GLU D 210 18.48 -17.63 -6.66
N VAL D 211 19.79 -17.78 -6.86
CA VAL D 211 20.35 -18.64 -7.88
C VAL D 211 21.13 -19.72 -7.11
N LEU D 212 20.57 -20.11 -5.96
CA LEU D 212 21.20 -21.06 -5.03
C LEU D 212 21.99 -22.14 -5.75
N LEU D 213 23.24 -22.29 -5.34
CA LEU D 213 24.13 -23.30 -5.90
C LEU D 213 24.58 -24.22 -4.78
N LEU D 214 24.48 -25.53 -5.01
CA LEU D 214 24.79 -26.52 -4.01
C LEU D 214 25.85 -27.47 -4.54
N ASP D 215 26.88 -27.71 -3.76
CA ASP D 215 27.99 -28.58 -4.13
C ASP D 215 27.86 -29.91 -3.41
N MET D 216 27.85 -31.00 -4.17
CA MET D 216 27.69 -32.34 -3.61
C MET D 216 29.02 -33.01 -3.27
N SER D 217 30.14 -32.41 -3.64
CA SER D 217 31.44 -33.02 -3.35
C SER D 217 31.79 -32.97 -1.86
N LEU D 218 31.07 -32.18 -1.07
CA LEU D 218 31.34 -32.10 0.35
C LEU D 218 31.05 -33.43 1.04
N ASP D 219 31.93 -33.81 1.96
CA ASP D 219 31.75 -35.02 2.74
C ASP D 219 31.05 -34.67 4.04
N ASP D 220 29.95 -35.39 4.33
CA ASP D 220 29.11 -35.12 5.48
C ASP D 220 28.66 -33.66 5.50
N GLY D 221 28.36 -33.13 4.32
CA GLY D 221 27.99 -31.74 4.17
C GLY D 221 26.49 -31.52 4.16
N ASP D 222 25.75 -32.45 4.75
CA ASP D 222 24.29 -32.31 4.80
C ASP D 222 23.90 -31.06 5.56
N SER D 223 24.58 -30.76 6.67
CA SER D 223 24.34 -29.50 7.36
C SER D 223 24.70 -28.32 6.48
N LYS D 224 25.83 -28.41 5.77
CA LYS D 224 26.21 -27.35 4.85
C LYS D 224 25.24 -27.25 3.67
N ILE D 225 24.82 -28.40 3.14
CA ILE D 225 23.88 -28.39 2.02
C ILE D 225 22.51 -27.91 2.48
N GLN D 226 22.18 -28.12 3.75
CA GLN D 226 20.93 -27.58 4.29
C GLN D 226 21.05 -26.07 4.51
N ASN D 227 22.23 -25.61 4.93
CA ASN D 227 22.42 -24.19 5.20
C ASN D 227 22.17 -23.34 3.96
N GLN D 228 22.71 -23.76 2.82
CA GLN D 228 22.46 -23.05 1.58
C GLN D 228 21.02 -23.25 1.11
N LEU D 229 20.50 -24.47 1.23
CA LEU D 229 19.14 -24.75 0.78
C LEU D 229 18.09 -24.06 1.64
N LYS D 230 18.44 -23.64 2.85
CA LYS D 230 17.47 -22.97 3.71
C LYS D 230 17.11 -21.57 3.22
N LYS D 231 17.95 -20.97 2.38
CA LYS D 231 17.62 -19.65 1.83
C LYS D 231 16.45 -19.71 0.85
N LEU D 232 16.08 -20.89 0.38
CA LEU D 232 14.97 -21.04 -0.55
C LEU D 232 13.67 -20.62 0.12
N GLN D 233 13.05 -19.57 -0.39
CA GLN D 233 11.76 -19.09 0.12
C GLN D 233 10.86 -18.67 -1.03
N SER D 234 10.85 -19.45 -2.10
CA SER D 234 10.05 -19.11 -3.27
C SER D 234 9.07 -20.24 -3.59
N PRO D 235 7.85 -19.90 -4.03
CA PRO D 235 6.89 -20.95 -4.39
C PRO D 235 7.37 -21.87 -5.49
N ILE D 236 8.14 -21.36 -6.46
CA ILE D 236 8.53 -22.11 -7.64
C ILE D 236 10.03 -22.27 -7.62
N ILE D 237 10.50 -23.51 -7.79
CA ILE D 237 11.92 -23.82 -7.79
C ILE D 237 12.26 -24.51 -9.09
N LEU D 238 13.27 -23.99 -9.78
CA LEU D 238 13.75 -24.57 -11.03
C LEU D 238 15.04 -25.30 -10.72
N LEU D 239 14.95 -26.61 -10.55
CA LEU D 239 16.09 -27.43 -10.16
C LEU D 239 16.82 -27.93 -11.40
N TYR D 240 18.15 -27.99 -11.32
CA TYR D 240 18.95 -28.56 -12.39
C TYR D 240 20.08 -29.37 -11.77
N CYS D 241 19.98 -30.69 -11.82
CA CYS D 241 21.02 -31.56 -11.30
C CYS D 241 20.83 -32.95 -11.90
N THR D 242 21.70 -33.87 -11.50
CA THR D 242 21.60 -35.25 -11.94
C THR D 242 20.38 -35.91 -11.29
N LYS D 243 19.92 -37.01 -11.90
CA LYS D 243 18.77 -37.72 -11.37
C LYS D 243 19.06 -38.22 -9.95
N GLU D 244 20.27 -38.72 -9.71
CA GLU D 244 20.64 -39.13 -8.37
C GLU D 244 20.63 -37.96 -7.40
N GLU D 245 21.15 -36.81 -7.83
CA GLU D 245 21.23 -35.65 -6.94
C GLU D 245 19.86 -35.14 -6.56
N ALA D 246 18.89 -35.20 -7.47
CA ALA D 246 17.55 -34.70 -7.16
C ALA D 246 16.92 -35.48 -6.01
N THR D 247 17.09 -36.81 -6.01
CA THR D 247 16.58 -37.59 -4.89
C THR D 247 17.26 -37.18 -3.59
N TYR D 248 18.59 -36.96 -3.64
CA TYR D 248 19.29 -36.43 -2.49
C TYR D 248 18.79 -35.03 -2.14
N ILE D 249 18.55 -34.20 -3.16
CA ILE D 249 18.05 -32.85 -2.91
C ILE D 249 16.65 -32.91 -2.32
N PHE D 250 15.78 -33.73 -2.90
CA PHE D 250 14.42 -33.85 -2.38
C PHE D 250 14.41 -34.48 -0.99
N GLU D 251 15.31 -35.42 -0.72
CA GLU D 251 15.42 -35.98 0.61
C GLU D 251 15.82 -34.91 1.63
N VAL D 252 16.78 -34.05 1.27
CA VAL D 252 17.13 -32.93 2.13
C VAL D 252 15.97 -31.95 2.24
N ALA D 253 15.31 -31.67 1.12
CA ALA D 253 14.08 -30.87 1.17
C ALA D 253 12.98 -31.59 1.93
N ASN D 254 12.96 -32.92 1.87
CA ASN D 254 12.04 -33.67 2.72
C ASN D 254 12.34 -33.44 4.19
N SER D 255 13.62 -33.37 4.54
CA SER D 255 13.99 -33.04 5.92
C SER D 255 13.47 -31.66 6.30
N VAL D 256 13.58 -30.69 5.39
CA VAL D 256 12.87 -29.43 5.57
C VAL D 256 11.37 -29.66 5.56
N GLY D 257 10.90 -30.46 4.60
CA GLY D 257 9.49 -30.78 4.48
C GLY D 257 8.72 -29.91 3.51
N LEU D 258 9.29 -28.78 3.09
CA LEU D 258 8.64 -27.90 2.13
C LEU D 258 8.99 -28.31 0.70
N THR D 259 8.69 -29.56 0.37
CA THR D 259 8.91 -30.04 -0.99
C THR D 259 7.75 -29.64 -1.89
N GLY D 260 6.56 -30.20 -1.63
CA GLY D 260 5.39 -29.77 -2.34
C GLY D 260 4.13 -29.67 -1.49
N TYR D 261 3.61 -28.47 -1.33
CA TYR D 261 2.25 -28.29 -0.83
C TYR D 261 1.46 -27.32 -1.68
N GLY D 262 2.09 -26.25 -2.16
CA GLY D 262 1.53 -25.35 -3.14
C GLY D 262 2.58 -25.02 -4.16
N TYR D 263 3.79 -25.57 -3.94
CA TYR D 263 4.91 -25.37 -4.83
C TYR D 263 4.68 -26.11 -6.14
N THR D 264 5.40 -25.69 -7.17
CA THR D 264 5.41 -26.38 -8.47
C THR D 264 6.86 -26.41 -8.96
N TRP D 265 7.57 -27.47 -8.60
CA TRP D 265 8.94 -27.63 -9.06
C TRP D 265 8.96 -27.91 -10.55
N ILE D 266 9.81 -27.17 -11.28
CA ILE D 266 9.95 -27.33 -12.72
C ILE D 266 11.38 -27.78 -12.98
N VAL D 267 11.54 -28.83 -13.77
CA VAL D 267 12.77 -29.59 -13.84
C VAL D 267 13.03 -30.04 -15.28
N PRO D 268 14.27 -30.10 -15.74
CA PRO D 268 14.52 -30.57 -17.12
C PRO D 268 14.48 -32.09 -17.19
N SER D 269 14.54 -32.59 -18.43
CA SER D 269 14.43 -34.02 -18.68
C SER D 269 15.63 -34.79 -18.16
N LEU D 270 16.71 -34.12 -17.76
CA LEU D 270 17.86 -34.81 -17.19
C LEU D 270 17.49 -35.52 -15.90
N VAL D 271 16.71 -34.85 -15.05
CA VAL D 271 16.31 -35.46 -13.78
C VAL D 271 15.29 -36.57 -14.02
N ALA D 272 14.32 -36.33 -14.91
CA ALA D 272 13.29 -37.33 -15.16
C ALA D 272 13.89 -38.63 -15.67
N GLY D 273 14.84 -38.53 -16.61
CA GLY D 273 15.51 -39.72 -17.11
C GLY D 273 14.51 -40.69 -17.71
N ASP D 274 14.56 -41.94 -17.26
CA ASP D 274 13.57 -42.93 -17.66
C ASP D 274 12.28 -42.64 -16.91
N THR D 275 11.25 -42.22 -17.64
CA THR D 275 9.99 -41.85 -17.02
C THR D 275 9.28 -43.04 -16.40
N ASP D 276 9.65 -44.27 -16.78
CA ASP D 276 9.04 -45.45 -16.16
C ASP D 276 9.41 -45.55 -14.69
N THR D 277 10.67 -45.28 -14.35
CA THR D 277 11.19 -45.46 -13.00
C THR D 277 11.16 -44.12 -12.28
N VAL D 278 10.23 -43.98 -11.34
CA VAL D 278 10.10 -42.79 -10.50
C VAL D 278 10.59 -43.15 -9.10
N PRO D 279 11.62 -42.48 -8.59
CA PRO D 279 12.24 -42.91 -7.32
C PRO D 279 11.36 -42.70 -6.09
N ALA D 280 10.12 -42.25 -6.25
CA ALA D 280 9.14 -42.06 -5.19
C ALA D 280 9.54 -40.94 -4.22
N GLU D 281 10.75 -40.38 -4.35
CA GLU D 281 11.14 -39.20 -3.60
C GLU D 281 10.86 -37.91 -4.37
N PHE D 282 10.41 -38.01 -5.60
CA PHE D 282 10.00 -36.84 -6.36
C PHE D 282 8.63 -36.38 -5.90
N PRO D 283 8.48 -35.12 -5.49
CA PRO D 283 7.17 -34.68 -4.99
C PRO D 283 6.13 -34.68 -6.09
N THR D 284 4.89 -34.98 -5.70
CA THR D 284 3.79 -34.96 -6.65
C THR D 284 3.58 -33.54 -7.17
N GLY D 285 3.35 -33.42 -8.47
CA GLY D 285 3.26 -32.14 -9.11
C GLY D 285 4.51 -31.67 -9.81
N LEU D 286 5.54 -32.53 -9.89
CA LEU D 286 6.76 -32.16 -10.59
C LEU D 286 6.48 -31.94 -12.07
N ILE D 287 7.17 -30.96 -12.65
CA ILE D 287 7.02 -30.61 -14.06
C ILE D 287 8.35 -30.84 -14.75
N SER D 288 8.33 -31.55 -15.86
CA SER D 288 9.54 -31.82 -16.62
C SER D 288 9.27 -31.66 -18.10
N VAL D 289 10.33 -31.37 -18.85
CA VAL D 289 10.24 -31.14 -20.29
C VAL D 289 10.96 -32.25 -21.03
N SER D 290 10.23 -33.30 -21.39
CA SER D 290 10.81 -34.46 -22.04
C SER D 290 10.61 -34.38 -23.55
N TYR D 291 11.44 -35.11 -24.26
CA TYR D 291 11.30 -35.22 -25.70
C TYR D 291 10.07 -36.05 -26.05
N ASP D 292 9.63 -35.93 -27.30
CA ASP D 292 8.43 -36.62 -27.77
C ASP D 292 8.76 -38.09 -28.02
N GLU D 293 9.03 -38.80 -26.93
CA GLU D 293 9.22 -40.25 -27.00
C GLU D 293 7.91 -40.98 -27.19
N TRP D 294 6.81 -40.42 -26.68
CA TRP D 294 5.51 -41.10 -26.79
C TRP D 294 5.02 -41.14 -28.23
N ASP D 295 5.17 -40.04 -28.97
CA ASP D 295 4.66 -39.97 -30.33
C ASP D 295 5.70 -40.40 -31.36
N TYR D 296 6.89 -39.80 -31.34
CA TYR D 296 7.95 -40.17 -32.28
C TYR D 296 8.57 -41.47 -31.82
N GLY D 297 8.06 -42.57 -32.38
CA GLY D 297 8.68 -43.87 -32.20
C GLY D 297 9.83 -44.07 -33.17
N LEU D 298 10.43 -45.25 -33.08
CA LEU D 298 11.58 -45.55 -33.93
C LEU D 298 11.25 -45.49 -35.42
N PRO D 299 10.14 -46.04 -35.92
CA PRO D 299 9.86 -45.91 -37.36
C PRO D 299 9.73 -44.47 -37.83
N ALA D 300 9.25 -43.57 -36.97
CA ALA D 300 9.16 -42.17 -37.36
C ALA D 300 10.53 -41.52 -37.45
N ARG D 301 11.41 -41.82 -36.49
CA ARG D 301 12.71 -41.16 -36.45
C ARG D 301 13.64 -41.67 -37.53
N VAL D 302 13.58 -42.97 -37.86
CA VAL D 302 14.45 -43.50 -38.89
C VAL D 302 14.12 -42.88 -40.24
N ARG D 303 12.84 -42.58 -40.50
CA ARG D 303 12.47 -41.95 -41.76
C ARG D 303 13.11 -40.57 -41.90
N ASP D 304 13.10 -39.78 -40.82
CA ASP D 304 13.74 -38.47 -40.87
C ASP D 304 15.25 -38.59 -41.00
N GLY D 305 15.84 -39.62 -40.41
CA GLY D 305 17.28 -39.79 -40.52
C GLY D 305 17.73 -40.01 -41.94
N ILE D 306 17.02 -40.86 -42.69
CA ILE D 306 17.36 -41.07 -44.09
C ILE D 306 17.15 -39.80 -44.89
N ALA D 307 16.05 -39.09 -44.63
CA ALA D 307 15.74 -37.89 -45.40
C ALA D 307 16.80 -36.81 -45.18
N ILE D 308 17.26 -36.65 -43.93
CA ILE D 308 18.18 -35.56 -43.62
C ILE D 308 19.51 -35.74 -44.34
N ILE D 309 20.04 -36.97 -44.35
CA ILE D 309 21.30 -37.21 -45.04
C ILE D 309 21.14 -37.05 -46.55
N THR D 310 20.02 -37.53 -47.10
CA THR D 310 19.85 -37.54 -48.55
C THR D 310 19.75 -36.12 -49.10
N THR D 311 18.87 -35.29 -48.53
CA THR D 311 18.65 -33.96 -49.08
C THR D 311 19.88 -33.07 -48.88
N ALA D 312 20.68 -33.35 -47.86
CA ALA D 312 21.92 -32.59 -47.67
C ALA D 312 22.89 -32.85 -48.80
N ALA D 313 23.03 -34.10 -49.22
CA ALA D 313 23.96 -34.43 -50.30
C ALA D 313 23.44 -33.91 -51.64
N SER D 314 22.12 -33.94 -51.84
CA SER D 314 21.57 -33.51 -53.12
C SER D 314 21.87 -32.05 -53.41
N ASP D 315 21.72 -31.19 -52.41
CA ASP D 315 22.07 -29.78 -52.58
C ASP D 315 23.56 -29.62 -52.87
N MET D 316 24.40 -30.36 -52.17
CA MET D 316 25.82 -30.35 -52.47
C MET D 316 26.10 -30.97 -53.83
N LEU D 317 25.40 -32.05 -54.18
CA LEU D 317 25.56 -32.68 -55.49
C LEU D 317 25.07 -31.80 -56.62
N SER D 318 24.24 -30.79 -56.32
CA SER D 318 23.75 -29.87 -57.33
C SER D 318 24.52 -28.55 -57.33
N GLU D 319 24.63 -27.90 -56.16
CA GLU D 319 25.35 -26.63 -56.10
C GLU D 319 26.85 -26.84 -56.25
N HIS D 320 27.45 -27.60 -55.33
CA HIS D 320 28.88 -27.87 -55.44
C HIS D 320 29.17 -28.89 -56.53
N SER D 321 28.23 -29.82 -56.77
CA SER D 321 28.36 -30.83 -57.82
C SER D 321 29.62 -31.66 -57.66
N PHE D 322 29.91 -32.07 -56.42
CA PHE D 322 31.07 -32.88 -56.12
C PHE D 322 30.66 -34.04 -55.23
N ILE D 323 30.81 -35.26 -55.73
CA ILE D 323 30.41 -36.45 -55.00
C ILE D 323 31.42 -36.69 -53.87
N PRO D 324 30.98 -36.82 -52.63
CA PRO D 324 31.91 -37.11 -51.51
C PRO D 324 32.24 -38.59 -51.47
N GLU D 325 33.49 -38.92 -51.79
CA GLU D 325 33.97 -40.29 -51.80
C GLU D 325 35.26 -40.35 -51.00
N PRO D 326 35.17 -40.40 -49.67
CA PRO D 326 36.36 -40.44 -48.84
C PRO D 326 36.90 -41.86 -48.74
N LYS D 327 38.10 -41.97 -48.20
CA LYS D 327 38.73 -43.27 -48.00
C LYS D 327 38.01 -44.01 -46.88
N SER D 328 37.43 -45.17 -47.20
CA SER D 328 36.66 -45.93 -46.23
C SER D 328 37.53 -46.68 -45.24
N SER D 329 38.82 -46.88 -45.55
CA SER D 329 39.70 -47.59 -44.64
C SER D 329 39.98 -46.75 -43.40
N CYS D 330 40.13 -47.43 -42.27
CA CYS D 330 40.44 -46.78 -41.00
C CYS D 330 41.92 -46.78 -40.67
N TYR D 331 42.77 -47.28 -41.57
CA TYR D 331 44.20 -47.39 -41.31
C TYR D 331 44.91 -46.14 -41.82
N ASN D 332 45.73 -45.54 -40.95
CA ASN D 332 46.50 -44.34 -41.27
C ASN D 332 45.58 -43.20 -41.73
N THR D 333 44.71 -42.79 -40.81
CA THR D 333 43.76 -41.71 -41.09
C THR D 333 44.42 -40.33 -41.17
N HIS D 334 45.69 -40.22 -40.76
CA HIS D 334 46.38 -38.93 -40.85
C HIS D 334 46.53 -38.48 -42.30
N GLU D 335 46.86 -39.40 -43.20
CA GLU D 335 46.97 -39.06 -44.61
C GLU D 335 45.62 -38.85 -45.28
N LYS D 336 44.52 -39.21 -44.61
CA LYS D 336 43.19 -39.09 -45.18
C LYS D 336 42.53 -37.76 -44.89
N ARG D 337 43.22 -36.85 -44.20
CA ARG D 337 42.66 -35.55 -43.85
C ARG D 337 42.77 -34.53 -44.97
N ILE D 338 43.37 -34.90 -46.11
CA ILE D 338 43.44 -33.98 -47.24
C ILE D 338 42.04 -33.67 -47.76
N TYR D 339 41.19 -34.69 -47.86
CA TYR D 339 39.82 -34.52 -48.32
C TYR D 339 38.94 -34.17 -47.12
N GLN D 340 38.33 -32.98 -47.17
CA GLN D 340 37.47 -32.49 -46.10
C GLN D 340 36.09 -32.20 -46.68
N SER D 341 35.05 -32.69 -46.00
CA SER D 341 33.67 -32.50 -46.42
C SER D 341 32.94 -31.53 -45.50
N ASN D 342 33.63 -30.48 -45.06
CA ASN D 342 33.01 -29.48 -44.21
C ASN D 342 31.87 -28.77 -44.92
N MET D 343 31.83 -28.80 -46.25
CA MET D 343 30.72 -28.19 -46.98
C MET D 343 29.41 -28.88 -46.66
N LEU D 344 29.42 -30.22 -46.60
CA LEU D 344 28.20 -30.97 -46.30
C LEU D 344 27.63 -30.61 -44.93
N ASN D 345 28.46 -30.11 -44.02
CA ASN D 345 27.96 -29.67 -42.72
C ASN D 345 26.98 -28.51 -42.88
N ARG D 346 27.26 -27.60 -43.82
CA ARG D 346 26.39 -26.45 -44.02
C ARG D 346 25.00 -26.89 -44.49
N TYR D 347 24.93 -27.81 -45.45
CA TYR D 347 23.65 -28.22 -45.97
C TYR D 347 22.89 -29.12 -45.00
N LEU D 348 23.63 -29.89 -44.19
CA LEU D 348 22.98 -30.72 -43.17
C LEU D 348 22.28 -29.86 -42.12
N ILE D 349 22.78 -28.65 -41.88
CA ILE D 349 22.17 -27.77 -40.88
C ILE D 349 20.79 -27.32 -41.33
N ASN D 350 20.66 -26.86 -42.56
CA ASN D 350 19.41 -26.32 -43.07
C ASN D 350 18.77 -27.37 -43.97
N VAL D 351 17.71 -28.01 -43.47
CA VAL D 351 17.00 -29.05 -44.20
C VAL D 351 15.50 -28.80 -44.06
N THR D 352 14.78 -28.87 -45.18
CA THR D 352 13.34 -28.76 -45.20
C THR D 352 12.75 -30.09 -45.68
N PHE D 353 11.77 -30.60 -44.95
CA PHE D 353 11.17 -31.88 -45.27
C PHE D 353 9.73 -31.88 -44.77
N GLU D 354 8.78 -31.98 -45.70
CA GLU D 354 7.35 -32.00 -45.39
C GLU D 354 6.94 -30.78 -44.56
N GLY D 355 7.49 -29.63 -44.90
CA GLY D 355 7.14 -28.40 -44.22
C GLY D 355 7.63 -28.27 -42.80
N ARG D 356 8.51 -29.16 -42.37
CA ARG D 356 9.06 -29.15 -41.02
C ARG D 356 10.51 -28.71 -41.07
N ASN D 357 10.86 -27.72 -40.25
CA ASN D 357 12.22 -27.17 -40.23
C ASN D 357 13.10 -28.08 -39.40
N LEU D 358 13.48 -29.21 -40.01
CA LEU D 358 14.36 -30.18 -39.37
C LEU D 358 15.81 -29.70 -39.41
N SER D 359 16.02 -28.54 -38.80
CA SER D 359 17.31 -27.86 -38.84
C SER D 359 18.07 -28.10 -37.55
N PHE D 360 19.33 -28.46 -37.68
CA PHE D 360 20.18 -28.74 -36.53
C PHE D 360 20.90 -27.45 -36.10
N SER D 361 21.88 -27.60 -35.23
CA SER D 361 22.76 -26.51 -34.83
C SER D 361 24.19 -26.85 -35.23
N GLU D 362 25.07 -25.85 -35.11
CA GLU D 362 26.49 -26.14 -35.20
C GLU D 362 26.95 -27.02 -34.05
N ASP D 363 26.21 -27.05 -32.95
CA ASP D 363 26.52 -27.87 -31.80
C ASP D 363 25.79 -29.20 -31.79
N GLY D 364 24.89 -29.44 -32.74
CA GLY D 364 24.25 -30.72 -32.89
C GLY D 364 22.87 -30.88 -32.28
N TYR D 365 22.27 -29.80 -31.76
CA TYR D 365 20.93 -29.88 -31.23
C TYR D 365 19.93 -29.89 -32.38
N GLN D 366 18.67 -29.63 -32.06
CA GLN D 366 17.62 -29.38 -33.03
C GLN D 366 17.08 -27.98 -32.81
N MET D 367 17.04 -27.17 -33.87
CA MET D 367 16.46 -25.84 -33.77
C MET D 367 15.00 -25.89 -33.36
N HIS D 368 14.23 -26.80 -33.94
CA HIS D 368 12.80 -26.88 -33.70
C HIS D 368 12.44 -28.29 -33.27
N PRO D 369 12.77 -28.66 -32.04
CA PRO D 369 12.37 -29.96 -31.52
C PRO D 369 10.92 -29.93 -31.08
N LYS D 370 10.35 -31.12 -30.93
CA LYS D 370 9.01 -31.29 -30.38
C LYS D 370 9.12 -31.83 -28.96
N LEU D 371 8.63 -31.05 -28.01
CA LEU D 371 8.76 -31.34 -26.59
C LEU D 371 7.38 -31.45 -25.96
N VAL D 372 7.26 -32.33 -24.96
CA VAL D 372 6.04 -32.47 -24.18
C VAL D 372 6.36 -32.25 -22.71
N ILE D 373 5.47 -31.56 -22.02
CA ILE D 373 5.63 -31.30 -20.60
C ILE D 373 4.94 -32.42 -19.84
N ILE D 374 5.71 -33.17 -19.06
CA ILE D 374 5.20 -34.32 -18.33
C ILE D 374 5.04 -33.92 -16.87
N LEU D 375 3.91 -34.31 -16.27
CA LEU D 375 3.58 -33.97 -14.90
C LEU D 375 3.33 -35.24 -14.10
N LEU D 376 3.86 -35.29 -12.89
CA LEU D 376 3.59 -36.41 -12.01
C LEU D 376 2.13 -36.38 -11.57
N ASN D 377 1.46 -37.52 -11.67
CA ASN D 377 0.07 -37.62 -11.24
C ASN D 377 0.03 -38.00 -9.76
N LYS D 378 -1.17 -38.32 -9.25
CA LYS D 378 -1.28 -38.77 -7.87
C LYS D 378 -0.49 -40.06 -7.65
N GLU D 379 -0.60 -41.01 -8.57
CA GLU D 379 0.29 -42.15 -8.56
C GLU D 379 1.58 -41.80 -9.29
N ARG D 380 2.60 -42.65 -9.10
CA ARG D 380 3.92 -42.36 -9.66
C ARG D 380 3.88 -42.64 -11.16
N LYS D 381 3.34 -41.67 -11.89
CA LYS D 381 3.18 -41.79 -13.33
C LYS D 381 3.37 -40.42 -13.97
N TRP D 382 4.08 -40.38 -15.08
CA TRP D 382 4.30 -39.14 -15.83
C TRP D 382 3.24 -39.04 -16.92
N GLU D 383 2.45 -37.97 -16.88
CA GLU D 383 1.39 -37.76 -17.86
C GLU D 383 1.69 -36.50 -18.66
N ARG D 384 1.56 -36.60 -19.97
CA ARG D 384 1.79 -35.44 -20.83
C ARG D 384 0.68 -34.42 -20.65
N VAL D 385 1.07 -33.17 -20.39
CA VAL D 385 0.10 -32.11 -20.13
C VAL D 385 0.17 -31.08 -21.26
N GLY D 386 1.35 -30.93 -21.85
CA GLY D 386 1.52 -29.88 -22.85
C GLY D 386 2.16 -30.36 -24.12
N LYS D 387 2.47 -29.41 -24.99
CA LYS D 387 3.13 -29.71 -26.27
C LYS D 387 3.71 -28.41 -26.78
N TRP D 388 5.02 -28.38 -27.02
CA TRP D 388 5.71 -27.18 -27.45
C TRP D 388 6.26 -27.40 -28.85
N LYS D 389 5.89 -26.52 -29.77
CA LYS D 389 6.39 -26.61 -31.14
C LYS D 389 6.36 -25.23 -31.77
N ASP D 390 7.49 -24.83 -32.35
CA ASP D 390 7.63 -23.53 -33.01
C ASP D 390 7.26 -22.40 -32.06
N LYS D 391 7.84 -22.44 -30.86
CA LYS D 391 7.67 -21.40 -29.84
C LYS D 391 6.22 -21.21 -29.45
N SER D 392 5.43 -22.27 -29.54
CA SER D 392 4.02 -22.25 -29.17
C SER D 392 3.75 -23.32 -28.12
N LEU D 393 2.95 -22.97 -27.12
CA LEU D 393 2.65 -23.85 -26.00
C LEU D 393 1.17 -24.20 -26.05
N GLN D 394 0.84 -25.37 -26.60
CA GLN D 394 -0.55 -25.82 -26.68
C GLN D 394 -0.88 -26.76 -25.52
N MET D 395 -0.80 -26.21 -24.31
CA MET D 395 -1.12 -26.98 -23.12
C MET D 395 -2.61 -27.30 -23.07
N LYS D 396 -2.94 -28.47 -22.52
CA LYS D 396 -4.32 -28.91 -22.42
C LYS D 396 -4.97 -28.56 -21.10
N TYR D 397 -4.23 -28.01 -20.15
CA TYR D 397 -4.77 -27.61 -18.85
C TYR D 397 -5.02 -26.10 -18.89
N TYR D 398 -6.29 -25.70 -18.94
CA TYR D 398 -6.61 -24.28 -18.95
C TYR D 398 -6.42 -23.65 -17.58
N VAL D 399 -6.65 -24.41 -16.51
CA VAL D 399 -6.41 -23.96 -15.14
C VAL D 399 -5.52 -24.99 -14.46
N TRP D 400 -4.48 -24.53 -13.80
CA TRP D 400 -3.59 -25.45 -13.12
C TRP D 400 -4.26 -25.99 -11.86
N PRO D 401 -4.35 -27.32 -11.71
CA PRO D 401 -4.90 -27.93 -10.50
C PRO D 401 -3.84 -28.18 -9.43
N ASP D 413 -7.04 -21.37 0.76
CA ASP D 413 -7.77 -22.25 -0.14
C ASP D 413 -7.89 -21.67 -1.54
N HIS D 414 -8.34 -22.50 -2.46
CA HIS D 414 -8.57 -22.11 -3.85
C HIS D 414 -10.05 -22.22 -4.15
N LEU D 415 -10.63 -21.15 -4.67
CA LEU D 415 -12.04 -21.12 -5.00
C LEU D 415 -12.25 -20.39 -6.31
N SER D 416 -13.36 -20.74 -6.98
CA SER D 416 -13.71 -20.14 -8.26
C SER D 416 -14.69 -19.00 -8.05
N ILE D 417 -14.55 -17.96 -8.87
CA ILE D 417 -15.33 -16.73 -8.72
C ILE D 417 -15.93 -16.35 -10.07
N VAL D 418 -17.21 -16.05 -10.07
CA VAL D 418 -17.89 -15.60 -11.27
C VAL D 418 -17.77 -14.08 -11.36
N THR D 419 -18.04 -13.54 -12.55
CA THR D 419 -17.96 -12.11 -12.79
C THR D 419 -18.81 -11.79 -14.00
N LEU D 420 -19.18 -10.53 -14.15
CA LEU D 420 -19.86 -10.01 -15.33
C LEU D 420 -19.05 -8.86 -15.91
N GLU D 421 -19.64 -8.15 -16.86
CA GLU D 421 -19.05 -6.94 -17.43
C GLU D 421 -19.92 -5.75 -17.05
N GLU D 422 -19.37 -4.86 -16.23
CA GLU D 422 -20.04 -3.64 -15.85
C GLU D 422 -19.13 -2.46 -16.15
N ALA D 423 -19.70 -1.26 -16.17
CA ALA D 423 -18.92 -0.12 -16.63
C ALA D 423 -17.79 0.24 -15.66
N PRO D 424 -18.06 0.67 -14.43
CA PRO D 424 -16.95 1.00 -13.52
C PRO D 424 -16.56 -0.09 -12.54
N PHE D 425 -17.20 -1.25 -12.59
CA PHE D 425 -17.06 -2.28 -11.58
C PHE D 425 -16.22 -3.45 -12.05
N VAL D 426 -16.54 -4.02 -13.20
CA VAL D 426 -15.74 -5.11 -13.77
C VAL D 426 -15.61 -4.89 -15.28
N ILE D 427 -14.46 -4.41 -15.71
CA ILE D 427 -14.18 -4.13 -17.11
C ILE D 427 -13.22 -5.20 -17.62
N VAL D 428 -13.61 -5.89 -18.68
CA VAL D 428 -12.79 -6.94 -19.26
C VAL D 428 -12.09 -6.38 -20.49
N GLU D 429 -10.79 -6.64 -20.60
CA GLU D 429 -9.98 -6.16 -21.70
C GLU D 429 -9.21 -7.31 -22.32
N SER D 430 -8.81 -7.12 -23.57
CA SER D 430 -8.01 -8.12 -24.26
C SER D 430 -6.61 -8.18 -23.65
N VAL D 431 -5.89 -9.24 -24.00
CA VAL D 431 -4.57 -9.48 -23.44
C VAL D 431 -3.63 -8.33 -23.80
N ASP D 432 -2.78 -7.94 -22.85
CA ASP D 432 -1.98 -6.74 -23.01
C ASP D 432 -0.93 -6.93 -24.10
N PRO D 433 -0.85 -6.03 -25.10
CA PRO D 433 0.15 -6.17 -26.15
C PRO D 433 1.46 -5.46 -25.89
N LEU D 434 1.55 -4.63 -24.85
CA LEU D 434 2.79 -3.92 -24.55
C LEU D 434 3.90 -4.90 -24.18
N SER D 435 3.60 -5.84 -23.28
CA SER D 435 4.56 -6.84 -22.85
C SER D 435 4.03 -8.26 -22.89
N GLY D 436 2.71 -8.46 -22.94
CA GLY D 436 2.15 -9.80 -22.90
C GLY D 436 1.37 -10.04 -21.63
N THR D 437 0.50 -11.06 -21.65
CA THR D 437 -0.34 -11.39 -20.51
C THR D 437 -1.15 -10.19 -20.04
N CYS D 438 -1.23 -10.00 -18.72
CA CYS D 438 -2.01 -8.92 -18.14
C CYS D 438 -1.09 -7.96 -17.40
N MET D 439 -1.32 -6.66 -17.60
CA MET D 439 -0.45 -5.63 -17.06
C MET D 439 -0.75 -5.42 -15.58
N ARG D 440 -0.26 -4.31 -15.03
CA ARG D 440 -0.56 -3.96 -13.66
C ARG D 440 -2.04 -3.61 -13.51
N ASN D 441 -2.54 -3.77 -12.28
CA ASN D 441 -3.92 -3.45 -11.91
C ASN D 441 -4.93 -4.31 -12.67
N THR D 442 -4.50 -5.45 -13.19
CA THR D 442 -5.39 -6.36 -13.92
C THR D 442 -5.19 -7.77 -13.41
N VAL D 443 -6.24 -8.58 -13.52
CA VAL D 443 -6.18 -9.99 -13.16
C VAL D 443 -6.66 -10.80 -14.36
N PRO D 444 -6.23 -12.06 -14.50
CA PRO D 444 -6.64 -12.83 -15.68
C PRO D 444 -7.98 -13.50 -15.48
N CYS D 445 -8.87 -13.31 -16.44
CA CYS D 445 -10.20 -13.91 -16.41
C CYS D 445 -10.49 -14.56 -17.75
N GLN D 446 -11.29 -15.61 -17.71
CA GLN D 446 -11.63 -16.35 -18.91
C GLN D 446 -13.08 -16.09 -19.30
N LYS D 447 -13.41 -16.49 -20.53
CA LYS D 447 -14.77 -16.43 -21.03
C LYS D 447 -15.00 -17.61 -21.97
N ARG D 448 -16.19 -18.20 -21.90
CA ARG D 448 -16.55 -19.32 -22.75
C ARG D 448 -17.74 -18.95 -23.62
N ILE D 449 -17.71 -19.38 -24.87
CA ILE D 449 -18.79 -19.09 -25.81
C ILE D 449 -19.65 -20.33 -26.01
N GLY D 460 -15.76 -20.79 -26.88
CA GLY D 460 -14.63 -19.92 -27.19
C GLY D 460 -13.84 -19.54 -25.95
N TYR D 461 -13.06 -20.48 -25.44
CA TYR D 461 -12.33 -20.28 -24.19
C TYR D 461 -11.16 -19.35 -24.43
N ILE D 462 -11.30 -18.09 -24.00
CA ILE D 462 -10.29 -17.06 -24.24
C ILE D 462 -9.93 -16.43 -22.91
N LYS D 463 -8.63 -16.31 -22.64
CA LYS D 463 -8.13 -15.68 -21.43
C LYS D 463 -8.01 -14.18 -21.66
N LYS D 464 -8.68 -13.40 -20.82
CA LYS D 464 -8.67 -11.94 -20.90
C LYS D 464 -8.08 -11.36 -19.63
N CYS D 465 -8.12 -10.04 -19.52
CA CYS D 465 -7.70 -9.34 -18.32
C CYS D 465 -8.87 -8.55 -17.76
N CYS D 466 -9.14 -8.71 -16.47
CA CYS D 466 -10.26 -8.08 -15.81
C CYS D 466 -9.77 -7.03 -14.83
N LYS D 467 -10.51 -5.92 -14.75
CA LYS D 467 -10.12 -4.80 -13.92
C LYS D 467 -11.35 -3.96 -13.63
N GLY D 468 -11.42 -3.39 -12.44
CA GLY D 468 -12.53 -2.53 -12.11
C GLY D 468 -12.63 -2.31 -10.61
N PHE D 469 -13.70 -1.62 -10.22
CA PHE D 469 -13.93 -1.34 -8.81
C PHE D 469 -14.13 -2.63 -8.02
N CYS D 470 -14.89 -3.57 -8.59
CA CYS D 470 -15.15 -4.82 -7.89
C CYS D 470 -13.90 -5.67 -7.79
N ILE D 471 -13.05 -5.63 -8.82
CA ILE D 471 -11.85 -6.46 -8.82
C ILE D 471 -10.85 -5.94 -7.80
N ASP D 472 -10.66 -4.63 -7.72
CA ASP D 472 -9.77 -4.08 -6.71
C ASP D 472 -10.23 -4.45 -5.31
N ILE D 473 -11.54 -4.59 -5.12
CA ILE D 473 -12.06 -5.11 -3.86
C ILE D 473 -11.63 -6.56 -3.68
N LEU D 474 -11.71 -7.35 -4.76
CA LEU D 474 -11.31 -8.75 -4.69
C LEU D 474 -9.82 -8.89 -4.38
N LYS D 475 -9.00 -8.05 -4.98
CA LYS D 475 -7.56 -8.12 -4.71
C LYS D 475 -7.25 -7.82 -3.25
N LYS D 476 -7.89 -6.80 -2.69
CA LYS D 476 -7.63 -6.45 -1.30
C LYS D 476 -8.20 -7.50 -0.35
N ILE D 477 -9.34 -8.09 -0.71
CA ILE D 477 -9.92 -9.15 0.12
C ILE D 477 -9.06 -10.40 0.05
N SER D 478 -8.54 -10.73 -1.14
CA SER D 478 -7.83 -11.99 -1.33
C SER D 478 -6.59 -12.06 -0.44
N LYS D 479 -5.83 -10.97 -0.35
CA LYS D 479 -4.63 -10.97 0.47
C LYS D 479 -4.92 -10.64 1.93
N SER D 480 -6.18 -10.38 2.28
CA SER D 480 -6.59 -10.24 3.67
C SER D 480 -7.17 -11.54 4.21
N VAL D 481 -8.07 -12.17 3.46
CA VAL D 481 -8.59 -13.48 3.84
C VAL D 481 -7.62 -14.60 3.50
N LYS D 482 -6.57 -14.31 2.73
CA LYS D 482 -5.54 -15.29 2.36
C LYS D 482 -6.16 -16.48 1.64
N PHE D 483 -6.70 -16.21 0.46
CA PHE D 483 -7.22 -17.25 -0.42
C PHE D 483 -6.86 -16.92 -1.86
N THR D 484 -6.85 -17.96 -2.69
CA THR D 484 -6.60 -17.82 -4.11
C THR D 484 -7.89 -18.01 -4.89
N TYR D 485 -7.89 -17.55 -6.14
CA TYR D 485 -9.11 -17.51 -6.92
C TYR D 485 -8.79 -17.60 -8.40
N ASP D 486 -9.83 -17.81 -9.20
CA ASP D 486 -9.69 -17.80 -10.65
C ASP D 486 -11.01 -17.27 -11.23
N LEU D 487 -10.98 -16.03 -11.70
CA LEU D 487 -12.19 -15.42 -12.23
C LEU D 487 -12.64 -16.12 -13.49
N TYR D 488 -13.93 -15.98 -13.79
CA TYR D 488 -14.43 -16.36 -15.10
C TYR D 488 -15.76 -15.65 -15.34
N LEU D 489 -15.93 -15.18 -16.57
CA LEU D 489 -17.13 -14.43 -16.93
C LEU D 489 -18.29 -15.38 -17.16
N VAL D 490 -19.47 -14.82 -17.24
CA VAL D 490 -20.70 -15.60 -17.39
C VAL D 490 -20.95 -15.86 -18.87
N THR D 491 -21.36 -17.09 -19.17
CA THR D 491 -21.86 -17.41 -20.51
C THR D 491 -23.37 -17.56 -20.55
N ASN D 492 -23.99 -18.09 -19.49
CA ASN D 492 -25.41 -18.38 -19.51
C ASN D 492 -26.28 -17.14 -19.44
N GLY D 493 -25.73 -15.99 -19.08
CA GLY D 493 -26.55 -14.79 -18.99
C GLY D 493 -25.89 -13.62 -18.31
N LYS D 494 -26.57 -13.04 -17.33
CA LYS D 494 -26.16 -11.83 -16.66
C LYS D 494 -26.41 -12.03 -15.17
N HIS D 495 -26.51 -10.92 -14.43
CA HIS D 495 -26.60 -10.94 -12.97
C HIS D 495 -27.47 -12.07 -12.43
N GLY D 496 -28.70 -12.18 -12.91
CA GLY D 496 -29.54 -13.28 -12.47
C GLY D 496 -31.02 -13.10 -12.68
N LYS D 497 -31.71 -14.20 -12.99
CA LYS D 497 -33.15 -14.19 -13.22
C LYS D 497 -33.69 -15.59 -13.02
N LYS D 498 -34.81 -15.69 -12.32
CA LYS D 498 -35.46 -16.96 -12.04
C LYS D 498 -36.41 -17.28 -13.19
N ILE D 499 -35.99 -18.18 -14.08
CA ILE D 499 -36.82 -18.61 -15.21
C ILE D 499 -37.24 -20.05 -14.95
N ASN D 500 -38.55 -20.26 -14.82
CA ASN D 500 -39.12 -21.58 -14.58
C ASN D 500 -38.50 -22.24 -13.34
N GLY D 501 -38.25 -21.42 -12.32
CA GLY D 501 -37.66 -21.94 -11.10
C GLY D 501 -36.19 -22.29 -11.22
N THR D 502 -35.50 -21.73 -12.21
CA THR D 502 -34.07 -21.97 -12.40
C THR D 502 -33.33 -20.65 -12.39
N TRP D 503 -32.15 -20.63 -11.77
CA TRP D 503 -31.32 -19.45 -11.70
C TRP D 503 -30.25 -19.51 -12.78
N ASN D 504 -30.03 -18.39 -13.46
CA ASN D 504 -29.03 -18.30 -14.51
C ASN D 504 -28.12 -17.11 -14.24
N GLY D 505 -26.88 -17.22 -14.71
CA GLY D 505 -25.95 -16.13 -14.59
C GLY D 505 -25.07 -16.20 -13.36
N MET D 506 -24.68 -15.03 -12.85
CA MET D 506 -23.75 -14.99 -11.73
C MET D 506 -24.34 -15.70 -10.50
N ILE D 507 -25.60 -15.41 -10.18
CA ILE D 507 -26.24 -16.12 -9.08
C ILE D 507 -26.55 -17.55 -9.48
N GLY D 508 -26.88 -17.78 -10.75
CA GLY D 508 -27.17 -19.13 -11.20
C GLY D 508 -25.99 -20.06 -11.06
N GLU D 509 -24.77 -19.55 -11.29
CA GLU D 509 -23.59 -20.39 -11.19
C GLU D 509 -23.21 -20.67 -9.75
N VAL D 510 -23.56 -19.79 -8.81
CA VAL D 510 -23.35 -20.07 -7.40
C VAL D 510 -24.33 -21.13 -6.90
N VAL D 511 -25.57 -21.08 -7.40
CA VAL D 511 -26.58 -22.06 -6.98
C VAL D 511 -26.14 -23.46 -7.38
N MET D 512 -25.67 -23.63 -8.61
CA MET D 512 -25.22 -24.93 -9.10
C MET D 512 -23.80 -25.27 -8.68
N LYS D 513 -23.27 -24.61 -7.65
CA LYS D 513 -21.95 -24.90 -7.09
C LYS D 513 -20.84 -24.80 -8.12
N ARG D 514 -21.09 -24.13 -9.25
CA ARG D 514 -20.06 -24.00 -10.28
C ARG D 514 -18.95 -23.04 -9.85
N ALA D 515 -19.21 -22.15 -8.89
CA ALA D 515 -18.18 -21.31 -8.33
C ALA D 515 -18.58 -20.90 -6.92
N TYR D 516 -17.59 -20.56 -6.12
CA TYR D 516 -17.84 -20.24 -4.72
C TYR D 516 -18.50 -18.88 -4.56
N MET D 517 -18.06 -17.89 -5.33
CA MET D 517 -18.49 -16.52 -5.16
C MET D 517 -18.94 -15.96 -6.50
N ALA D 518 -19.61 -14.81 -6.45
CA ALA D 518 -20.13 -14.14 -7.63
C ALA D 518 -19.82 -12.66 -7.58
N VAL D 519 -18.55 -12.33 -7.36
CA VAL D 519 -18.12 -10.94 -7.30
C VAL D 519 -18.56 -10.20 -8.55
N GLY D 520 -19.15 -9.03 -8.36
CA GLY D 520 -19.62 -8.23 -9.49
C GLY D 520 -20.54 -7.13 -9.02
N SER D 521 -21.47 -6.77 -9.87
CA SER D 521 -22.47 -5.74 -9.57
C SER D 521 -23.78 -6.37 -9.11
N LEU D 522 -23.71 -7.46 -8.34
CA LEU D 522 -24.90 -8.14 -7.87
C LEU D 522 -25.62 -7.32 -6.82
N THR D 523 -26.89 -7.01 -7.07
CA THR D 523 -27.71 -6.29 -6.10
C THR D 523 -28.24 -7.25 -5.05
N ILE D 524 -28.26 -6.79 -3.80
CA ILE D 524 -28.80 -7.58 -2.70
C ILE D 524 -30.32 -7.54 -2.76
N ASN D 525 -30.93 -8.69 -2.95
CA ASN D 525 -32.37 -8.83 -3.08
C ASN D 525 -32.86 -9.83 -2.05
N GLU D 526 -34.14 -9.72 -1.70
CA GLU D 526 -34.73 -10.72 -0.81
C GLU D 526 -34.80 -12.08 -1.49
N GLU D 527 -35.12 -12.12 -2.78
CA GLU D 527 -35.27 -13.38 -3.48
C GLU D 527 -33.92 -14.10 -3.61
N ARG D 528 -32.88 -13.37 -4.03
CA ARG D 528 -31.58 -14.00 -4.22
C ARG D 528 -30.99 -14.48 -2.90
N SER D 529 -31.15 -13.69 -1.85
CA SER D 529 -30.64 -14.07 -0.53
C SER D 529 -31.39 -15.24 0.07
N GLU D 530 -32.53 -15.64 -0.52
CA GLU D 530 -33.20 -16.85 -0.12
C GLU D 530 -32.60 -18.10 -0.75
N VAL D 531 -31.78 -17.94 -1.78
CA VAL D 531 -31.13 -19.06 -2.45
C VAL D 531 -29.61 -18.99 -2.37
N VAL D 532 -29.05 -17.79 -2.44
CA VAL D 532 -27.60 -17.60 -2.42
C VAL D 532 -27.25 -16.60 -1.31
N ASP D 533 -26.30 -16.97 -0.47
CA ASP D 533 -25.86 -16.12 0.61
C ASP D 533 -25.14 -14.89 0.07
N PHE D 534 -25.43 -13.74 0.65
CA PHE D 534 -24.82 -12.50 0.24
C PHE D 534 -23.78 -12.08 1.25
N SER D 535 -23.24 -10.88 1.08
CA SER D 535 -22.27 -10.35 2.03
C SER D 535 -22.62 -8.92 2.41
N VAL D 536 -21.73 -8.26 3.14
CA VAL D 536 -21.95 -6.86 3.51
C VAL D 536 -21.87 -6.00 2.25
N PRO D 537 -22.86 -5.13 1.99
CA PRO D 537 -22.78 -4.27 0.81
C PRO D 537 -21.55 -3.38 0.85
N PHE D 538 -20.93 -3.19 -0.31
CA PHE D 538 -19.84 -2.24 -0.43
C PHE D 538 -20.21 -1.03 -1.28
N ILE D 539 -21.41 -1.00 -1.86
CA ILE D 539 -21.90 0.12 -2.63
C ILE D 539 -23.39 0.28 -2.39
N GLU D 540 -23.82 1.45 -1.95
CA GLU D 540 -25.24 1.76 -1.93
C GLU D 540 -25.76 1.86 -3.35
N THR D 541 -26.93 1.27 -3.58
CA THR D 541 -27.53 1.22 -4.91
C THR D 541 -29.03 1.43 -4.73
N GLY D 542 -29.77 1.29 -5.82
CA GLY D 542 -31.21 1.42 -5.75
C GLY D 542 -31.81 1.56 -7.12
N ILE D 543 -32.63 2.60 -7.30
CA ILE D 543 -33.29 2.87 -8.56
C ILE D 543 -33.29 4.38 -8.79
N SER D 544 -32.96 4.80 -10.00
CA SER D 544 -32.91 6.22 -10.35
C SER D 544 -33.43 6.42 -11.77
N VAL D 545 -33.74 7.67 -12.09
CA VAL D 545 -34.39 8.06 -13.35
C VAL D 545 -33.55 9.14 -14.02
N MET D 546 -33.25 8.93 -15.30
CA MET D 546 -32.36 9.82 -16.06
C MET D 546 -33.15 10.66 -17.06
N VAL D 547 -33.07 11.98 -16.91
CA VAL D 547 -33.83 12.94 -17.68
C VAL D 547 -32.89 14.07 -18.10
N SER D 548 -33.04 14.53 -19.34
CA SER D 548 -32.18 15.58 -19.87
C SER D 548 -32.38 16.88 -19.10
N ARG D 549 -31.34 17.70 -19.08
CA ARG D 549 -31.33 18.87 -18.22
C ARG D 549 -32.35 19.92 -18.66
N SER D 550 -33.06 20.48 -17.69
CA SER D 550 -33.89 21.66 -17.90
C SER D 550 -33.06 22.91 -17.63
N ASN D 551 -33.26 23.93 -18.44
CA ASN D 551 -32.28 25.03 -18.48
C ASN D 551 -32.47 26.02 -17.32
N GLY D 552 -33.57 26.76 -17.33
CA GLY D 552 -33.76 27.81 -16.36
C GLY D 552 -32.86 29.00 -16.66
N THR D 553 -33.33 30.24 -16.42
CA THR D 553 -32.46 31.38 -16.64
C THR D 553 -32.17 32.15 -15.36
N VAL D 554 -33.18 32.76 -14.75
CA VAL D 554 -33.01 33.57 -13.53
C VAL D 554 -34.31 33.55 -12.74
N SER D 555 -34.30 34.19 -11.57
CA SER D 555 -35.52 34.38 -10.80
C SER D 555 -36.43 35.39 -11.51
N PRO D 556 -37.75 35.25 -11.36
CA PRO D 556 -38.67 36.10 -12.12
C PRO D 556 -38.83 37.52 -11.60
N SER D 557 -38.07 37.92 -10.58
CA SER D 557 -38.15 39.30 -10.09
C SER D 557 -36.86 39.61 -9.35
N ALA D 558 -36.04 40.49 -9.93
CA ALA D 558 -34.79 40.89 -9.31
C ALA D 558 -34.73 42.35 -8.90
N PHE D 559 -35.59 43.21 -9.44
CA PHE D 559 -35.52 44.63 -9.14
C PHE D 559 -36.06 44.98 -7.77
N LEU D 560 -36.71 44.04 -7.09
CA LEU D 560 -37.16 44.26 -5.72
C LEU D 560 -36.13 43.83 -4.70
N GLU D 561 -35.04 43.23 -5.14
CA GLU D 561 -34.03 42.59 -4.30
C GLU D 561 -32.99 43.54 -3.69
N PRO D 562 -32.39 44.47 -4.44
CA PRO D 562 -31.23 45.20 -3.90
C PRO D 562 -31.51 45.98 -2.63
N PHE D 563 -32.70 46.53 -2.45
CA PHE D 563 -32.99 47.37 -1.31
C PHE D 563 -34.08 46.73 -0.46
N SER D 564 -33.92 46.85 0.85
CA SER D 564 -34.97 46.43 1.76
C SER D 564 -36.15 47.38 1.66
N ALA D 565 -37.33 46.88 2.02
CA ALA D 565 -38.53 47.70 1.98
C ALA D 565 -38.51 48.82 3.02
N ASP D 566 -37.60 48.74 4.01
CA ASP D 566 -37.45 49.84 4.95
C ASP D 566 -36.73 51.03 4.32
N VAL D 567 -35.81 50.77 3.39
CA VAL D 567 -35.10 51.86 2.73
C VAL D 567 -36.03 52.63 1.80
N TRP D 568 -36.80 51.91 0.98
CA TRP D 568 -37.68 52.56 0.02
C TRP D 568 -38.74 53.40 0.73
N VAL D 569 -39.35 52.86 1.78
CA VAL D 569 -40.39 53.57 2.49
C VAL D 569 -39.81 54.79 3.20
N MET D 570 -38.61 54.65 3.75
CA MET D 570 -38.00 55.77 4.47
C MET D 570 -37.67 56.92 3.52
N MET D 571 -37.22 56.62 2.30
CA MET D 571 -36.90 57.69 1.37
C MET D 571 -38.16 58.48 1.01
N PHE D 572 -39.30 57.80 0.89
CA PHE D 572 -40.56 58.49 0.68
C PHE D 572 -40.85 59.44 1.82
N VAL D 573 -40.61 59.00 3.05
CA VAL D 573 -40.79 59.87 4.22
C VAL D 573 -39.87 61.06 4.13
N MET D 574 -38.59 60.83 3.80
CA MET D 574 -37.67 61.93 3.60
C MET D 574 -38.11 62.83 2.45
N LEU D 575 -38.61 62.24 1.37
CA LEU D 575 -39.05 63.02 0.22
C LEU D 575 -40.16 63.99 0.59
N LEU D 576 -41.08 63.57 1.45
CA LEU D 576 -42.14 64.46 1.89
C LEU D 576 -41.66 65.44 2.96
N ILE D 577 -40.67 65.07 3.76
CA ILE D 577 -40.12 66.02 4.73
C ILE D 577 -39.32 67.11 4.02
N VAL D 578 -38.49 66.74 3.04
CA VAL D 578 -37.69 67.75 2.35
C VAL D 578 -38.59 68.68 1.54
N SER D 579 -39.67 68.15 0.97
CA SER D 579 -40.59 69.00 0.23
C SER D 579 -41.23 70.04 1.13
N ALA D 580 -41.66 69.63 2.33
CA ALA D 580 -42.36 70.55 3.21
C ALA D 580 -41.47 71.70 3.67
N VAL D 581 -40.22 71.40 4.03
CA VAL D 581 -39.32 72.46 4.47
C VAL D 581 -38.92 73.35 3.30
N ALA D 582 -38.70 72.76 2.13
CA ALA D 582 -38.33 73.53 0.95
C ALA D 582 -39.49 74.34 0.39
N VAL D 583 -40.70 74.12 0.89
CA VAL D 583 -41.88 74.81 0.41
C VAL D 583 -42.45 75.76 1.46
N PHE D 584 -42.58 75.28 2.70
CA PHE D 584 -43.22 76.06 3.75
C PHE D 584 -42.25 76.67 4.73
N VAL D 585 -40.98 76.27 4.72
CA VAL D 585 -39.99 76.78 5.66
C VAL D 585 -38.92 77.60 4.96
N PHE D 586 -38.45 77.14 3.80
CA PHE D 586 -37.32 77.78 3.13
C PHE D 586 -37.77 78.75 2.05
N GLU D 587 -38.58 78.26 1.10
CA GLU D 587 -38.96 79.11 -0.02
C GLU D 587 -39.86 80.26 0.43
N TYR D 588 -40.72 80.02 1.41
CA TYR D 588 -41.59 81.09 1.89
C TYR D 588 -40.78 82.20 2.55
N PHE D 589 -39.79 81.84 3.35
CA PHE D 589 -39.02 82.80 4.12
C PHE D 589 -37.87 83.42 3.32
N SER D 590 -37.53 82.87 2.17
CA SER D 590 -36.44 83.42 1.38
C SER D 590 -36.83 84.78 0.83
N PRO D 591 -35.88 85.72 0.72
CA PRO D 591 -36.20 87.01 0.11
C PRO D 591 -36.63 86.89 -1.34
N VAL D 592 -36.24 85.84 -2.03
CA VAL D 592 -36.64 85.59 -3.41
C VAL D 592 -37.60 84.42 -3.42
N GLY D 593 -38.79 84.64 -3.97
CA GLY D 593 -39.79 83.59 -4.05
C GLY D 593 -41.03 83.88 -3.22
N PRO D 607 -44.92 81.33 -11.58
CA PRO D 607 -43.67 80.91 -10.94
C PRO D 607 -43.85 80.64 -9.46
N SER D 608 -44.92 79.93 -9.10
CA SER D 608 -45.21 79.57 -7.73
C SER D 608 -44.69 78.16 -7.46
N PHE D 609 -43.91 78.02 -6.39
CA PHE D 609 -43.35 76.74 -5.98
C PHE D 609 -44.23 76.18 -4.88
N THR D 610 -44.96 75.11 -5.19
CA THR D 610 -45.89 74.49 -4.26
C THR D 610 -45.36 73.13 -3.81
N ILE D 611 -46.16 72.45 -2.99
CA ILE D 611 -45.79 71.12 -2.53
C ILE D 611 -45.87 70.11 -3.68
N GLY D 612 -46.78 70.32 -4.62
CA GLY D 612 -46.87 69.42 -5.75
C GLY D 612 -45.69 69.52 -6.70
N LYS D 613 -45.22 70.75 -6.94
CA LYS D 613 -44.05 70.92 -7.80
C LYS D 613 -42.78 70.45 -7.12
N ALA D 614 -42.75 70.47 -5.79
CA ALA D 614 -41.57 70.01 -5.06
C ALA D 614 -41.47 68.49 -5.08
N ILE D 615 -42.59 67.80 -4.89
CA ILE D 615 -42.57 66.34 -4.90
C ILE D 615 -42.19 65.82 -6.28
N TRP D 616 -42.76 66.42 -7.33
CA TRP D 616 -42.40 66.05 -8.69
C TRP D 616 -40.94 66.33 -8.98
N LEU D 617 -40.37 67.38 -8.39
CA LEU D 617 -38.98 67.72 -8.63
C LEU D 617 -38.03 66.75 -7.94
N LEU D 618 -38.30 66.41 -6.68
CA LEU D 618 -37.43 65.50 -5.96
C LEU D 618 -37.61 64.05 -6.40
N TRP D 619 -38.83 63.68 -6.77
CA TRP D 619 -39.06 62.33 -7.30
C TRP D 619 -38.27 62.12 -8.58
N GLY D 620 -38.21 63.13 -9.44
CA GLY D 620 -37.43 63.01 -10.65
C GLY D 620 -35.95 62.84 -10.37
N LEU D 621 -35.45 63.46 -9.31
CA LEU D 621 -34.02 63.39 -9.01
C LEU D 621 -33.60 61.99 -8.62
N VAL D 622 -34.36 61.31 -7.76
CA VAL D 622 -33.97 59.97 -7.32
C VAL D 622 -34.14 58.95 -8.41
N PHE D 623 -34.75 59.31 -9.54
CA PHE D 623 -35.10 58.38 -10.59
C PHE D 623 -34.49 58.82 -11.89
N ASN D 624 -33.18 59.09 -11.86
CA ASN D 624 -32.40 59.40 -13.06
C ASN D 624 -32.96 60.62 -13.78
N ASN D 625 -32.75 61.77 -13.15
CA ASN D 625 -33.47 63.01 -13.44
C ASN D 625 -33.65 63.21 -14.94
N SER D 626 -34.89 63.08 -15.40
CA SER D 626 -35.21 63.13 -16.81
C SER D 626 -36.53 63.80 -17.13
N VAL D 627 -37.24 64.32 -16.12
CA VAL D 627 -38.55 64.93 -16.31
C VAL D 627 -38.41 66.44 -16.30
N PRO D 628 -39.27 67.18 -17.01
CA PRO D 628 -39.27 68.64 -16.89
C PRO D 628 -39.75 69.06 -15.51
N VAL D 629 -38.92 69.84 -14.81
CA VAL D 629 -39.20 70.23 -13.44
C VAL D 629 -39.01 71.73 -13.28
N GLN D 630 -39.65 72.29 -12.26
CA GLN D 630 -39.56 73.70 -11.93
C GLN D 630 -38.71 73.84 -10.67
N ASN D 631 -37.54 74.44 -10.82
CA ASN D 631 -36.63 74.60 -9.72
C ASN D 631 -37.05 75.77 -8.83
N PRO D 632 -36.70 75.74 -7.55
CA PRO D 632 -36.97 76.88 -6.68
C PRO D 632 -35.97 78.00 -6.93
N LYS D 633 -36.27 79.17 -6.35
CA LYS D 633 -35.44 80.35 -6.53
C LYS D 633 -34.59 80.69 -5.32
N GLY D 634 -35.02 80.34 -4.10
CA GLY D 634 -34.24 80.67 -2.93
C GLY D 634 -32.93 79.92 -2.88
N THR D 635 -31.93 80.56 -2.26
CA THR D 635 -30.63 79.93 -2.10
C THR D 635 -30.72 78.69 -1.20
N THR D 636 -31.44 78.80 -0.08
CA THR D 636 -31.57 77.66 0.82
C THR D 636 -32.33 76.51 0.17
N SER D 637 -33.38 76.83 -0.58
CA SER D 637 -34.13 75.79 -1.29
C SER D 637 -33.24 75.10 -2.31
N LYS D 638 -32.39 75.87 -3.00
CA LYS D 638 -31.44 75.27 -3.94
C LYS D 638 -30.44 74.39 -3.22
N ILE D 639 -29.99 74.81 -2.04
CA ILE D 639 -29.02 74.01 -1.28
C ILE D 639 -29.63 72.69 -0.84
N MET D 640 -30.90 72.72 -0.40
CA MET D 640 -31.57 71.48 -0.03
C MET D 640 -31.76 70.57 -1.22
N VAL D 641 -32.16 71.12 -2.36
CA VAL D 641 -32.31 70.31 -3.57
C VAL D 641 -30.98 69.74 -3.99
N SER D 642 -29.91 70.52 -3.90
CA SER D 642 -28.59 70.02 -4.22
C SER D 642 -28.11 68.98 -3.23
N VAL D 643 -28.50 69.11 -1.96
CA VAL D 643 -28.23 68.04 -0.99
C VAL D 643 -29.02 66.79 -1.36
N TRP D 644 -30.29 66.94 -1.69
CA TRP D 644 -31.10 65.80 -2.10
C TRP D 644 -30.60 65.17 -3.37
N ALA D 645 -30.03 65.97 -4.29
CA ALA D 645 -29.46 65.41 -5.50
C ALA D 645 -28.27 64.51 -5.18
N PHE D 646 -27.53 64.83 -4.12
CA PHE D 646 -26.44 63.95 -3.69
C PHE D 646 -26.98 62.63 -3.17
N PHE D 647 -28.08 62.67 -2.41
CA PHE D 647 -28.71 61.44 -1.96
C PHE D 647 -29.25 60.64 -3.13
N ALA D 648 -29.76 61.32 -4.15
CA ALA D 648 -30.26 60.63 -5.34
C ALA D 648 -29.13 59.97 -6.11
N VAL D 649 -27.94 60.53 -6.08
CA VAL D 649 -26.80 59.92 -6.77
C VAL D 649 -26.37 58.65 -6.05
N ILE D 650 -26.28 58.71 -4.72
CA ILE D 650 -25.87 57.54 -3.95
C ILE D 650 -26.95 56.47 -3.98
N PHE D 651 -28.22 56.89 -3.95
CA PHE D 651 -29.32 55.94 -3.94
C PHE D 651 -29.35 55.10 -5.21
N LEU D 652 -29.17 55.74 -6.36
CA LEU D 652 -29.18 55.01 -7.62
C LEU D 652 -27.89 54.23 -7.82
N ALA D 653 -26.77 54.77 -7.36
CA ALA D 653 -25.49 54.07 -7.48
C ALA D 653 -25.51 52.76 -6.71
N SER D 654 -26.04 52.76 -5.48
CA SER D 654 -26.11 51.56 -4.68
C SER D 654 -27.28 50.67 -5.07
N TYR D 655 -28.17 51.12 -5.95
CA TYR D 655 -29.22 50.24 -6.45
C TYR D 655 -28.70 49.34 -7.57
N THR D 656 -28.08 49.94 -8.59
CA THR D 656 -27.54 49.14 -9.68
C THR D 656 -26.36 48.30 -9.20
N ALA D 657 -25.57 48.81 -8.26
CA ALA D 657 -24.46 48.04 -7.74
C ALA D 657 -24.93 46.78 -7.03
N ASN D 658 -25.98 46.89 -6.22
CA ASN D 658 -26.52 45.71 -5.56
C ASN D 658 -27.32 44.85 -6.53
N LEU D 659 -27.96 45.46 -7.53
CA LEU D 659 -28.63 44.69 -8.57
C LEU D 659 -27.62 43.89 -9.39
N ALA D 660 -26.45 44.47 -9.65
CA ALA D 660 -25.41 43.76 -10.38
C ALA D 660 -24.91 42.55 -9.59
N ALA D 661 -24.83 42.67 -8.27
CA ALA D 661 -24.41 41.54 -7.45
C ALA D 661 -25.40 40.40 -7.51
N PHE D 662 -26.70 40.71 -7.49
CA PHE D 662 -27.72 39.67 -7.54
C PHE D 662 -27.66 38.88 -8.84
N MET D 663 -27.50 39.58 -9.96
CA MET D 663 -27.47 38.89 -11.25
C MET D 663 -26.19 38.07 -11.43
N ILE D 664 -25.09 38.53 -10.83
CA ILE D 664 -23.84 37.79 -10.90
C ILE D 664 -23.93 36.49 -10.12
N GLN D 665 -24.67 36.49 -9.01
CA GLN D 665 -24.76 35.35 -8.12
C GLN D 665 -26.16 34.74 -8.09
N GLU D 666 -26.75 34.53 -9.27
CA GLU D 666 -28.04 33.86 -9.41
C GLU D 666 -27.87 32.69 -10.36
N GLU D 667 -28.34 31.51 -9.95
CA GLU D 667 -28.09 30.28 -10.70
C GLU D 667 -29.15 29.24 -10.31
N TYR D 668 -28.90 27.99 -10.70
CA TYR D 668 -29.64 26.82 -10.23
C TYR D 668 -31.04 26.72 -10.83
N VAL D 669 -31.50 25.49 -11.05
CA VAL D 669 -32.83 25.24 -11.62
C VAL D 669 -33.22 23.81 -11.29
N ASP D 670 -34.51 23.51 -11.36
CA ASP D 670 -35.00 22.18 -11.08
C ASP D 670 -36.24 21.91 -11.91
N GLN D 671 -36.49 20.63 -12.18
CA GLN D 671 -37.67 20.21 -12.92
C GLN D 671 -38.02 18.78 -12.54
N VAL D 672 -39.30 18.43 -12.73
CA VAL D 672 -39.94 17.13 -12.47
C VAL D 672 -39.68 16.67 -11.03
N SER D 673 -40.51 15.73 -10.54
CA SER D 673 -40.39 15.23 -9.18
C SER D 673 -39.59 13.93 -9.11
N GLY D 674 -40.05 12.90 -9.78
CA GLY D 674 -39.38 11.61 -9.75
C GLY D 674 -40.38 10.48 -9.87
N LEU D 675 -40.03 9.34 -9.27
CA LEU D 675 -40.89 8.17 -9.34
C LEU D 675 -42.19 8.37 -8.58
N SER D 676 -42.23 9.33 -7.66
CA SER D 676 -43.46 9.60 -6.92
C SER D 676 -44.49 10.34 -7.77
N ASP D 677 -44.08 10.92 -8.90
CA ASP D 677 -45.01 11.63 -9.76
C ASP D 677 -46.02 10.66 -10.38
N LYS D 678 -47.23 11.17 -10.62
CA LYS D 678 -48.28 10.37 -11.21
C LYS D 678 -48.01 10.01 -12.67
N LYS D 679 -47.00 10.64 -13.29
CA LYS D 679 -46.70 10.33 -14.68
C LYS D 679 -46.23 8.89 -14.85
N PHE D 680 -45.51 8.36 -13.85
CA PHE D 680 -45.02 6.99 -13.95
C PHE D 680 -46.14 5.98 -13.78
N GLN D 681 -47.02 6.20 -12.79
CA GLN D 681 -48.07 5.23 -12.51
C GLN D 681 -49.21 5.32 -13.51
N ARG D 682 -49.52 6.51 -14.01
CA ARG D 682 -50.63 6.73 -14.93
C ARG D 682 -50.12 7.46 -16.16
N PRO D 683 -49.52 6.75 -17.11
CA PRO D 683 -49.02 7.39 -18.33
C PRO D 683 -50.00 7.43 -19.49
N ASN D 684 -51.17 6.80 -19.35
CA ASN D 684 -52.11 6.69 -20.46
C ASN D 684 -53.14 7.82 -20.44
N ASP D 685 -53.93 7.90 -19.38
CA ASP D 685 -54.96 8.93 -19.25
C ASP D 685 -54.39 10.22 -18.68
N PHE D 686 -53.32 10.70 -19.30
CA PHE D 686 -52.60 11.87 -18.83
C PHE D 686 -51.98 12.56 -20.04
N SER D 687 -50.96 13.39 -19.79
CA SER D 687 -50.24 14.15 -20.80
C SER D 687 -49.67 13.24 -21.88
N PRO D 688 -49.16 13.79 -22.99
CA PRO D 688 -48.50 12.97 -24.02
C PRO D 688 -47.60 11.92 -23.39
N PRO D 689 -47.49 10.74 -24.02
CA PRO D 689 -46.92 9.58 -23.33
C PRO D 689 -45.50 9.83 -22.85
N PHE D 690 -45.21 9.36 -21.64
CA PHE D 690 -43.88 9.41 -21.05
C PHE D 690 -43.27 8.02 -21.19
N ARG D 691 -42.09 7.95 -21.80
CA ARG D 691 -41.45 6.67 -22.08
C ARG D 691 -40.41 6.37 -21.00
N PHE D 692 -40.53 5.19 -20.40
CA PHE D 692 -39.69 4.78 -19.28
C PHE D 692 -38.73 3.71 -19.78
N GLY D 693 -37.44 3.90 -19.52
CA GLY D 693 -36.42 2.97 -19.96
C GLY D 693 -36.06 1.99 -18.85
N THR D 694 -35.99 0.72 -19.23
CA THR D 694 -35.59 -0.32 -18.29
C THR D 694 -34.91 -1.45 -19.04
N VAL D 695 -33.87 -2.01 -18.44
CA VAL D 695 -33.16 -3.17 -18.97
C VAL D 695 -33.65 -4.40 -18.21
N PRO D 696 -34.33 -5.34 -18.84
CA PRO D 696 -34.91 -6.46 -18.09
C PRO D 696 -33.87 -7.45 -17.60
N ASN D 697 -34.33 -8.54 -16.96
CA ASN D 697 -33.47 -9.56 -16.40
C ASN D 697 -32.54 -8.97 -15.33
N GLY D 698 -33.16 -8.39 -14.31
CA GLY D 698 -32.39 -7.75 -13.25
C GLY D 698 -33.28 -7.42 -12.08
N SER D 699 -32.64 -6.84 -11.05
CA SER D 699 -33.37 -6.54 -9.82
C SER D 699 -34.30 -5.35 -9.97
N THR D 700 -33.91 -4.37 -10.80
CA THR D 700 -34.78 -3.21 -11.01
C THR D 700 -36.09 -3.61 -11.64
N GLU D 701 -36.04 -4.54 -12.60
CA GLU D 701 -37.26 -5.00 -13.25
C GLU D 701 -38.16 -5.73 -12.24
N ARG D 702 -37.56 -6.52 -11.35
CA ARG D 702 -38.35 -7.24 -10.36
C ARG D 702 -39.10 -6.28 -9.44
N ASN D 703 -38.44 -5.23 -8.98
CA ASN D 703 -39.11 -4.29 -8.10
C ASN D 703 -40.27 -3.61 -8.80
N ILE D 704 -40.08 -3.20 -10.04
CA ILE D 704 -41.17 -2.58 -10.79
C ILE D 704 -42.27 -3.59 -11.06
N ARG D 705 -41.90 -4.82 -11.43
CA ARG D 705 -42.91 -5.83 -11.72
C ARG D 705 -43.72 -6.18 -10.48
N ASN D 706 -43.05 -6.34 -9.34
CA ASN D 706 -43.76 -6.74 -8.12
C ASN D 706 -44.55 -5.58 -7.52
N ASN D 707 -44.02 -4.37 -7.60
CA ASN D 707 -44.69 -3.23 -6.97
C ASN D 707 -45.68 -2.56 -7.91
N TYR D 708 -45.37 -2.47 -9.20
CA TYR D 708 -46.23 -1.80 -10.18
C TYR D 708 -46.42 -2.71 -11.38
N ALA D 709 -47.41 -3.59 -11.31
CA ALA D 709 -47.71 -4.47 -12.43
C ALA D 709 -48.18 -3.67 -13.64
N GLU D 710 -48.98 -2.63 -13.41
CA GLU D 710 -49.45 -1.81 -14.52
C GLU D 710 -48.31 -1.07 -15.21
N MET D 711 -47.40 -0.49 -14.41
CA MET D 711 -46.26 0.22 -14.99
C MET D 711 -45.28 -0.73 -15.66
N HIS D 712 -45.19 -1.96 -15.17
CA HIS D 712 -44.24 -2.91 -15.75
C HIS D 712 -44.62 -3.28 -17.17
N ALA D 713 -45.91 -3.50 -17.43
CA ALA D 713 -46.35 -3.84 -18.79
C ALA D 713 -46.17 -2.65 -19.73
N TYR D 714 -46.36 -1.44 -19.21
CA TYR D 714 -46.19 -0.24 -20.04
C TYR D 714 -44.75 -0.03 -20.45
N MET D 715 -43.80 -0.53 -19.66
CA MET D 715 -42.38 -0.40 -19.98
C MET D 715 -41.86 -1.48 -20.90
N GLY D 716 -42.68 -2.50 -21.21
CA GLY D 716 -42.21 -3.58 -22.06
C GLY D 716 -41.87 -3.10 -23.47
N LYS D 717 -42.68 -2.20 -24.01
CA LYS D 717 -42.42 -1.68 -25.34
C LYS D 717 -41.14 -0.85 -25.39
N PHE D 718 -40.80 -0.19 -24.29
CA PHE D 718 -39.66 0.70 -24.23
C PHE D 718 -38.42 0.06 -23.63
N ASN D 719 -38.44 -1.25 -23.44
CA ASN D 719 -37.28 -1.93 -22.86
C ASN D 719 -36.06 -1.76 -23.75
N GLN D 720 -34.91 -1.56 -23.14
CA GLN D 720 -33.66 -1.41 -23.85
C GLN D 720 -32.92 -2.74 -23.85
N ARG D 721 -31.70 -2.72 -24.39
CA ARG D 721 -30.86 -3.91 -24.42
C ARG D 721 -29.51 -3.69 -23.74
N GLY D 722 -29.27 -2.50 -23.22
CA GLY D 722 -28.02 -2.25 -22.52
C GLY D 722 -27.99 -0.82 -22.03
N VAL D 723 -27.04 -0.57 -21.12
CA VAL D 723 -26.90 0.78 -20.57
C VAL D 723 -26.49 1.76 -21.66
N ASP D 724 -25.52 1.37 -22.49
CA ASP D 724 -25.01 2.28 -23.51
C ASP D 724 -26.09 2.67 -24.51
N ASP D 725 -26.89 1.70 -24.94
CA ASP D 725 -27.97 2.01 -25.88
C ASP D 725 -28.99 2.94 -25.26
N ALA D 726 -29.31 2.76 -23.97
CA ALA D 726 -30.31 3.58 -23.32
C ALA D 726 -29.81 5.00 -23.08
N LEU D 727 -28.52 5.17 -22.79
CA LEU D 727 -27.99 6.51 -22.54
C LEU D 727 -28.12 7.40 -23.77
N LEU D 728 -27.84 6.87 -24.95
CA LEU D 728 -27.91 7.70 -26.16
C LEU D 728 -29.34 7.98 -26.57
N SER D 729 -30.26 7.04 -26.32
CA SER D 729 -31.66 7.26 -26.71
C SER D 729 -32.25 8.46 -25.99
N LEU D 730 -31.72 8.80 -24.82
CA LEU D 730 -32.14 10.02 -24.15
C LEU D 730 -31.72 11.26 -24.93
N LYS D 731 -30.53 11.21 -25.54
CA LYS D 731 -30.06 12.33 -26.34
C LYS D 731 -30.91 12.54 -27.59
N THR D 732 -31.34 11.45 -28.23
CA THR D 732 -32.16 11.56 -29.43
C THR D 732 -33.55 12.10 -29.14
N GLY D 733 -33.96 12.13 -27.87
CA GLY D 733 -35.32 12.49 -27.53
C GLY D 733 -36.30 11.35 -27.46
N LYS D 734 -35.84 10.11 -27.67
CA LYS D 734 -36.73 8.97 -27.60
C LYS D 734 -37.20 8.71 -26.17
N LEU D 735 -36.32 8.87 -25.19
CA LEU D 735 -36.62 8.58 -23.80
C LEU D 735 -36.32 9.81 -22.93
N ASP D 736 -37.21 10.08 -21.97
CA ASP D 736 -36.91 10.98 -20.86
C ASP D 736 -36.69 10.27 -19.53
N ALA D 737 -36.99 8.98 -19.45
CA ALA D 737 -36.85 8.25 -18.18
C ALA D 737 -36.17 6.92 -18.45
N PHE D 738 -34.98 6.76 -17.88
CA PHE D 738 -34.28 5.48 -17.84
C PHE D 738 -34.21 5.03 -16.39
N ILE D 739 -34.60 3.79 -16.14
CA ILE D 739 -34.69 3.25 -14.78
C ILE D 739 -33.66 2.14 -14.65
N TYR D 740 -32.70 2.34 -13.76
CA TYR D 740 -31.60 1.40 -13.61
C TYR D 740 -30.99 1.60 -12.22
N ASP D 741 -29.84 0.97 -11.99
CA ASP D 741 -29.15 1.10 -10.71
C ASP D 741 -28.66 2.52 -10.50
N ALA D 742 -28.67 2.96 -9.24
CA ALA D 742 -28.16 4.29 -8.93
C ALA D 742 -26.66 4.38 -9.16
N ALA D 743 -25.92 3.35 -8.74
CA ALA D 743 -24.46 3.41 -8.83
C ALA D 743 -24.00 3.47 -10.27
N VAL D 744 -24.65 2.70 -11.16
CA VAL D 744 -24.32 2.76 -12.58
C VAL D 744 -24.76 4.10 -13.18
N LEU D 745 -25.99 4.52 -12.89
CA LEU D 745 -26.50 5.75 -13.47
C LEU D 745 -25.79 6.98 -12.92
N ASN D 746 -25.28 6.89 -11.69
CA ASN D 746 -24.46 7.98 -11.17
C ASN D 746 -23.17 8.11 -11.98
N TYR D 747 -22.57 6.98 -12.33
CA TYR D 747 -21.33 6.98 -13.09
C TYR D 747 -21.55 7.52 -14.50
N MET D 748 -22.66 7.15 -15.14
CA MET D 748 -22.95 7.65 -16.48
C MET D 748 -23.18 9.16 -16.47
N ALA D 749 -23.95 9.65 -15.50
CA ALA D 749 -24.17 11.09 -15.40
C ALA D 749 -22.90 11.83 -15.00
N GLY D 750 -22.01 11.18 -14.25
CA GLY D 750 -20.75 11.80 -13.91
C GLY D 750 -19.84 11.99 -15.11
N ARG D 751 -19.76 10.98 -15.97
CA ARG D 751 -18.88 10.99 -17.12
C ARG D 751 -19.51 11.51 -18.39
N ASP D 752 -20.80 11.86 -18.37
CA ASP D 752 -21.45 12.36 -19.57
C ASP D 752 -20.80 13.66 -20.03
N GLU D 753 -20.67 13.80 -21.35
CA GLU D 753 -20.09 15.00 -21.94
C GLU D 753 -21.13 16.10 -22.01
N GLY D 754 -20.78 17.29 -21.52
CA GLY D 754 -21.66 18.44 -21.54
C GLY D 754 -22.57 18.57 -20.34
N CYS D 755 -22.56 17.59 -19.43
CA CYS D 755 -23.35 17.65 -18.19
C CYS D 755 -24.84 17.77 -18.48
N LYS D 756 -25.30 17.26 -19.63
CA LYS D 756 -26.70 17.42 -19.98
C LYS D 756 -27.59 16.35 -19.34
N LEU D 757 -27.15 15.10 -19.31
CA LEU D 757 -27.95 14.02 -18.72
C LEU D 757 -27.83 14.09 -17.21
N VAL D 758 -28.89 14.52 -16.54
CA VAL D 758 -28.89 14.74 -15.10
C VAL D 758 -29.90 13.79 -14.48
N THR D 759 -29.55 13.26 -13.29
CA THR D 759 -30.44 12.36 -12.56
C THR D 759 -31.64 13.13 -12.03
N ILE D 760 -32.44 12.45 -11.22
CA ILE D 760 -33.66 13.01 -10.64
C ILE D 760 -33.56 12.97 -9.13
N GLY D 761 -33.88 14.09 -8.49
CA GLY D 761 -33.77 14.21 -7.05
C GLY D 761 -32.39 14.58 -6.56
N SER D 762 -31.47 14.93 -7.46
CA SER D 762 -30.08 15.21 -7.11
C SER D 762 -29.48 14.06 -6.29
N GLY D 763 -29.82 12.84 -6.68
CA GLY D 763 -29.39 11.65 -5.99
C GLY D 763 -30.46 10.90 -5.23
N LYS D 764 -31.74 11.09 -5.57
CA LYS D 764 -32.81 10.36 -4.89
C LYS D 764 -32.80 8.90 -5.34
N VAL D 765 -32.79 7.99 -4.37
CA VAL D 765 -32.68 6.57 -4.62
C VAL D 765 -33.88 5.86 -4.00
N PHE D 766 -34.56 5.05 -4.78
CA PHE D 766 -35.71 4.27 -4.32
C PHE D 766 -35.31 2.81 -4.19
N ALA D 767 -35.95 2.12 -3.26
CA ALA D 767 -35.65 0.73 -2.94
C ALA D 767 -34.16 0.57 -2.66
N SER D 768 -33.68 1.38 -1.72
CA SER D 768 -32.25 1.47 -1.46
C SER D 768 -31.70 0.14 -0.96
N THR D 769 -30.96 -0.54 -1.82
CA THR D 769 -30.24 -1.75 -1.52
C THR D 769 -28.77 -1.52 -1.78
N GLY D 770 -28.00 -2.59 -1.80
CA GLY D 770 -26.57 -2.48 -2.01
C GLY D 770 -26.06 -3.57 -2.92
N TYR D 771 -24.78 -3.49 -3.23
CA TYR D 771 -24.10 -4.56 -3.95
C TYR D 771 -23.67 -5.62 -2.94
N GLY D 772 -22.94 -6.62 -3.39
CA GLY D 772 -22.47 -7.63 -2.45
C GLY D 772 -21.93 -8.86 -3.12
N ILE D 773 -20.89 -9.44 -2.53
CA ILE D 773 -20.29 -10.67 -3.01
C ILE D 773 -21.23 -11.81 -2.63
N ALA D 774 -21.87 -12.42 -3.61
CA ALA D 774 -22.76 -13.54 -3.35
C ALA D 774 -21.92 -14.79 -3.14
N ILE D 775 -22.10 -15.42 -1.99
CA ILE D 775 -21.34 -16.60 -1.62
C ILE D 775 -22.30 -17.78 -1.49
N GLN D 776 -21.73 -18.98 -1.48
CA GLN D 776 -22.53 -20.17 -1.30
C GLN D 776 -23.18 -20.19 0.07
N LYS D 777 -24.40 -20.71 0.13
CA LYS D 777 -25.14 -20.75 1.38
C LYS D 777 -24.40 -21.59 2.40
N ASP D 778 -24.36 -21.10 3.64
CA ASP D 778 -23.71 -21.79 4.75
C ASP D 778 -22.23 -22.07 4.44
N SER D 779 -21.49 -20.99 4.26
CA SER D 779 -20.06 -21.07 4.01
C SER D 779 -19.30 -20.33 5.10
N GLY D 780 -18.15 -20.87 5.47
CA GLY D 780 -17.34 -20.25 6.50
C GLY D 780 -16.58 -19.03 6.05
N TRP D 781 -16.59 -18.72 4.76
CA TRP D 781 -15.92 -17.55 4.24
C TRP D 781 -16.76 -16.29 4.33
N LYS D 782 -18.07 -16.42 4.55
CA LYS D 782 -18.92 -15.23 4.59
C LYS D 782 -18.53 -14.32 5.75
N ARG D 783 -18.25 -14.90 6.92
CA ARG D 783 -17.86 -14.09 8.06
C ARG D 783 -16.52 -13.40 7.80
N GLN D 784 -15.56 -14.11 7.20
CA GLN D 784 -14.26 -13.51 6.94
C GLN D 784 -14.34 -12.44 5.85
N VAL D 785 -15.14 -12.69 4.82
CA VAL D 785 -15.28 -11.72 3.74
C VAL D 785 -16.01 -10.47 4.22
N ASP D 786 -17.03 -10.66 5.06
CA ASP D 786 -17.76 -9.50 5.59
C ASP D 786 -16.86 -8.59 6.40
N LEU D 787 -16.03 -9.17 7.28
CA LEU D 787 -15.10 -8.34 8.05
C LEU D 787 -14.03 -7.73 7.16
N ALA D 788 -13.62 -8.44 6.12
CA ALA D 788 -12.66 -7.86 5.18
C ALA D 788 -13.26 -6.67 4.45
N ILE D 789 -14.54 -6.75 4.10
CA ILE D 789 -15.23 -5.62 3.47
C ILE D 789 -15.32 -4.46 4.44
N LEU D 790 -15.72 -4.74 5.68
CA LEU D 790 -15.84 -3.68 6.67
C LEU D 790 -14.48 -3.14 7.10
N GLN D 791 -13.42 -3.91 6.91
CA GLN D 791 -12.08 -3.39 7.16
C GLN D 791 -11.72 -2.28 6.18
N LEU D 792 -12.12 -2.44 4.92
CA LEU D 792 -11.83 -1.41 3.92
C LEU D 792 -12.59 -0.12 4.22
N PHE D 793 -13.81 -0.23 4.74
CA PHE D 793 -14.55 0.96 5.14
C PHE D 793 -13.82 1.71 6.24
N GLY D 794 -13.37 0.98 7.27
CA GLY D 794 -12.77 1.61 8.43
C GLY D 794 -11.36 2.10 8.24
N ASP D 795 -10.69 1.68 7.17
CA ASP D 795 -9.33 2.12 6.89
C ASP D 795 -9.25 3.11 5.73
N GLY D 796 -10.29 3.20 4.90
CA GLY D 796 -10.36 4.23 3.88
C GLY D 796 -10.10 3.79 2.46
N GLU D 797 -9.92 2.49 2.19
CA GLU D 797 -9.76 2.06 0.81
C GLU D 797 -11.03 2.31 0.01
N MET D 798 -12.19 2.08 0.61
CA MET D 798 -13.44 2.30 -0.11
C MET D 798 -13.63 3.77 -0.46
N GLU D 799 -13.01 4.68 0.27
CA GLU D 799 -13.12 6.09 -0.06
C GLU D 799 -12.27 6.45 -1.27
N GLU D 800 -11.05 5.93 -1.33
CA GLU D 800 -10.18 6.22 -2.47
C GLU D 800 -10.59 5.43 -3.71
N LEU D 801 -11.17 4.25 -3.53
CA LEU D 801 -11.64 3.49 -4.68
C LEU D 801 -12.80 4.18 -5.38
N GLU D 802 -13.60 4.92 -4.63
CA GLU D 802 -14.68 5.69 -5.27
C GLU D 802 -14.13 6.83 -6.10
N ALA D 803 -13.10 7.51 -5.60
CA ALA D 803 -12.49 8.60 -6.37
C ALA D 803 -11.76 8.07 -7.59
N LEU D 804 -11.09 6.92 -7.45
CA LEU D 804 -10.35 6.34 -8.57
C LEU D 804 -11.28 5.92 -9.69
N TRP D 805 -12.43 5.33 -9.35
CA TRP D 805 -13.30 4.70 -10.33
C TRP D 805 -14.62 5.43 -10.54
N LEU D 806 -15.30 5.83 -9.48
CA LEU D 806 -16.66 6.32 -9.56
C LEU D 806 -16.76 7.83 -9.62
N THR D 807 -15.64 8.53 -9.81
CA THR D 807 -15.68 9.98 -9.89
C THR D 807 -16.35 10.43 -11.18
N GLY D 808 -16.77 11.70 -11.18
CA GLY D 808 -17.40 12.27 -12.36
C GLY D 808 -16.93 13.68 -12.66
N ILE D 809 -16.80 14.00 -13.95
CA ILE D 809 -16.44 15.36 -14.33
C ILE D 809 -17.53 16.34 -13.92
N CYS D 810 -18.79 15.99 -14.21
CA CYS D 810 -19.92 16.86 -13.91
C CYS D 810 -20.41 16.73 -12.48
N HIS D 811 -19.89 15.79 -11.70
CA HIS D 811 -20.37 15.63 -10.33
C HIS D 811 -20.05 16.85 -9.48
N ASN D 812 -18.84 17.39 -9.62
CA ASN D 812 -18.45 18.56 -8.84
C ASN D 812 -18.90 19.87 -9.47
N GLU D 813 -19.43 19.84 -10.68
CA GLU D 813 -19.83 21.07 -11.36
C GLU D 813 -21.35 21.10 -11.59
N VAL D 817 -22.91 28.94 -12.45
CA VAL D 817 -23.70 30.13 -12.72
C VAL D 817 -23.33 30.69 -14.10
N MET D 818 -24.35 31.02 -14.88
CA MET D 818 -24.16 31.55 -16.24
C MET D 818 -25.03 32.77 -16.42
N SER D 819 -24.58 33.67 -17.29
CA SER D 819 -25.33 34.88 -17.60
C SER D 819 -26.42 34.56 -18.63
N SER D 820 -27.67 34.88 -18.28
CA SER D 820 -28.80 34.63 -19.15
C SER D 820 -29.55 35.93 -19.39
N GLN D 821 -30.13 36.04 -20.59
CA GLN D 821 -30.82 37.25 -20.99
C GLN D 821 -32.02 37.51 -20.09
N LEU D 822 -32.36 38.78 -19.95
CA LEU D 822 -33.60 39.16 -19.28
C LEU D 822 -34.74 39.04 -20.28
N ASP D 823 -35.59 38.05 -20.10
CA ASP D 823 -36.73 37.84 -20.96
C ASP D 823 -37.96 38.49 -20.33
N ILE D 824 -39.09 38.42 -21.04
CA ILE D 824 -40.29 39.04 -20.53
C ILE D 824 -40.78 38.34 -19.27
N ASP D 825 -40.55 37.02 -19.16
CA ASP D 825 -40.93 36.31 -17.95
C ASP D 825 -40.17 36.83 -16.74
N ASN D 826 -38.87 37.06 -16.89
CA ASN D 826 -38.06 37.53 -15.76
C ASN D 826 -38.36 38.98 -15.42
N MET D 827 -38.76 39.78 -16.41
CA MET D 827 -39.00 41.20 -16.23
C MET D 827 -40.48 41.54 -16.23
N ALA D 828 -41.37 40.55 -16.13
CA ALA D 828 -42.79 40.83 -16.03
C ALA D 828 -43.16 41.51 -14.73
N GLY D 829 -42.30 41.45 -13.71
CA GLY D 829 -42.59 42.13 -12.47
C GLY D 829 -42.64 43.63 -12.61
N VAL D 830 -41.71 44.21 -13.38
CA VAL D 830 -41.70 45.65 -13.57
C VAL D 830 -42.88 46.10 -14.41
N PHE D 831 -43.37 45.25 -15.31
CA PHE D 831 -44.52 45.60 -16.13
C PHE D 831 -45.83 45.47 -15.38
N TYR D 832 -45.87 44.67 -14.32
CA TYR D 832 -47.08 44.61 -13.51
C TYR D 832 -47.29 45.90 -12.73
N MET D 833 -46.21 46.55 -12.32
CA MET D 833 -46.34 47.82 -11.60
C MET D 833 -46.73 48.95 -12.55
N LEU D 834 -46.29 48.89 -13.81
CA LEU D 834 -46.76 49.87 -14.79
C LEU D 834 -48.24 49.72 -15.05
N GLY D 835 -48.71 48.47 -15.16
CA GLY D 835 -50.14 48.24 -15.33
C GLY D 835 -50.96 48.70 -14.14
N ALA D 836 -50.46 48.44 -12.93
CA ALA D 836 -51.17 48.90 -11.74
C ALA D 836 -51.16 50.41 -11.63
N ALA D 837 -50.11 51.06 -12.14
CA ALA D 837 -50.08 52.52 -12.17
C ALA D 837 -51.20 53.05 -13.06
N MET D 838 -51.44 52.40 -14.19
CA MET D 838 -52.59 52.75 -15.02
C MET D 838 -53.89 52.52 -14.26
N ALA D 839 -53.95 51.45 -13.47
CA ALA D 839 -55.15 51.20 -12.67
C ALA D 839 -55.33 52.27 -11.61
N LEU D 840 -54.25 52.66 -10.93
CA LEU D 840 -54.36 53.68 -9.89
C LEU D 840 -54.64 55.04 -10.49
N SER D 841 -54.11 55.31 -11.69
CA SER D 841 -54.39 56.58 -12.34
C SER D 841 -55.84 56.68 -12.79
N LEU D 842 -56.40 55.58 -13.31
CA LEU D 842 -57.80 55.58 -13.72
C LEU D 842 -58.72 55.73 -12.51
N ILE D 843 -58.38 55.08 -11.40
CA ILE D 843 -59.19 55.21 -10.19
C ILE D 843 -59.21 56.66 -9.72
N THR D 844 -58.04 57.29 -9.65
CA THR D 844 -57.99 58.68 -9.23
C THR D 844 -58.69 59.58 -10.23
N PHE D 845 -58.59 59.25 -11.52
CA PHE D 845 -59.30 60.02 -12.54
C PHE D 845 -60.80 59.96 -12.32
N ILE D 846 -61.32 58.78 -12.00
CA ILE D 846 -62.74 58.65 -11.67
C ILE D 846 -63.06 59.42 -10.39
N SER D 847 -62.23 59.23 -9.36
CA SER D 847 -62.49 59.88 -8.07
C SER D 847 -62.38 61.40 -8.18
N GLU D 848 -61.39 61.89 -8.93
CA GLU D 848 -61.27 63.32 -9.13
C GLU D 848 -62.49 63.88 -9.84
N HIS D 849 -63.04 63.12 -10.80
CA HIS D 849 -64.26 63.54 -11.47
C HIS D 849 -65.43 63.62 -10.49
N LEU D 850 -65.52 62.65 -9.58
CA LEU D 850 -66.58 62.66 -8.58
C LEU D 850 -66.47 63.88 -7.68
N PHE D 851 -65.25 64.36 -7.43
CA PHE D 851 -65.05 65.60 -6.68
C PHE D 851 -65.66 66.78 -7.43
N TYR D 852 -65.30 66.94 -8.70
CA TYR D 852 -65.78 68.09 -9.45
C TYR D 852 -67.29 67.99 -9.71
N TRP D 853 -67.79 66.79 -9.99
CA TRP D 853 -69.22 66.64 -10.26
C TRP D 853 -70.05 67.03 -9.05
N GLN D 854 -69.61 66.66 -7.85
CA GLN D 854 -70.32 67.00 -6.64
C GLN D 854 -70.11 68.48 -6.29
N GLY E . -24.13 6.22 14.90
CA GLY E . -22.85 6.01 15.56
C GLY E . -22.80 4.69 16.30
O GLY E . -21.75 4.26 16.75
OXT GLY E . -23.81 4.01 16.45
N POV F . -27.57 83.54 -5.04
P POV F . -23.63 80.85 -4.00
C1 POV F . -24.21 79.41 -1.89
C2 POV F . -22.91 79.16 -1.14
C3 POV F . -22.00 78.20 -1.85
C210 POV F . -24.99 70.31 3.54
C310 POV F . -22.80 66.95 0.39
C11 POV F . -25.23 82.91 -4.12
O11 POV F . -23.93 79.44 -3.27
C211 POV F . -23.78 69.44 3.63
C311 POV F . -21.82 66.24 -0.53
C12 POV F . -26.61 83.47 -3.88
O12 POV F . -25.09 81.58 -3.69
C212 POV F . -24.07 68.18 4.44
C312 POV F . -20.54 65.82 0.18
C13 POV F . -27.89 82.19 -5.55
O13 POV F . -22.59 81.57 -3.19
C213 POV F . -25.00 68.42 5.61
C313 POV F . -20.69 64.64 1.11
C14 POV F . -26.91 84.31 -6.13
O14 POV F . -23.46 80.66 -5.46
C214 POV F . -24.30 69.03 6.82
C314 POV F . -19.35 64.01 1.48
C15 POV F . -28.83 84.26 -4.69
C215 POV F . -25.24 69.26 8.00
C315 POV F . -19.39 63.25 2.80
C216 POV F . -24.50 69.39 9.33
C316 POV F . -20.15 64.00 3.88
C217 POV F . -23.50 70.53 9.36
C218 POV F . -23.05 70.86 10.77
C21 POV F . -23.45 79.40 1.17
O21 POV F . -23.13 78.60 0.16
C22 POV F . -23.48 78.65 2.46
O22 POV F . -23.68 80.58 1.03
C23 POV F . -22.35 77.65 2.65
C24 POV F . -22.84 76.21 2.67
C25 POV F . -22.85 75.56 1.29
C26 POV F . -22.80 74.05 1.34
C27 POV F . -24.09 73.40 1.84
C28 POV F . -23.88 72.55 3.09
C29 POV F . -25.04 71.63 3.32
C31 POV F . -22.99 76.23 -2.72
O31 POV F . -22.52 76.89 -1.67
C32 POV F . -23.33 74.83 -2.33
O32 POV F . -23.09 76.72 -3.81
C33 POV F . -24.25 74.10 -3.29
C34 POV F . -24.25 72.61 -3.01
C35 POV F . -24.45 72.27 -1.55
C36 POV F . -23.69 71.02 -1.13
C37 POV F . -24.20 69.76 -1.80
C38 POV F . -23.34 68.54 -1.49
C39 POV F . -23.90 67.69 -0.37
N POV G . -7.94 64.90 12.79
P POV G . -8.58 64.18 8.78
C1 POV G . -9.79 62.16 7.58
C2 POV G . -11.18 62.35 8.18
C3 POV G . -11.52 61.34 9.25
C210 POV G . -17.64 67.36 -1.16
C310 POV G . -18.47 67.34 5.76
C11 POV G . -7.72 63.04 11.00
O11 POV G . -9.13 63.41 7.47
C211 POV G . -17.59 66.07 -1.89
C311 POV G . -19.94 67.33 5.37
C12 POV G . -8.57 63.77 12.03
O12 POV G . -8.36 62.86 9.77
C212 POV G . -18.72 65.93 -2.90
C312 POV G . -20.29 68.36 4.31
C13 POV G . -8.91 65.55 13.72
O13 POV G . -9.71 65.01 9.32
C213 POV G . -18.51 64.74 -3.82
C313 POV G . -19.82 69.77 4.65
C14 POV G . -7.48 65.92 11.80
O14 POV G . -7.23 64.79 8.52
C214 POV G . -19.68 64.43 -4.73
C314 POV G . -20.07 70.77 3.51
C15 POV G . -6.74 64.46 13.57
C215 POV G . -19.48 63.15 -5.51
C315 POV G . -19.53 70.32 2.16
C216 POV G . -20.62 62.82 -6.45
C316 POV G . -19.56 71.43 1.11
C217 POV G . -20.99 61.34 -6.43
C218 POV G . -19.78 60.42 -6.49
C21 POV G . -12.49 63.27 6.40
O21 POV G . -12.20 62.24 7.20
C22 POV G . -13.62 62.93 5.48
O22 POV G . -11.90 64.32 6.44
C23 POV G . -14.26 64.14 4.83
C24 POV G . -15.24 63.73 3.74
C25 POV G . -16.03 64.93 3.19
C26 POV G . -15.17 66.16 3.00
C27 POV G . -15.82 67.21 2.11
C28 POV G . -16.78 66.59 1.09
C29 POV G . -17.31 67.59 0.11
C31 POV G . -13.40 59.92 9.49
O31 POV G . -12.49 60.46 8.70
C32 POV G . -14.43 59.18 8.69
O32 POV G . -13.37 60.01 10.70
C33 POV G . -15.10 60.00 7.60
C34 POV G . -15.70 61.29 8.15
C35 POV G . -16.68 61.97 7.20
C36 POV G . -17.13 63.34 7.69
C37 POV G . -18.51 63.72 7.17
C38 POV G . -18.76 65.23 7.14
C39 POV G . -17.92 65.97 6.12
N GLU H . 19.50 22.30 6.31
CA GLU H . 20.90 22.50 6.68
C GLU H . 21.65 21.18 6.69
O GLU H . 21.09 20.13 6.38
CB GLU H . 20.99 23.15 8.06
CG GLU H . 20.02 24.29 8.27
CD GLU H . 20.52 25.58 7.66
OE1 GLU H . 20.26 25.81 6.46
OE2 GLU H . 21.16 26.37 8.38
OXT GLU H . 22.83 21.13 7.01
C8 A8W I . -11.51 59.06 -22.10
C5 A8W I . -9.80 56.88 -22.79
C6 A8W I . -10.63 56.75 -21.76
C2 A8W I . -7.25 57.16 -24.12
C4 A8W I . -9.06 55.67 -23.33
O A8W I . -12.43 64.55 -22.24
C1 A8W I . -7.97 58.37 -23.55
C10 A8W I . -9.50 58.20 -23.48
C11 A8W I . -10.10 60.71 -23.44
C12 A8W I . -10.70 61.87 -22.64
C13 A8W I . -12.13 61.57 -22.19
C14 A8W I . -12.08 60.27 -21.38
C15 A8W I . -13.47 60.17 -20.76
C16 A8W I . -13.89 61.63 -20.54
C17 A8W I . -12.73 62.48 -21.09
C18 A8W I . -13.08 61.49 -23.39
C19 A8W I . -10.08 58.14 -24.90
C20 A8W I . -13.10 63.89 -21.47
C3 A8W I . -7.56 55.92 -23.36
C7 A8W I . -11.40 57.86 -21.15
C9 A8W I . -10.11 59.39 -22.66
O1 A8W I . -6.95 54.77 -24.03
O2 A8W I . -4.62 55.53 -24.23
O3 A8W I . -5.30 54.09 -22.39
O4 A8W I . -5.23 53.21 -24.66
S A8W I . -5.42 54.38 -23.81
C21 A8W I . -14.34 64.49 -20.86
C8 A8W J . -5.60 62.47 -21.74
C5 A8W J . -4.14 60.48 -20.25
C6 A8W J . -5.14 60.10 -21.03
C2 A8W J . -2.64 61.09 -17.84
C4 A8W J . -3.23 59.45 -19.60
O A8W J . -7.71 67.69 -21.69
C1 A8W J . -3.62 62.10 -18.43
C10 A8W J . -3.84 61.95 -19.94
C11 A8W J . -4.76 64.34 -20.23
C12 A8W J . -5.98 65.19 -20.58
C13 A8W J . -6.44 64.91 -22.01
C14 A8W J . -6.74 63.41 -22.12
C15 A8W J . -7.40 63.27 -23.49
C16 A8W J . -8.20 64.58 -23.64
C17 A8W J . -7.87 65.42 -22.39
C18 A8W J . -5.42 65.40 -23.04
C19 A8W J . -2.55 62.33 -20.69
C20 A8W J . -8.07 66.91 -22.55
C3 A8W J . -3.09 59.68 -18.11
C7 A8W J . -6.08 61.02 -21.73
C9 A8W J . -5.04 62.83 -20.36
O1 A8W J . -2.06 58.75 -17.62
O2 A8W J . -3.06 58.17 -15.51
O3 A8W J . -1.22 59.76 -15.54
O4 A8W J . -0.81 57.42 -16.03
S A8W J . -1.76 58.51 -16.07
C21 A8W J . -8.73 67.41 -23.80
N GLY K . 14.00 15.32 -20.38
CA GLY K . 13.44 14.02 -20.69
C GLY K . 14.47 12.93 -20.80
O GLY K . 14.16 11.75 -20.85
OXT GLY K . 15.67 13.21 -20.85
N POV L . -43.99 68.42 -33.72
P POV L . -44.62 63.62 -32.82
C1 POV L . -42.76 62.49 -34.28
C2 POV L . -43.25 61.11 -34.70
C3 POV L . -43.11 60.09 -33.60
C210 POV L . -34.96 56.30 -35.62
C310 POV L . -33.79 53.70 -30.73
C11 POV L . -45.04 66.06 -33.65
O11 POV L . -43.27 62.76 -32.99
C211 POV L . -35.00 54.85 -35.27
C311 POV L . -34.99 52.87 -30.25
C12 POV L . -44.53 67.23 -34.46
O12 POV L . -44.11 65.01 -33.55
C212 POV L . -33.66 54.17 -35.56
C312 POV L . -34.93 51.42 -30.72
C13 POV L . -43.01 68.01 -32.68
O13 POV L . -45.67 62.99 -33.71
C213 POV L . -33.80 52.68 -35.86
C313 POV L . -33.84 50.59 -30.07
C14 POV L . -45.14 69.09 -33.06
O14 POV L . -44.91 63.88 -31.38
C214 POV L . -34.04 52.41 -37.34
C314 POV L . -34.16 49.10 -30.04
C15 POV L . -43.36 69.42 -34.64
C215 POV L . -33.12 53.21 -38.26
C315 POV L . -33.24 48.25 -30.90
C216 POV L . -33.18 52.75 -39.71
C316 POV L . -33.03 48.81 -32.30
C217 POV L . -34.59 52.74 -40.29
C218 POV L . -34.61 52.40 -41.77
C21 POV L . -42.77 61.01 -37.03
O21 POV L . -42.52 60.60 -35.80
C22 POV L . -41.95 60.22 -38.03
O22 POV L . -43.55 61.88 -37.30
C23 POV L . -41.93 58.71 -37.79
C24 POV L . -40.64 58.26 -37.12
C25 POV L . -40.80 58.02 -35.63
C26 POV L . -39.71 57.14 -35.02
C27 POV L . -38.31 57.68 -35.23
C28 POV L . -37.42 56.71 -35.98
C29 POV L . -35.98 57.09 -35.93
C31 POV L . -41.35 60.15 -32.03
O31 POV L . -41.72 59.98 -33.28
C32 POV L . -40.10 59.36 -31.76
O32 POV L . -41.94 60.84 -31.24
C33 POV L . -39.07 60.06 -30.89
C34 POV L . -37.92 59.11 -30.58
C35 POV L . -37.35 58.42 -31.81
C36 POV L . -36.81 57.04 -31.50
C37 POV L . -35.70 57.06 -30.46
C38 POV L . -35.23 55.66 -30.10
C39 POV L . -34.13 55.15 -31.01
N POV M . -38.41 35.53 -38.16
P POV M . -39.55 38.02 -34.87
C1 POV M . -37.53 38.47 -33.22
C2 POV M . -36.53 39.16 -34.17
C3 POV M . -35.38 38.27 -34.56
C210 POV M . -38.09 50.53 -29.21
C310 POV M . -35.06 47.06 -34.77
C11 POV M . -39.05 35.56 -35.64
O11 POV M . -38.85 38.78 -33.61
C211 POV M . -37.46 50.14 -27.91
C311 POV M . -35.29 48.51 -35.19
C12 POV M . -37.99 35.63 -36.72
O12 POV M . -38.87 36.53 -34.64
C212 POV M . -36.66 51.27 -27.28
C312 POV M . -36.75 48.92 -35.08
C13 POV M . -37.34 36.03 -39.07
O13 POV M . -38.99 38.62 -36.12
C213 POV M . -36.24 50.90 -25.87
C313 POV M . -37.74 47.91 -35.64
C14 POV M . -39.62 36.38 -38.35
O14 POV M . -41.03 37.92 -34.68
C214 POV M . -35.39 51.95 -25.17
C314 POV M . -39.17 48.19 -35.24
C15 POV M . -38.76 34.14 -38.54
C215 POV M . -34.73 51.41 -23.91
C315 POV M . -40.19 47.16 -35.73
C216 POV M . -34.04 52.48 -23.07
C316 POV M . -40.08 45.83 -35.00
C217 POV M . -32.70 52.04 -22.52
C218 POV M . -32.76 50.68 -21.83
C21 POV M . -36.70 41.41 -33.41
O21 POV M . -35.96 40.32 -33.58
C22 POV M . -36.00 42.40 -32.51
O22 POV M . -37.78 41.59 -33.91
C23 POV M . -36.72 43.72 -32.38
C24 POV M . -36.04 44.64 -31.38
C25 POV M . -36.47 46.09 -31.53
C26 POV M . -37.96 46.23 -31.81
C27 POV M . -38.46 47.67 -31.62
C28 POV M . -37.73 48.40 -30.51
C29 POV M . -38.20 49.80 -30.31
C31 POV M . -33.10 38.11 -33.90
O31 POV M . -34.33 38.50 -33.62
C32 POV M . -32.13 38.69 -32.92
O32 POV M . -32.83 37.40 -34.84
C33 POV M . -32.15 40.20 -32.82
C34 POV M . -32.08 40.82 -34.21
C35 POV M . -32.34 42.33 -34.23
C36 POV M . -32.36 42.88 -35.66
C37 POV M . -32.40 44.39 -35.74
C38 POV M . -33.64 44.99 -35.09
C39 POV M . -33.70 46.51 -35.15
N GLU N . -27.42 -4.40 -10.54
CA GLU N . -28.63 -5.15 -10.87
C GLU N . -28.47 -6.62 -10.52
O GLU N . -27.37 -7.07 -10.21
CB GLU N . -28.95 -4.99 -12.35
CG GLU N . -30.04 -3.99 -12.66
CD GLU N . -30.93 -4.41 -13.80
OE1 GLU N . -30.41 -5.07 -14.74
OE2 GLU N . -32.13 -4.12 -13.78
OXT GLU N . -29.42 -7.39 -10.54
C8 A8W O . -39.94 49.88 -5.60
C5 A8W O . -39.59 47.68 -3.80
C6 A8W O . -38.75 47.82 -4.82
C2 A8W O . -41.72 46.48 -2.27
C4 A8W O . -39.29 46.69 -2.71
O A8W O . -43.41 53.61 -7.86
C1 A8W O . -42.02 47.45 -3.40
C10 A8W O . -40.88 48.46 -3.66
C11 A8W O . -42.33 50.27 -4.80
C12 A8W O . -42.64 51.03 -6.09
C13 A8W O . -41.40 51.75 -6.63
C14 A8W O . -40.32 50.68 -6.83
C15 A8W O . -39.22 51.41 -7.59
C16 A8W O . -39.98 52.43 -8.46
C17 A8W O . -41.46 52.27 -8.09
C18 A8W O . -40.95 52.87 -5.69
C19 A8W O . -40.75 49.41 -2.46
C20 A8W O . -42.34 53.46 -8.38
C3 A8W O . -40.45 45.72 -2.52
C7 A8W O . -38.95 48.78 -5.96
C9 A8W O . -41.19 49.24 -4.97
O1 A8W O . -40.13 44.89 -1.35
O2 A8W O . -42.24 43.68 -1.04
O3 A8W O . -40.40 42.66 -2.25
O4 A8W O . -40.24 43.02 0.15
S A8W O . -40.81 43.47 -1.10
C21 A8W O . -41.82 54.48 -9.36
C8 A8W P . -46.26 47.34 -6.15
C5 A8W P . -45.45 44.59 -6.43
C6 A8W P . -44.66 45.43 -5.78
C2 A8W P . -46.44 42.85 -8.52
C4 A8W P . -45.16 43.11 -6.42
O A8W P . -48.75 51.71 -8.68
C1 A8W P . -46.68 44.35 -8.58
C10 A8W P . -46.68 45.04 -7.20
C11 A8W P . -47.91 47.13 -8.07
C12 A8W P . -47.82 48.64 -8.34
C13 A8W P . -47.57 49.41 -7.06
C14 A8W P . -46.28 48.84 -6.41
C15 A8W P . -45.99 49.81 -5.27
C16 A8W P . -46.46 51.18 -5.82
C17 A8W P . -47.08 50.88 -7.20
C18 A8W P . -48.77 49.34 -6.11
C19 A8W P . -47.94 44.61 -6.42
C20 A8W P . -48.08 51.90 -7.70
C3 A8W P . -45.15 42.53 -7.82
C7 A8W P . -44.87 46.91 -5.70
C9 A8W P . -46.64 46.58 -7.42
O1 A8W P . -45.03 41.07 -7.70
O2 A8W P . -43.57 40.67 -9.59
O3 A8W P . -45.94 40.16 -9.80
O4 A8W P . -44.53 38.79 -8.37
S A8W P . -44.75 40.11 -8.94
C21 A8W P . -48.23 53.17 -6.93
#